data_6EDW
#
_entry.id   6EDW
#
_cell.length_a   95.824
_cell.length_b   136.078
_cell.length_c   138.924
_cell.angle_alpha   90.00
_cell.angle_beta   99.59
_cell.angle_gamma   90.00
#
_symmetry.space_group_name_H-M   'P 1 21 1'
#
loop_
_entity.id
_entity.type
_entity.pdbx_description
1 polymer 'Isocitrate lyase 2'
2 non-polymer GLYCEROL
3 non-polymer 'MAGNESIUM ION'
4 water water
#
_entity_poly.entity_id   1
_entity_poly.type   'polypeptide(L)'
_entity_poly.pdbx_seq_one_letter_code
;MGSSHHHHHHSSGLVPRGSHMAIAETDTEVHTPFEQDFEKDVAATQRYFDSSRFAGIIRLYTARQVVEQRGTIPVDHIVA
REAAGAFYERLRELFAARKSITTFGPYSPGQAVSMKRMGIEAIYLGGWATSAKGSSTEDPGPDLASYPLSQVPDDAAVLV
RALLTADRNQHYLRLQMSERQRAATPAYDFRPFIIADADTGHGGDPHVRNLIRRFVEVGVPGYHIEDQRPGTKK(CSX)G
HQGGKVLVPSDEQIKRLNAARFQLDIMRVPGIIVARTDAEAANLIDSRADERDQPFLLGATKLDVPSYKSCFLAMVRRFY
ELGVKELNGHLLYALGDSEYAAAGGWLERQGIFGLVSDAVNAWREDGQQSIDGIFDQVESRFVAAWEDDAGLMTYGEAVA
DVLEFGQSEGEPIGMAPEEWRAFAARASLHAARAKAKELGADPPWDCELAKTPEGYYQIRGGIPYAIAKSLAAAPFADIL
WMETKTADLADARQFAEAIHAEFPDQMLAYNLSPSFNWDTTGMTDEEMRRFPEELGKMGFVFNFITYGGHQIDGVAAEEF
ATALRQDGMLALARLQRKMRLVESPYRTPQTLVGGPRSDAALAASSGRTATTKAMGKGSTQHQHLVQTEVPRKLLEEWLA
MWSGHYQLKDKLRVQLRPQRAGSEVLELGIHGESDDKLANVIFQPIQDRRGRTILLVRDQNTFGAELRQKRLMTLIHLWL
VHRFKAQAVHYVTPTDDNLYQTSKMKSHGIFTEVNQEVGEIIVAEVNHPRIAELLTPDRVALRKLITKEA
;
_entity_poly.pdbx_strand_id   A,B,C,D
#
# COMPACT_ATOMS: atom_id res chain seq x y z
N THR A 32 -13.77 42.88 -1.64
CA THR A 32 -13.86 41.80 -2.69
C THR A 32 -14.36 40.52 -2.04
N PRO A 33 -15.13 39.66 -2.73
CA PRO A 33 -15.50 38.36 -2.16
C PRO A 33 -14.29 37.53 -1.71
N PHE A 34 -13.21 37.55 -2.50
CA PHE A 34 -11.97 36.83 -2.24
C PHE A 34 -11.37 37.28 -0.90
N GLU A 35 -11.24 38.61 -0.72
CA GLU A 35 -10.66 39.19 0.48
C GLU A 35 -11.55 38.91 1.69
N GLN A 36 -12.87 38.96 1.48
CA GLN A 36 -13.85 38.76 2.56
C GLN A 36 -13.79 37.32 3.04
N ASP A 37 -13.75 36.37 2.10
CA ASP A 37 -13.64 34.95 2.40
C ASP A 37 -12.40 34.70 3.27
N PHE A 38 -11.27 35.29 2.87
CA PHE A 38 -10.00 35.13 3.58
C PHE A 38 -10.11 35.71 5.00
N GLU A 39 -10.63 36.94 5.10
CA GLU A 39 -10.71 37.66 6.38
C GLU A 39 -11.64 36.89 7.33
N LYS A 40 -12.70 36.30 6.79
CA LYS A 40 -13.67 35.55 7.56
C LYS A 40 -13.00 34.31 8.19
N ASP A 41 -12.20 33.58 7.39
CA ASP A 41 -11.54 32.37 7.91
C ASP A 41 -10.43 32.78 8.91
N VAL A 42 -9.74 33.89 8.65
CA VAL A 42 -8.73 34.38 9.59
C VAL A 42 -9.39 34.68 10.94
N ALA A 43 -10.55 35.34 10.92
CA ALA A 43 -11.28 35.69 12.15
C ALA A 43 -11.71 34.43 12.89
N ALA A 44 -12.23 33.44 12.17
CA ALA A 44 -12.65 32.17 12.77
C ALA A 44 -11.45 31.46 13.39
N THR A 45 -10.32 31.48 12.68
CA THR A 45 -9.09 30.83 13.12
C THR A 45 -8.56 31.55 14.37
N GLN A 46 -8.65 32.88 14.40
CA GLN A 46 -8.19 33.64 15.58
C GLN A 46 -9.06 33.29 16.80
N ARG A 47 -10.38 33.19 16.61
CA ARG A 47 -11.27 32.79 17.71
C ARG A 47 -10.87 31.41 18.25
N TYR A 48 -10.55 30.50 17.33
CA TYR A 48 -10.08 29.15 17.68
C TYR A 48 -8.79 29.25 18.52
N PHE A 49 -7.81 30.01 18.02
CA PHE A 49 -6.54 30.22 18.73
C PHE A 49 -6.79 30.73 20.16
N ASP A 50 -7.76 31.64 20.30
CA ASP A 50 -7.98 32.40 21.55
C ASP A 50 -8.89 31.63 22.50
N SER A 51 -9.41 30.48 22.07
CA SER A 51 -10.34 29.71 22.91
C SER A 51 -9.62 29.15 24.15
N SER A 52 -10.40 28.80 25.17
CA SER A 52 -9.84 28.33 26.44
C SER A 52 -9.05 27.02 26.27
N ARG A 53 -9.38 26.24 25.23
CA ARG A 53 -8.64 25.04 24.85
C ARG A 53 -7.12 25.31 24.83
N PHE A 54 -6.71 26.49 24.34
CA PHE A 54 -5.30 26.79 24.15
C PHE A 54 -4.77 27.85 25.14
N ALA A 55 -5.47 28.02 26.27
CA ALA A 55 -4.98 28.90 27.34
C ALA A 55 -3.55 28.48 27.71
N GLY A 56 -2.63 29.45 27.68
CA GLY A 56 -1.24 29.22 28.10
C GLY A 56 -0.34 28.69 27.00
N ILE A 57 -0.91 28.37 25.82
CA ILE A 57 -0.13 27.86 24.69
C ILE A 57 0.41 29.05 23.90
N ILE A 58 1.69 28.98 23.54
CA ILE A 58 2.33 29.93 22.64
C ILE A 58 2.45 29.27 21.25
N ARG A 59 1.89 29.93 20.25
CA ARG A 59 2.12 29.60 18.85
C ARG A 59 3.13 30.59 18.27
N LEU A 60 4.11 30.09 17.50
CA LEU A 60 5.13 30.95 16.88
C LEU A 60 4.71 31.35 15.45
N TYR A 61 3.40 31.52 15.25
CA TYR A 61 2.83 31.87 13.97
C TYR A 61 1.44 32.46 14.20
N THR A 62 0.88 33.02 13.15
CA THR A 62 -0.41 33.73 13.23
C THR A 62 -1.53 32.95 12.54
N ALA A 63 -2.75 33.44 12.74
CA ALA A 63 -3.95 32.86 12.11
C ALA A 63 -3.82 32.99 10.59
N ARG A 64 -3.28 34.11 10.10
CA ARG A 64 -3.09 34.31 8.65
C ARG A 64 -2.18 33.20 8.10
N GLN A 65 -1.10 32.87 8.81
CA GLN A 65 -0.12 31.84 8.39
C GLN A 65 -0.81 30.47 8.25
N VAL A 66 -1.78 30.16 9.09
CA VAL A 66 -2.52 28.87 9.00
C VAL A 66 -3.46 28.93 7.79
N VAL A 67 -4.26 29.98 7.70
CA VAL A 67 -5.29 30.07 6.63
C VAL A 67 -4.67 30.01 5.24
N GLU A 68 -3.50 30.61 5.07
CA GLU A 68 -2.91 30.65 3.73
C GLU A 68 -2.39 29.28 3.28
N GLN A 69 -2.42 28.27 4.16
CA GLN A 69 -2.00 26.89 3.83
C GLN A 69 -3.20 26.03 3.38
N ARG A 70 -4.44 26.53 3.57
CA ARG A 70 -5.65 25.65 3.53
C ARG A 70 -6.28 25.52 2.14
N GLY A 71 -5.94 26.38 1.19
CA GLY A 71 -6.62 26.36 -0.11
C GLY A 71 -8.09 26.76 -0.01
N THR A 72 -8.89 26.32 -0.99
CA THR A 72 -10.30 26.72 -1.12
C THR A 72 -11.25 25.52 -1.06
N ILE A 73 -10.78 24.31 -1.40
CA ILE A 73 -11.65 23.12 -1.41
C ILE A 73 -11.79 22.60 0.03
N PRO A 74 -13.02 22.59 0.60
CA PRO A 74 -13.20 22.17 1.99
C PRO A 74 -12.76 20.71 2.23
N VAL A 75 -12.08 20.51 3.36
CA VAL A 75 -11.79 19.20 3.93
C VAL A 75 -12.21 19.23 5.39
N ASP A 76 -12.40 18.05 5.98
CA ASP A 76 -12.79 17.94 7.38
C ASP A 76 -12.34 16.58 7.90
N HIS A 77 -11.54 16.59 8.96
CA HIS A 77 -11.07 15.38 9.61
C HIS A 77 -11.92 15.15 10.85
N ILE A 78 -13.19 14.80 10.61
CA ILE A 78 -14.22 14.88 11.65
C ILE A 78 -13.93 13.90 12.79
N VAL A 79 -13.42 12.71 12.48
CA VAL A 79 -13.20 11.69 13.53
C VAL A 79 -12.15 12.21 14.52
N ALA A 80 -10.99 12.65 14.00
CA ALA A 80 -9.93 13.17 14.85
C ALA A 80 -10.40 14.44 15.57
N ARG A 81 -11.12 15.31 14.84
CA ARG A 81 -11.53 16.62 15.37
C ARG A 81 -12.44 16.42 16.59
N GLU A 82 -13.49 15.60 16.42
CA GLU A 82 -14.48 15.41 17.47
C GLU A 82 -13.90 14.59 18.63
N ALA A 83 -13.11 13.56 18.31
CA ALA A 83 -12.46 12.75 19.35
C ALA A 83 -11.52 13.63 20.19
N ALA A 84 -10.74 14.49 19.53
CA ALA A 84 -9.77 15.32 20.24
C ALA A 84 -10.49 16.27 21.22
N GLY A 85 -11.62 16.83 20.79
CA GLY A 85 -12.41 17.74 21.62
C GLY A 85 -12.89 17.05 22.89
N ALA A 86 -13.57 15.91 22.73
CA ALA A 86 -14.16 15.16 23.85
C ALA A 86 -13.08 14.55 24.74
N PHE A 87 -11.99 14.06 24.14
CA PHE A 87 -10.90 13.42 24.87
C PHE A 87 -10.23 14.46 25.79
N TYR A 88 -9.93 15.63 25.23
CA TYR A 88 -9.26 16.69 25.99
C TYR A 88 -10.13 17.13 27.17
N GLU A 89 -11.43 17.33 26.91
CA GLU A 89 -12.39 17.72 27.96
C GLU A 89 -12.39 16.67 29.09
N ARG A 90 -12.34 15.38 28.73
CA ARG A 90 -12.36 14.32 29.73
C ARG A 90 -11.07 14.35 30.56
N LEU A 91 -9.93 14.55 29.92
CA LEU A 91 -8.65 14.60 30.62
C LEU A 91 -8.64 15.80 31.60
N ARG A 92 -9.19 16.94 31.17
CA ARG A 92 -9.27 18.13 32.03
C ARG A 92 -10.16 17.83 33.25
N GLU A 93 -11.25 17.13 33.03
CA GLU A 93 -12.18 16.71 34.08
C GLU A 93 -11.45 15.83 35.11
N LEU A 94 -10.70 14.84 34.62
CA LEU A 94 -9.95 13.93 35.47
C LEU A 94 -8.86 14.69 36.24
N PHE A 95 -8.17 15.60 35.56
CA PHE A 95 -7.10 16.40 36.18
C PHE A 95 -7.67 17.21 37.35
N ALA A 96 -8.81 17.87 37.12
CA ALA A 96 -9.48 18.67 38.16
C ALA A 96 -9.83 17.81 39.38
N ALA A 97 -10.22 16.55 39.14
CA ALA A 97 -10.66 15.62 40.20
C ALA A 97 -9.48 14.84 40.78
N ARG A 98 -8.26 15.07 40.25
CA ARG A 98 -7.05 14.35 40.63
C ARG A 98 -7.29 12.84 40.48
N LYS A 99 -7.87 12.49 39.34
CA LYS A 99 -8.11 11.10 38.89
C LYS A 99 -7.38 10.88 37.56
N SER A 100 -7.38 9.64 37.07
CA SER A 100 -6.57 9.33 35.89
C SER A 100 -7.15 8.14 35.13
N ILE A 101 -6.73 8.02 33.86
CA ILE A 101 -6.91 6.84 33.06
C ILE A 101 -5.65 5.99 33.17
N THR A 102 -5.83 4.69 33.42
CA THR A 102 -4.74 3.71 33.43
C THR A 102 -4.99 2.72 32.29
N THR A 103 -4.07 2.66 31.33
CA THR A 103 -4.32 1.91 30.10
C THR A 103 -3.06 1.16 29.69
N PHE A 104 -3.14 0.51 28.51
CA PHE A 104 -2.03 -0.20 27.92
C PHE A 104 -2.15 -0.10 26.40
N GLY A 105 -1.07 -0.50 25.71
CA GLY A 105 -1.04 -0.50 24.26
C GLY A 105 -1.64 -1.78 23.70
N PRO A 106 -2.81 -1.73 23.02
CA PRO A 106 -3.36 -2.93 22.39
C PRO A 106 -2.49 -3.32 21.18
N TYR A 107 -2.33 -4.63 20.99
CA TYR A 107 -1.48 -5.20 19.95
C TYR A 107 -2.31 -5.68 18.76
N SER A 108 -3.63 -5.58 18.86
CA SER A 108 -4.54 -5.96 17.81
C SER A 108 -5.79 -5.09 17.90
N PRO A 109 -6.58 -5.00 16.80
CA PRO A 109 -7.85 -4.29 16.84
C PRO A 109 -8.82 -4.88 17.89
N GLY A 110 -8.85 -6.21 18.01
CA GLY A 110 -9.66 -6.91 19.03
C GLY A 110 -9.31 -6.48 20.45
N GLN A 111 -8.02 -6.31 20.72
CA GLN A 111 -7.57 -5.91 22.05
C GLN A 111 -8.11 -4.50 22.35
N ALA A 112 -8.07 -3.63 21.34
CA ALA A 112 -8.55 -2.24 21.48
C ALA A 112 -10.04 -2.23 21.79
N VAL A 113 -10.80 -2.99 21.02
CA VAL A 113 -12.27 -3.05 21.24
C VAL A 113 -12.55 -3.63 22.62
N SER A 114 -11.86 -4.70 22.99
CA SER A 114 -12.04 -5.36 24.30
C SER A 114 -11.73 -4.39 25.45
N MET A 115 -10.67 -3.62 25.32
CA MET A 115 -10.32 -2.64 26.38
C MET A 115 -11.50 -1.71 26.66
N LYS A 116 -12.10 -1.17 25.61
CA LYS A 116 -13.24 -0.24 25.76
C LYS A 116 -14.45 -0.96 26.35
N ARG A 117 -14.65 -2.22 25.97
CA ARG A 117 -15.77 -3.05 26.50
C ARG A 117 -15.57 -3.26 28.00
N MET A 118 -14.33 -3.43 28.44
CA MET A 118 -14.03 -3.60 29.88
C MET A 118 -14.07 -2.26 30.64
N GLY A 119 -14.19 -1.12 29.97
CA GLY A 119 -14.36 0.16 30.66
C GLY A 119 -13.15 1.06 30.66
N ILE A 120 -12.06 0.63 30.03
CA ILE A 120 -10.91 1.52 29.92
C ILE A 120 -11.27 2.64 28.93
N GLU A 121 -11.04 3.89 29.34
CA GLU A 121 -11.60 5.06 28.65
C GLU A 121 -10.74 5.52 27.46
N ALA A 122 -9.46 5.14 27.42
CA ALA A 122 -8.60 5.57 26.34
C ALA A 122 -7.48 4.56 26.12
N ILE A 123 -6.81 4.73 24.97
CA ILE A 123 -5.90 3.78 24.40
C ILE A 123 -4.54 4.46 24.15
N TYR A 124 -3.47 3.74 24.44
CA TYR A 124 -2.11 4.13 24.12
C TYR A 124 -1.63 3.30 22.92
N LEU A 125 -0.83 3.90 22.04
CA LEU A 125 -0.16 3.13 20.98
C LEU A 125 1.29 3.59 20.82
N GLY A 126 2.22 2.63 21.02
CA GLY A 126 3.64 2.91 21.11
C GLY A 126 4.44 2.33 19.96
N GLY A 127 5.64 2.90 19.77
CA GLY A 127 6.59 2.50 18.73
C GLY A 127 7.28 1.17 19.05
N TRP A 128 7.41 0.83 20.33
CA TRP A 128 8.06 -0.43 20.74
C TRP A 128 7.32 -1.60 20.10
N ALA A 129 6.01 -1.65 20.34
CA ALA A 129 5.14 -2.71 19.83
C ALA A 129 5.06 -2.64 18.30
N THR A 130 5.03 -1.43 17.74
CA THR A 130 5.00 -1.27 16.30
C THR A 130 6.25 -1.88 15.67
N SER A 131 7.42 -1.63 16.29
CA SER A 131 8.68 -2.22 15.85
C SER A 131 8.62 -3.75 15.95
N ALA A 132 8.10 -4.26 17.07
CA ALA A 132 8.03 -5.70 17.31
C ALA A 132 7.13 -6.40 16.28
N LYS A 133 6.07 -5.72 15.82
CA LYS A 133 5.06 -6.33 14.95
C LYS A 133 5.56 -6.42 13.51
N GLY A 134 6.29 -5.41 13.04
CA GLY A 134 6.67 -5.34 11.62
C GLY A 134 5.44 -5.13 10.75
N SER A 135 5.60 -5.42 9.45
CA SER A 135 4.57 -5.25 8.45
C SER A 135 4.93 -6.13 7.24
N SER A 136 4.16 -6.03 6.16
CA SER A 136 4.42 -6.85 4.98
C SER A 136 5.80 -6.53 4.39
N THR A 137 6.32 -5.32 4.62
CA THR A 137 7.61 -4.90 4.04
C THR A 137 8.66 -4.59 5.11
N GLU A 138 8.27 -4.56 6.40
CA GLU A 138 9.16 -4.19 7.51
C GLU A 138 9.44 -5.44 8.36
N ASP A 139 10.71 -5.82 8.47
CA ASP A 139 11.08 -6.90 9.37
C ASP A 139 10.83 -6.45 10.81
N PRO A 140 10.24 -7.30 11.67
CA PRO A 140 10.10 -6.97 13.08
C PRO A 140 11.49 -6.83 13.73
N GLY A 141 11.56 -6.07 14.82
CA GLY A 141 12.82 -5.87 15.46
C GLY A 141 12.71 -4.94 16.66
N PRO A 142 13.86 -4.52 17.22
CA PRO A 142 13.89 -3.63 18.38
C PRO A 142 13.40 -2.21 18.07
N ASP A 143 13.19 -1.47 19.17
CA ASP A 143 12.53 -0.19 19.19
C ASP A 143 13.54 0.90 18.80
N LEU A 144 13.85 0.98 17.50
CA LEU A 144 14.84 1.93 17.00
C LEU A 144 14.17 3.09 16.24
N ALA A 145 12.84 3.05 16.14
CA ALA A 145 12.03 3.97 15.32
C ALA A 145 12.65 4.10 13.91
N SER A 146 13.07 2.95 13.36
CA SER A 146 13.73 2.90 12.06
C SER A 146 12.76 2.46 10.96
N TYR A 147 11.51 2.15 11.34
CA TYR A 147 10.42 1.94 10.37
C TYR A 147 10.18 3.25 9.62
N PRO A 148 9.50 3.21 8.45
CA PRO A 148 9.06 4.43 7.77
C PRO A 148 8.10 5.20 8.69
N LEU A 149 8.02 6.53 8.54
CA LEU A 149 7.28 7.33 9.51
C LEU A 149 5.77 7.07 9.41
N SER A 150 5.32 6.39 8.36
CA SER A 150 3.94 5.95 8.16
C SER A 150 3.54 4.78 9.08
N GLN A 151 4.51 4.19 9.80
CA GLN A 151 4.32 2.87 10.40
C GLN A 151 3.32 2.92 11.57
N VAL A 152 3.52 3.86 12.50
CA VAL A 152 2.62 3.94 13.67
C VAL A 152 1.25 4.45 13.23
N PRO A 153 1.13 5.48 12.36
CA PRO A 153 -0.18 5.87 11.84
C PRO A 153 -0.94 4.71 11.18
N ASP A 154 -0.24 3.90 10.39
CA ASP A 154 -0.87 2.76 9.71
C ASP A 154 -1.43 1.77 10.74
N ASP A 155 -0.68 1.53 11.83
CA ASP A 155 -1.13 0.63 12.88
C ASP A 155 -2.33 1.25 13.61
N ALA A 156 -2.26 2.56 13.88
CA ALA A 156 -3.37 3.28 14.54
C ALA A 156 -4.65 3.22 13.69
N ALA A 157 -4.50 3.31 12.36
CA ALA A 157 -5.65 3.30 11.44
C ALA A 157 -6.48 2.04 11.63
N VAL A 158 -5.82 0.90 11.86
CA VAL A 158 -6.49 -0.38 12.09
C VAL A 158 -7.35 -0.28 13.36
N LEU A 159 -6.78 0.31 14.41
CA LEU A 159 -7.48 0.43 15.70
C LEU A 159 -8.69 1.33 15.54
N VAL A 160 -8.53 2.47 14.85
CA VAL A 160 -9.65 3.41 14.68
C VAL A 160 -10.78 2.72 13.91
N ARG A 161 -10.44 2.01 12.83
CA ARG A 161 -11.46 1.31 12.03
C ARG A 161 -12.18 0.27 12.89
N ALA A 162 -11.45 -0.43 13.76
CA ALA A 162 -12.05 -1.46 14.61
C ALA A 162 -13.05 -0.82 15.57
N LEU A 163 -12.69 0.34 16.11
CA LEU A 163 -13.53 1.04 17.08
C LEU A 163 -14.80 1.56 16.41
N LEU A 164 -14.66 2.21 15.25
CA LEU A 164 -15.82 2.72 14.52
C LEU A 164 -16.71 1.55 14.09
N THR A 165 -16.10 0.44 13.68
CA THR A 165 -16.85 -0.74 13.25
C THR A 165 -17.62 -1.35 14.43
N ALA A 166 -16.97 -1.42 15.60
CA ALA A 166 -17.61 -1.94 16.80
C ALA A 166 -18.82 -1.06 17.16
N ASP A 167 -18.69 0.26 17.00
CA ASP A 167 -19.78 1.19 17.25
C ASP A 167 -20.94 0.92 16.29
N ARG A 168 -20.66 0.71 15.00
CA ARG A 168 -21.70 0.44 14.00
C ARG A 168 -22.43 -0.88 14.31
N ASN A 169 -21.67 -1.90 14.70
CA ASN A 169 -22.23 -3.24 14.99
C ASN A 169 -23.07 -3.18 16.26
N GLN A 170 -22.57 -2.52 17.30
CA GLN A 170 -23.29 -2.35 18.56
C GLN A 170 -24.62 -1.63 18.31
N HIS A 171 -24.57 -0.52 17.57
CA HIS A 171 -25.74 0.30 17.31
C HIS A 171 -26.76 -0.49 16.50
N TYR A 172 -26.30 -1.28 15.51
CA TYR A 172 -27.20 -2.07 14.71
C TYR A 172 -28.03 -2.98 15.61
N LEU A 173 -27.35 -3.69 16.54
CA LEU A 173 -28.03 -4.62 17.45
C LEU A 173 -28.96 -3.88 18.42
N ARG A 174 -28.53 -2.71 18.91
CA ARG A 174 -29.32 -1.93 19.87
C ARG A 174 -30.61 -1.42 19.22
N LEU A 175 -30.56 -1.13 17.92
CA LEU A 175 -31.74 -0.67 17.18
C LEU A 175 -32.81 -1.77 17.09
N GLN A 176 -32.39 -3.05 17.20
CA GLN A 176 -33.30 -4.19 17.09
C GLN A 176 -33.92 -4.52 18.46
N MET A 177 -33.42 -3.87 19.52
CA MET A 177 -33.86 -4.13 20.89
C MET A 177 -35.10 -3.30 21.23
N SER A 178 -35.80 -3.73 22.29
CA SER A 178 -36.83 -2.94 22.96
C SER A 178 -36.16 -1.91 23.88
N GLU A 179 -36.96 -0.97 24.37
CA GLU A 179 -36.46 0.08 25.26
C GLU A 179 -35.94 -0.57 26.56
N ARG A 180 -36.65 -1.59 27.05
CA ARG A 180 -36.29 -2.26 28.30
C ARG A 180 -34.99 -3.05 28.12
N GLN A 181 -34.86 -3.73 26.96
CA GLN A 181 -33.65 -4.49 26.62
C GLN A 181 -32.43 -3.54 26.61
N ARG A 182 -32.60 -2.35 26.02
CA ARG A 182 -31.53 -1.36 25.94
C ARG A 182 -31.13 -0.93 27.36
N ALA A 183 -32.11 -0.70 28.23
CA ALA A 183 -31.86 -0.28 29.63
C ALA A 183 -31.13 -1.39 30.40
N ALA A 184 -31.37 -2.65 30.01
CA ALA A 184 -30.78 -3.82 30.67
C ALA A 184 -29.39 -4.17 30.13
N THR A 185 -29.12 -3.82 28.85
CA THR A 185 -27.88 -4.23 28.15
C THR A 185 -26.91 -3.05 28.07
N PRO A 186 -25.67 -3.17 28.59
CA PRO A 186 -24.71 -2.06 28.56
C PRO A 186 -24.32 -1.68 27.13
N ALA A 187 -24.27 -0.36 26.86
CA ALA A 187 -23.71 0.18 25.61
C ALA A 187 -22.28 0.66 25.88
N TYR A 188 -21.32 0.15 25.11
CA TYR A 188 -19.91 0.48 25.31
C TYR A 188 -19.54 1.75 24.53
N ASP A 189 -18.51 2.45 25.01
CA ASP A 189 -18.02 3.68 24.42
C ASP A 189 -16.83 3.34 23.51
N PHE A 190 -17.03 3.42 22.19
CA PHE A 190 -15.99 3.04 21.24
C PHE A 190 -15.32 4.27 20.59
N ARG A 191 -15.44 5.44 21.20
CA ARG A 191 -14.83 6.65 20.64
C ARG A 191 -13.32 6.48 20.62
N PRO A 192 -12.63 6.89 19.54
CA PRO A 192 -11.20 6.65 19.38
C PRO A 192 -10.30 7.62 20.15
N PHE A 193 -10.36 7.52 21.49
CA PHE A 193 -9.50 8.29 22.38
C PHE A 193 -8.13 7.60 22.43
N ILE A 194 -7.25 7.99 21.49
CA ILE A 194 -5.94 7.38 21.31
C ILE A 194 -4.84 8.46 21.41
N ILE A 195 -3.80 8.16 22.20
CA ILE A 195 -2.54 8.89 22.15
C ILE A 195 -1.49 7.95 21.55
N ALA A 196 -0.88 8.38 20.45
CA ALA A 196 0.01 7.55 19.67
C ALA A 196 1.42 8.16 19.62
N ASP A 197 2.39 7.28 19.44
CA ASP A 197 3.81 7.58 19.45
C ASP A 197 4.24 8.17 18.10
N ALA A 198 4.73 9.41 18.14
CA ALA A 198 5.34 10.09 16.99
C ALA A 198 6.88 10.11 17.11
N ASP A 199 7.43 9.31 18.02
CA ASP A 199 8.88 9.15 18.20
C ASP A 199 9.52 10.55 18.41
N THR A 200 10.55 10.87 17.64
CA THR A 200 11.20 12.19 17.71
C THR A 200 10.66 13.11 16.61
N GLY A 201 9.64 12.67 15.88
CA GLY A 201 9.11 13.41 14.75
C GLY A 201 9.68 12.96 13.41
N HIS A 202 10.65 12.04 13.45
CA HIS A 202 11.24 11.40 12.24
C HIS A 202 11.86 12.43 11.30
N GLY A 203 12.46 13.48 11.86
CA GLY A 203 13.22 14.45 11.09
C GLY A 203 12.94 15.88 11.52
N GLY A 204 12.84 16.78 10.54
CA GLY A 204 12.62 18.20 10.77
C GLY A 204 11.15 18.54 10.64
N ASP A 205 10.84 19.83 10.50
CA ASP A 205 9.46 20.29 10.52
C ASP A 205 8.61 19.60 9.45
N PRO A 206 9.04 19.38 8.19
CA PRO A 206 8.15 18.74 7.23
C PRO A 206 7.85 17.26 7.56
N HIS A 207 8.80 16.59 8.23
CA HIS A 207 8.61 15.22 8.71
C HIS A 207 7.57 15.20 9.82
N VAL A 208 7.71 16.11 10.79
CA VAL A 208 6.78 16.22 11.91
C VAL A 208 5.36 16.47 11.35
N ARG A 209 5.24 17.44 10.45
CA ARG A 209 3.94 17.82 9.91
C ARG A 209 3.33 16.64 9.14
N ASN A 210 4.16 15.89 8.41
CA ASN A 210 3.71 14.74 7.62
C ASN A 210 3.18 13.66 8.57
N LEU A 211 3.93 13.40 9.65
CA LEU A 211 3.58 12.38 10.62
C LEU A 211 2.25 12.71 11.32
N ILE A 212 2.12 13.97 11.77
CA ILE A 212 0.88 14.43 12.41
C ILE A 212 -0.28 14.33 11.41
N ARG A 213 -0.08 14.78 10.18
CA ARG A 213 -1.08 14.71 9.12
C ARG A 213 -1.59 13.26 8.99
N ARG A 214 -0.65 12.31 8.91
CA ARG A 214 -0.98 10.90 8.69
C ARG A 214 -1.80 10.33 9.86
N PHE A 215 -1.47 10.77 11.09
CA PHE A 215 -2.23 10.36 12.27
C PHE A 215 -3.65 10.92 12.20
N VAL A 216 -3.76 12.23 11.90
CA VAL A 216 -5.03 12.94 11.91
C VAL A 216 -5.96 12.33 10.85
N GLU A 217 -5.41 12.05 9.66
CA GLU A 217 -6.22 11.58 8.54
C GLU A 217 -6.93 10.27 8.89
N VAL A 218 -6.33 9.43 9.75
CA VAL A 218 -6.91 8.11 10.07
C VAL A 218 -7.68 8.16 11.39
N GLY A 219 -7.79 9.36 12.00
CA GLY A 219 -8.72 9.61 13.09
C GLY A 219 -8.07 9.73 14.47
N VAL A 220 -6.74 9.81 14.56
CA VAL A 220 -6.04 9.81 15.85
C VAL A 220 -6.03 11.23 16.42
N PRO A 221 -6.47 11.41 17.69
CA PRO A 221 -6.52 12.74 18.32
C PRO A 221 -5.37 13.18 19.24
N GLY A 222 -4.36 12.33 19.45
CA GLY A 222 -3.27 12.62 20.39
C GLY A 222 -1.96 11.99 19.94
N TYR A 223 -0.84 12.68 20.20
CA TYR A 223 0.49 12.34 19.64
C TYR A 223 1.55 12.75 20.64
N HIS A 224 2.59 11.90 20.80
CA HIS A 224 3.70 12.24 21.67
C HIS A 224 5.01 12.31 20.90
N ILE A 225 5.81 13.35 21.23
CA ILE A 225 7.08 13.65 20.62
C ILE A 225 8.13 13.81 21.73
N GLU A 226 9.28 13.18 21.55
CA GLU A 226 10.34 13.15 22.58
C GLU A 226 11.60 13.85 22.08
N ASP A 227 12.38 14.37 23.04
CA ASP A 227 13.53 15.22 22.79
C ASP A 227 14.82 14.40 22.57
N GLN A 228 14.72 13.23 21.93
CA GLN A 228 15.89 12.48 21.51
C GLN A 228 16.30 12.90 20.09
N ARG A 229 17.55 12.60 19.76
CA ARG A 229 18.05 12.62 18.40
C ARG A 229 17.64 11.32 17.71
N PRO A 230 16.96 11.36 16.56
CA PRO A 230 16.57 10.12 15.86
C PRO A 230 17.82 9.37 15.40
N GLY A 231 17.72 8.05 15.32
CA GLY A 231 18.78 7.23 14.73
C GLY A 231 19.94 6.96 15.68
N THR A 232 19.75 7.20 16.99
CA THR A 232 20.80 7.00 18.00
C THR A 232 20.39 6.03 19.11
N LYS A 233 19.22 5.37 18.99
CA LYS A 233 18.70 4.51 20.05
C LYS A 233 19.61 3.27 20.22
N LYS A 234 19.91 2.95 21.48
CA LYS A 234 20.81 1.83 21.86
C LYS A 234 20.00 0.72 22.50
N GLY A 236 20.16 -2.32 25.21
CA GLY A 236 20.84 -2.95 26.35
C GLY A 236 22.15 -2.26 26.72
N HIS A 237 22.12 -0.92 26.77
CA HIS A 237 23.25 -0.11 27.21
C HIS A 237 22.76 0.92 28.23
N GLN A 238 23.66 1.30 29.15
CA GLN A 238 23.40 2.28 30.20
C GLN A 238 23.83 3.68 29.74
N GLY A 239 24.50 3.77 28.59
CA GLY A 239 24.96 5.03 28.00
C GLY A 239 24.40 5.23 26.60
N GLY A 240 24.84 6.32 25.96
CA GLY A 240 24.56 6.59 24.55
C GLY A 240 23.13 7.02 24.25
N LYS A 241 22.38 7.46 25.27
CA LYS A 241 21.08 8.08 25.01
C LYS A 241 21.29 9.57 24.74
N VAL A 242 20.86 10.03 23.54
CA VAL A 242 21.26 11.33 23.00
C VAL A 242 20.03 12.24 22.88
N LEU A 243 20.09 13.40 23.55
CA LEU A 243 19.06 14.42 23.48
C LEU A 243 19.38 15.39 22.34
N VAL A 244 18.37 16.21 22.00
CA VAL A 244 18.52 17.36 21.14
C VAL A 244 18.33 18.62 21.97
N PRO A 245 18.82 19.77 21.48
CA PRO A 245 18.59 21.04 22.18
C PRO A 245 17.09 21.35 22.27
N SER A 246 16.73 22.13 23.30
CA SER A 246 15.33 22.46 23.57
C SER A 246 14.69 23.24 22.41
N ASP A 247 15.46 24.06 21.69
CA ASP A 247 14.89 24.80 20.55
C ASP A 247 14.40 23.82 19.47
N GLU A 248 15.17 22.76 19.23
CA GLU A 248 14.81 21.76 18.23
C GLU A 248 13.52 21.05 18.67
N GLN A 249 13.43 20.67 19.95
CA GLN A 249 12.24 19.97 20.47
C GLN A 249 11.02 20.90 20.37
N ILE A 250 11.19 22.16 20.78
CA ILE A 250 10.07 23.09 20.79
C ILE A 250 9.57 23.29 19.36
N LYS A 251 10.49 23.35 18.39
CA LYS A 251 10.09 23.53 16.99
C LYS A 251 9.30 22.31 16.50
N ARG A 252 9.60 21.10 17.01
CA ARG A 252 8.80 19.92 16.66
C ARG A 252 7.36 20.10 17.19
N LEU A 253 7.23 20.57 18.43
CA LEU A 253 5.94 20.74 19.07
C LEU A 253 5.14 21.81 18.34
N ASN A 254 5.83 22.91 17.98
CA ASN A 254 5.21 24.04 17.30
C ASN A 254 4.77 23.64 15.88
N ALA A 255 5.60 22.86 15.18
CA ALA A 255 5.27 22.35 13.83
C ALA A 255 4.03 21.46 13.90
N ALA A 256 3.97 20.61 14.94
CA ALA A 256 2.82 19.74 15.16
C ALA A 256 1.54 20.59 15.34
N ARG A 257 1.63 21.64 16.17
CA ARG A 257 0.48 22.51 16.42
C ARG A 257 0.05 23.21 15.12
N PHE A 258 1.02 23.62 14.31
CA PHE A 258 0.75 24.28 13.04
C PHE A 258 -0.06 23.36 12.12
N GLN A 259 0.37 22.10 12.00
CA GLN A 259 -0.34 21.13 11.16
C GLN A 259 -1.76 20.88 11.70
N LEU A 260 -1.89 20.68 13.01
CA LEU A 260 -3.19 20.46 13.65
C LEU A 260 -4.13 21.65 13.40
N ASP A 261 -3.59 22.87 13.53
CA ASP A 261 -4.36 24.09 13.28
C ASP A 261 -4.85 24.13 11.83
N ILE A 262 -3.95 23.86 10.87
CA ILE A 262 -4.33 23.85 9.44
C ILE A 262 -5.54 22.90 9.25
N MET A 263 -5.48 21.73 9.90
CA MET A 263 -6.45 20.66 9.72
C MET A 263 -7.70 20.87 10.61
N ARG A 264 -7.71 21.92 11.42
CA ARG A 264 -8.83 22.29 12.31
C ARG A 264 -9.10 21.20 13.34
N VAL A 265 -8.05 20.50 13.77
CA VAL A 265 -8.16 19.44 14.76
C VAL A 265 -7.45 19.89 16.04
N PRO A 266 -8.16 20.03 17.18
CA PRO A 266 -7.53 20.45 18.43
C PRO A 266 -6.79 19.27 19.09
N GLY A 267 -5.87 18.67 18.33
CA GLY A 267 -5.19 17.46 18.75
C GLY A 267 -4.36 17.69 19.99
N ILE A 268 -4.17 16.62 20.78
CA ILE A 268 -3.49 16.66 22.05
C ILE A 268 -2.00 16.37 21.84
N ILE A 269 -1.15 17.38 22.09
CA ILE A 269 0.29 17.28 21.95
C ILE A 269 0.90 16.91 23.30
N VAL A 270 1.60 15.78 23.33
CA VAL A 270 2.30 15.29 24.51
C VAL A 270 3.79 15.45 24.26
N ALA A 271 4.46 16.23 25.13
CA ALA A 271 5.89 16.45 25.05
C ALA A 271 6.59 15.54 26.06
N ARG A 272 7.37 14.59 25.55
CA ARG A 272 8.13 13.67 26.36
C ARG A 272 9.58 14.17 26.43
N THR A 273 10.17 14.06 27.63
CA THR A 273 11.60 14.26 27.80
C THR A 273 12.23 12.94 28.24
N ASP A 274 13.43 12.67 27.69
CA ASP A 274 14.25 11.52 28.00
C ASP A 274 15.46 11.94 28.85
N ALA A 275 15.41 13.14 29.43
CA ALA A 275 16.57 13.72 30.11
C ALA A 275 16.86 13.03 31.45
N GLU A 276 15.91 12.26 31.99
CA GLU A 276 16.09 11.64 33.32
C GLU A 276 17.25 10.64 33.27
N ALA A 277 17.41 9.91 32.15
CA ALA A 277 18.48 8.91 32.05
C ALA A 277 19.38 9.17 30.83
N ALA A 278 19.26 10.35 30.23
CA ALA A 278 20.12 10.71 29.08
C ALA A 278 21.55 10.94 29.55
N ASN A 279 22.50 10.72 28.64
CA ASN A 279 23.92 10.82 28.87
C ASN A 279 24.54 11.91 27.99
N LEU A 280 23.96 12.14 26.80
CA LEU A 280 24.57 12.94 25.75
C LEU A 280 23.54 13.91 25.15
N ILE A 281 24.05 14.97 24.51
CA ILE A 281 23.26 15.90 23.72
C ILE A 281 24.08 16.25 22.48
N ASP A 282 23.40 16.48 21.35
CA ASP A 282 24.09 16.59 20.06
C ASP A 282 24.48 18.05 19.76
N SER A 283 24.25 18.97 20.70
CA SER A 283 24.57 20.38 20.53
C SER A 283 24.71 21.05 21.90
N ARG A 284 25.60 22.05 22.00
CA ARG A 284 25.80 22.84 23.22
C ARG A 284 25.16 24.24 23.08
N ALA A 285 24.40 24.46 22.02
CA ALA A 285 24.02 25.80 21.57
C ALA A 285 22.86 26.40 22.38
N ASP A 286 22.01 25.56 22.98
CA ASP A 286 20.82 26.08 23.68
C ASP A 286 21.18 26.42 25.13
N GLU A 287 20.88 27.66 25.51
CA GLU A 287 21.16 28.21 26.85
C GLU A 287 20.54 27.34 27.94
N ARG A 288 19.41 26.69 27.65
CA ARG A 288 18.67 25.93 28.66
C ARG A 288 19.36 24.59 28.96
N ASP A 289 20.17 24.09 28.03
CA ASP A 289 20.90 22.84 28.20
C ASP A 289 22.26 23.09 28.88
N GLN A 290 22.77 24.31 28.76
CA GLN A 290 24.16 24.62 29.07
C GLN A 290 24.47 24.38 30.55
N PRO A 291 23.55 24.61 31.51
CA PRO A 291 23.83 24.31 32.92
C PRO A 291 24.11 22.83 33.22
N PHE A 292 23.73 21.94 32.28
CA PHE A 292 23.82 20.51 32.49
C PHE A 292 25.01 19.90 31.76
N LEU A 293 25.73 20.70 30.96
CA LEU A 293 26.91 20.23 30.25
C LEU A 293 27.98 19.81 31.27
N LEU A 294 28.66 18.70 30.96
CA LEU A 294 29.78 18.22 31.74
C LEU A 294 31.08 18.60 31.02
N GLY A 295 32.04 19.11 31.79
CA GLY A 295 33.32 19.52 31.28
C GLY A 295 34.46 18.97 32.13
N ALA A 296 35.61 18.83 31.49
CA ALA A 296 36.84 18.42 32.18
C ALA A 296 37.35 19.64 32.98
N THR A 297 37.88 19.37 34.16
CA THR A 297 38.47 20.42 35.02
C THR A 297 39.99 20.26 35.13
N LYS A 298 40.54 19.18 34.59
CA LYS A 298 41.99 19.03 34.45
C LYS A 298 42.35 19.10 32.97
N LEU A 299 42.86 20.25 32.53
CA LEU A 299 42.87 20.61 31.10
C LEU A 299 44.13 20.11 30.37
N ASP A 300 45.03 19.40 31.07
CA ASP A 300 46.20 18.76 30.42
C ASP A 300 45.86 17.32 30.01
N VAL A 301 44.63 16.87 30.31
CA VAL A 301 44.13 15.57 29.83
C VAL A 301 43.77 15.71 28.35
N PRO A 302 44.32 14.87 27.44
CA PRO A 302 43.91 14.91 26.03
C PRO A 302 42.43 14.51 25.88
N SER A 303 41.82 14.93 24.78
CA SER A 303 40.38 14.73 24.54
C SER A 303 40.02 13.24 24.64
N TYR A 304 38.83 12.97 25.17
CA TYR A 304 38.23 11.65 25.22
C TYR A 304 38.30 10.99 23.83
N LYS A 305 37.93 11.75 22.80
CA LYS A 305 37.89 11.23 21.44
C LYS A 305 39.29 10.77 21.00
N SER A 306 40.30 11.62 21.19
CA SER A 306 41.65 11.32 20.70
CA SER A 306 41.65 11.32 20.70
C SER A 306 42.21 10.10 21.45
N CYS A 307 41.91 10.01 22.75
CA CYS A 307 42.35 8.87 23.58
C CYS A 307 41.68 7.57 23.13
N PHE A 308 40.38 7.63 22.84
CA PHE A 308 39.65 6.46 22.35
C PHE A 308 40.27 5.97 21.04
N LEU A 309 40.50 6.88 20.09
CA LEU A 309 40.99 6.51 18.77
C LEU A 309 42.44 5.99 18.86
N ALA A 310 43.25 6.58 19.74
CA ALA A 310 44.63 6.13 19.93
C ALA A 310 44.64 4.71 20.49
N MET A 311 43.69 4.39 21.36
CA MET A 311 43.58 3.07 21.94
C MET A 311 43.25 2.05 20.84
N VAL A 312 42.25 2.37 20.01
CA VAL A 312 41.83 1.49 18.92
C VAL A 312 43.01 1.29 17.95
N ARG A 313 43.69 2.38 17.58
CA ARG A 313 44.81 2.32 16.64
C ARG A 313 45.91 1.38 17.17
N ARG A 314 46.16 1.40 18.48
CA ARG A 314 47.20 0.55 19.08
C ARG A 314 46.83 -0.93 18.91
N PHE A 315 45.57 -1.29 19.20
CA PHE A 315 45.08 -2.66 18.94
C PHE A 315 45.38 -3.06 17.50
N TYR A 316 45.05 -2.16 16.57
CA TYR A 316 45.21 -2.39 15.14
C TYR A 316 46.69 -2.63 14.81
N GLU A 317 47.56 -1.73 15.31
CA GLU A 317 49.00 -1.78 14.99
C GLU A 317 49.65 -3.02 15.61
N LEU A 318 49.09 -3.54 16.71
CA LEU A 318 49.60 -4.74 17.36
C LEU A 318 49.07 -6.01 16.67
N GLY A 319 48.22 -5.85 15.65
CA GLY A 319 47.86 -6.94 14.75
C GLY A 319 46.38 -7.34 14.80
N VAL A 320 45.56 -6.64 15.59
CA VAL A 320 44.13 -6.92 15.63
C VAL A 320 43.45 -6.11 14.51
N LYS A 321 43.50 -6.67 13.30
CA LYS A 321 43.06 -5.99 12.09
C LYS A 321 41.55 -5.67 12.13
N GLU A 322 40.78 -6.43 12.92
CA GLU A 322 39.34 -6.24 12.99
C GLU A 322 38.98 -4.93 13.71
N LEU A 323 39.88 -4.39 14.53
CA LEU A 323 39.64 -3.11 15.21
C LEU A 323 40.22 -1.97 14.37
N ASN A 324 39.48 -1.58 13.31
CA ASN A 324 39.97 -0.59 12.35
C ASN A 324 39.08 0.66 12.36
N GLY A 325 38.31 0.87 13.44
CA GLY A 325 37.36 1.98 13.55
C GLY A 325 38.02 3.35 13.52
N HIS A 326 39.29 3.42 13.92
CA HIS A 326 40.04 4.66 13.88
C HIS A 326 40.17 5.18 12.44
N LEU A 327 40.01 4.31 11.44
CA LEU A 327 40.09 4.72 10.02
C LEU A 327 38.87 5.55 9.59
N LEU A 328 37.85 5.65 10.45
CA LEU A 328 36.71 6.54 10.23
C LEU A 328 37.12 8.01 10.34
N TYR A 329 38.23 8.29 11.05
CA TYR A 329 38.66 9.66 11.39
C TYR A 329 40.02 9.95 10.76
N ALA A 330 40.30 11.25 10.59
CA ALA A 330 41.61 11.73 10.16
C ALA A 330 42.21 12.58 11.28
N LEU A 331 42.72 11.89 12.29
CA LEU A 331 43.33 12.53 13.45
C LEU A 331 44.81 12.78 13.12
N GLY A 332 45.30 13.96 13.49
CA GLY A 332 46.69 14.36 13.20
C GLY A 332 47.69 13.64 14.08
N ASP A 333 48.95 13.62 13.64
CA ASP A 333 50.05 12.91 14.31
C ASP A 333 50.25 13.46 15.74
N SER A 334 50.23 14.78 15.89
CA SER A 334 50.48 15.42 17.18
C SER A 334 49.40 15.01 18.18
N GLU A 335 48.15 14.91 17.72
CA GLU A 335 47.04 14.55 18.60
C GLU A 335 47.13 13.05 18.98
N TYR A 336 47.50 12.20 18.03
CA TYR A 336 47.70 10.78 18.32
C TYR A 336 48.81 10.62 19.36
N ALA A 337 49.88 11.40 19.22
CA ALA A 337 51.05 11.33 20.13
C ALA A 337 50.65 11.75 21.56
N ALA A 338 49.93 12.87 21.67
CA ALA A 338 49.53 13.38 22.99
C ALA A 338 48.59 12.39 23.68
N ALA A 339 47.63 11.84 22.93
CA ALA A 339 46.71 10.84 23.46
C ALA A 339 47.49 9.59 23.89
N GLY A 340 48.45 9.17 23.07
CA GLY A 340 49.32 8.01 23.36
C GLY A 340 50.07 8.19 24.67
N GLY A 341 50.62 9.39 24.88
CA GLY A 341 51.29 9.75 26.13
C GLY A 341 50.40 9.48 27.34
N TRP A 342 49.15 9.93 27.27
CA TRP A 342 48.20 9.76 28.35
C TRP A 342 47.90 8.27 28.55
N LEU A 343 47.63 7.54 27.46
CA LEU A 343 47.29 6.12 27.55
C LEU A 343 48.47 5.32 28.15
N GLU A 344 49.70 5.71 27.79
CA GLU A 344 50.91 5.08 28.33
C GLU A 344 50.95 5.30 29.85
N ARG A 345 50.89 6.57 30.26
CA ARG A 345 51.02 6.96 31.67
C ARG A 345 49.96 6.27 32.53
N GLN A 346 48.72 6.15 32.01
CA GLN A 346 47.59 5.66 32.78
C GLN A 346 47.53 4.12 32.78
N GLY A 347 48.43 3.47 32.03
CA GLY A 347 48.52 2.01 32.01
C GLY A 347 47.59 1.36 31.00
N ILE A 348 46.88 2.16 30.19
CA ILE A 348 45.89 1.62 29.25
C ILE A 348 46.61 0.87 28.12
N PHE A 349 47.73 1.41 27.64
CA PHE A 349 48.51 0.73 26.61
C PHE A 349 49.01 -0.62 27.13
N GLY A 350 49.30 -0.69 28.43
CA GLY A 350 49.62 -1.95 29.13
C GLY A 350 48.49 -2.95 29.02
N LEU A 351 47.26 -2.48 29.28
CA LEU A 351 46.05 -3.31 29.18
C LEU A 351 45.85 -3.78 27.73
N VAL A 352 46.14 -2.90 26.76
CA VAL A 352 45.98 -3.24 25.35
C VAL A 352 46.96 -4.37 25.00
N SER A 353 48.24 -4.23 25.41
CA SER A 353 49.28 -5.25 25.17
C SER A 353 48.83 -6.61 25.74
N ASP A 354 48.40 -6.60 27.00
CA ASP A 354 47.91 -7.78 27.70
C ASP A 354 46.76 -8.42 26.92
N ALA A 355 45.82 -7.58 26.46
CA ALA A 355 44.62 -8.01 25.76
C ALA A 355 44.99 -8.69 24.44
N VAL A 356 45.93 -8.09 23.69
CA VAL A 356 46.34 -8.64 22.40
C VAL A 356 47.05 -9.98 22.62
N ASN A 357 47.91 -10.05 23.64
CA ASN A 357 48.64 -11.28 23.98
C ASN A 357 47.64 -12.40 24.31
N ALA A 358 46.63 -12.08 25.14
CA ALA A 358 45.59 -13.04 25.52
C ALA A 358 44.80 -13.51 24.29
N TRP A 359 44.46 -12.56 23.41
CA TRP A 359 43.77 -12.83 22.16
C TRP A 359 44.57 -13.82 21.30
N ARG A 360 45.89 -13.59 21.19
CA ARG A 360 46.78 -14.45 20.42
C ARG A 360 46.86 -15.86 21.04
N GLU A 361 47.05 -15.89 22.37
CA GLU A 361 47.17 -17.15 23.12
C GLU A 361 45.90 -17.99 23.01
N ASP A 362 44.74 -17.34 22.83
CA ASP A 362 43.45 -18.02 22.78
C ASP A 362 43.06 -18.33 21.32
N GLY A 363 43.96 -18.08 20.36
CA GLY A 363 43.79 -18.53 18.97
C GLY A 363 43.12 -17.48 18.08
N GLN A 364 43.21 -16.20 18.46
CA GLN A 364 42.78 -15.05 17.65
C GLN A 364 41.32 -15.21 17.22
N GLN A 365 40.45 -15.48 18.20
CA GLN A 365 38.99 -15.48 18.03
C GLN A 365 38.50 -14.03 18.13
N SER A 366 37.18 -13.82 18.05
CA SER A 366 36.58 -12.49 18.15
CA SER A 366 36.58 -12.49 18.15
C SER A 366 37.11 -11.75 19.38
N ILE A 367 37.50 -10.48 19.20
CA ILE A 367 38.08 -9.63 20.25
C ILE A 367 36.95 -8.93 21.04
N ASP A 368 35.69 -9.15 20.65
CA ASP A 368 34.50 -8.51 21.21
C ASP A 368 34.64 -8.29 22.73
N GLY A 369 34.75 -9.40 23.48
CA GLY A 369 34.72 -9.36 24.95
C GLY A 369 35.97 -8.71 25.54
N ILE A 370 37.12 -9.05 24.97
CA ILE A 370 38.42 -8.53 25.41
C ILE A 370 38.43 -7.01 25.21
N PHE A 371 38.00 -6.55 24.04
CA PHE A 371 37.97 -5.14 23.71
C PHE A 371 37.02 -4.39 24.65
N ASP A 372 35.83 -4.96 24.88
CA ASP A 372 34.83 -4.35 25.75
C ASP A 372 35.43 -4.08 27.14
N GLN A 373 36.19 -5.05 27.67
CA GLN A 373 36.77 -4.95 29.01
C GLN A 373 37.79 -3.81 29.06
N VAL A 374 38.67 -3.72 28.04
CA VAL A 374 39.68 -2.68 27.99
C VAL A 374 38.99 -1.32 27.82
N GLU A 375 37.98 -1.25 26.96
CA GLU A 375 37.26 0.01 26.73
C GLU A 375 36.66 0.51 28.05
N SER A 376 36.08 -0.40 28.84
CA SER A 376 35.45 -0.05 30.13
C SER A 376 36.48 0.56 31.08
N ARG A 377 37.67 -0.04 31.13
CA ARG A 377 38.76 0.45 31.99
C ARG A 377 39.22 1.82 31.50
N PHE A 378 39.33 1.98 30.17
CA PHE A 378 39.72 3.25 29.57
C PHE A 378 38.74 4.36 29.97
N VAL A 379 37.43 4.09 29.83
CA VAL A 379 36.40 5.10 30.09
C VAL A 379 36.49 5.54 31.56
N ALA A 380 36.63 4.56 32.47
CA ALA A 380 36.75 4.82 33.91
C ALA A 380 37.97 5.70 34.20
N ALA A 381 39.11 5.36 33.59
CA ALA A 381 40.35 6.07 33.80
C ALA A 381 40.28 7.50 33.26
N TRP A 382 39.62 7.68 32.10
CA TRP A 382 39.54 9.02 31.48
C TRP A 382 38.67 9.93 32.35
N GLU A 383 37.49 9.42 32.71
CA GLU A 383 36.52 10.12 33.57
C GLU A 383 37.21 10.57 34.86
N ASP A 384 37.93 9.64 35.48
CA ASP A 384 38.61 9.85 36.76
C ASP A 384 39.63 10.98 36.63
N ASP A 385 40.49 10.92 35.62
CA ASP A 385 41.57 11.89 35.46
C ASP A 385 41.02 13.25 35.01
N ALA A 386 39.97 13.27 34.17
CA ALA A 386 39.46 14.50 33.56
C ALA A 386 38.78 15.41 34.60
N GLY A 387 38.19 14.81 35.63
CA GLY A 387 37.47 15.55 36.66
C GLY A 387 36.20 16.22 36.11
N LEU A 388 35.32 15.40 35.55
CA LEU A 388 34.08 15.83 34.92
C LEU A 388 33.12 16.42 35.96
N MET A 389 32.61 17.61 35.69
CA MET A 389 31.51 18.19 36.46
C MET A 389 30.85 19.28 35.63
N THR A 390 29.69 19.78 36.08
CA THR A 390 29.05 20.93 35.43
C THR A 390 29.86 22.18 35.77
N TYR A 391 29.66 23.24 35.00
CA TYR A 391 30.35 24.49 35.27
C TYR A 391 29.92 25.03 36.64
N GLY A 392 28.61 24.91 36.94
CA GLY A 392 28.06 25.28 38.23
C GLY A 392 28.75 24.59 39.39
N GLU A 393 28.97 23.28 39.24
CA GLU A 393 29.64 22.46 40.26
C GLU A 393 31.10 22.92 40.42
N ALA A 394 31.77 23.26 39.31
CA ALA A 394 33.17 23.67 39.33
C ALA A 394 33.33 24.97 40.12
N VAL A 395 32.45 25.95 39.86
CA VAL A 395 32.49 27.23 40.57
C VAL A 395 32.12 27.01 42.04
N ALA A 396 31.10 26.18 42.29
CA ALA A 396 30.68 25.88 43.66
C ALA A 396 31.87 25.35 44.48
N ASP A 397 32.67 24.47 43.88
CA ASP A 397 33.83 23.87 44.52
C ASP A 397 34.81 24.98 44.95
N VAL A 398 35.04 25.95 44.06
CA VAL A 398 35.95 27.06 44.35
C VAL A 398 35.38 27.91 45.50
N LEU A 399 34.08 28.22 45.47
CA LEU A 399 33.46 29.07 46.48
C LEU A 399 33.51 28.38 47.85
N GLU A 400 33.22 27.08 47.86
CA GLU A 400 33.22 26.28 49.08
C GLU A 400 34.63 26.27 49.69
N PHE A 401 35.65 26.13 48.82
CA PHE A 401 37.05 26.12 49.22
C PHE A 401 37.62 27.54 49.21
N GLY A 402 37.05 28.40 50.06
CA GLY A 402 37.40 29.82 50.17
C GLY A 402 36.22 30.66 50.60
N MET A 411 29.09 35.59 47.30
CA MET A 411 27.82 34.92 47.04
C MET A 411 27.80 33.58 47.79
N ALA A 412 26.70 33.31 48.49
CA ALA A 412 26.52 32.07 49.27
C ALA A 412 26.46 30.88 48.32
N PRO A 413 26.87 29.66 48.75
CA PRO A 413 26.86 28.49 47.88
C PRO A 413 25.47 28.22 47.24
N GLU A 414 24.42 28.27 48.07
CA GLU A 414 23.07 27.98 47.62
C GLU A 414 22.60 29.05 46.63
N GLU A 415 23.04 30.30 46.84
CA GLU A 415 22.71 31.41 45.97
C GLU A 415 23.37 31.20 44.59
N TRP A 416 24.62 30.75 44.59
CA TRP A 416 25.35 30.50 43.35
C TRP A 416 24.65 29.37 42.55
N ARG A 417 24.28 28.30 43.24
CA ARG A 417 23.65 27.13 42.61
C ARG A 417 22.33 27.53 41.93
N ALA A 418 21.54 28.36 42.61
CA ALA A 418 20.28 28.87 42.08
C ALA A 418 20.54 29.71 40.82
N PHE A 419 21.58 30.55 40.86
CA PHE A 419 21.95 31.38 39.73
C PHE A 419 22.43 30.51 38.55
N ALA A 420 23.32 29.55 38.83
CA ALA A 420 23.94 28.72 37.81
C ALA A 420 22.88 27.87 37.09
N ALA A 421 21.85 27.44 37.82
CA ALA A 421 20.84 26.51 37.32
C ALA A 421 20.05 27.12 36.15
N ARG A 422 19.97 28.45 36.08
CA ARG A 422 19.20 29.11 35.03
C ARG A 422 20.08 30.10 34.27
N ALA A 423 21.39 29.87 34.27
CA ALA A 423 22.33 30.75 33.59
C ALA A 423 22.91 30.04 32.37
N SER A 424 23.02 30.78 31.26
CA SER A 424 23.85 30.39 30.13
C SER A 424 25.29 30.25 30.62
N LEU A 425 26.11 29.54 29.84
CA LEU A 425 27.52 29.38 30.14
C LEU A 425 28.20 30.77 30.20
N HIS A 426 27.87 31.61 29.23
CA HIS A 426 28.39 32.99 29.13
C HIS A 426 28.10 33.76 30.43
N ALA A 427 26.85 33.71 30.87
CA ALA A 427 26.39 34.44 32.05
C ALA A 427 27.02 33.85 33.32
N ALA A 428 27.15 32.51 33.38
CA ALA A 428 27.72 31.84 34.55
C ALA A 428 29.20 32.19 34.69
N ARG A 429 29.93 32.19 33.56
CA ARG A 429 31.36 32.53 33.56
C ARG A 429 31.55 33.99 34.00
N ALA A 430 30.73 34.89 33.45
CA ALA A 430 30.81 36.31 33.76
C ALA A 430 30.58 36.55 35.26
N LYS A 431 29.56 35.88 35.83
CA LYS A 431 29.24 36.03 37.25
C LYS A 431 30.37 35.45 38.11
N ALA A 432 30.88 34.29 37.72
CA ALA A 432 31.97 33.62 38.46
C ALA A 432 33.18 34.55 38.50
N LYS A 433 33.46 35.21 37.37
CA LYS A 433 34.59 36.12 37.21
C LYS A 433 34.44 37.29 38.20
N GLU A 434 33.22 37.81 38.35
CA GLU A 434 32.90 38.87 39.33
C GLU A 434 33.23 38.40 40.76
N LEU A 435 33.00 37.12 41.04
CA LEU A 435 33.22 36.54 42.38
C LEU A 435 34.68 36.08 42.54
N GLY A 436 35.51 36.26 41.51
CA GLY A 436 36.92 35.86 41.53
C GLY A 436 37.07 34.35 41.50
N ALA A 437 36.07 33.65 40.97
CA ALA A 437 36.13 32.21 40.74
C ALA A 437 36.13 31.97 39.23
N ASP A 438 37.29 31.54 38.69
CA ASP A 438 37.43 31.24 37.29
C ASP A 438 38.10 29.87 37.15
N PRO A 439 37.42 28.77 37.52
CA PRO A 439 38.02 27.44 37.49
C PRO A 439 38.24 26.96 36.05
N PRO A 440 39.28 26.14 35.80
CA PRO A 440 39.44 25.51 34.49
C PRO A 440 38.24 24.59 34.21
N TRP A 441 37.66 24.71 33.01
CA TRP A 441 36.48 23.91 32.64
C TRP A 441 36.36 23.91 31.11
N ASP A 442 36.24 22.71 30.53
CA ASP A 442 36.24 22.54 29.08
C ASP A 442 35.33 21.37 28.72
N CYS A 443 34.17 21.65 28.12
CA CYS A 443 33.21 20.60 27.76
C CYS A 443 33.58 19.99 26.40
N GLU A 444 34.42 20.69 25.61
CA GLU A 444 34.88 20.18 24.31
C GLU A 444 35.73 18.91 24.51
N LEU A 445 36.56 18.88 25.56
CA LEU A 445 37.47 17.75 25.83
C LEU A 445 36.68 16.46 26.03
N ALA A 446 35.46 16.58 26.59
CA ALA A 446 34.67 15.43 27.03
C ALA A 446 33.72 14.91 25.92
N LYS A 447 33.77 15.52 24.73
CA LYS A 447 32.89 15.11 23.63
C LYS A 447 33.21 13.67 23.20
N THR A 448 32.16 12.97 22.76
CA THR A 448 32.28 11.61 22.28
C THR A 448 32.93 11.63 20.90
N PRO A 449 33.39 10.48 20.38
CA PRO A 449 33.91 10.43 19.00
C PRO A 449 32.96 10.98 17.93
N GLU A 450 31.65 10.80 18.11
CA GLU A 450 30.63 11.33 17.18
C GLU A 450 30.57 12.86 17.26
N GLY A 451 31.03 13.44 18.36
CA GLY A 451 30.96 14.88 18.60
C GLY A 451 29.81 15.30 19.50
N TYR A 452 29.24 14.36 20.27
CA TYR A 452 28.16 14.67 21.20
C TYR A 452 28.76 15.13 22.54
N TYR A 453 28.03 16.04 23.20
CA TYR A 453 28.42 16.58 24.50
C TYR A 453 27.86 15.68 25.61
N GLN A 454 28.60 15.59 26.71
CA GLN A 454 28.14 14.86 27.87
C GLN A 454 27.31 15.80 28.75
N ILE A 455 26.21 15.28 29.31
CA ILE A 455 25.32 16.07 30.14
C ILE A 455 24.98 15.28 31.42
N ARG A 456 24.55 16.03 32.43
CA ARG A 456 24.14 15.50 33.72
C ARG A 456 22.64 15.17 33.63
N GLY A 457 22.36 13.96 33.15
CA GLY A 457 21.01 13.43 33.14
C GLY A 457 20.48 13.27 34.55
N GLY A 458 19.16 13.40 34.70
CA GLY A 458 18.49 13.28 35.98
C GLY A 458 17.18 14.03 35.98
N ILE A 459 16.47 13.97 37.10
CA ILE A 459 15.15 14.55 37.20
C ILE A 459 15.25 16.07 37.08
N PRO A 460 16.25 16.76 37.66
CA PRO A 460 16.39 18.21 37.46
C PRO A 460 16.48 18.61 35.97
N TYR A 461 17.22 17.84 35.17
CA TYR A 461 17.32 18.13 33.73
C TYR A 461 15.97 17.87 33.06
N ALA A 462 15.28 16.78 33.44
CA ALA A 462 13.95 16.47 32.91
C ALA A 462 12.98 17.62 33.22
N ILE A 463 13.07 18.16 34.43
CA ILE A 463 12.25 19.30 34.84
C ILE A 463 12.55 20.50 33.93
N ALA A 464 13.84 20.81 33.73
CA ALA A 464 14.25 21.99 32.97
C ALA A 464 13.74 21.89 31.51
N LYS A 465 13.92 20.73 30.89
CA LYS A 465 13.47 20.52 29.50
C LYS A 465 11.95 20.66 29.41
N SER A 466 11.25 20.06 30.39
CA SER A 466 9.80 20.02 30.39
C SER A 466 9.21 21.42 30.64
N LEU A 467 9.83 22.20 31.54
CA LEU A 467 9.36 23.57 31.78
C LEU A 467 9.47 24.40 30.50
N ALA A 468 10.56 24.22 29.73
CA ALA A 468 10.75 24.94 28.47
C ALA A 468 9.68 24.53 27.45
N ALA A 469 9.28 23.26 27.47
CA ALA A 469 8.32 22.71 26.51
C ALA A 469 6.87 23.03 26.87
N ALA A 470 6.61 23.37 28.15
CA ALA A 470 5.25 23.44 28.70
C ALA A 470 4.34 24.36 27.89
N PRO A 471 4.77 25.58 27.48
CA PRO A 471 3.91 26.45 26.69
C PRO A 471 3.60 25.94 25.27
N PHE A 472 4.19 24.82 24.88
CA PHE A 472 4.07 24.30 23.53
C PHE A 472 3.40 22.92 23.50
N ALA A 473 2.90 22.46 24.65
CA ALA A 473 2.36 21.10 24.77
C ALA A 473 1.18 21.08 25.73
N ASP A 474 0.28 20.12 25.50
CA ASP A 474 -0.93 19.95 26.30
C ASP A 474 -0.65 19.04 27.51
N ILE A 475 0.28 18.09 27.36
CA ILE A 475 0.63 17.11 28.39
C ILE A 475 2.15 16.95 28.39
N LEU A 476 2.73 16.86 29.59
CA LEU A 476 4.18 16.65 29.76
C LEU A 476 4.41 15.25 30.36
N TRP A 477 5.50 14.62 29.92
CA TRP A 477 5.83 13.25 30.28
C TRP A 477 7.35 13.15 30.45
N MET A 478 7.78 12.73 31.64
CA MET A 478 9.17 12.38 31.91
C MET A 478 9.32 10.86 31.79
N GLU A 479 10.07 10.42 30.76
CA GLU A 479 10.32 9.01 30.55
C GLU A 479 11.05 8.48 31.78
N THR A 480 10.54 7.36 32.31
CA THR A 480 11.10 6.69 33.46
C THR A 480 11.30 5.22 33.10
N LYS A 481 12.38 4.64 33.63
CA LYS A 481 12.60 3.19 33.65
C LYS A 481 11.83 2.57 34.84
N THR A 482 12.08 3.13 36.05
CA THR A 482 11.57 2.55 37.30
C THR A 482 10.28 3.25 37.75
N ALA A 483 9.35 2.45 38.28
CA ALA A 483 8.09 2.95 38.80
C ALA A 483 8.32 3.39 40.26
N ASP A 484 8.37 4.70 40.47
CA ASP A 484 8.74 5.27 41.78
C ASP A 484 7.93 6.55 42.01
N LEU A 485 7.05 6.54 43.00
CA LEU A 485 6.14 7.67 43.27
C LEU A 485 6.93 8.91 43.69
N ALA A 486 8.03 8.75 44.42
CA ALA A 486 8.84 9.89 44.88
C ALA A 486 9.45 10.64 43.69
N ASP A 487 9.99 9.89 42.71
CA ASP A 487 10.54 10.46 41.49
C ASP A 487 9.43 11.19 40.72
N ALA A 488 8.26 10.56 40.61
CA ALA A 488 7.10 11.16 39.94
C ALA A 488 6.72 12.47 40.63
N ARG A 489 6.71 12.47 41.97
CA ARG A 489 6.34 13.63 42.76
C ARG A 489 7.34 14.78 42.55
N GLN A 490 8.65 14.47 42.53
CA GLN A 490 9.67 15.49 42.32
C GLN A 490 9.39 16.25 41.01
N PHE A 491 9.10 15.48 39.94
CA PHE A 491 8.80 16.06 38.63
C PHE A 491 7.51 16.88 38.69
N ALA A 492 6.42 16.27 39.17
CA ALA A 492 5.09 16.89 39.14
C ALA A 492 5.10 18.20 39.95
N GLU A 493 5.70 18.18 41.15
CA GLU A 493 5.68 19.37 42.01
C GLU A 493 6.46 20.51 41.35
N ALA A 494 7.57 20.19 40.68
CA ALA A 494 8.41 21.21 40.03
C ALA A 494 7.66 21.83 38.84
N ILE A 495 6.96 21.00 38.05
CA ILE A 495 6.17 21.52 36.93
C ILE A 495 5.05 22.40 37.47
N HIS A 496 4.32 21.91 38.48
CA HIS A 496 3.11 22.55 38.95
C HIS A 496 3.42 23.84 39.72
N ALA A 497 4.66 23.99 40.21
CA ALA A 497 5.09 25.25 40.84
C ALA A 497 5.07 26.40 39.83
N GLU A 498 5.30 26.11 38.54
CA GLU A 498 5.30 27.12 37.48
C GLU A 498 4.02 27.07 36.63
N PHE A 499 3.51 25.86 36.39
CA PHE A 499 2.35 25.63 35.53
C PHE A 499 1.35 24.75 36.28
N PRO A 500 0.56 25.32 37.22
CA PRO A 500 -0.31 24.51 38.07
C PRO A 500 -1.41 23.73 37.34
N ASP A 501 -1.76 24.15 36.12
CA ASP A 501 -2.83 23.51 35.34
C ASP A 501 -2.26 22.50 34.32
N GLN A 502 -0.96 22.22 34.38
CA GLN A 502 -0.29 21.39 33.36
C GLN A 502 -0.58 19.90 33.64
N MET A 503 -1.30 19.27 32.72
CA MET A 503 -1.57 17.84 32.79
C MET A 503 -0.28 17.07 32.47
N LEU A 504 -0.12 15.92 33.14
CA LEU A 504 1.06 15.08 33.00
C LEU A 504 0.64 13.67 32.56
N ALA A 505 1.62 12.90 32.09
CA ALA A 505 1.43 11.50 31.72
C ALA A 505 2.63 10.70 32.24
N TYR A 506 2.39 9.42 32.55
CA TYR A 506 3.36 8.56 33.17
C TYR A 506 3.41 7.20 32.46
N ASN A 507 4.61 6.79 32.04
CA ASN A 507 4.78 5.50 31.38
C ASN A 507 5.08 4.43 32.44
N LEU A 508 4.54 3.24 32.20
CA LEU A 508 4.78 2.06 33.02
C LEU A 508 5.40 0.99 32.12
N SER A 509 6.70 0.76 32.28
CA SER A 509 7.41 -0.19 31.42
C SER A 509 6.95 -1.61 31.77
N PRO A 510 6.56 -2.43 30.76
CA PRO A 510 6.25 -3.83 30.99
C PRO A 510 7.41 -4.71 31.48
N SER A 511 8.64 -4.24 31.27
CA SER A 511 9.85 -4.99 31.62
C SER A 511 10.40 -4.58 33.00
N PHE A 512 9.82 -3.55 33.63
CA PHE A 512 10.20 -3.17 34.99
C PHE A 512 9.65 -4.23 35.96
N ASN A 513 10.55 -4.88 36.70
CA ASN A 513 10.20 -5.96 37.62
C ASN A 513 9.50 -5.38 38.85
N TRP A 514 8.18 -5.55 38.91
CA TRP A 514 7.38 -5.01 40.00
C TRP A 514 7.64 -5.71 41.33
N ASP A 515 7.94 -7.02 41.29
CA ASP A 515 8.03 -7.82 42.51
C ASP A 515 9.31 -7.49 43.27
N THR A 516 10.34 -6.96 42.60
CA THR A 516 11.61 -6.65 43.23
C THR A 516 11.67 -5.18 43.68
N THR A 517 10.53 -4.47 43.63
CA THR A 517 10.43 -3.12 44.22
C THR A 517 10.29 -3.19 45.74
N GLY A 518 9.80 -4.32 46.26
CA GLY A 518 9.49 -4.44 47.67
C GLY A 518 8.13 -3.84 48.02
N MET A 519 7.42 -3.30 47.02
CA MET A 519 6.06 -2.82 47.23
C MET A 519 5.19 -4.00 47.66
N THR A 520 4.25 -3.74 48.56
CA THR A 520 3.20 -4.70 48.87
C THR A 520 2.25 -4.81 47.68
N ASP A 521 1.48 -5.90 47.64
CA ASP A 521 0.45 -6.09 46.62
C ASP A 521 -0.49 -4.89 46.63
N GLU A 522 -0.81 -4.38 47.83
CA GLU A 522 -1.77 -3.28 47.96
C GLU A 522 -1.18 -1.97 47.40
N GLU A 523 0.13 -1.76 47.60
CA GLU A 523 0.81 -0.59 47.05
C GLU A 523 0.78 -0.64 45.53
N MET A 524 0.94 -1.84 44.95
CA MET A 524 0.87 -2.03 43.49
C MET A 524 -0.55 -1.74 43.00
N ARG A 525 -1.55 -2.19 43.76
CA ARG A 525 -2.95 -1.93 43.44
C ARG A 525 -3.21 -0.42 43.39
N ARG A 526 -2.60 0.33 44.31
CA ARG A 526 -2.94 1.74 44.52
C ARG A 526 -2.05 2.67 43.67
N PHE A 527 -0.99 2.13 43.08
CA PHE A 527 0.01 2.94 42.38
C PHE A 527 -0.66 3.84 41.33
N PRO A 528 -1.56 3.33 40.46
CA PRO A 528 -2.23 4.19 39.47
C PRO A 528 -3.00 5.37 40.07
N GLU A 529 -3.75 5.13 41.15
CA GLU A 529 -4.49 6.18 41.83
C GLU A 529 -3.53 7.24 42.38
N GLU A 530 -2.38 6.81 42.91
CA GLU A 530 -1.38 7.72 43.50
C GLU A 530 -0.83 8.66 42.41
N LEU A 531 -0.61 8.12 41.19
CA LEU A 531 -0.18 8.92 40.04
C LEU A 531 -1.24 9.99 39.76
N GLY A 532 -2.51 9.60 39.69
CA GLY A 532 -3.62 10.49 39.40
C GLY A 532 -3.69 11.66 40.38
N LYS A 533 -3.38 11.39 41.65
CA LYS A 533 -3.42 12.40 42.70
C LYS A 533 -2.40 13.52 42.43
N MET A 534 -1.33 13.21 41.68
CA MET A 534 -0.26 14.17 41.40
C MET A 534 -0.45 14.85 40.04
N GLY A 535 -1.56 14.57 39.34
CA GLY A 535 -1.89 15.24 38.07
C GLY A 535 -1.38 14.49 36.84
N PHE A 536 -0.92 13.24 37.02
CA PHE A 536 -0.67 12.32 35.92
C PHE A 536 -2.02 11.72 35.50
N VAL A 537 -2.59 12.24 34.40
CA VAL A 537 -3.98 11.99 34.05
C VAL A 537 -4.10 10.79 33.10
N PHE A 538 -3.00 10.42 32.44
CA PHE A 538 -3.00 9.37 31.41
C PHE A 538 -1.73 8.54 31.56
N ASN A 539 -1.88 7.33 32.10
CA ASN A 539 -0.77 6.48 32.49
C ASN A 539 -0.94 5.13 31.79
N PHE A 540 0.16 4.58 31.28
CA PHE A 540 0.02 3.53 30.26
C PHE A 540 1.17 2.51 30.34
N ILE A 541 0.78 1.23 30.23
CA ILE A 541 1.70 0.14 30.08
C ILE A 541 1.98 -0.03 28.58
N THR A 542 3.11 0.51 28.13
CA THR A 542 3.38 0.83 26.71
C THR A 542 3.02 -0.36 25.79
N TYR A 543 3.76 -1.47 25.91
CA TYR A 543 3.55 -2.65 25.02
C TYR A 543 2.94 -3.83 25.80
N GLY A 544 2.00 -3.54 26.70
CA GLY A 544 1.25 -4.55 27.44
C GLY A 544 0.59 -5.57 26.52
N GLY A 545 -0.03 -5.09 25.43
CA GLY A 545 -0.71 -5.94 24.46
C GLY A 545 0.20 -7.00 23.87
N HIS A 546 1.44 -6.58 23.52
CA HIS A 546 2.45 -7.48 22.97
C HIS A 546 2.74 -8.62 23.95
N GLN A 547 2.85 -8.27 25.24
CA GLN A 547 3.21 -9.22 26.29
C GLN A 547 2.08 -10.25 26.46
N ILE A 548 0.82 -9.78 26.57
CA ILE A 548 -0.29 -10.70 26.84
C ILE A 548 -0.54 -11.59 25.63
N ASP A 549 -0.30 -11.06 24.42
CA ASP A 549 -0.40 -11.80 23.15
C ASP A 549 0.56 -13.02 23.18
N GLY A 550 1.78 -12.78 23.63
CA GLY A 550 2.82 -13.80 23.69
C GLY A 550 2.48 -14.91 24.67
N VAL A 551 2.09 -14.52 25.88
CA VAL A 551 1.75 -15.46 26.93
C VAL A 551 0.56 -16.32 26.47
N ALA A 552 -0.45 -15.68 25.87
CA ALA A 552 -1.66 -16.38 25.41
C ALA A 552 -1.29 -17.46 24.39
N ALA A 553 -0.42 -17.12 23.43
CA ALA A 553 -0.03 -18.03 22.36
C ALA A 553 0.79 -19.20 22.90
N GLU A 554 1.76 -18.90 23.77
CA GLU A 554 2.58 -19.93 24.42
C GLU A 554 1.68 -20.94 25.14
N GLU A 555 0.74 -20.43 25.94
CA GLU A 555 -0.16 -21.26 26.73
C GLU A 555 -1.02 -22.14 25.82
N PHE A 556 -1.60 -21.55 24.77
CA PHE A 556 -2.53 -22.28 23.93
C PHE A 556 -1.78 -23.34 23.10
N ALA A 557 -0.61 -22.99 22.55
CA ALA A 557 0.18 -23.91 21.74
C ALA A 557 0.62 -25.11 22.60
N THR A 558 1.06 -24.82 23.83
CA THR A 558 1.46 -25.87 24.78
C THR A 558 0.27 -26.79 25.06
N ALA A 559 -0.89 -26.20 25.35
CA ALA A 559 -2.09 -26.95 25.72
C ALA A 559 -2.57 -27.83 24.55
N LEU A 560 -2.52 -27.28 23.33
CA LEU A 560 -2.94 -28.01 22.14
C LEU A 560 -2.04 -29.24 21.94
N ARG A 561 -0.72 -29.06 22.11
CA ARG A 561 0.24 -30.14 21.91
C ARG A 561 0.05 -31.23 22.98
N GLN A 562 -0.29 -30.82 24.21
CA GLN A 562 -0.34 -31.74 25.37
C GLN A 562 -1.71 -32.40 25.47
N ASP A 563 -2.78 -31.63 25.25
CA ASP A 563 -4.14 -32.07 25.59
C ASP A 563 -5.09 -32.00 24.40
N GLY A 564 -4.58 -31.85 23.17
CA GLY A 564 -5.42 -31.88 21.97
C GLY A 564 -6.59 -30.92 22.06
N MET A 565 -7.79 -31.38 21.71
CA MET A 565 -8.93 -30.48 21.56
C MET A 565 -9.50 -30.06 22.93
N LEU A 566 -9.03 -30.70 24.00
CA LEU A 566 -9.37 -30.25 25.36
C LEU A 566 -8.88 -28.81 25.57
N ALA A 567 -7.78 -28.45 24.89
CA ALA A 567 -7.24 -27.08 24.90
C ALA A 567 -8.30 -26.06 24.44
N LEU A 568 -9.04 -26.40 23.37
CA LEU A 568 -10.08 -25.53 22.85
C LEU A 568 -11.31 -25.58 23.77
N ALA A 569 -11.68 -26.78 24.23
CA ALA A 569 -12.82 -26.94 25.13
C ALA A 569 -12.65 -26.02 26.36
N ARG A 570 -11.43 -26.01 26.93
CA ARG A 570 -11.16 -25.23 28.13
C ARG A 570 -11.26 -23.73 27.83
N LEU A 571 -10.76 -23.30 26.67
CA LEU A 571 -10.87 -21.90 26.25
C LEU A 571 -12.34 -21.50 26.16
N GLN A 572 -13.15 -22.38 25.55
CA GLN A 572 -14.57 -22.13 25.34
C GLN A 572 -15.29 -22.01 26.71
N ARG A 573 -14.91 -22.87 27.66
CA ARG A 573 -15.47 -22.87 29.03
C ARG A 573 -15.21 -21.50 29.70
N LYS A 574 -13.97 -21.02 29.62
CA LYS A 574 -13.60 -19.73 30.21
C LYS A 574 -14.47 -18.61 29.62
N MET A 575 -14.68 -18.63 28.30
CA MET A 575 -15.48 -17.59 27.63
C MET A 575 -16.92 -17.61 28.14
N ARG A 576 -17.47 -18.82 28.34
CA ARG A 576 -18.84 -18.99 28.85
C ARG A 576 -18.91 -18.47 30.29
N LEU A 577 -17.89 -18.77 31.08
CA LEU A 577 -17.83 -18.40 32.50
C LEU A 577 -17.95 -16.87 32.66
N VAL A 578 -17.25 -16.10 31.82
CA VAL A 578 -17.19 -14.64 31.96
C VAL A 578 -18.16 -13.97 30.97
N GLU A 579 -18.93 -14.76 30.22
CA GLU A 579 -19.88 -14.27 29.23
C GLU A 579 -19.17 -13.35 28.22
N SER A 580 -18.01 -13.79 27.72
CA SER A 580 -17.28 -13.08 26.70
C SER A 580 -18.06 -13.05 25.39
N PRO A 581 -18.11 -11.91 24.67
CA PRO A 581 -18.72 -11.88 23.34
C PRO A 581 -17.95 -12.75 22.32
N TYR A 582 -16.75 -13.20 22.68
CA TYR A 582 -15.98 -14.11 21.83
C TYR A 582 -16.62 -15.51 21.79
N ARG A 583 -17.58 -15.79 22.68
CA ARG A 583 -18.28 -17.09 22.62
C ARG A 583 -19.18 -17.16 21.37
N THR A 584 -19.61 -16.02 20.83
CA THR A 584 -20.37 -15.96 19.55
C THR A 584 -19.59 -15.11 18.55
N PRO A 585 -18.47 -15.64 17.99
CA PRO A 585 -17.52 -14.81 17.24
C PRO A 585 -18.12 -14.20 15.96
N GLN A 586 -19.07 -14.89 15.32
CA GLN A 586 -19.69 -14.38 14.11
C GLN A 586 -20.50 -13.12 14.42
N THR A 587 -21.12 -13.06 15.59
CA THR A 587 -21.83 -11.87 16.05
C THR A 587 -20.82 -10.75 16.37
N LEU A 588 -19.76 -11.12 17.10
CA LEU A 588 -18.72 -10.19 17.53
C LEU A 588 -18.20 -9.35 16.34
N VAL A 589 -17.94 -9.99 15.20
CA VAL A 589 -17.27 -9.31 14.07
C VAL A 589 -18.28 -8.66 13.12
N GLY A 590 -19.59 -8.79 13.39
CA GLY A 590 -20.62 -7.97 12.71
C GLY A 590 -21.49 -8.75 11.74
N GLY A 591 -21.65 -10.05 11.95
CA GLY A 591 -22.50 -10.89 11.07
C GLY A 591 -23.90 -10.31 10.88
N PRO A 592 -24.64 -9.96 11.94
CA PRO A 592 -25.99 -9.44 11.80
C PRO A 592 -26.11 -8.19 10.91
N ARG A 593 -25.24 -7.18 11.12
CA ARG A 593 -25.27 -5.96 10.32
C ARG A 593 -24.93 -6.28 8.85
N SER A 594 -24.01 -7.23 8.63
CA SER A 594 -23.62 -7.65 7.28
CA SER A 594 -23.62 -7.65 7.28
C SER A 594 -24.79 -8.35 6.58
N ASP A 595 -25.52 -9.21 7.30
CA ASP A 595 -26.69 -9.87 6.76
CA ASP A 595 -26.69 -9.87 6.76
CA ASP A 595 -26.71 -9.88 6.76
C ASP A 595 -27.72 -8.83 6.32
N ALA A 596 -27.90 -7.78 7.15
CA ALA A 596 -28.83 -6.71 6.83
C ALA A 596 -28.38 -5.98 5.56
N ALA A 597 -27.06 -5.80 5.39
CA ALA A 597 -26.51 -5.15 4.18
C ALA A 597 -26.80 -6.00 2.93
N LEU A 598 -26.71 -7.33 3.05
CA LEU A 598 -27.05 -8.23 1.93
C LEU A 598 -28.54 -8.07 1.57
N ALA A 599 -29.41 -8.00 2.59
CA ALA A 599 -30.85 -7.86 2.37
C ALA A 599 -31.13 -6.55 1.60
N ALA A 600 -30.47 -5.46 2.00
CA ALA A 600 -30.64 -4.18 1.31
C ALA A 600 -30.11 -4.25 -0.11
N SER A 601 -28.91 -4.82 -0.28
CA SER A 601 -28.22 -4.84 -1.58
C SER A 601 -29.00 -5.66 -2.61
N SER A 602 -29.64 -6.75 -2.15
CA SER A 602 -30.33 -7.72 -3.02
C SER A 602 -31.84 -7.48 -3.09
N GLY A 603 -32.35 -6.47 -2.38
CA GLY A 603 -33.80 -6.24 -2.27
C GLY A 603 -34.52 -7.42 -1.63
N ARG A 604 -33.83 -8.09 -0.69
CA ARG A 604 -34.30 -9.30 0.01
C ARG A 604 -34.61 -10.46 -0.96
N THR A 605 -33.96 -10.49 -2.12
CA THR A 605 -34.19 -11.58 -3.10
C THR A 605 -33.08 -12.65 -3.01
N ALA A 606 -31.99 -12.36 -2.31
CA ALA A 606 -30.91 -13.33 -2.13
C ALA A 606 -31.44 -14.55 -1.38
N THR A 607 -31.14 -15.75 -1.87
CA THR A 607 -31.67 -16.99 -1.34
C THR A 607 -30.87 -17.41 -0.09
N THR A 608 -31.58 -17.50 1.04
CA THR A 608 -31.02 -17.94 2.31
C THR A 608 -31.70 -19.21 2.85
N LYS A 609 -32.82 -19.63 2.25
CA LYS A 609 -33.59 -20.80 2.73
C LYS A 609 -33.25 -22.05 1.91
N ALA A 610 -33.13 -23.19 2.59
CA ALA A 610 -32.77 -24.48 1.96
C ALA A 610 -34.04 -25.25 1.56
N MET A 611 -33.91 -26.06 0.49
CA MET A 611 -34.89 -27.11 0.13
C MET A 611 -34.21 -28.48 0.17
N SER A 615 -38.12 -34.32 4.85
CA SER A 615 -39.57 -34.38 4.74
C SER A 615 -40.06 -35.83 4.99
N THR A 616 -41.24 -35.95 5.58
CA THR A 616 -41.91 -37.25 5.78
C THR A 616 -42.77 -37.60 4.55
N GLN A 617 -43.02 -36.60 3.69
CA GLN A 617 -43.77 -36.79 2.43
C GLN A 617 -43.05 -37.81 1.53
N HIS A 618 -43.80 -38.76 0.99
CA HIS A 618 -43.28 -39.72 0.00
C HIS A 618 -43.70 -39.25 -1.40
N GLN A 619 -42.78 -38.61 -2.11
CA GLN A 619 -43.04 -38.06 -3.45
C GLN A 619 -43.09 -39.21 -4.46
N HIS A 620 -44.09 -39.14 -5.35
CA HIS A 620 -44.26 -40.10 -6.45
C HIS A 620 -44.63 -39.33 -7.72
N LEU A 621 -44.32 -39.91 -8.88
CA LEU A 621 -44.68 -39.32 -10.16
C LEU A 621 -46.17 -39.59 -10.41
N VAL A 622 -46.83 -38.69 -11.16
CA VAL A 622 -48.23 -38.89 -11.56
C VAL A 622 -48.37 -40.25 -12.26
N GLN A 623 -47.35 -40.65 -13.04
CA GLN A 623 -47.42 -41.86 -13.88
C GLN A 623 -47.29 -43.14 -13.04
N THR A 624 -47.02 -43.02 -11.73
CA THR A 624 -46.89 -44.18 -10.85
C THR A 624 -47.98 -44.19 -9.78
N GLU A 625 -48.97 -43.30 -9.89
CA GLU A 625 -49.96 -43.11 -8.84
C GLU A 625 -51.17 -44.04 -9.04
N VAL A 626 -51.25 -44.75 -10.17
CA VAL A 626 -52.44 -45.55 -10.50
C VAL A 626 -52.02 -47.01 -10.71
N PRO A 627 -52.08 -47.86 -9.66
CA PRO A 627 -51.73 -49.27 -9.79
C PRO A 627 -52.89 -50.15 -10.31
N ARG A 628 -52.55 -51.29 -10.91
CA ARG A 628 -53.53 -52.30 -11.34
CA ARG A 628 -53.52 -52.31 -11.34
C ARG A 628 -54.44 -52.69 -10.17
N LYS A 629 -53.85 -52.76 -8.97
CA LYS A 629 -54.53 -53.15 -7.73
C LYS A 629 -55.76 -52.28 -7.46
N LEU A 630 -55.74 -51.01 -7.90
CA LEU A 630 -56.88 -50.10 -7.68
C LEU A 630 -58.12 -50.64 -8.40
N LEU A 631 -57.96 -51.08 -9.65
CA LEU A 631 -59.08 -51.67 -10.40
C LEU A 631 -59.52 -52.98 -9.73
N GLU A 632 -58.55 -53.75 -9.22
CA GLU A 632 -58.86 -55.01 -8.53
C GLU A 632 -59.74 -54.73 -7.29
N GLU A 633 -59.42 -53.65 -6.56
CA GLU A 633 -60.20 -53.23 -5.38
C GLU A 633 -61.63 -52.85 -5.80
N TRP A 634 -61.77 -52.09 -6.89
CA TRP A 634 -63.08 -51.71 -7.41
C TRP A 634 -63.87 -52.96 -7.82
N LEU A 635 -63.20 -53.92 -8.44
CA LEU A 635 -63.87 -55.15 -8.92
C LEU A 635 -64.28 -56.03 -7.73
N ALA A 636 -63.52 -55.96 -6.63
CA ALA A 636 -63.90 -56.65 -5.39
C ALA A 636 -65.18 -56.03 -4.81
N MET A 637 -65.30 -54.70 -4.86
CA MET A 637 -66.52 -53.98 -4.45
C MET A 637 -67.68 -54.43 -5.34
N TRP A 638 -67.41 -54.50 -6.64
CA TRP A 638 -68.36 -54.91 -7.67
C TRP A 638 -68.83 -56.34 -7.42
N SER A 639 -67.89 -57.28 -7.31
CA SER A 639 -68.15 -58.70 -7.07
C SER A 639 -68.97 -58.85 -5.78
N GLY A 640 -68.60 -58.08 -4.75
CA GLY A 640 -69.31 -58.03 -3.47
C GLY A 640 -70.78 -57.67 -3.64
N HIS A 641 -71.06 -56.60 -4.38
CA HIS A 641 -72.43 -56.13 -4.58
C HIS A 641 -73.25 -57.20 -5.30
N TYR A 642 -72.68 -57.81 -6.34
CA TYR A 642 -73.41 -58.75 -7.20
C TYR A 642 -73.29 -60.19 -6.67
N GLN A 643 -72.68 -60.36 -5.50
CA GLN A 643 -72.59 -61.65 -4.78
C GLN A 643 -71.99 -62.72 -5.70
N LEU A 644 -70.91 -62.34 -6.39
CA LEU A 644 -70.12 -63.24 -7.21
C LEU A 644 -68.90 -63.71 -6.39
N LYS A 645 -68.48 -64.96 -6.60
CA LYS A 645 -67.44 -65.60 -5.80
C LYS A 645 -66.06 -65.40 -6.42
N ASP A 646 -66.02 -65.26 -7.75
CA ASP A 646 -64.79 -65.34 -8.52
C ASP A 646 -63.93 -64.10 -8.25
N LYS A 647 -62.73 -64.29 -7.68
CA LYS A 647 -61.80 -63.21 -7.43
C LYS A 647 -61.23 -62.72 -8.77
N LEU A 648 -61.52 -61.46 -9.13
CA LEU A 648 -61.13 -60.91 -10.42
C LEU A 648 -59.76 -60.24 -10.32
N ARG A 649 -58.86 -60.64 -11.23
CA ARG A 649 -57.49 -60.16 -11.33
C ARG A 649 -57.39 -59.27 -12.58
N VAL A 650 -56.52 -58.25 -12.51
CA VAL A 650 -56.30 -57.32 -13.62
C VAL A 650 -54.90 -57.58 -14.18
N GLN A 651 -54.84 -57.66 -15.51
CA GLN A 651 -53.62 -57.83 -16.29
C GLN A 651 -53.53 -56.68 -17.30
N LEU A 652 -52.38 -55.98 -17.32
CA LEU A 652 -52.10 -54.97 -18.35
C LEU A 652 -50.70 -55.21 -18.92
N ARG A 653 -50.64 -55.68 -20.17
CA ARG A 653 -49.40 -56.05 -20.83
C ARG A 653 -49.52 -55.72 -22.31
N PRO A 654 -48.37 -55.64 -23.04
CA PRO A 654 -48.41 -55.56 -24.50
C PRO A 654 -49.28 -56.70 -25.05
N GLN A 655 -50.08 -56.41 -26.08
CA GLN A 655 -51.05 -57.35 -26.63
C GLN A 655 -50.30 -58.55 -27.25
N ARG A 656 -49.09 -58.30 -27.76
CA ARG A 656 -48.12 -59.33 -28.10
C ARG A 656 -46.71 -58.77 -27.87
N ALA A 657 -45.72 -59.66 -27.92
CA ALA A 657 -44.32 -59.32 -27.60
C ALA A 657 -43.86 -58.13 -28.44
N GLY A 658 -43.35 -57.10 -27.76
CA GLY A 658 -42.68 -55.96 -28.39
C GLY A 658 -43.62 -54.94 -29.00
N SER A 659 -44.93 -55.07 -28.72
CA SER A 659 -45.96 -54.23 -29.34
C SER A 659 -46.23 -53.00 -28.45
N GLU A 660 -46.60 -51.88 -29.09
CA GLU A 660 -47.04 -50.66 -28.42
C GLU A 660 -48.55 -50.73 -28.15
N VAL A 661 -49.23 -51.69 -28.76
CA VAL A 661 -50.63 -51.97 -28.47
C VAL A 661 -50.69 -52.77 -27.16
N LEU A 662 -51.54 -52.32 -26.24
CA LEU A 662 -51.69 -52.92 -24.92
C LEU A 662 -53.01 -53.70 -24.85
N GLU A 663 -53.07 -54.67 -23.93
CA GLU A 663 -54.31 -55.38 -23.59
C GLU A 663 -54.50 -55.35 -22.07
N LEU A 664 -55.60 -54.72 -21.65
CA LEU A 664 -56.16 -54.83 -20.30
C LEU A 664 -57.07 -56.07 -20.30
N GLY A 665 -56.71 -57.07 -19.50
CA GLY A 665 -57.53 -58.28 -19.31
C GLY A 665 -58.03 -58.42 -17.88
N ILE A 666 -59.31 -58.78 -17.74
CA ILE A 666 -59.89 -59.20 -16.47
C ILE A 666 -59.95 -60.72 -16.47
N HIS A 667 -59.28 -61.35 -15.49
CA HIS A 667 -59.16 -62.80 -15.39
C HIS A 667 -59.80 -63.28 -14.09
N GLY A 668 -60.43 -64.46 -14.16
CA GLY A 668 -60.97 -65.13 -12.99
C GLY A 668 -59.91 -66.01 -12.33
N GLU A 669 -60.35 -66.78 -11.33
CA GLU A 669 -59.49 -67.69 -10.56
C GLU A 669 -58.89 -68.77 -11.47
N SER A 670 -59.64 -69.17 -12.52
CA SER A 670 -59.22 -70.16 -13.52
C SER A 670 -58.31 -69.55 -14.59
N ASP A 671 -58.10 -68.23 -14.54
CA ASP A 671 -57.26 -67.45 -15.47
C ASP A 671 -57.98 -67.24 -16.82
N ASP A 672 -59.26 -67.60 -16.90
CA ASP A 672 -60.08 -67.33 -18.08
C ASP A 672 -60.25 -65.83 -18.25
N LYS A 673 -60.22 -65.36 -19.49
CA LYS A 673 -60.36 -63.95 -19.81
C LYS A 673 -61.85 -63.60 -19.88
N LEU A 674 -62.32 -62.82 -18.90
CA LEU A 674 -63.73 -62.52 -18.71
C LEU A 674 -64.11 -61.17 -19.35
N ALA A 675 -63.13 -60.28 -19.52
CA ALA A 675 -63.33 -59.02 -20.22
C ALA A 675 -61.97 -58.52 -20.71
N ASN A 676 -61.97 -57.64 -21.72
CA ASN A 676 -60.72 -57.05 -22.19
C ASN A 676 -60.97 -55.70 -22.88
N VAL A 677 -59.89 -54.92 -22.96
CA VAL A 677 -59.76 -53.75 -23.79
C VAL A 677 -58.38 -53.82 -24.45
N ILE A 678 -58.35 -53.79 -25.78
CA ILE A 678 -57.12 -53.73 -26.56
C ILE A 678 -57.01 -52.31 -27.14
N PHE A 679 -55.91 -51.62 -26.85
CA PHE A 679 -55.83 -50.19 -27.10
C PHE A 679 -54.36 -49.74 -27.16
N GLN A 680 -54.13 -48.59 -27.81
CA GLN A 680 -52.83 -47.94 -27.81
C GLN A 680 -53.00 -46.51 -27.30
N PRO A 681 -52.23 -46.10 -26.27
CA PRO A 681 -52.19 -44.69 -25.86
C PRO A 681 -51.32 -43.91 -26.85
N ILE A 682 -51.85 -42.78 -27.33
CA ILE A 682 -51.19 -41.93 -28.32
C ILE A 682 -51.35 -40.48 -27.89
N GLN A 683 -50.58 -39.58 -28.51
CA GLN A 683 -50.69 -38.15 -28.27
C GLN A 683 -51.03 -37.46 -29.60
N ASP A 684 -51.96 -36.49 -29.55
CA ASP A 684 -52.29 -35.65 -30.69
C ASP A 684 -51.30 -34.49 -30.77
N ARG A 685 -51.50 -33.60 -31.75
CA ARG A 685 -50.63 -32.43 -32.02
C ARG A 685 -50.51 -31.55 -30.77
N ARG A 686 -51.61 -31.44 -30.00
CA ARG A 686 -51.69 -30.56 -28.82
C ARG A 686 -51.12 -31.25 -27.57
N GLY A 687 -50.63 -32.49 -27.72
CA GLY A 687 -50.01 -33.24 -26.64
C GLY A 687 -51.03 -33.94 -25.75
N ARG A 688 -52.30 -33.95 -26.17
CA ARG A 688 -53.38 -34.59 -25.40
C ARG A 688 -53.29 -36.11 -25.61
N THR A 689 -53.49 -36.87 -24.53
CA THR A 689 -53.47 -38.33 -24.59
C THR A 689 -54.85 -38.85 -25.03
N ILE A 690 -54.84 -39.72 -26.03
CA ILE A 690 -56.02 -40.39 -26.55
C ILE A 690 -55.76 -41.90 -26.44
N LEU A 691 -56.77 -42.66 -26.00
CA LEU A 691 -56.71 -44.12 -26.06
C LEU A 691 -57.40 -44.60 -27.34
N LEU A 692 -56.61 -45.19 -28.24
CA LEU A 692 -57.11 -45.79 -29.49
C LEU A 692 -57.51 -47.23 -29.20
N VAL A 693 -58.83 -47.48 -29.11
CA VAL A 693 -59.35 -48.79 -28.74
C VAL A 693 -59.61 -49.59 -30.01
N ARG A 694 -58.89 -50.71 -30.15
CA ARG A 694 -59.04 -51.66 -31.24
C ARG A 694 -60.20 -52.63 -30.97
N ASP A 695 -60.39 -52.99 -29.70
CA ASP A 695 -61.40 -53.97 -29.33
C ASP A 695 -61.70 -53.87 -27.83
N GLN A 696 -62.96 -54.13 -27.47
CA GLN A 696 -63.38 -54.28 -26.07
C GLN A 696 -64.46 -55.36 -26.02
N ASN A 697 -64.46 -56.16 -24.94
CA ASN A 697 -65.40 -57.28 -24.79
C ASN A 697 -65.71 -57.49 -23.30
N THR A 698 -66.99 -57.76 -23.00
CA THR A 698 -67.38 -58.43 -21.77
C THR A 698 -67.79 -59.86 -22.14
N PHE A 699 -66.86 -60.81 -21.97
CA PHE A 699 -66.99 -62.17 -22.49
C PHE A 699 -68.00 -62.98 -21.65
N GLY A 700 -67.84 -62.95 -20.32
CA GLY A 700 -68.74 -63.66 -19.40
C GLY A 700 -70.13 -63.05 -19.40
N ALA A 701 -71.14 -63.88 -19.71
CA ALA A 701 -72.54 -63.44 -19.84
C ALA A 701 -73.08 -62.99 -18.48
N GLU A 702 -72.64 -63.65 -17.41
CA GLU A 702 -73.04 -63.33 -16.03
C GLU A 702 -72.55 -61.92 -15.63
N LEU A 703 -71.51 -61.42 -16.31
CA LEU A 703 -70.84 -60.17 -15.94
C LEU A 703 -71.43 -58.96 -16.68
N ARG A 704 -72.29 -59.23 -17.68
CA ARG A 704 -72.83 -58.17 -18.55
C ARG A 704 -73.94 -57.41 -17.81
N GLN A 705 -74.24 -56.21 -18.31
CA GLN A 705 -75.35 -55.36 -17.85
C GLN A 705 -75.11 -54.91 -16.40
N LYS A 706 -73.84 -54.85 -15.96
CA LYS A 706 -73.51 -54.55 -14.58
C LYS A 706 -72.43 -53.46 -14.49
N ARG A 707 -72.16 -52.76 -15.60
CA ARG A 707 -71.27 -51.58 -15.66
C ARG A 707 -69.80 -51.96 -15.50
N LEU A 708 -69.45 -53.22 -15.80
CA LEU A 708 -68.07 -53.70 -15.67
C LEU A 708 -67.15 -52.87 -16.57
N MET A 709 -67.54 -52.69 -17.82
CA MET A 709 -66.71 -52.03 -18.83
C MET A 709 -66.54 -50.54 -18.45
N THR A 710 -67.55 -49.95 -17.79
CA THR A 710 -67.47 -48.58 -17.27
C THR A 710 -66.34 -48.47 -16.24
N LEU A 711 -66.26 -49.46 -15.33
CA LEU A 711 -65.22 -49.48 -14.28
C LEU A 711 -63.83 -49.57 -14.93
N ILE A 712 -63.70 -50.44 -15.95
CA ILE A 712 -62.43 -50.64 -16.64
C ILE A 712 -62.00 -49.32 -17.29
N HIS A 713 -62.94 -48.64 -17.95
CA HIS A 713 -62.66 -47.37 -18.64
C HIS A 713 -62.31 -46.27 -17.63
N LEU A 714 -63.00 -46.24 -16.48
CA LEU A 714 -62.68 -45.28 -15.43
C LEU A 714 -61.20 -45.44 -15.06
N TRP A 715 -60.75 -46.70 -14.88
CA TRP A 715 -59.39 -46.99 -14.49
C TRP A 715 -58.42 -46.58 -15.61
N LEU A 716 -58.74 -46.94 -16.85
CA LEU A 716 -57.85 -46.67 -18.00
C LEU A 716 -57.65 -45.16 -18.18
N VAL A 717 -58.75 -44.40 -18.08
CA VAL A 717 -58.74 -42.96 -18.27
C VAL A 717 -57.88 -42.30 -17.17
N HIS A 718 -58.01 -42.81 -15.93
CA HIS A 718 -57.24 -42.35 -14.79
C HIS A 718 -55.76 -42.74 -14.95
N ARG A 719 -55.50 -44.00 -15.30
CA ARG A 719 -54.14 -44.53 -15.43
C ARG A 719 -53.34 -43.72 -16.45
N PHE A 720 -53.93 -43.46 -17.62
CA PHE A 720 -53.23 -42.84 -18.76
C PHE A 720 -53.52 -41.33 -18.86
N LYS A 721 -54.31 -40.79 -17.93
CA LYS A 721 -54.68 -39.38 -17.90
C LYS A 721 -55.16 -38.97 -19.31
N ALA A 722 -56.16 -39.71 -19.79
CA ALA A 722 -56.65 -39.58 -21.15
C ALA A 722 -57.61 -38.40 -21.24
N GLN A 723 -57.57 -37.70 -22.37
CA GLN A 723 -58.48 -36.61 -22.71
C GLN A 723 -59.67 -37.17 -23.51
N ALA A 724 -59.44 -38.23 -24.28
CA ALA A 724 -60.46 -38.82 -25.14
C ALA A 724 -60.15 -40.31 -25.37
N VAL A 725 -61.18 -41.04 -25.82
CA VAL A 725 -61.09 -42.43 -26.25
C VAL A 725 -61.71 -42.53 -27.64
N HIS A 726 -60.95 -43.12 -28.57
CA HIS A 726 -61.39 -43.34 -29.95
C HIS A 726 -61.58 -44.85 -30.17
N TYR A 727 -62.71 -45.23 -30.76
CA TYR A 727 -62.99 -46.61 -31.12
C TYR A 727 -62.95 -46.73 -32.65
N VAL A 728 -62.09 -47.66 -33.09
CA VAL A 728 -61.62 -47.81 -34.45
C VAL A 728 -62.72 -48.38 -35.32
N THR A 729 -63.50 -49.31 -34.76
CA THR A 729 -64.58 -50.00 -35.48
C THR A 729 -65.90 -49.68 -34.78
N PRO A 730 -66.90 -49.08 -35.47
CA PRO A 730 -68.13 -48.65 -34.82
C PRO A 730 -69.15 -49.79 -34.70
N THR A 731 -68.74 -50.91 -34.10
CA THR A 731 -69.59 -52.09 -33.95
C THR A 731 -70.82 -51.71 -33.13
N ASP A 732 -71.83 -52.59 -33.14
CA ASP A 732 -73.05 -52.39 -32.37
C ASP A 732 -72.69 -52.31 -30.89
N ASP A 733 -71.81 -53.21 -30.43
CA ASP A 733 -71.38 -53.25 -29.03
C ASP A 733 -70.68 -51.92 -28.65
N ASN A 734 -69.83 -51.39 -29.52
CA ASN A 734 -69.04 -50.18 -29.19
C ASN A 734 -69.97 -48.98 -29.06
N LEU A 735 -70.96 -48.90 -29.96
CA LEU A 735 -71.98 -47.85 -29.91
C LEU A 735 -72.78 -47.96 -28.60
N TYR A 736 -73.19 -49.19 -28.28
CA TYR A 736 -73.92 -49.49 -27.05
C TYR A 736 -73.08 -49.08 -25.83
N GLN A 737 -71.84 -49.57 -25.77
CA GLN A 737 -70.97 -49.39 -24.59
C GLN A 737 -70.67 -47.90 -24.38
N THR A 738 -70.34 -47.18 -25.46
CA THR A 738 -69.97 -45.76 -25.35
C THR A 738 -71.19 -44.92 -24.92
N SER A 739 -72.38 -45.28 -25.44
CA SER A 739 -73.63 -44.63 -25.05
C SER A 739 -73.88 -44.83 -23.54
N LYS A 740 -73.73 -46.08 -23.07
CA LYS A 740 -73.90 -46.43 -21.66
C LYS A 740 -72.94 -45.59 -20.82
N MET A 741 -71.66 -45.51 -21.23
CA MET A 741 -70.65 -44.84 -20.42
C MET A 741 -70.88 -43.33 -20.43
N LYS A 742 -71.47 -42.80 -21.51
CA LYS A 742 -71.91 -41.40 -21.54
C LYS A 742 -72.97 -41.16 -20.46
N SER A 743 -73.93 -42.08 -20.33
CA SER A 743 -75.02 -41.95 -19.34
C SER A 743 -74.47 -42.03 -17.91
N HIS A 744 -73.40 -42.81 -17.72
CA HIS A 744 -72.73 -42.92 -16.42
C HIS A 744 -71.85 -41.69 -16.15
N GLY A 745 -71.59 -40.88 -17.20
CA GLY A 745 -70.92 -39.59 -17.08
C GLY A 745 -69.42 -39.66 -17.33
N ILE A 746 -68.92 -40.82 -17.76
CA ILE A 746 -67.49 -41.03 -18.09
C ILE A 746 -67.11 -40.07 -19.23
N PHE A 747 -68.02 -39.91 -20.19
CA PHE A 747 -67.83 -39.07 -21.37
C PHE A 747 -68.84 -37.92 -21.36
N THR A 748 -68.38 -36.72 -21.72
CA THR A 748 -69.25 -35.56 -21.96
C THR A 748 -69.98 -35.76 -23.30
N GLU A 749 -69.22 -36.10 -24.35
CA GLU A 749 -69.74 -36.24 -25.71
C GLU A 749 -69.23 -37.55 -26.32
N VAL A 750 -70.09 -38.18 -27.13
CA VAL A 750 -69.76 -39.35 -27.94
C VAL A 750 -70.36 -39.12 -29.34
N ASN A 751 -69.53 -39.24 -30.38
CA ASN A 751 -69.90 -38.96 -31.76
C ASN A 751 -69.16 -39.91 -32.71
N GLN A 752 -69.91 -40.52 -33.63
CA GLN A 752 -69.34 -41.22 -34.76
C GLN A 752 -68.93 -40.17 -35.81
N GLU A 753 -67.64 -40.15 -36.15
CA GLU A 753 -67.06 -39.15 -37.06
C GLU A 753 -66.78 -39.80 -38.43
N VAL A 754 -66.40 -38.96 -39.40
CA VAL A 754 -65.99 -39.41 -40.74
C VAL A 754 -64.88 -40.46 -40.58
N GLY A 755 -64.97 -41.53 -41.37
CA GLY A 755 -64.11 -42.71 -41.23
C GLY A 755 -64.74 -43.76 -40.33
N GLU A 756 -65.91 -43.43 -39.76
CA GLU A 756 -66.71 -44.32 -38.91
C GLU A 756 -65.92 -44.66 -37.63
N ILE A 757 -65.30 -43.63 -37.03
CA ILE A 757 -64.60 -43.74 -35.75
C ILE A 757 -65.49 -43.11 -34.67
N ILE A 758 -65.63 -43.77 -33.51
CA ILE A 758 -66.34 -43.17 -32.38
C ILE A 758 -65.32 -42.38 -31.56
N VAL A 759 -65.59 -41.09 -31.37
CA VAL A 759 -64.75 -40.22 -30.56
C VAL A 759 -65.52 -39.86 -29.29
N ALA A 760 -64.95 -40.24 -28.14
CA ALA A 760 -65.56 -40.04 -26.82
C ALA A 760 -64.66 -39.13 -25.98
N GLU A 761 -65.18 -37.96 -25.60
CA GLU A 761 -64.44 -36.97 -24.82
C GLU A 761 -64.68 -37.24 -23.33
N VAL A 762 -63.61 -37.18 -22.54
CA VAL A 762 -63.64 -37.54 -21.13
C VAL A 762 -64.25 -36.39 -20.32
N ASN A 763 -65.14 -36.74 -19.39
CA ASN A 763 -65.76 -35.81 -18.46
C ASN A 763 -64.89 -35.74 -17.19
N HIS A 764 -63.95 -34.81 -17.19
CA HIS A 764 -62.91 -34.75 -16.15
C HIS A 764 -63.52 -34.54 -14.77
N PRO A 765 -64.47 -33.59 -14.57
CA PRO A 765 -65.13 -33.43 -13.27
C PRO A 765 -65.78 -34.72 -12.74
N ARG A 766 -66.42 -35.50 -13.61
CA ARG A 766 -67.08 -36.76 -13.21
C ARG A 766 -66.02 -37.80 -12.82
N ILE A 767 -64.91 -37.86 -13.57
CA ILE A 767 -63.81 -38.77 -13.24
C ILE A 767 -63.30 -38.43 -11.83
N ALA A 768 -63.06 -37.13 -11.59
CA ALA A 768 -62.56 -36.65 -10.27
C ALA A 768 -63.54 -37.03 -9.16
N GLU A 769 -64.84 -36.86 -9.41
CA GLU A 769 -65.90 -37.22 -8.44
C GLU A 769 -65.81 -38.70 -8.08
N LEU A 770 -65.66 -39.55 -9.09
CA LEU A 770 -65.66 -41.00 -8.89
C LEU A 770 -64.39 -41.46 -8.14
N LEU A 771 -63.28 -40.72 -8.31
CA LEU A 771 -61.98 -41.09 -7.71
C LEU A 771 -61.84 -40.53 -6.29
N THR A 772 -62.84 -39.81 -5.79
CA THR A 772 -62.82 -39.27 -4.42
C THR A 772 -62.49 -40.40 -3.45
N PRO A 773 -61.55 -40.21 -2.49
CA PRO A 773 -61.15 -41.28 -1.57
C PRO A 773 -62.29 -41.91 -0.74
N ASP A 774 -63.38 -41.16 -0.48
CA ASP A 774 -64.50 -41.65 0.32
C ASP A 774 -65.29 -42.74 -0.43
N ARG A 775 -65.11 -42.80 -1.76
CA ARG A 775 -65.66 -43.85 -2.62
C ARG A 775 -67.21 -43.84 -2.61
N VAL A 776 -67.82 -42.72 -2.24
CA VAL A 776 -69.28 -42.61 -2.11
C VAL A 776 -69.91 -42.65 -3.53
N ALA A 777 -69.42 -41.76 -4.41
CA ALA A 777 -69.90 -41.68 -5.79
C ALA A 777 -69.62 -42.99 -6.53
N LEU A 778 -68.46 -43.60 -6.26
CA LEU A 778 -68.07 -44.84 -6.92
C LEU A 778 -69.00 -45.99 -6.50
N ARG A 779 -69.30 -46.09 -5.20
CA ARG A 779 -70.20 -47.13 -4.70
C ARG A 779 -71.59 -46.97 -5.34
N LYS A 780 -72.05 -45.71 -5.44
CA LYS A 780 -73.32 -45.37 -6.09
C LYS A 780 -73.32 -45.83 -7.55
N LEU A 781 -72.21 -45.63 -8.25
CA LEU A 781 -72.08 -46.09 -9.66
C LEU A 781 -72.19 -47.61 -9.71
N ILE A 782 -71.51 -48.31 -8.79
CA ILE A 782 -71.44 -49.77 -8.81
C ILE A 782 -72.82 -50.37 -8.46
N THR A 783 -73.53 -49.79 -7.48
CA THR A 783 -74.78 -50.37 -6.95
C THR A 783 -76.04 -49.81 -7.65
N LYS A 784 -75.88 -48.81 -8.52
CA LYS A 784 -76.99 -48.17 -9.26
C LYS A 784 -77.96 -47.50 -8.28
N THR B 32 -37.85 8.17 23.68
CA THR B 32 -36.54 8.29 24.37
C THR B 32 -35.57 9.04 23.46
N PRO B 33 -34.48 9.63 23.99
CA PRO B 33 -33.45 10.24 23.15
C PRO B 33 -32.93 9.32 22.04
N PHE B 34 -32.72 8.03 22.36
CA PHE B 34 -32.21 7.04 21.42
C PHE B 34 -33.16 6.91 20.22
N GLU B 35 -34.45 6.75 20.49
CA GLU B 35 -35.48 6.56 19.46
C GLU B 35 -35.62 7.85 18.64
N GLN B 36 -35.51 9.00 19.31
CA GLN B 36 -35.69 10.30 18.66
C GLN B 36 -34.53 10.56 17.69
N ASP B 37 -33.30 10.26 18.15
CA ASP B 37 -32.11 10.42 17.34
C ASP B 37 -32.23 9.58 16.07
N PHE B 38 -32.70 8.34 16.21
CA PHE B 38 -32.86 7.41 15.10
C PHE B 38 -33.91 7.96 14.12
N GLU B 39 -35.07 8.35 14.65
CA GLU B 39 -36.19 8.80 13.82
C GLU B 39 -35.80 10.07 13.06
N LYS B 40 -35.00 10.93 13.70
CA LYS B 40 -34.55 12.16 13.08
C LYS B 40 -33.65 11.87 11.88
N ASP B 41 -32.71 10.92 12.02
CA ASP B 41 -31.80 10.59 10.91
C ASP B 41 -32.59 9.87 9.80
N VAL B 42 -33.57 9.03 10.17
CA VAL B 42 -34.40 8.35 9.18
C VAL B 42 -35.15 9.41 8.35
N ALA B 43 -35.70 10.43 9.03
CA ALA B 43 -36.46 11.48 8.33
C ALA B 43 -35.54 12.26 7.37
N ALA B 44 -34.34 12.59 7.84
CA ALA B 44 -33.37 13.32 7.02
C ALA B 44 -32.96 12.47 5.82
N THR B 45 -32.78 11.16 6.04
CA THR B 45 -32.37 10.22 5.00
C THR B 45 -33.50 10.08 3.96
N GLN B 46 -34.75 10.06 4.43
CA GLN B 46 -35.90 9.97 3.52
C GLN B 46 -35.97 11.24 2.64
N ARG B 47 -35.75 12.41 3.24
CA ARG B 47 -35.74 13.67 2.47
C ARG B 47 -34.66 13.60 1.38
N TYR B 48 -33.48 13.08 1.75
CA TYR B 48 -32.38 12.89 0.82
C TYR B 48 -32.81 11.97 -0.33
N PHE B 49 -33.40 10.81 0.00
CA PHE B 49 -33.91 9.85 -1.00
C PHE B 49 -34.87 10.55 -1.97
N ASP B 50 -35.73 11.41 -1.43
CA ASP B 50 -36.86 11.98 -2.16
C ASP B 50 -36.45 13.23 -2.93
N SER B 51 -35.20 13.69 -2.77
CA SER B 51 -34.75 14.93 -3.42
C SER B 51 -34.70 14.74 -4.94
N SER B 52 -34.71 15.85 -5.68
CA SER B 52 -34.75 15.82 -7.14
C SER B 52 -33.49 15.14 -7.72
N ARG B 53 -32.38 15.17 -6.97
CA ARG B 53 -31.15 14.44 -7.34
C ARG B 53 -31.46 12.99 -7.77
N PHE B 54 -32.41 12.33 -7.10
CA PHE B 54 -32.69 10.91 -7.31
C PHE B 54 -34.05 10.67 -7.98
N ALA B 55 -34.59 11.70 -8.64
CA ALA B 55 -35.85 11.55 -9.39
C ALA B 55 -35.69 10.36 -10.36
N GLY B 56 -36.62 9.40 -10.31
CA GLY B 56 -36.65 8.29 -11.24
C GLY B 56 -35.80 7.10 -10.82
N ILE B 57 -35.03 7.25 -9.73
CA ILE B 57 -34.18 6.17 -9.22
C ILE B 57 -35.01 5.28 -8.30
N ILE B 58 -34.88 3.96 -8.47
CA ILE B 58 -35.47 2.97 -7.60
C ILE B 58 -34.39 2.42 -6.66
N ARG B 59 -34.63 2.53 -5.34
CA ARG B 59 -33.82 1.87 -4.33
C ARG B 59 -34.57 0.63 -3.85
N LEU B 60 -33.86 -0.50 -3.71
CA LEU B 60 -34.47 -1.75 -3.23
C LEU B 60 -34.30 -1.90 -1.71
N TYR B 61 -34.33 -0.77 -1.00
CA TYR B 61 -34.16 -0.71 0.43
C TYR B 61 -34.74 0.62 0.94
N THR B 62 -34.89 0.72 2.25
CA THR B 62 -35.52 1.86 2.91
C THR B 62 -34.49 2.76 3.58
N ALA B 63 -34.94 3.95 3.98
CA ALA B 63 -34.14 4.89 4.75
C ALA B 63 -33.67 4.24 6.06
N ARG B 64 -34.55 3.46 6.70
CA ARG B 64 -34.22 2.78 7.95
C ARG B 64 -33.04 1.83 7.76
N GLN B 65 -33.03 1.12 6.63
CA GLN B 65 -31.99 0.14 6.32
C GLN B 65 -30.63 0.85 6.15
N VAL B 66 -30.63 2.09 5.63
CA VAL B 66 -29.42 2.88 5.53
C VAL B 66 -28.95 3.33 6.92
N VAL B 67 -29.87 3.90 7.70
CA VAL B 67 -29.52 4.51 8.99
C VAL B 67 -28.95 3.46 9.94
N GLU B 68 -29.50 2.23 9.91
CA GLU B 68 -29.07 1.20 10.88
C GLU B 68 -27.65 0.69 10.59
N GLN B 69 -27.04 1.12 9.47
CA GLN B 69 -25.64 0.75 9.13
C GLN B 69 -24.63 1.78 9.64
N ARG B 70 -25.10 2.96 10.08
CA ARG B 70 -24.23 4.15 10.24
C ARG B 70 -23.58 4.29 11.63
N GLY B 71 -24.04 3.55 12.63
CA GLY B 71 -23.52 3.73 13.98
C GLY B 71 -23.87 5.08 14.57
N THR B 72 -23.08 5.53 15.55
CA THR B 72 -23.34 6.77 16.31
C THR B 72 -22.18 7.77 16.19
N ILE B 73 -20.97 7.32 15.87
CA ILE B 73 -19.82 8.22 15.77
C ILE B 73 -19.84 8.91 14.41
N PRO B 74 -19.96 10.25 14.34
CA PRO B 74 -20.06 10.95 13.07
C PRO B 74 -18.83 10.75 12.18
N VAL B 75 -19.08 10.52 10.89
CA VAL B 75 -18.09 10.54 9.83
C VAL B 75 -18.62 11.45 8.73
N ASP B 76 -17.72 11.94 7.88
CA ASP B 76 -18.08 12.80 6.78
C ASP B 76 -17.02 12.69 5.69
N HIS B 77 -17.45 12.31 4.49
CA HIS B 77 -16.59 12.19 3.34
C HIS B 77 -16.78 13.46 2.49
N ILE B 78 -16.29 14.59 3.01
CA ILE B 78 -16.69 15.89 2.52
C ILE B 78 -16.20 16.10 1.08
N VAL B 79 -15.00 15.61 0.75
CA VAL B 79 -14.43 15.88 -0.59
C VAL B 79 -15.32 15.20 -1.65
N ALA B 80 -15.61 13.91 -1.47
CA ALA B 80 -16.45 13.17 -2.40
C ALA B 80 -17.86 13.75 -2.40
N ARG B 81 -18.38 14.09 -1.22
CA ARG B 81 -19.77 14.55 -1.09
C ARG B 81 -19.97 15.84 -1.88
N GLU B 82 -19.10 16.83 -1.64
CA GLU B 82 -19.25 18.15 -2.26
C GLU B 82 -18.93 18.07 -3.76
N ALA B 83 -17.90 17.31 -4.13
CA ALA B 83 -17.54 17.15 -5.54
C ALA B 83 -18.70 16.49 -6.30
N ALA B 84 -19.31 15.46 -5.70
CA ALA B 84 -20.39 14.73 -6.38
C ALA B 84 -21.58 15.67 -6.64
N GLY B 85 -21.89 16.54 -5.67
CA GLY B 85 -22.99 17.48 -5.79
C GLY B 85 -22.78 18.43 -6.96
N ALA B 86 -21.62 19.09 -6.98
CA ALA B 86 -21.30 20.10 -8.00
C ALA B 86 -21.09 19.45 -9.37
N PHE B 87 -20.47 18.27 -9.40
CA PHE B 87 -20.19 17.56 -10.66
C PHE B 87 -21.51 17.17 -11.33
N TYR B 88 -22.43 16.58 -10.55
CA TYR B 88 -23.72 16.14 -11.08
C TYR B 88 -24.50 17.35 -11.63
N GLU B 89 -24.53 18.45 -10.87
CA GLU B 89 -25.23 19.67 -11.32
C GLU B 89 -24.64 20.15 -12.66
N ARG B 90 -23.31 20.11 -12.79
CA ARG B 90 -22.66 20.57 -14.02
C ARG B 90 -23.04 19.66 -15.20
N LEU B 91 -23.06 18.34 -14.98
CA LEU B 91 -23.42 17.40 -16.04
C LEU B 91 -24.88 17.64 -16.47
N ARG B 92 -25.77 17.90 -15.51
CA ARG B 92 -27.19 18.19 -15.81
C ARG B 92 -27.30 19.45 -16.67
N GLU B 93 -26.50 20.47 -16.32
CA GLU B 93 -26.44 21.73 -17.05
C GLU B 93 -26.02 21.47 -18.50
N LEU B 94 -24.95 20.69 -18.68
CA LEU B 94 -24.43 20.38 -20.01
C LEU B 94 -25.46 19.56 -20.81
N PHE B 95 -26.10 18.58 -20.16
CA PHE B 95 -27.11 17.75 -20.79
C PHE B 95 -28.26 18.62 -21.33
N ALA B 96 -28.74 19.56 -20.51
CA ALA B 96 -29.84 20.46 -20.89
C ALA B 96 -29.44 21.30 -22.12
N ALA B 97 -28.17 21.68 -22.21
CA ALA B 97 -27.66 22.53 -23.30
C ALA B 97 -27.20 21.68 -24.50
N ARG B 98 -27.27 20.35 -24.38
CA ARG B 98 -26.78 19.39 -25.38
C ARG B 98 -25.31 19.70 -25.70
N LYS B 99 -24.53 19.87 -24.62
CA LYS B 99 -23.08 20.06 -24.64
C LYS B 99 -22.44 18.95 -23.80
N SER B 100 -21.11 18.86 -23.82
CA SER B 100 -20.44 17.73 -23.21
C SER B 100 -19.02 18.09 -22.76
N ILE B 101 -18.50 17.27 -21.86
CA ILE B 101 -17.10 17.25 -21.48
C ILE B 101 -16.41 16.18 -22.32
N THR B 102 -15.28 16.54 -22.94
CA THR B 102 -14.46 15.62 -23.68
C THR B 102 -13.10 15.53 -22.97
N THR B 103 -12.75 14.34 -22.47
CA THR B 103 -11.62 14.22 -21.55
C THR B 103 -10.84 12.95 -21.90
N PHE B 104 -9.82 12.67 -21.09
CA PHE B 104 -9.00 11.49 -21.22
C PHE B 104 -8.55 11.05 -19.83
N GLY B 105 -7.98 9.84 -19.76
CA GLY B 105 -7.47 9.29 -18.51
C GLY B 105 -6.05 9.76 -18.25
N PRO B 106 -5.79 10.61 -17.23
CA PRO B 106 -4.44 11.03 -16.91
C PRO B 106 -3.67 9.83 -16.31
N TYR B 107 -2.38 9.73 -16.66
CA TYR B 107 -1.52 8.62 -16.27
C TYR B 107 -0.59 9.02 -15.11
N SER B 108 -0.66 10.29 -14.70
CA SER B 108 0.10 10.80 -13.58
C SER B 108 -0.69 11.91 -12.91
N PRO B 109 -0.36 12.25 -11.64
CA PRO B 109 -0.98 13.39 -10.97
C PRO B 109 -0.76 14.72 -11.73
N GLY B 110 0.44 14.90 -12.29
CA GLY B 110 0.78 16.07 -13.12
C GLY B 110 -0.13 16.21 -14.33
N GLN B 111 -0.45 15.08 -14.96
CA GLN B 111 -1.33 15.09 -16.14
C GLN B 111 -2.72 15.58 -15.72
N ALA B 112 -3.19 15.13 -14.56
CA ALA B 112 -4.52 15.49 -14.05
C ALA B 112 -4.58 16.99 -13.76
N VAL B 113 -3.56 17.49 -13.08
CA VAL B 113 -3.51 18.94 -12.77
C VAL B 113 -3.41 19.72 -14.09
N SER B 114 -2.58 19.26 -15.02
CA SER B 114 -2.38 19.95 -16.32
C SER B 114 -3.71 20.04 -17.09
N MET B 115 -4.46 18.94 -17.14
CA MET B 115 -5.78 18.90 -17.82
C MET B 115 -6.65 20.03 -17.29
N LYS B 116 -6.75 20.13 -15.97
CA LYS B 116 -7.61 21.17 -15.35
C LYS B 116 -7.08 22.58 -15.69
N ARG B 117 -5.77 22.76 -15.68
CA ARG B 117 -5.20 24.08 -16.06
C ARG B 117 -5.60 24.42 -17.50
N MET B 118 -5.58 23.44 -18.40
CA MET B 118 -5.92 23.63 -19.82
C MET B 118 -7.43 23.83 -20.01
N GLY B 119 -8.24 23.62 -18.97
CA GLY B 119 -9.67 23.94 -19.02
C GLY B 119 -10.58 22.73 -19.18
N ILE B 120 -10.03 21.51 -19.17
CA ILE B 120 -10.88 20.32 -19.18
C ILE B 120 -11.55 20.21 -17.80
N GLU B 121 -12.88 20.04 -17.79
CA GLU B 121 -13.69 20.23 -16.59
C GLU B 121 -13.73 18.97 -15.69
N ALA B 122 -13.42 17.79 -16.25
CA ALA B 122 -13.50 16.58 -15.49
C ALA B 122 -12.53 15.54 -16.06
N ILE B 123 -12.32 14.50 -15.25
CA ILE B 123 -11.25 13.53 -15.40
C ILE B 123 -11.88 12.13 -15.42
N TYR B 124 -11.37 11.28 -16.33
CA TYR B 124 -11.69 9.87 -16.39
C TYR B 124 -10.52 9.08 -15.81
N LEU B 125 -10.82 7.97 -15.12
CA LEU B 125 -9.76 7.04 -14.70
C LEU B 125 -10.20 5.60 -14.94
N GLY B 126 -9.43 4.88 -15.77
CA GLY B 126 -9.80 3.56 -16.27
C GLY B 126 -8.88 2.45 -15.78
N GLY B 127 -9.40 1.23 -15.84
CA GLY B 127 -8.69 0.02 -15.42
C GLY B 127 -7.60 -0.40 -16.40
N TRP B 128 -7.74 -0.04 -17.69
CA TRP B 128 -6.74 -0.40 -18.70
C TRP B 128 -5.38 0.18 -18.28
N ALA B 129 -5.36 1.49 -18.05
CA ALA B 129 -4.16 2.21 -17.66
C ALA B 129 -3.67 1.74 -16.28
N THR B 130 -4.61 1.47 -15.37
CA THR B 130 -4.25 0.99 -14.04
C THR B 130 -3.52 -0.36 -14.15
N SER B 131 -4.02 -1.24 -15.03
CA SER B 131 -3.38 -2.54 -15.30
C SER B 131 -1.98 -2.32 -15.88
N ALA B 132 -1.87 -1.40 -16.84
CA ALA B 132 -0.62 -1.14 -17.53
C ALA B 132 0.44 -0.61 -16.56
N LYS B 133 0.02 0.16 -15.55
CA LYS B 133 0.96 0.86 -14.66
C LYS B 133 1.54 -0.10 -13.62
N GLY B 134 0.72 -1.04 -13.12
CA GLY B 134 1.15 -1.89 -12.01
C GLY B 134 1.35 -1.08 -10.75
N SER B 135 2.07 -1.68 -9.79
CA SER B 135 2.33 -1.06 -8.48
C SER B 135 3.54 -1.74 -7.88
N SER B 136 3.88 -1.42 -6.63
CA SER B 136 5.05 -2.00 -6.00
C SER B 136 4.91 -3.53 -5.88
N THR B 137 3.66 -4.04 -5.83
CA THR B 137 3.41 -5.48 -5.64
C THR B 137 2.68 -6.11 -6.83
N GLU B 138 2.22 -5.30 -7.79
CA GLU B 138 1.43 -5.79 -8.94
C GLU B 138 2.26 -5.61 -10.22
N ASP B 139 2.51 -6.72 -10.91
CA ASP B 139 3.18 -6.67 -12.19
C ASP B 139 2.26 -5.97 -13.18
N PRO B 140 2.78 -5.05 -14.02
CA PRO B 140 1.97 -4.45 -15.07
C PRO B 140 1.53 -5.54 -16.06
N GLY B 141 0.43 -5.28 -16.77
CA GLY B 141 -0.09 -6.26 -17.66
C GLY B 141 -1.34 -5.79 -18.37
N PRO B 142 -1.99 -6.71 -19.11
CA PRO B 142 -3.22 -6.39 -19.83
C PRO B 142 -4.42 -6.14 -18.92
N ASP B 143 -5.48 -5.65 -19.53
CA ASP B 143 -6.66 -5.13 -18.88
C ASP B 143 -7.59 -6.30 -18.51
N LEU B 144 -7.21 -7.06 -17.47
CA LEU B 144 -7.98 -8.25 -17.04
C LEU B 144 -8.76 -7.97 -15.76
N ALA B 145 -8.63 -6.76 -15.20
CA ALA B 145 -9.12 -6.38 -13.88
C ALA B 145 -8.76 -7.45 -12.85
N SER B 146 -7.53 -7.95 -12.93
CA SER B 146 -7.06 -9.02 -12.03
C SER B 146 -6.20 -8.47 -10.90
N TYR B 147 -5.97 -7.15 -10.88
CA TYR B 147 -5.39 -6.46 -9.72
C TYR B 147 -6.32 -6.60 -8.52
N PRO B 148 -5.82 -6.38 -7.29
CA PRO B 148 -6.70 -6.31 -6.11
C PRO B 148 -7.69 -5.14 -6.28
N LEU B 149 -8.87 -5.24 -5.67
CA LEU B 149 -9.94 -4.27 -5.94
C LEU B 149 -9.58 -2.87 -5.41
N SER B 150 -8.53 -2.77 -4.58
CA SER B 150 -7.99 -1.51 -4.06
C SER B 150 -7.22 -0.72 -5.14
N GLN B 151 -6.97 -1.31 -6.30
CA GLN B 151 -5.95 -0.81 -7.23
C GLN B 151 -6.38 0.52 -7.87
N VAL B 152 -7.60 0.58 -8.42
CA VAL B 152 -8.04 1.81 -9.07
C VAL B 152 -8.30 2.90 -8.03
N PRO B 153 -8.95 2.62 -6.88
CA PRO B 153 -9.05 3.63 -5.82
C PRO B 153 -7.70 4.21 -5.38
N ASP B 154 -6.68 3.35 -5.23
CA ASP B 154 -5.34 3.79 -4.83
C ASP B 154 -4.76 4.75 -5.87
N ASP B 155 -4.97 4.45 -7.16
CA ASP B 155 -4.49 5.32 -8.24
C ASP B 155 -5.26 6.65 -8.20
N ALA B 156 -6.58 6.58 -7.99
CA ALA B 156 -7.44 7.78 -7.94
C ALA B 156 -7.02 8.67 -6.75
N ALA B 157 -6.64 8.05 -5.63
CA ALA B 157 -6.25 8.79 -4.42
C ALA B 157 -5.10 9.76 -4.73
N VAL B 158 -4.14 9.32 -5.56
CA VAL B 158 -2.99 10.13 -5.96
C VAL B 158 -3.49 11.36 -6.72
N LEU B 159 -4.44 11.15 -7.63
CA LEU B 159 -4.97 12.24 -8.44
C LEU B 159 -5.71 13.25 -7.56
N VAL B 160 -6.54 12.77 -6.63
CA VAL B 160 -7.29 13.67 -5.75
C VAL B 160 -6.30 14.51 -4.92
N ARG B 161 -5.28 13.87 -4.36
CA ARG B 161 -4.30 14.60 -3.54
C ARG B 161 -3.59 15.66 -4.39
N ALA B 162 -3.28 15.33 -5.66
CA ALA B 162 -2.59 16.27 -6.54
C ALA B 162 -3.47 17.50 -6.78
N LEU B 163 -4.78 17.25 -6.98
CA LEU B 163 -5.72 18.32 -7.29
C LEU B 163 -5.91 19.24 -6.07
N LEU B 164 -6.12 18.64 -4.89
CA LEU B 164 -6.28 19.42 -3.66
C LEU B 164 -5.00 20.21 -3.37
N THR B 165 -3.83 19.59 -3.63
CA THR B 165 -2.55 20.24 -3.39
C THR B 165 -2.36 21.42 -4.36
N ALA B 166 -2.74 21.23 -5.63
CA ALA B 166 -2.65 22.28 -6.62
C ALA B 166 -3.54 23.46 -6.20
N ASP B 167 -4.72 23.17 -5.64
CA ASP B 167 -5.62 24.20 -5.14
C ASP B 167 -4.96 24.98 -3.99
N ARG B 168 -4.34 24.27 -3.05
CA ARG B 168 -3.66 24.92 -1.90
C ARG B 168 -2.51 25.81 -2.38
N ASN B 169 -1.74 25.33 -3.35
CA ASN B 169 -0.57 26.07 -3.85
C ASN B 169 -1.02 27.30 -4.64
N GLN B 170 -2.04 27.12 -5.49
CA GLN B 170 -2.60 28.24 -6.27
C GLN B 170 -3.13 29.33 -5.33
N HIS B 171 -3.91 28.92 -4.33
CA HIS B 171 -4.51 29.84 -3.39
C HIS B 171 -3.44 30.59 -2.59
N TYR B 172 -2.37 29.88 -2.19
CA TYR B 172 -1.29 30.52 -1.44
C TYR B 172 -0.74 31.69 -2.26
N LEU B 173 -0.46 31.46 -3.55
CA LEU B 173 0.11 32.49 -4.42
C LEU B 173 -0.91 33.62 -4.68
N ARG B 174 -2.19 33.27 -4.85
CA ARG B 174 -3.23 34.28 -5.13
C ARG B 174 -3.43 35.21 -3.92
N LEU B 175 -3.21 34.69 -2.71
CA LEU B 175 -3.32 35.47 -1.49
C LEU B 175 -2.22 36.55 -1.42
N GLN B 176 -1.10 36.33 -2.12
CA GLN B 176 0.04 37.25 -2.11
C GLN B 176 -0.14 38.33 -3.19
N MET B 177 -1.16 38.18 -4.06
CA MET B 177 -1.40 39.08 -5.18
C MET B 177 -2.24 40.27 -4.73
N SER B 178 -2.19 41.34 -5.54
CA SER B 178 -3.13 42.46 -5.47
C SER B 178 -4.44 42.06 -6.13
N GLU B 179 -5.47 42.89 -5.93
CA GLU B 179 -6.79 42.66 -6.50
C GLU B 179 -6.69 42.68 -8.03
N ARG B 180 -5.88 43.60 -8.58
CA ARG B 180 -5.73 43.76 -10.03
C ARG B 180 -4.99 42.55 -10.61
N GLN B 181 -3.96 42.09 -9.91
CA GLN B 181 -3.19 40.91 -10.32
C GLN B 181 -4.11 39.69 -10.40
N ARG B 182 -4.99 39.53 -9.40
CA ARG B 182 -5.94 38.41 -9.37
C ARG B 182 -6.88 38.49 -10.58
N ALA B 183 -7.36 39.69 -10.89
CA ALA B 183 -8.27 39.91 -12.04
C ALA B 183 -7.55 39.60 -13.36
N ALA B 184 -6.24 39.80 -13.39
CA ALA B 184 -5.41 39.60 -14.60
C ALA B 184 -4.96 38.14 -14.75
N THR B 185 -4.81 37.42 -13.63
CA THR B 185 -4.23 36.07 -13.63
C THR B 185 -5.33 35.02 -13.47
N PRO B 186 -5.46 34.05 -14.40
CA PRO B 186 -6.50 33.03 -14.32
C PRO B 186 -6.35 32.13 -13.08
N ALA B 187 -7.46 31.88 -12.39
CA ALA B 187 -7.53 30.87 -11.31
C ALA B 187 -8.14 29.59 -11.88
N TYR B 188 -7.43 28.47 -11.74
CA TYR B 188 -7.86 27.20 -12.30
C TYR B 188 -8.77 26.48 -11.31
N ASP B 189 -9.64 25.62 -11.85
CA ASP B 189 -10.60 24.84 -11.09
C ASP B 189 -10.00 23.44 -10.86
N PHE B 190 -9.61 23.16 -9.62
CA PHE B 190 -8.96 21.89 -9.30
C PHE B 190 -9.91 20.95 -8.53
N ARG B 191 -11.22 21.17 -8.61
CA ARG B 191 -12.18 20.31 -7.93
C ARG B 191 -12.07 18.89 -8.51
N PRO B 192 -12.13 17.84 -7.66
CA PRO B 192 -11.93 16.46 -8.11
C PRO B 192 -13.15 15.83 -8.79
N PHE B 193 -13.51 16.35 -9.96
CA PHE B 193 -14.60 15.80 -10.77
C PHE B 193 -14.03 14.60 -11.55
N ILE B 194 -14.11 13.43 -10.93
CA ILE B 194 -13.54 12.19 -11.45
C ILE B 194 -14.63 11.12 -11.54
N ILE B 195 -14.69 10.45 -12.70
CA ILE B 195 -15.40 9.20 -12.86
C ILE B 195 -14.37 8.09 -13.04
N ALA B 196 -14.41 7.09 -12.15
CA ALA B 196 -13.40 6.06 -12.09
C ALA B 196 -14.03 4.68 -12.32
N ASP B 197 -13.20 3.78 -12.83
CA ASP B 197 -13.56 2.44 -13.24
C ASP B 197 -13.66 1.52 -12.01
N ALA B 198 -14.86 0.96 -11.79
CA ALA B 198 -15.11 -0.08 -10.77
C ALA B 198 -15.23 -1.46 -11.42
N ASP B 199 -14.83 -1.60 -12.69
CA ASP B 199 -14.83 -2.86 -13.43
C ASP B 199 -16.23 -3.50 -13.34
N THR B 200 -16.33 -4.76 -12.91
CA THR B 200 -17.60 -5.45 -12.75
C THR B 200 -18.04 -5.41 -11.28
N GLY B 201 -17.30 -4.67 -10.44
CA GLY B 201 -17.56 -4.64 -9.01
C GLY B 201 -16.71 -5.61 -8.21
N HIS B 202 -15.91 -6.42 -8.91
CA HIS B 202 -14.91 -7.32 -8.29
C HIS B 202 -15.57 -8.33 -7.35
N GLY B 203 -16.78 -8.78 -7.68
CA GLY B 203 -17.44 -9.86 -6.95
C GLY B 203 -18.91 -9.58 -6.73
N GLY B 204 -19.40 -9.91 -5.53
CA GLY B 204 -20.78 -9.73 -5.15
C GLY B 204 -20.98 -8.43 -4.40
N ASP B 205 -22.13 -8.30 -3.71
CA ASP B 205 -22.49 -7.04 -3.05
C ASP B 205 -21.42 -6.58 -2.07
N PRO B 206 -20.78 -7.41 -1.21
CA PRO B 206 -19.80 -6.87 -0.27
C PRO B 206 -18.53 -6.34 -0.98
N HIS B 207 -18.19 -6.94 -2.13
CA HIS B 207 -17.07 -6.47 -2.96
C HIS B 207 -17.41 -5.10 -3.55
N VAL B 208 -18.61 -4.97 -4.12
CA VAL B 208 -19.06 -3.72 -4.72
C VAL B 208 -19.03 -2.62 -3.65
N ARG B 209 -19.60 -2.90 -2.47
CA ARG B 209 -19.69 -1.91 -1.42
C ARG B 209 -18.29 -1.51 -0.94
N ASN B 210 -17.37 -2.48 -0.86
CA ASN B 210 -16.00 -2.24 -0.43
C ASN B 210 -15.30 -1.32 -1.45
N LEU B 211 -15.48 -1.61 -2.74
CA LEU B 211 -14.87 -0.86 -3.82
C LEU B 211 -15.37 0.59 -3.82
N ILE B 212 -16.68 0.77 -3.72
CA ILE B 212 -17.28 2.11 -3.67
C ILE B 212 -16.77 2.85 -2.43
N ARG B 213 -16.77 2.18 -1.28
CA ARG B 213 -16.27 2.77 -0.03
C ARG B 213 -14.85 3.32 -0.25
N ARG B 214 -13.97 2.50 -0.85
CA ARG B 214 -12.56 2.85 -1.03
C ARG B 214 -12.42 4.07 -1.95
N PHE B 215 -13.27 4.16 -2.98
CA PHE B 215 -13.28 5.31 -3.88
C PHE B 215 -13.72 6.57 -3.12
N VAL B 216 -14.82 6.45 -2.36
CA VAL B 216 -15.42 7.58 -1.65
C VAL B 216 -14.44 8.12 -0.62
N GLU B 217 -13.77 7.22 0.12
CA GLU B 217 -12.89 7.62 1.21
C GLU B 217 -11.75 8.51 0.69
N VAL B 218 -11.31 8.32 -0.55
CA VAL B 218 -10.18 9.08 -1.09
C VAL B 218 -10.65 10.26 -1.94
N GLY B 219 -11.98 10.47 -2.00
CA GLY B 219 -12.55 11.71 -2.53
C GLY B 219 -13.19 11.58 -3.92
N VAL B 220 -13.36 10.36 -4.44
CA VAL B 220 -13.87 10.16 -5.81
C VAL B 220 -15.40 10.24 -5.81
N PRO B 221 -16.00 11.08 -6.68
CA PRO B 221 -17.45 11.23 -6.75
C PRO B 221 -18.26 10.44 -7.80
N GLY B 222 -17.58 9.65 -8.64
CA GLY B 222 -18.23 8.94 -9.74
C GLY B 222 -17.55 7.62 -10.06
N TYR B 223 -18.35 6.60 -10.44
CA TYR B 223 -17.89 5.20 -10.54
C TYR B 223 -18.69 4.53 -11.65
N HIS B 224 -18.00 3.70 -12.46
CA HIS B 224 -18.69 2.93 -13.50
C HIS B 224 -18.54 1.43 -13.28
N ILE B 225 -19.66 0.73 -13.50
CA ILE B 225 -19.79 -0.71 -13.31
C ILE B 225 -20.40 -1.30 -14.59
N GLU B 226 -19.79 -2.39 -15.08
CA GLU B 226 -20.18 -3.00 -16.35
C GLU B 226 -20.72 -4.42 -16.12
N ASP B 227 -21.57 -4.85 -17.05
CA ASP B 227 -22.35 -6.10 -16.94
C ASP B 227 -21.58 -7.30 -17.49
N GLN B 228 -20.26 -7.33 -17.31
CA GLN B 228 -19.46 -8.52 -17.63
C GLN B 228 -19.37 -9.43 -16.40
N ARG B 229 -19.04 -10.70 -16.67
CA ARG B 229 -18.60 -11.64 -15.66
C ARG B 229 -17.12 -11.39 -15.37
N PRO B 230 -16.71 -11.16 -14.12
CA PRO B 230 -15.29 -10.95 -13.82
C PRO B 230 -14.50 -12.22 -14.12
N GLY B 231 -13.22 -12.05 -14.48
CA GLY B 231 -12.31 -13.17 -14.64
C GLY B 231 -12.45 -13.88 -15.97
N THR B 232 -13.12 -13.25 -16.96
CA THR B 232 -13.35 -13.86 -18.28
C THR B 232 -12.81 -13.00 -19.43
N LYS B 233 -12.10 -11.90 -19.12
CA LYS B 233 -11.65 -10.97 -20.17
C LYS B 233 -10.60 -11.65 -21.07
N LYS B 234 -10.76 -11.47 -22.39
CA LYS B 234 -9.90 -12.07 -23.43
C LYS B 234 -9.05 -10.99 -24.08
N GLY B 236 -7.22 -9.94 -27.57
CA GLY B 236 -7.05 -10.13 -29.02
C GLY B 236 -7.89 -11.27 -29.58
N HIS B 237 -9.15 -11.35 -29.16
CA HIS B 237 -10.11 -12.32 -29.66
C HIS B 237 -11.41 -11.60 -30.06
N GLN B 238 -12.14 -12.18 -31.02
CA GLN B 238 -13.43 -11.66 -31.48
C GLN B 238 -14.59 -12.32 -30.73
N GLY B 239 -14.28 -13.36 -29.93
CA GLY B 239 -15.27 -14.06 -29.13
C GLY B 239 -14.92 -14.03 -27.65
N GLY B 240 -15.74 -14.75 -26.86
CA GLY B 240 -15.46 -15.02 -25.46
C GLY B 240 -15.69 -13.83 -24.52
N LYS B 241 -16.44 -12.80 -24.98
CA LYS B 241 -16.86 -11.73 -24.07
C LYS B 241 -18.17 -12.16 -23.39
N VAL B 242 -18.15 -12.23 -22.05
CA VAL B 242 -19.18 -12.90 -21.26
C VAL B 242 -19.92 -11.88 -20.39
N LEU B 243 -21.24 -11.79 -20.59
CA LEU B 243 -22.13 -10.94 -19.79
C LEU B 243 -22.63 -11.71 -18.57
N VAL B 244 -23.21 -10.95 -17.62
CA VAL B 244 -24.01 -11.49 -16.53
C VAL B 244 -25.46 -11.12 -16.76
N PRO B 245 -26.40 -11.84 -16.11
CA PRO B 245 -27.81 -11.48 -16.19
C PRO B 245 -28.06 -10.07 -15.61
N SER B 246 -29.12 -9.43 -16.10
CA SER B 246 -29.46 -8.06 -15.72
C SER B 246 -29.73 -7.94 -14.21
N ASP B 247 -30.29 -8.97 -13.58
CA ASP B 247 -30.55 -8.91 -12.13
C ASP B 247 -29.23 -8.77 -11.37
N GLU B 248 -28.19 -9.49 -11.81
CA GLU B 248 -26.89 -9.42 -11.15
C GLU B 248 -26.31 -8.01 -11.32
N GLN B 249 -26.40 -7.45 -12.53
CA GLN B 249 -25.88 -6.10 -12.80
C GLN B 249 -26.64 -5.07 -11.95
N ILE B 250 -27.97 -5.18 -11.93
CA ILE B 250 -28.79 -4.20 -11.20
C ILE B 250 -28.44 -4.27 -9.71
N LYS B 251 -28.20 -5.48 -9.19
CA LYS B 251 -27.86 -5.62 -7.77
C LYS B 251 -26.50 -4.95 -7.49
N ARG B 252 -25.57 -4.96 -8.46
CA ARG B 252 -24.30 -4.23 -8.29
C ARG B 252 -24.59 -2.72 -8.15
N LEU B 253 -25.46 -2.20 -9.02
CA LEU B 253 -25.79 -0.78 -9.04
C LEU B 253 -26.49 -0.39 -7.74
N ASN B 254 -27.41 -1.25 -7.29
CA ASN B 254 -28.20 -1.03 -6.09
C ASN B 254 -27.28 -1.09 -4.85
N ALA B 255 -26.35 -2.04 -4.81
CA ALA B 255 -25.39 -2.15 -3.71
C ALA B 255 -24.51 -0.90 -3.64
N ALA B 256 -24.09 -0.39 -4.81
CA ALA B 256 -23.30 0.83 -4.90
C ALA B 256 -24.10 2.00 -4.30
N ARG B 257 -25.38 2.12 -4.68
CA ARG B 257 -26.24 3.21 -4.19
C ARG B 257 -26.40 3.09 -2.67
N PHE B 258 -26.55 1.85 -2.17
CA PHE B 258 -26.69 1.61 -0.74
C PHE B 258 -25.46 2.13 0.01
N GLN B 259 -24.27 1.80 -0.48
CA GLN B 259 -23.03 2.24 0.18
C GLN B 259 -22.92 3.77 0.13
N LEU B 260 -23.19 4.37 -1.03
CA LEU B 260 -23.13 5.83 -1.21
C LEU B 260 -24.12 6.52 -0.24
N ASP B 261 -25.34 5.97 -0.12
CA ASP B 261 -26.35 6.48 0.80
C ASP B 261 -25.84 6.42 2.25
N ILE B 262 -25.28 5.28 2.67
CA ILE B 262 -24.75 5.14 4.03
C ILE B 262 -23.76 6.27 4.30
N MET B 263 -22.89 6.54 3.32
CA MET B 263 -21.78 7.49 3.45
C MET B 263 -22.22 8.94 3.18
N ARG B 264 -23.51 9.15 2.84
CA ARG B 264 -24.12 10.46 2.60
C ARG B 264 -23.45 11.17 1.42
N VAL B 265 -22.99 10.39 0.43
CA VAL B 265 -22.35 10.93 -0.76
C VAL B 265 -23.26 10.68 -1.96
N PRO B 266 -23.76 11.74 -2.65
CA PRO B 266 -24.62 11.56 -3.81
C PRO B 266 -23.80 11.21 -5.06
N GLY B 267 -23.00 10.14 -4.94
CA GLY B 267 -22.06 9.75 -5.96
C GLY B 267 -22.77 9.39 -7.25
N ILE B 268 -22.05 9.58 -8.37
CA ILE B 268 -22.59 9.39 -9.71
C ILE B 268 -22.32 7.94 -10.14
N ILE B 269 -23.41 7.17 -10.30
CA ILE B 269 -23.33 5.78 -10.74
C ILE B 269 -23.50 5.72 -12.26
N VAL B 270 -22.48 5.17 -12.93
CA VAL B 270 -22.47 4.98 -14.36
C VAL B 270 -22.61 3.48 -14.64
N ALA B 271 -23.68 3.09 -15.36
CA ALA B 271 -23.93 1.71 -15.73
C ALA B 271 -23.49 1.50 -17.18
N ARG B 272 -22.44 0.69 -17.35
CA ARG B 272 -21.91 0.33 -18.65
C ARG B 272 -22.47 -1.04 -19.05
N THR B 273 -22.84 -1.16 -20.33
CA THR B 273 -23.17 -2.46 -20.93
C THR B 273 -22.11 -2.79 -22.00
N ASP B 274 -21.74 -4.05 -22.02
CA ASP B 274 -20.79 -4.63 -22.99
C ASP B 274 -21.55 -5.49 -24.02
N ALA B 275 -22.89 -5.35 -24.08
CA ALA B 275 -23.71 -6.22 -24.90
C ALA B 275 -23.55 -5.96 -26.40
N GLU B 276 -22.98 -4.82 -26.80
CA GLU B 276 -22.87 -4.49 -28.24
C GLU B 276 -22.00 -5.52 -28.97
N ALA B 277 -20.94 -6.00 -28.32
CA ALA B 277 -20.01 -6.94 -28.95
C ALA B 277 -19.88 -8.23 -28.14
N ALA B 278 -20.76 -8.43 -27.15
CA ALA B 278 -20.74 -9.65 -26.34
C ALA B 278 -21.19 -10.84 -27.19
N ASN B 279 -20.71 -12.02 -26.82
CA ASN B 279 -20.96 -13.28 -27.48
C ASN B 279 -21.71 -14.24 -26.56
N LEU B 280 -21.46 -14.12 -25.24
CA LEU B 280 -21.86 -15.13 -24.26
C LEU B 280 -22.50 -14.46 -23.04
N ILE B 281 -23.27 -15.26 -22.30
CA ILE B 281 -23.81 -14.87 -21.00
C ILE B 281 -23.74 -16.09 -20.08
N ASP B 282 -23.51 -15.88 -18.78
CA ASP B 282 -23.19 -16.99 -17.87
C ASP B 282 -24.47 -17.56 -17.24
N SER B 283 -25.65 -17.08 -17.64
CA SER B 283 -26.92 -17.56 -17.12
C SER B 283 -28.05 -17.24 -18.10
N ARG B 284 -29.06 -18.11 -18.13
CA ARG B 284 -30.25 -17.95 -18.98
C ARG B 284 -31.46 -17.50 -18.14
N ALA B 285 -31.24 -17.16 -16.87
CA ALA B 285 -32.30 -17.06 -15.87
C ALA B 285 -33.07 -15.73 -15.96
N ASP B 286 -32.46 -14.66 -16.50
CA ASP B 286 -33.13 -13.36 -16.48
C ASP B 286 -33.98 -13.19 -17.75
N GLU B 287 -35.26 -12.87 -17.53
CA GLU B 287 -36.27 -12.69 -18.57
C GLU B 287 -35.82 -11.67 -19.62
N ARG B 288 -35.02 -10.67 -19.21
CA ARG B 288 -34.63 -9.58 -20.10
C ARG B 288 -33.53 -10.02 -21.09
N ASP B 289 -32.79 -11.07 -20.74
CA ASP B 289 -31.73 -11.60 -21.61
C ASP B 289 -32.31 -12.65 -22.57
N GLN B 290 -33.44 -13.26 -22.18
CA GLN B 290 -33.93 -14.48 -22.82
C GLN B 290 -34.26 -14.25 -24.30
N PRO B 291 -34.77 -13.07 -24.72
CA PRO B 291 -35.02 -12.84 -26.15
C PRO B 291 -33.77 -12.89 -27.04
N PHE B 292 -32.59 -12.79 -26.43
CA PHE B 292 -31.33 -12.70 -27.17
C PHE B 292 -30.56 -14.03 -27.15
N LEU B 293 -31.06 -15.02 -26.42
CA LEU B 293 -30.44 -16.34 -26.38
C LEU B 293 -30.48 -16.98 -27.77
N LEU B 294 -29.38 -17.64 -28.13
CA LEU B 294 -29.30 -18.40 -29.36
C LEU B 294 -29.47 -19.88 -29.03
N GLY B 295 -30.29 -20.58 -29.84
CA GLY B 295 -30.53 -21.99 -29.66
C GLY B 295 -30.42 -22.74 -30.98
N ALA B 296 -30.12 -24.03 -30.88
CA ALA B 296 -30.08 -24.91 -32.04
C ALA B 296 -31.52 -25.23 -32.44
N THR B 297 -31.76 -25.33 -33.75
CA THR B 297 -33.08 -25.69 -34.28
C THR B 297 -33.06 -27.08 -34.94
N LYS B 298 -31.87 -27.68 -35.09
CA LYS B 298 -31.75 -29.06 -35.54
C LYS B 298 -31.28 -29.92 -34.36
N LEU B 299 -32.21 -30.65 -33.73
CA LEU B 299 -32.01 -31.17 -32.36
C LEU B 299 -31.33 -32.55 -32.35
N ASP B 300 -30.99 -33.10 -33.52
CA ASP B 300 -30.22 -34.36 -33.62
C ASP B 300 -28.71 -34.05 -33.71
N VAL B 301 -28.34 -32.76 -33.70
CA VAL B 301 -26.94 -32.35 -33.61
C VAL B 301 -26.48 -32.52 -32.16
N PRO B 302 -25.39 -33.28 -31.89
CA PRO B 302 -24.87 -33.38 -30.53
C PRO B 302 -24.37 -32.01 -30.03
N SER B 303 -24.33 -31.84 -28.71
CA SER B 303 -23.99 -30.56 -28.07
C SER B 303 -22.64 -30.05 -28.58
N TYR B 304 -22.54 -28.73 -28.73
CA TYR B 304 -21.29 -28.05 -29.04
C TYR B 304 -20.18 -28.53 -28.10
N LYS B 305 -20.47 -28.60 -26.79
CA LYS B 305 -19.48 -28.98 -25.81
C LYS B 305 -18.95 -30.40 -26.10
N SER B 306 -19.86 -31.36 -26.29
CA SER B 306 -19.46 -32.77 -26.48
CA SER B 306 -19.46 -32.77 -26.48
C SER B 306 -18.63 -32.91 -27.76
N CYS B 307 -19.02 -32.17 -28.81
CA CYS B 307 -18.30 -32.19 -30.09
C CYS B 307 -16.89 -31.61 -29.93
N PHE B 308 -16.78 -30.49 -29.20
CA PHE B 308 -15.48 -29.89 -28.94
C PHE B 308 -14.57 -30.88 -28.22
N LEU B 309 -15.08 -31.51 -27.15
CA LEU B 309 -14.27 -32.39 -26.32
C LEU B 309 -13.89 -33.66 -27.10
N ALA B 310 -14.80 -34.17 -27.92
CA ALA B 310 -14.52 -35.35 -28.75
C ALA B 310 -13.39 -35.03 -29.76
N MET B 311 -13.39 -33.80 -30.29
CA MET B 311 -12.36 -33.38 -31.21
C MET B 311 -10.99 -33.36 -30.51
N VAL B 312 -10.94 -32.75 -29.32
CA VAL B 312 -9.69 -32.67 -28.55
C VAL B 312 -9.21 -34.09 -28.21
N ARG B 313 -10.12 -34.95 -27.75
CA ARG B 313 -9.78 -36.31 -27.36
C ARG B 313 -9.15 -37.08 -28.55
N ARG B 314 -9.66 -36.85 -29.77
CA ARG B 314 -9.14 -37.53 -30.96
C ARG B 314 -7.67 -37.10 -31.20
N PHE B 315 -7.38 -35.80 -31.13
CA PHE B 315 -6.01 -35.30 -31.22
C PHE B 315 -5.11 -36.05 -30.22
N TYR B 316 -5.59 -36.16 -28.98
CA TYR B 316 -4.85 -36.78 -27.89
C TYR B 316 -4.58 -38.26 -28.21
N GLU B 317 -5.64 -38.97 -28.63
CA GLU B 317 -5.55 -40.42 -28.90
C GLU B 317 -4.65 -40.69 -30.12
N LEU B 318 -4.55 -39.73 -31.05
CA LEU B 318 -3.68 -39.86 -32.23
C LEU B 318 -2.22 -39.51 -31.89
N GLY B 319 -1.96 -39.09 -30.65
CA GLY B 319 -0.60 -38.97 -30.12
C GLY B 319 -0.18 -37.54 -29.80
N VAL B 320 -1.10 -36.56 -29.94
CA VAL B 320 -0.77 -35.18 -29.56
C VAL B 320 -1.08 -35.02 -28.07
N LYS B 321 -0.10 -35.41 -27.24
CA LYS B 321 -0.25 -35.48 -25.80
C LYS B 321 -0.51 -34.10 -25.20
N GLU B 322 -0.08 -33.03 -25.88
CA GLU B 322 -0.23 -31.68 -25.33
C GLU B 322 -1.70 -31.23 -25.36
N LEU B 323 -2.53 -31.84 -26.21
CA LEU B 323 -3.95 -31.51 -26.25
C LEU B 323 -4.72 -32.45 -25.31
N ASN B 324 -4.65 -32.18 -24.00
CA ASN B 324 -5.23 -33.05 -22.99
C ASN B 324 -6.36 -32.33 -22.23
N GLY B 325 -6.90 -31.25 -22.80
CA GLY B 325 -7.92 -30.43 -22.16
C GLY B 325 -9.22 -31.17 -21.87
N HIS B 326 -9.50 -32.21 -22.66
CA HIS B 326 -10.68 -33.04 -22.44
C HIS B 326 -10.63 -33.72 -21.07
N LEU B 327 -9.43 -33.85 -20.46
CA LEU B 327 -9.30 -34.48 -19.13
C LEU B 327 -9.85 -33.57 -18.02
N LEU B 328 -10.20 -32.32 -18.35
CA LEU B 328 -10.91 -31.41 -17.43
C LEU B 328 -12.33 -31.91 -17.13
N TYR B 329 -12.91 -32.71 -18.04
CA TYR B 329 -14.32 -33.12 -17.98
C TYR B 329 -14.42 -34.63 -17.85
N ALA B 330 -15.57 -35.09 -17.32
CA ALA B 330 -15.90 -36.52 -17.24
C ALA B 330 -17.14 -36.76 -18.10
N LEU B 331 -16.92 -36.83 -19.40
CA LEU B 331 -18.00 -37.03 -20.37
C LEU B 331 -18.20 -38.54 -20.54
N GLY B 332 -19.45 -38.98 -20.57
CA GLY B 332 -19.83 -40.39 -20.71
C GLY B 332 -19.54 -40.95 -22.09
N ASP B 333 -19.44 -42.28 -22.16
CA ASP B 333 -19.06 -43.01 -23.39
C ASP B 333 -20.08 -42.74 -24.51
N SER B 334 -21.37 -42.78 -24.17
CA SER B 334 -22.45 -42.61 -25.14
C SER B 334 -22.37 -41.21 -25.78
N GLU B 335 -22.05 -40.21 -24.97
CA GLU B 335 -21.97 -38.83 -25.44
C GLU B 335 -20.73 -38.65 -26.33
N TYR B 336 -19.59 -39.26 -25.94
CA TYR B 336 -18.40 -39.20 -26.75
C TYR B 336 -18.67 -39.86 -28.12
N ALA B 337 -19.39 -40.98 -28.11
CA ALA B 337 -19.69 -41.76 -29.33
C ALA B 337 -20.58 -40.93 -30.28
N ALA B 338 -21.63 -40.31 -29.75
CA ALA B 338 -22.56 -39.52 -30.55
C ALA B 338 -21.84 -38.32 -31.16
N ALA B 339 -21.02 -37.63 -30.36
CA ALA B 339 -20.24 -36.50 -30.84
C ALA B 339 -19.27 -36.96 -31.94
N GLY B 340 -18.61 -38.11 -31.72
CA GLY B 340 -17.69 -38.70 -32.70
C GLY B 340 -18.37 -38.96 -34.05
N GLY B 341 -19.59 -39.50 -33.98
CA GLY B 341 -20.42 -39.73 -35.17
C GLY B 341 -20.58 -38.46 -35.99
N TRP B 342 -20.91 -37.35 -35.31
CA TRP B 342 -21.11 -36.07 -35.94
C TRP B 342 -19.80 -35.57 -36.56
N LEU B 343 -18.71 -35.63 -35.80
CA LEU B 343 -17.40 -35.15 -36.28
C LEU B 343 -16.95 -35.96 -37.51
N GLU B 344 -17.23 -37.27 -37.51
CA GLU B 344 -16.91 -38.16 -38.63
C GLU B 344 -17.68 -37.68 -39.86
N ARG B 345 -19.00 -37.62 -39.74
CA ARG B 345 -19.91 -37.27 -40.85
C ARG B 345 -19.55 -35.91 -41.45
N GLN B 346 -19.20 -34.94 -40.60
CA GLN B 346 -18.97 -33.55 -41.04
C GLN B 346 -17.56 -33.35 -41.58
N GLY B 347 -16.70 -34.38 -41.49
CA GLY B 347 -15.35 -34.31 -42.05
C GLY B 347 -14.33 -33.72 -41.09
N ILE B 348 -14.74 -33.43 -39.83
CA ILE B 348 -13.85 -32.79 -38.87
C ILE B 348 -12.76 -33.78 -38.43
N PHE B 349 -13.12 -35.06 -38.25
CA PHE B 349 -12.11 -36.07 -37.90
C PHE B 349 -11.08 -36.21 -39.02
N GLY B 350 -11.52 -35.99 -40.27
CA GLY B 350 -10.62 -35.89 -41.42
C GLY B 350 -9.60 -34.77 -41.27
N LEU B 351 -10.09 -33.60 -40.85
CA LEU B 351 -9.25 -32.43 -40.62
C LEU B 351 -8.27 -32.70 -39.47
N VAL B 352 -8.74 -33.41 -38.44
CA VAL B 352 -7.90 -33.75 -37.29
C VAL B 352 -6.74 -34.64 -37.77
N SER B 353 -7.06 -35.69 -38.55
CA SER B 353 -6.05 -36.61 -39.11
C SER B 353 -4.99 -35.83 -39.90
N ASP B 354 -5.46 -34.99 -40.82
CA ASP B 354 -4.60 -34.13 -41.64
C ASP B 354 -3.69 -33.27 -40.74
N ALA B 355 -4.28 -32.69 -39.70
CA ALA B 355 -3.57 -31.80 -38.79
C ALA B 355 -2.48 -32.55 -38.03
N VAL B 356 -2.76 -33.77 -37.56
CA VAL B 356 -1.78 -34.56 -36.82
C VAL B 356 -0.64 -34.95 -37.77
N ASN B 357 -0.97 -35.33 -39.00
CA ASN B 357 0.04 -35.68 -40.02
C ASN B 357 0.96 -34.47 -40.29
N ALA B 358 0.37 -33.29 -40.45
CA ALA B 358 1.12 -32.05 -40.67
C ALA B 358 2.02 -31.73 -39.47
N TRP B 359 1.50 -31.93 -38.26
CA TRP B 359 2.24 -31.75 -37.00
C TRP B 359 3.47 -32.68 -36.98
N ARG B 360 3.27 -33.93 -37.37
CA ARG B 360 4.35 -34.94 -37.42
C ARG B 360 5.40 -34.54 -38.48
N GLU B 361 4.92 -34.15 -39.67
CA GLU B 361 5.77 -33.75 -40.81
C GLU B 361 6.64 -32.53 -40.42
N ASP B 362 6.12 -31.68 -39.53
CA ASP B 362 6.79 -30.43 -39.15
C ASP B 362 7.64 -30.63 -37.89
N GLY B 363 7.78 -31.88 -37.42
CA GLY B 363 8.71 -32.25 -36.36
C GLY B 363 8.11 -32.24 -34.96
N GLN B 364 6.77 -32.33 -34.88
CA GLN B 364 6.03 -32.41 -33.61
C GLN B 364 6.39 -31.22 -32.69
N GLN B 365 6.36 -30.01 -33.25
CA GLN B 365 6.50 -28.77 -32.50
C GLN B 365 5.12 -28.41 -31.95
N SER B 366 5.00 -27.22 -31.32
CA SER B 366 3.73 -26.73 -30.81
C SER B 366 2.63 -26.85 -31.88
N ILE B 367 1.47 -27.39 -31.47
CA ILE B 367 0.29 -27.63 -32.30
C ILE B 367 -0.59 -26.37 -32.33
N ASP B 368 -0.21 -25.33 -31.58
CA ASP B 368 -0.99 -24.10 -31.36
C ASP B 368 -1.74 -23.67 -32.63
N GLY B 369 -0.99 -23.37 -33.69
CA GLY B 369 -1.57 -22.78 -34.91
C GLY B 369 -2.42 -23.77 -35.70
N ILE B 370 -1.93 -25.02 -35.78
CA ILE B 370 -2.64 -26.09 -36.47
C ILE B 370 -3.98 -26.35 -35.77
N PHE B 371 -3.96 -26.44 -34.44
CA PHE B 371 -5.16 -26.69 -33.65
C PHE B 371 -6.16 -25.53 -33.83
N ASP B 372 -5.67 -24.30 -33.78
CA ASP B 372 -6.50 -23.11 -33.93
C ASP B 372 -7.29 -23.18 -35.25
N GLN B 373 -6.61 -23.59 -36.32
CA GLN B 373 -7.23 -23.66 -37.65
C GLN B 373 -8.35 -24.72 -37.68
N VAL B 374 -8.08 -25.89 -37.11
CA VAL B 374 -9.07 -26.97 -37.06
C VAL B 374 -10.25 -26.52 -36.19
N GLU B 375 -9.96 -25.89 -35.03
CA GLU B 375 -11.02 -25.44 -34.14
C GLU B 375 -11.95 -24.46 -34.87
N SER B 376 -11.36 -23.56 -35.67
CA SER B 376 -12.15 -22.56 -36.42
C SER B 376 -13.10 -23.25 -37.40
N ARG B 377 -12.60 -24.28 -38.10
CA ARG B 377 -13.41 -25.03 -39.06
C ARG B 377 -14.53 -25.78 -38.31
N PHE B 378 -14.19 -26.36 -37.15
CA PHE B 378 -15.15 -27.08 -36.33
C PHE B 378 -16.31 -26.13 -35.92
N VAL B 379 -15.96 -24.95 -35.42
CA VAL B 379 -16.96 -24.01 -34.91
C VAL B 379 -17.92 -23.62 -36.05
N ALA B 380 -17.36 -23.33 -37.23
CA ALA B 380 -18.13 -22.98 -38.42
C ALA B 380 -19.10 -24.11 -38.80
N ALA B 381 -18.60 -25.35 -38.80
CA ALA B 381 -19.39 -26.51 -39.18
C ALA B 381 -20.51 -26.78 -38.17
N TRP B 382 -20.22 -26.58 -36.88
CA TRP B 382 -21.22 -26.85 -35.85
C TRP B 382 -22.36 -25.83 -35.94
N GLU B 383 -21.99 -24.56 -36.03
CA GLU B 383 -22.92 -23.43 -36.18
C GLU B 383 -23.85 -23.68 -37.38
N ASP B 384 -23.24 -24.07 -38.51
CA ASP B 384 -23.94 -24.29 -39.77
CA ASP B 384 -23.94 -24.29 -39.77
C ASP B 384 -24.99 -25.40 -39.60
N ASP B 385 -24.58 -26.54 -39.04
CA ASP B 385 -25.47 -27.68 -38.91
C ASP B 385 -26.55 -27.45 -37.84
N ALA B 386 -26.21 -26.75 -36.75
CA ALA B 386 -27.11 -26.61 -35.59
C ALA B 386 -28.32 -25.70 -35.91
N GLY B 387 -28.13 -24.75 -36.83
CA GLY B 387 -29.18 -23.79 -37.19
C GLY B 387 -29.52 -22.85 -36.06
N LEU B 388 -28.50 -22.12 -35.59
CA LEU B 388 -28.61 -21.19 -34.48
C LEU B 388 -29.49 -20.00 -34.84
N MET B 389 -30.45 -19.70 -33.97
CA MET B 389 -31.22 -18.46 -34.05
C MET B 389 -31.88 -18.21 -32.69
N THR B 390 -32.48 -17.03 -32.51
CA THR B 390 -33.25 -16.73 -31.31
C THR B 390 -34.56 -17.50 -31.40
N TYR B 391 -35.24 -17.66 -30.26
CA TYR B 391 -36.52 -18.33 -30.23
C TYR B 391 -37.54 -17.53 -31.06
N GLY B 392 -37.47 -16.20 -30.93
CA GLY B 392 -38.32 -15.29 -31.72
C GLY B 392 -38.17 -15.53 -33.21
N GLU B 393 -36.92 -15.68 -33.67
CA GLU B 393 -36.61 -15.92 -35.09
C GLU B 393 -37.19 -17.29 -35.52
N ALA B 394 -37.08 -18.29 -34.64
CA ALA B 394 -37.55 -19.65 -34.96
C ALA B 394 -39.08 -19.65 -35.17
N VAL B 395 -39.81 -18.98 -34.28
CA VAL B 395 -41.26 -18.89 -34.37
C VAL B 395 -41.63 -18.06 -35.60
N ALA B 396 -40.92 -16.94 -35.83
CA ALA B 396 -41.18 -16.10 -36.99
C ALA B 396 -41.11 -16.92 -38.29
N ASP B 397 -40.12 -17.81 -38.38
CA ASP B 397 -39.93 -18.66 -39.56
C ASP B 397 -41.18 -19.53 -39.78
N VAL B 398 -41.71 -20.09 -38.70
CA VAL B 398 -42.90 -20.93 -38.77
C VAL B 398 -44.11 -20.10 -39.23
N LEU B 399 -44.27 -18.89 -38.67
CA LEU B 399 -45.44 -18.04 -38.99
C LEU B 399 -45.36 -17.59 -40.46
N GLU B 400 -44.15 -17.25 -40.91
CA GLU B 400 -43.93 -16.83 -42.29
C GLU B 400 -44.29 -17.98 -43.26
N PHE B 401 -43.91 -19.20 -42.87
CA PHE B 401 -44.20 -20.40 -43.66
C PHE B 401 -45.72 -20.60 -43.77
N GLY B 402 -46.42 -20.54 -42.63
CA GLY B 402 -47.89 -20.61 -42.60
C GLY B 402 -48.53 -19.59 -43.53
N GLN B 403 -48.01 -18.36 -43.51
CA GLN B 403 -48.51 -17.28 -44.34
C GLN B 403 -48.29 -17.61 -45.82
N SER B 404 -47.07 -18.04 -46.17
CA SER B 404 -46.71 -18.45 -47.52
C SER B 404 -47.58 -19.63 -48.00
N GLU B 405 -47.95 -20.53 -47.08
CA GLU B 405 -48.77 -21.69 -47.40
C GLU B 405 -50.26 -21.31 -47.51
N GLY B 406 -50.61 -20.05 -47.18
CA GLY B 406 -51.98 -19.56 -47.27
C GLY B 406 -52.85 -20.05 -46.13
N GLU B 407 -52.24 -20.36 -44.99
CA GLU B 407 -52.96 -20.69 -43.75
C GLU B 407 -53.34 -19.41 -43.04
N PRO B 408 -54.42 -19.40 -42.22
CA PRO B 408 -54.93 -18.17 -41.64
C PRO B 408 -53.99 -17.67 -40.52
N ILE B 409 -53.74 -16.36 -40.51
CA ILE B 409 -52.72 -15.77 -39.66
C ILE B 409 -53.29 -15.68 -38.24
N GLY B 410 -52.56 -16.22 -37.26
CA GLY B 410 -52.86 -16.07 -35.84
C GLY B 410 -52.35 -14.74 -35.29
N MET B 411 -51.16 -14.33 -35.75
CA MET B 411 -50.71 -12.94 -35.67
C MET B 411 -49.71 -12.67 -36.82
N ALA B 412 -49.66 -11.40 -37.22
CA ALA B 412 -48.78 -10.89 -38.25
C ALA B 412 -47.32 -11.05 -37.83
N PRO B 413 -46.37 -11.18 -38.78
CA PRO B 413 -44.96 -11.32 -38.46
C PRO B 413 -44.43 -10.21 -37.54
N GLU B 414 -44.76 -8.95 -37.87
CA GLU B 414 -44.29 -7.78 -37.13
C GLU B 414 -44.88 -7.80 -35.72
N GLU B 415 -46.12 -8.28 -35.58
CA GLU B 415 -46.80 -8.36 -34.30
C GLU B 415 -46.09 -9.40 -33.42
N TRP B 416 -45.72 -10.54 -34.02
CA TRP B 416 -45.02 -11.59 -33.27
C TRP B 416 -43.65 -11.06 -32.77
N ARG B 417 -42.92 -10.38 -33.65
CA ARG B 417 -41.58 -9.87 -33.34
C ARG B 417 -41.64 -8.88 -32.16
N ALA B 418 -42.65 -8.01 -32.17
CA ALA B 418 -42.86 -7.04 -31.10
C ALA B 418 -43.15 -7.77 -29.78
N PHE B 419 -43.96 -8.82 -29.84
CA PHE B 419 -44.29 -9.63 -28.68
C PHE B 419 -43.04 -10.34 -28.15
N ALA B 420 -42.30 -11.00 -29.05
CA ALA B 420 -41.15 -11.82 -28.69
C ALA B 420 -40.05 -10.95 -28.04
N ALA B 421 -39.91 -9.70 -28.49
CA ALA B 421 -38.82 -8.81 -28.07
C ALA B 421 -38.92 -8.49 -26.57
N ARG B 422 -40.12 -8.58 -26.00
CA ARG B 422 -40.35 -8.22 -24.61
C ARG B 422 -40.93 -9.40 -23.83
N ALA B 423 -40.77 -10.62 -24.36
CA ALA B 423 -41.32 -11.80 -23.73
C ALA B 423 -40.18 -12.65 -23.15
N SER B 424 -40.43 -13.17 -21.95
CA SER B 424 -39.67 -14.28 -21.42
C SER B 424 -39.81 -15.47 -22.38
N LEU B 425 -38.88 -16.42 -22.28
CA LEU B 425 -38.93 -17.67 -23.04
C LEU B 425 -40.24 -18.40 -22.73
N HIS B 426 -40.60 -18.46 -21.44
CA HIS B 426 -41.83 -19.11 -20.98
C HIS B 426 -43.05 -18.52 -21.69
N ALA B 427 -43.14 -17.19 -21.69
CA ALA B 427 -44.25 -16.46 -22.29
C ALA B 427 -44.25 -16.61 -23.82
N ALA B 428 -43.06 -16.60 -24.43
CA ALA B 428 -42.92 -16.71 -25.89
C ALA B 428 -43.37 -18.10 -26.34
N ARG B 429 -42.96 -19.14 -25.62
CA ARG B 429 -43.31 -20.52 -25.93
C ARG B 429 -44.83 -20.70 -25.80
N ALA B 430 -45.40 -20.18 -24.70
CA ALA B 430 -46.84 -20.29 -24.43
C ALA B 430 -47.64 -19.62 -25.56
N LYS B 431 -47.22 -18.43 -25.99
CA LYS B 431 -47.91 -17.69 -27.04
C LYS B 431 -47.79 -18.44 -28.37
N ALA B 432 -46.58 -18.93 -28.68
CA ALA B 432 -46.33 -19.66 -29.92
C ALA B 432 -47.24 -20.90 -29.98
N LYS B 433 -47.40 -21.57 -28.84
CA LYS B 433 -48.23 -22.77 -28.70
C LYS B 433 -49.69 -22.43 -29.03
N GLU B 434 -50.17 -21.27 -28.56
CA GLU B 434 -51.52 -20.77 -28.88
C GLU B 434 -51.68 -20.58 -30.40
N LEU B 435 -50.61 -20.15 -31.08
CA LEU B 435 -50.64 -19.89 -32.52
C LEU B 435 -50.37 -21.18 -33.32
N GLY B 436 -50.15 -22.30 -32.63
CA GLY B 436 -49.84 -23.59 -33.26
C GLY B 436 -48.45 -23.59 -33.91
N ALA B 437 -47.56 -22.73 -33.41
CA ALA B 437 -46.16 -22.70 -33.80
C ALA B 437 -45.31 -23.17 -32.61
N ASP B 438 -44.74 -24.37 -32.73
CA ASP B 438 -43.93 -24.97 -31.68
C ASP B 438 -42.65 -25.50 -32.29
N PRO B 439 -41.74 -24.62 -32.79
CA PRO B 439 -40.54 -25.08 -33.49
C PRO B 439 -39.54 -25.71 -32.54
N PRO B 440 -38.74 -26.70 -33.00
CA PRO B 440 -37.62 -27.21 -32.23
C PRO B 440 -36.61 -26.08 -31.96
N TRP B 441 -36.22 -25.93 -30.68
CA TRP B 441 -35.30 -24.88 -30.26
C TRP B 441 -34.72 -25.27 -28.89
N ASP B 442 -33.39 -25.24 -28.81
CA ASP B 442 -32.68 -25.73 -27.63
C ASP B 442 -31.41 -24.88 -27.45
N CYS B 443 -31.39 -24.01 -26.44
CA CYS B 443 -30.23 -23.16 -26.17
C CYS B 443 -29.18 -23.92 -25.35
N GLU B 444 -29.57 -25.03 -24.71
CA GLU B 444 -28.66 -25.87 -23.93
C GLU B 444 -27.60 -26.50 -24.87
N LEU B 445 -28.02 -26.92 -26.06
CA LEU B 445 -27.13 -27.62 -27.02
C LEU B 445 -25.97 -26.71 -27.43
N ALA B 446 -26.21 -25.40 -27.44
CA ALA B 446 -25.29 -24.41 -27.99
C ALA B 446 -24.35 -23.84 -26.92
N LYS B 447 -24.44 -24.33 -25.68
CA LYS B 447 -23.61 -23.83 -24.59
C LYS B 447 -22.14 -24.16 -24.86
N THR B 448 -21.26 -23.28 -24.39
CA THR B 448 -19.82 -23.45 -24.50
C THR B 448 -19.36 -24.56 -23.55
N PRO B 449 -18.12 -25.07 -23.68
CA PRO B 449 -17.60 -26.03 -22.70
C PRO B 449 -17.66 -25.58 -21.24
N GLU B 450 -17.49 -24.26 -20.99
CA GLU B 450 -17.59 -23.68 -19.64
C GLU B 450 -19.03 -23.73 -19.13
N GLY B 451 -20.01 -23.82 -20.04
CA GLY B 451 -21.43 -23.79 -19.70
C GLY B 451 -22.07 -22.42 -19.92
N TYR B 452 -21.43 -21.55 -20.72
CA TYR B 452 -22.00 -20.24 -21.03
C TYR B 452 -22.97 -20.35 -22.21
N TYR B 453 -24.01 -19.51 -22.20
CA TYR B 453 -25.01 -19.46 -23.26
C TYR B 453 -24.55 -18.49 -24.34
N GLN B 454 -24.90 -18.78 -25.59
CA GLN B 454 -24.61 -17.89 -26.69
C GLN B 454 -25.76 -16.90 -26.82
N ILE B 455 -25.42 -15.64 -27.10
CA ILE B 455 -26.41 -14.58 -27.22
C ILE B 455 -26.12 -13.76 -28.48
N ARG B 456 -27.16 -13.06 -28.94
CA ARG B 456 -27.10 -12.20 -30.09
C ARG B 456 -26.68 -10.81 -29.61
N GLY B 457 -25.36 -10.58 -29.50
CA GLY B 457 -24.81 -9.30 -29.16
C GLY B 457 -25.12 -8.28 -30.25
N GLY B 458 -25.22 -7.02 -29.87
CA GLY B 458 -25.53 -5.93 -30.79
C GLY B 458 -26.13 -4.76 -30.06
N ILE B 459 -26.42 -3.70 -30.80
CA ILE B 459 -26.94 -2.48 -30.21
C ILE B 459 -28.32 -2.73 -29.62
N PRO B 460 -29.22 -3.52 -30.25
CA PRO B 460 -30.51 -3.83 -29.62
C PRO B 460 -30.37 -4.47 -28.22
N TYR B 461 -29.42 -5.39 -28.06
CA TYR B 461 -29.19 -6.01 -26.75
C TYR B 461 -28.64 -4.96 -25.77
N ALA B 462 -27.71 -4.12 -26.23
CA ALA B 462 -27.15 -3.04 -25.40
C ALA B 462 -28.29 -2.11 -24.92
N ILE B 463 -29.22 -1.81 -25.81
CA ILE B 463 -30.39 -0.99 -25.48
C ILE B 463 -31.21 -1.68 -24.38
N ALA B 464 -31.49 -2.98 -24.56
CA ALA B 464 -32.34 -3.73 -23.62
C ALA B 464 -31.70 -3.75 -22.22
N LYS B 465 -30.41 -4.05 -22.14
CA LYS B 465 -29.70 -4.11 -20.85
C LYS B 465 -29.70 -2.73 -20.20
N SER B 466 -29.45 -1.69 -21.00
CA SER B 466 -29.35 -0.32 -20.50
C SER B 466 -30.72 0.19 -20.02
N LEU B 467 -31.80 -0.13 -20.74
CA LEU B 467 -33.15 0.28 -20.30
C LEU B 467 -33.46 -0.34 -18.93
N ALA B 468 -33.06 -1.60 -18.73
CA ALA B 468 -33.29 -2.29 -17.46
C ALA B 468 -32.50 -1.61 -16.33
N ALA B 469 -31.30 -1.13 -16.64
CA ALA B 469 -30.38 -0.53 -15.66
C ALA B 469 -30.76 0.93 -15.35
N ALA B 470 -31.51 1.59 -16.24
CA ALA B 470 -31.71 3.06 -16.20
C ALA B 470 -32.25 3.53 -14.84
N PRO B 471 -33.25 2.87 -14.22
CA PRO B 471 -33.76 3.31 -12.92
C PRO B 471 -32.78 3.12 -11.75
N PHE B 472 -31.60 2.53 -12.01
CA PHE B 472 -30.63 2.21 -10.98
C PHE B 472 -29.31 2.96 -11.20
N ALA B 473 -29.27 3.87 -12.19
CA ALA B 473 -28.01 4.52 -12.58
C ALA B 473 -28.26 5.98 -12.99
N ASP B 474 -27.24 6.81 -12.81
CA ASP B 474 -27.29 8.23 -13.15
C ASP B 474 -26.87 8.48 -14.60
N ILE B 475 -25.99 7.62 -15.14
CA ILE B 475 -25.46 7.75 -16.49
C ILE B 475 -25.38 6.35 -17.11
N LEU B 476 -25.77 6.23 -18.39
CA LEU B 476 -25.70 4.96 -19.12
C LEU B 476 -24.62 5.07 -20.21
N TRP B 477 -23.93 3.95 -20.45
CA TRP B 477 -22.80 3.88 -21.37
C TRP B 477 -22.84 2.53 -22.09
N MET B 478 -22.88 2.58 -23.42
CA MET B 478 -22.72 1.40 -24.27
C MET B 478 -21.26 1.34 -24.74
N GLU B 479 -20.52 0.33 -24.27
CA GLU B 479 -19.15 0.14 -24.67
C GLU B 479 -19.11 -0.05 -26.20
N THR B 480 -18.23 0.71 -26.86
CA THR B 480 -18.04 0.67 -28.31
C THR B 480 -16.55 0.50 -28.61
N LYS B 481 -16.26 -0.26 -29.66
CA LYS B 481 -14.91 -0.41 -30.22
C LYS B 481 -14.64 0.72 -31.21
N THR B 482 -15.59 0.92 -32.15
CA THR B 482 -15.45 1.90 -33.24
C THR B 482 -16.18 3.20 -32.90
N ALA B 483 -15.58 4.31 -33.33
CA ALA B 483 -16.18 5.62 -33.20
C ALA B 483 -17.14 5.85 -34.37
N ASP B 484 -18.45 5.76 -34.10
CA ASP B 484 -19.47 5.82 -35.14
C ASP B 484 -20.71 6.53 -34.60
N LEU B 485 -21.02 7.71 -35.17
CA LEU B 485 -22.12 8.55 -34.69
C LEU B 485 -23.48 7.84 -34.91
N ALA B 486 -23.63 7.08 -36.00
CA ALA B 486 -24.90 6.38 -36.28
C ALA B 486 -25.21 5.35 -35.20
N ASP B 487 -24.19 4.58 -34.80
CA ASP B 487 -24.31 3.59 -33.73
C ASP B 487 -24.69 4.30 -32.43
N ALA B 488 -24.00 5.42 -32.13
CA ALA B 488 -24.26 6.20 -30.92
C ALA B 488 -25.71 6.70 -30.94
N ARG B 489 -26.18 7.17 -32.10
CA ARG B 489 -27.52 7.71 -32.26
C ARG B 489 -28.58 6.62 -32.02
N GLN B 490 -28.35 5.42 -32.57
CA GLN B 490 -29.29 4.32 -32.40
C GLN B 490 -29.51 4.06 -30.89
N PHE B 491 -28.41 4.01 -30.14
CA PHE B 491 -28.46 3.78 -28.69
C PHE B 491 -29.19 4.95 -27.99
N ALA B 492 -28.72 6.18 -28.24
CA ALA B 492 -29.23 7.36 -27.54
C ALA B 492 -30.74 7.54 -27.78
N GLU B 493 -31.17 7.40 -29.03
CA GLU B 493 -32.58 7.65 -29.35
C GLU B 493 -33.46 6.59 -28.68
N ALA B 494 -32.99 5.34 -28.61
CA ALA B 494 -33.76 4.27 -27.98
C ALA B 494 -33.88 4.48 -26.47
N ILE B 495 -32.81 4.93 -25.82
CA ILE B 495 -32.85 5.23 -24.38
C ILE B 495 -33.81 6.39 -24.15
N HIS B 496 -33.65 7.45 -24.94
CA HIS B 496 -34.36 8.71 -24.70
C HIS B 496 -35.86 8.58 -25.03
N ALA B 497 -36.23 7.59 -25.84
CA ALA B 497 -37.65 7.31 -26.12
C ALA B 497 -38.37 6.89 -24.83
N GLU B 498 -37.67 6.24 -23.90
CA GLU B 498 -38.25 5.78 -22.63
C GLU B 498 -37.84 6.68 -21.46
N PHE B 499 -36.59 7.17 -21.47
CA PHE B 499 -36.02 7.97 -20.40
C PHE B 499 -35.40 9.23 -21.00
N PRO B 500 -36.22 10.26 -21.33
CA PRO B 500 -35.71 11.42 -22.04
C PRO B 500 -34.68 12.26 -21.26
N ASP B 501 -34.63 12.11 -19.94
CA ASP B 501 -33.71 12.88 -19.08
C ASP B 501 -32.43 12.09 -18.75
N GLN B 502 -32.24 10.92 -19.39
CA GLN B 502 -31.14 10.01 -19.04
C GLN B 502 -29.84 10.50 -19.69
N MET B 503 -28.89 10.90 -18.85
CA MET B 503 -27.56 11.29 -19.30
C MET B 503 -26.80 10.04 -19.75
N LEU B 504 -25.98 10.22 -20.79
CA LEU B 504 -25.19 9.13 -21.38
C LEU B 504 -23.70 9.49 -21.33
N ALA B 505 -22.86 8.47 -21.52
CA ALA B 505 -21.41 8.62 -21.63
C ALA B 505 -20.91 7.76 -22.79
N TYR B 506 -19.83 8.21 -23.42
CA TYR B 506 -19.30 7.58 -24.65
C TYR B 506 -17.79 7.41 -24.52
N ASN B 507 -17.31 6.18 -24.73
CA ASN B 507 -15.87 5.89 -24.67
C ASN B 507 -15.27 6.06 -26.06
N LEU B 508 -14.04 6.55 -26.09
CA LEU B 508 -13.23 6.69 -27.29
C LEU B 508 -11.94 5.88 -27.10
N SER B 509 -11.82 4.76 -27.82
CA SER B 509 -10.66 3.90 -27.69
C SER B 509 -9.43 4.59 -28.29
N PRO B 510 -8.30 4.65 -27.55
CA PRO B 510 -7.05 5.16 -28.11
C PRO B 510 -6.44 4.34 -29.25
N SER B 511 -6.86 3.09 -29.39
CA SER B 511 -6.33 2.16 -30.39
C SER B 511 -7.21 2.11 -31.64
N PHE B 512 -8.36 2.78 -31.63
CA PHE B 512 -9.23 2.87 -32.81
C PHE B 512 -8.56 3.81 -33.83
N ASN B 513 -8.26 3.27 -35.01
CA ASN B 513 -7.47 3.99 -36.02
C ASN B 513 -8.37 5.02 -36.70
N TRP B 514 -8.21 6.30 -36.34
CA TRP B 514 -9.08 7.36 -36.86
C TRP B 514 -8.80 7.61 -38.36
N ASP B 515 -7.55 7.46 -38.80
CA ASP B 515 -7.18 7.86 -40.16
C ASP B 515 -7.70 6.87 -41.20
N THR B 516 -7.99 5.62 -40.79
CA THR B 516 -8.47 4.61 -41.73
C THR B 516 -10.00 4.56 -41.76
N THR B 517 -10.67 5.51 -41.07
CA THR B 517 -12.12 5.67 -41.18
C THR B 517 -12.47 6.42 -42.47
N GLY B 518 -11.52 7.20 -43.00
CA GLY B 518 -11.75 8.08 -44.14
C GLY B 518 -12.43 9.38 -43.73
N MET B 519 -12.65 9.59 -42.42
CA MET B 519 -13.23 10.84 -41.95
C MET B 519 -12.32 12.00 -42.32
N THR B 520 -12.92 13.14 -42.68
CA THR B 520 -12.17 14.36 -42.91
C THR B 520 -11.67 14.87 -41.56
N ASP B 521 -10.66 15.75 -41.62
CA ASP B 521 -10.14 16.40 -40.45
C ASP B 521 -11.28 17.10 -39.71
N GLU B 522 -12.20 17.71 -40.46
CA GLU B 522 -13.28 18.50 -39.87
C GLU B 522 -14.29 17.58 -39.18
N GLU B 523 -14.55 16.41 -39.74
CA GLU B 523 -15.45 15.43 -39.12
C GLU B 523 -14.86 14.99 -37.76
N MET B 524 -13.54 14.80 -37.72
CA MET B 524 -12.85 14.42 -36.48
C MET B 524 -12.93 15.55 -35.46
N ARG B 525 -12.77 16.79 -35.93
CA ARG B 525 -12.88 17.97 -35.07
C ARG B 525 -14.27 18.05 -34.43
N ARG B 526 -15.31 17.68 -35.18
CA ARG B 526 -16.69 17.92 -34.77
C ARG B 526 -17.27 16.74 -34.00
N PHE B 527 -16.58 15.59 -34.02
CA PHE B 527 -17.12 14.36 -33.45
C PHE B 527 -17.55 14.56 -32.00
N PRO B 528 -16.72 15.16 -31.11
CA PRO B 528 -17.13 15.37 -29.71
C PRO B 528 -18.42 16.20 -29.55
N GLU B 529 -18.53 17.29 -30.31
CA GLU B 529 -19.73 18.13 -30.27
C GLU B 529 -20.97 17.32 -30.69
N GLU B 530 -20.82 16.47 -31.71
CA GLU B 530 -21.92 15.65 -32.22
C GLU B 530 -22.42 14.69 -31.15
N LEU B 531 -21.49 14.12 -30.37
CA LEU B 531 -21.84 13.26 -29.23
C LEU B 531 -22.70 14.04 -28.23
N GLY B 532 -22.24 15.24 -27.87
CA GLY B 532 -22.93 16.10 -26.91
C GLY B 532 -24.37 16.40 -27.32
N LYS B 533 -24.58 16.58 -28.62
CA LYS B 533 -25.91 16.90 -29.16
C LYS B 533 -26.89 15.76 -28.90
N MET B 534 -26.39 14.53 -28.74
CA MET B 534 -27.25 13.36 -28.55
C MET B 534 -27.39 13.00 -27.06
N GLY B 535 -26.82 13.81 -26.15
CA GLY B 535 -27.00 13.62 -24.70
C GLY B 535 -25.89 12.78 -24.07
N PHE B 536 -24.81 12.53 -24.83
CA PHE B 536 -23.57 11.99 -24.27
C PHE B 536 -22.79 13.16 -23.64
N VAL B 537 -22.86 13.25 -22.31
CA VAL B 537 -22.42 14.46 -21.57
C VAL B 537 -20.95 14.34 -21.14
N PHE B 538 -20.44 13.10 -21.09
CA PHE B 538 -19.10 12.83 -20.55
C PHE B 538 -18.44 11.76 -21.42
N ASN B 539 -17.50 12.19 -22.26
CA ASN B 539 -16.90 11.36 -23.30
C ASN B 539 -15.39 11.39 -23.11
N PHE B 540 -14.74 10.23 -23.25
CA PHE B 540 -13.40 10.07 -22.70
C PHE B 540 -12.54 9.11 -23.53
N ILE B 541 -11.30 9.55 -23.76
CA ILE B 541 -10.26 8.74 -24.34
C ILE B 541 -9.58 7.98 -23.19
N THR B 542 -9.97 6.71 -23.02
CA THR B 542 -9.78 5.95 -21.77
C THR B 542 -8.33 6.04 -21.25
N TYR B 543 -7.38 5.50 -22.01
CA TYR B 543 -5.96 5.49 -21.58
C TYR B 543 -5.10 6.42 -22.44
N GLY B 544 -5.65 7.59 -22.77
CA GLY B 544 -4.93 8.65 -23.50
C GLY B 544 -3.63 9.03 -22.82
N GLY B 545 -3.66 9.18 -21.49
CA GLY B 545 -2.49 9.55 -20.70
C GLY B 545 -1.33 8.58 -20.88
N HIS B 546 -1.64 7.28 -20.87
CA HIS B 546 -0.66 6.21 -21.07
C HIS B 546 0.04 6.38 -22.43
N GLN B 547 -0.76 6.71 -23.46
CA GLN B 547 -0.26 6.81 -24.82
C GLN B 547 0.68 8.02 -24.94
N ILE B 548 0.27 9.18 -24.43
CA ILE B 548 1.08 10.40 -24.59
C ILE B 548 2.36 10.29 -23.75
N ASP B 549 2.28 9.59 -22.61
CA ASP B 549 3.43 9.30 -21.74
C ASP B 549 4.50 8.54 -22.53
N GLY B 550 4.07 7.52 -23.28
CA GLY B 550 4.95 6.67 -24.07
C GLY B 550 5.65 7.44 -25.17
N VAL B 551 4.87 8.21 -25.95
CA VAL B 551 5.37 8.99 -27.06
C VAL B 551 6.40 9.99 -26.52
N ALA B 552 6.07 10.68 -25.41
CA ALA B 552 6.94 11.68 -24.82
C ALA B 552 8.30 11.08 -24.44
N ALA B 553 8.28 9.90 -23.82
CA ALA B 553 9.50 9.23 -23.35
C ALA B 553 10.35 8.77 -24.54
N GLU B 554 9.72 8.15 -25.54
CA GLU B 554 10.40 7.72 -26.76
C GLU B 554 11.13 8.93 -27.38
N GLU B 555 10.40 10.03 -27.56
CA GLU B 555 10.92 11.23 -28.19
C GLU B 555 12.11 11.80 -27.40
N PHE B 556 11.97 11.89 -26.08
CA PHE B 556 13.02 12.52 -25.27
C PHE B 556 14.26 11.62 -25.22
N ALA B 557 14.08 10.31 -25.05
CA ALA B 557 15.19 9.37 -25.00
C ALA B 557 15.96 9.40 -26.33
N THR B 558 15.22 9.40 -27.44
CA THR B 558 15.81 9.47 -28.78
C THR B 558 16.63 10.75 -28.92
N ALA B 559 16.03 11.89 -28.52
CA ALA B 559 16.65 13.21 -28.68
C ALA B 559 17.91 13.30 -27.80
N LEU B 560 17.85 12.77 -26.58
CA LEU B 560 18.99 12.80 -25.67
C LEU B 560 20.16 12.02 -26.29
N ARG B 561 19.87 10.84 -26.85
CA ARG B 561 20.90 9.98 -27.44
C ARG B 561 21.52 10.63 -28.68
N GLN B 562 20.69 11.36 -29.45
CA GLN B 562 21.10 11.90 -30.76
C GLN B 562 21.74 13.28 -30.59
N ASP B 563 21.18 14.14 -29.72
CA ASP B 563 21.54 15.54 -29.67
C ASP B 563 21.99 15.99 -28.26
N GLY B 564 22.28 15.04 -27.36
CA GLY B 564 22.76 15.38 -26.03
C GLY B 564 21.89 16.40 -25.34
N MET B 565 22.51 17.43 -24.73
CA MET B 565 21.80 18.34 -23.86
C MET B 565 20.95 19.33 -24.66
N LEU B 566 21.12 19.36 -25.98
CA LEU B 566 20.24 20.14 -26.86
C LEU B 566 18.80 19.62 -26.74
N ALA B 567 18.65 18.32 -26.43
CA ALA B 567 17.33 17.71 -26.15
C ALA B 567 16.62 18.45 -25.00
N LEU B 568 17.35 18.77 -23.94
CA LEU B 568 16.78 19.49 -22.79
C LEU B 568 16.57 20.97 -23.14
N ALA B 569 17.55 21.57 -23.83
CA ALA B 569 17.44 22.97 -24.24
C ALA B 569 16.15 23.17 -25.05
N ARG B 570 15.86 22.24 -25.97
CA ARG B 570 14.69 22.35 -26.84
C ARG B 570 13.40 22.22 -26.03
N LEU B 571 13.38 21.30 -25.05
CA LEU B 571 12.22 21.14 -24.17
C LEU B 571 11.97 22.44 -23.41
N GLN B 572 13.05 23.04 -22.90
CA GLN B 572 12.98 24.27 -22.12
C GLN B 572 12.41 25.41 -22.99
N ARG B 573 12.87 25.49 -24.25
CA ARG B 573 12.41 26.50 -25.21
C ARG B 573 10.89 26.40 -25.42
N LYS B 574 10.40 25.17 -25.65
CA LYS B 574 8.96 24.94 -25.85
C LYS B 574 8.17 25.44 -24.63
N MET B 575 8.66 25.15 -23.42
CA MET B 575 7.96 25.55 -22.20
C MET B 575 7.88 27.07 -22.10
N ARG B 576 8.96 27.76 -22.49
CA ARG B 576 9.01 29.22 -22.46
C ARG B 576 8.01 29.77 -23.48
N LEU B 577 7.96 29.14 -24.66
CA LEU B 577 7.12 29.57 -25.77
C LEU B 577 5.64 29.59 -25.35
N VAL B 578 5.19 28.55 -24.63
CA VAL B 578 3.77 28.41 -24.27
C VAL B 578 3.53 28.88 -22.83
N GLU B 579 4.56 29.40 -22.16
CA GLU B 579 4.46 29.89 -20.79
C GLU B 579 3.94 28.78 -19.86
N SER B 580 4.49 27.57 -20.02
CA SER B 580 4.15 26.45 -19.16
C SER B 580 4.62 26.70 -17.73
N PRO B 581 3.83 26.37 -16.69
CA PRO B 581 4.31 26.45 -15.31
C PRO B 581 5.45 25.45 -15.03
N TYR B 582 5.69 24.52 -15.95
CA TYR B 582 6.82 23.59 -15.83
C TYR B 582 8.16 24.31 -16.04
N ARG B 583 8.15 25.55 -16.55
CA ARG B 583 9.35 26.38 -16.70
C ARG B 583 9.99 26.64 -15.33
N THR B 584 9.14 26.76 -14.29
CA THR B 584 9.60 27.00 -12.90
C THR B 584 9.11 25.85 -12.02
N PRO B 585 9.74 24.66 -12.14
CA PRO B 585 9.19 23.46 -11.51
C PRO B 585 9.13 23.52 -9.97
N GLN B 586 10.05 24.26 -9.35
CA GLN B 586 10.04 24.38 -7.88
C GLN B 586 8.78 25.13 -7.41
N THR B 587 8.32 26.11 -8.20
CA THR B 587 7.08 26.82 -7.92
C THR B 587 5.89 25.89 -8.17
N LEU B 588 5.92 25.17 -9.31
CA LEU B 588 4.85 24.27 -9.72
C LEU B 588 4.46 23.31 -8.59
N VAL B 589 5.46 22.72 -7.92
CA VAL B 589 5.20 21.64 -6.94
C VAL B 589 4.96 22.20 -5.53
N GLY B 590 5.04 23.53 -5.35
CA GLY B 590 4.57 24.18 -4.11
C GLY B 590 5.68 24.71 -3.21
N GLY B 591 6.84 25.04 -3.78
CA GLY B 591 7.97 25.59 -3.03
C GLY B 591 7.57 26.78 -2.15
N PRO B 592 6.89 27.82 -2.70
CA PRO B 592 6.52 28.99 -1.91
C PRO B 592 5.69 28.69 -0.66
N ARG B 593 4.64 27.86 -0.79
CA ARG B 593 3.79 27.52 0.35
C ARG B 593 4.59 26.70 1.38
N SER B 594 5.50 25.84 0.91
CA SER B 594 6.35 25.04 1.79
CA SER B 594 6.35 25.04 1.79
C SER B 594 7.31 25.95 2.59
N ASP B 595 7.89 26.95 1.91
CA ASP B 595 8.77 27.91 2.57
CA ASP B 595 8.77 27.91 2.56
C ASP B 595 8.00 28.63 3.69
N ALA B 596 6.74 29.00 3.39
CA ALA B 596 5.89 29.67 4.37
C ALA B 596 5.65 28.74 5.57
N ALA B 597 5.48 27.45 5.32
CA ALA B 597 5.27 26.47 6.40
C ALA B 597 6.52 26.37 7.29
N LEU B 598 7.71 26.44 6.70
CA LEU B 598 8.95 26.44 7.48
C LEU B 598 9.01 27.70 8.37
N ALA B 599 8.63 28.85 7.82
CA ALA B 599 8.64 30.11 8.56
C ALA B 599 7.72 30.00 9.78
N ALA B 600 6.52 29.43 9.59
CA ALA B 600 5.57 29.23 10.69
C ALA B 600 6.13 28.24 11.72
N SER B 601 6.66 27.10 11.24
CA SER B 601 7.11 26.01 12.11
C SER B 601 8.28 26.45 13.00
N SER B 602 9.16 27.31 12.46
CA SER B 602 10.41 27.73 13.12
C SER B 602 10.27 29.10 13.81
N GLY B 603 9.10 29.73 13.72
CA GLY B 603 8.91 31.12 14.21
C GLY B 603 9.85 32.10 13.50
N ARG B 604 10.11 31.83 12.21
CA ARG B 604 11.00 32.63 11.34
C ARG B 604 12.44 32.65 11.86
N THR B 605 12.87 31.63 12.63
CA THR B 605 14.25 31.58 13.16
C THR B 605 15.14 30.68 12.30
N ALA B 606 14.54 29.88 11.40
CA ALA B 606 15.33 29.00 10.53
C ALA B 606 16.16 29.85 9.59
N THR B 607 17.45 29.53 9.45
CA THR B 607 18.39 30.33 8.69
C THR B 607 18.28 29.99 7.19
N THR B 608 17.91 30.99 6.40
CA THR B 608 17.76 30.84 4.94
C THR B 608 18.69 31.78 4.16
N LYS B 609 19.30 32.77 4.82
CA LYS B 609 20.21 33.74 4.18
C LYS B 609 21.66 33.32 4.40
N ALA B 610 22.49 33.49 3.36
CA ALA B 610 23.89 33.05 3.37
C ALA B 610 24.81 34.18 3.84
N MET B 611 25.90 33.81 4.53
CA MET B 611 27.06 34.67 4.81
C MET B 611 28.32 34.03 4.20
N GLY B 612 29.21 34.87 3.67
CA GLY B 612 30.45 34.45 3.00
C GLY B 612 30.47 34.88 1.55
N HIS B 620 40.53 41.98 4.94
CA HIS B 620 41.79 42.09 5.68
C HIS B 620 41.52 42.28 7.18
N LEU B 621 42.44 41.76 8.00
CA LEU B 621 42.41 41.95 9.44
C LEU B 621 42.84 43.40 9.76
N VAL B 622 42.31 43.95 10.86
CA VAL B 622 42.72 45.30 11.31
C VAL B 622 44.25 45.33 11.51
N GLN B 623 44.85 44.20 11.94
CA GLN B 623 46.29 44.14 12.24
C GLN B 623 47.15 44.17 10.96
N THR B 624 46.55 44.08 9.78
CA THR B 624 47.28 44.11 8.50
C THR B 624 46.87 45.32 7.66
N GLU B 625 46.15 46.28 8.25
CA GLU B 625 45.58 47.39 7.48
C GLU B 625 46.56 48.57 7.39
N VAL B 626 47.64 48.58 8.16
CA VAL B 626 48.50 49.75 8.32
C VAL B 626 49.92 49.39 7.92
N PRO B 627 50.33 49.65 6.65
CA PRO B 627 51.71 49.38 6.21
C PRO B 627 52.69 50.52 6.53
N ARG B 628 53.98 50.19 6.61
CA ARG B 628 55.07 51.15 6.78
C ARG B 628 54.99 52.23 5.68
N LYS B 629 54.60 51.82 4.47
CA LYS B 629 54.59 52.73 3.32
C LYS B 629 53.62 53.91 3.56
N LEU B 630 52.61 53.74 4.40
CA LEU B 630 51.70 54.86 4.73
C LEU B 630 52.48 56.01 5.38
N LEU B 631 53.35 55.69 6.34
CA LEU B 631 54.18 56.71 6.99
C LEU B 631 55.14 57.32 5.96
N GLU B 632 55.67 56.48 5.05
CA GLU B 632 56.58 56.97 4.00
C GLU B 632 55.86 58.01 3.11
N GLU B 633 54.58 57.77 2.79
CA GLU B 633 53.77 58.72 2.01
C GLU B 633 53.61 60.04 2.78
N TRP B 634 53.33 59.96 4.07
CA TRP B 634 53.18 61.15 4.90
C TRP B 634 54.50 61.93 4.96
N LEU B 635 55.62 61.20 5.06
CA LEU B 635 56.94 61.83 5.16
C LEU B 635 57.34 62.46 3.82
N ALA B 636 56.84 61.92 2.71
CA ALA B 636 57.04 62.54 1.40
C ALA B 636 56.29 63.88 1.33
N MET B 637 55.08 63.93 1.89
CA MET B 637 54.30 65.18 2.00
C MET B 637 55.08 66.18 2.86
N TRP B 638 55.62 65.68 3.98
CA TRP B 638 56.39 66.44 4.93
C TRP B 638 57.65 67.02 4.28
N SER B 639 58.46 66.14 3.67
CA SER B 639 59.70 66.51 2.99
C SER B 639 59.41 67.54 1.90
N GLY B 640 58.31 67.33 1.18
CA GLY B 640 57.84 68.24 0.13
C GLY B 640 57.58 69.64 0.67
N HIS B 641 56.84 69.74 1.78
CA HIS B 641 56.49 71.03 2.36
C HIS B 641 57.77 71.78 2.78
N TYR B 642 58.69 71.07 3.43
CA TYR B 642 59.88 71.69 4.01
C TYR B 642 61.03 71.76 3.01
N GLN B 643 60.78 71.34 1.76
CA GLN B 643 61.73 71.43 0.65
C GLN B 643 63.04 70.74 1.04
N LEU B 644 62.91 69.57 1.66
CA LEU B 644 64.04 68.73 2.00
C LEU B 644 64.24 67.69 0.91
N LYS B 645 65.52 67.51 0.54
CA LYS B 645 65.98 66.69 -0.55
C LYS B 645 66.64 65.47 0.08
N ASP B 646 65.80 64.59 0.60
CA ASP B 646 66.21 63.32 1.18
C ASP B 646 64.96 62.45 1.30
N LYS B 647 64.92 61.38 0.50
CA LYS B 647 63.79 60.45 0.51
C LYS B 647 63.86 59.62 1.80
N LEU B 648 62.85 59.78 2.65
CA LEU B 648 62.81 59.15 3.95
C LEU B 648 62.14 57.78 3.84
N ARG B 649 62.83 56.79 4.40
CA ARG B 649 62.40 55.40 4.47
C ARG B 649 62.04 55.09 5.93
N VAL B 650 61.05 54.21 6.11
CA VAL B 650 60.60 53.76 7.43
C VAL B 650 61.04 52.31 7.63
N GLN B 651 61.63 52.06 8.79
CA GLN B 651 62.06 50.75 9.24
C GLN B 651 61.38 50.44 10.58
N LEU B 652 60.76 49.26 10.70
CA LEU B 652 60.23 48.78 11.97
C LEU B 652 60.66 47.33 12.20
N ARG B 653 61.57 47.13 13.16
CA ARG B 653 62.17 45.84 13.44
C ARG B 653 62.43 45.72 14.94
N PRO B 654 62.64 44.49 15.47
CA PRO B 654 63.12 44.33 16.84
C PRO B 654 64.37 45.18 17.06
N GLN B 655 64.46 45.82 18.23
CA GLN B 655 65.52 46.76 18.54
C GLN B 655 66.87 46.04 18.57
N ARG B 656 66.83 44.75 18.97
CA ARG B 656 67.95 43.83 18.77
C ARG B 656 67.36 42.42 18.56
N ALA B 657 68.21 41.49 18.11
CA ALA B 657 67.78 40.14 17.74
C ALA B 657 67.04 39.48 18.90
N GLY B 658 65.83 38.99 18.62
CA GLY B 658 65.05 38.16 19.55
C GLY B 658 64.32 38.96 20.62
N SER B 659 64.32 40.30 20.50
CA SER B 659 63.73 41.20 21.50
C SER B 659 62.27 41.49 21.13
N GLU B 660 61.43 41.70 22.16
CA GLU B 660 60.05 42.13 21.99
C GLU B 660 59.98 43.66 21.94
N VAL B 661 61.08 44.33 22.29
CA VAL B 661 61.21 45.77 22.13
C VAL B 661 61.47 46.06 20.64
N LEU B 662 60.70 46.99 20.08
CA LEU B 662 60.78 47.36 18.67
C LEU B 662 61.47 48.72 18.53
N GLU B 663 62.02 48.96 17.33
CA GLU B 663 62.56 50.26 16.94
C GLU B 663 61.96 50.67 15.60
N LEU B 664 61.22 51.79 15.62
CA LEU B 664 60.81 52.53 14.44
C LEU B 664 61.96 53.48 14.12
N GLY B 665 62.57 53.31 12.94
CA GLY B 665 63.65 54.19 12.47
C GLY B 665 63.24 54.91 11.19
N ILE B 666 63.56 56.21 11.12
CA ILE B 666 63.46 56.99 9.90
C ILE B 666 64.87 57.11 9.34
N HIS B 667 65.07 56.62 8.11
CA HIS B 667 66.37 56.60 7.46
C HIS B 667 66.34 57.44 6.18
N GLY B 668 67.45 58.17 5.94
CA GLY B 668 67.66 58.91 4.73
C GLY B 668 68.24 58.03 3.63
N GLU B 669 68.59 58.66 2.51
CA GLU B 669 69.11 57.99 1.31
C GLU B 669 70.44 57.29 1.62
N SER B 670 71.23 57.86 2.54
CA SER B 670 72.52 57.31 2.97
C SER B 670 72.35 56.22 4.04
N ASP B 671 71.11 55.96 4.46
CA ASP B 671 70.72 54.96 5.46
C ASP B 671 71.02 55.46 6.89
N ASP B 672 71.40 56.74 7.03
CA ASP B 672 71.61 57.34 8.36
C ASP B 672 70.28 57.41 9.10
N LYS B 673 70.31 57.15 10.41
CA LYS B 673 69.13 57.17 11.25
C LYS B 673 68.85 58.61 11.69
N LEU B 674 67.77 59.19 11.17
CA LEU B 674 67.45 60.60 11.35
C LEU B 674 66.45 60.82 12.49
N ALA B 675 65.67 59.77 12.80
CA ALA B 675 64.76 59.81 13.95
C ALA B 675 64.45 58.37 14.37
N ASN B 676 64.02 58.18 15.62
CA ASN B 676 63.61 56.86 16.06
C ASN B 676 62.61 56.95 17.22
N VAL B 677 61.90 55.83 17.40
CA VAL B 677 61.14 55.52 18.59
C VAL B 677 61.44 54.07 18.95
N ILE B 678 61.91 53.85 20.19
CA ILE B 678 62.13 52.52 20.74
C ILE B 678 61.02 52.27 21.75
N PHE B 679 60.26 51.18 21.56
CA PHE B 679 59.02 50.98 22.29
C PHE B 679 58.63 49.50 22.27
N GLN B 680 57.81 49.10 23.24
CA GLN B 680 57.22 47.77 23.26
C GLN B 680 55.69 47.91 23.35
N PRO B 681 54.94 47.29 22.41
CA PRO B 681 53.49 47.21 22.54
C PRO B 681 53.13 46.12 23.58
N ILE B 682 52.25 46.47 24.51
CA ILE B 682 51.81 45.58 25.58
C ILE B 682 50.29 45.69 25.71
N GLN B 683 49.71 44.74 26.43
CA GLN B 683 48.28 44.78 26.78
C GLN B 683 48.18 44.82 28.31
N ASP B 684 47.27 45.67 28.81
CA ASP B 684 46.99 45.75 30.25
C ASP B 684 45.96 44.66 30.59
N ARG B 685 45.55 44.63 31.87
CA ARG B 685 44.60 43.62 32.39
C ARG B 685 43.28 43.67 31.61
N ARG B 686 42.86 44.86 31.18
CA ARG B 686 41.59 45.07 30.46
C ARG B 686 41.71 44.78 28.96
N GLY B 687 42.91 44.38 28.51
CA GLY B 687 43.18 44.04 27.11
C GLY B 687 43.45 45.26 26.24
N ARG B 688 43.62 46.43 26.85
CA ARG B 688 43.91 47.68 26.11
C ARG B 688 45.39 47.68 25.69
N THR B 689 45.66 48.13 24.45
CA THR B 689 47.04 48.22 23.95
C THR B 689 47.69 49.53 24.41
N ILE B 690 48.87 49.41 25.01
CA ILE B 690 49.69 50.54 25.43
C ILE B 690 51.06 50.41 24.74
N LEU B 691 51.59 51.52 24.25
CA LEU B 691 52.97 51.57 23.75
C LEU B 691 53.88 52.07 24.88
N LEU B 692 54.79 51.21 25.35
CA LEU B 692 55.83 51.57 26.32
C LEU B 692 57.04 52.11 25.58
N VAL B 693 57.24 53.44 25.63
CA VAL B 693 58.33 54.09 24.91
C VAL B 693 59.55 54.21 25.83
N ARG B 694 60.64 53.56 25.42
CA ARG B 694 61.93 53.63 26.11
C ARG B 694 62.70 54.88 25.69
N ASP B 695 62.57 55.27 24.42
CA ASP B 695 63.39 56.33 23.85
C ASP B 695 62.74 56.85 22.57
N GLN B 696 62.88 58.15 22.33
CA GLN B 696 62.51 58.77 21.06
C GLN B 696 63.49 59.91 20.80
N ASN B 697 63.85 60.11 19.52
CA ASN B 697 64.84 61.09 19.12
C ASN B 697 64.51 61.63 17.73
N THR B 698 64.68 62.94 17.56
CA THR B 698 64.87 63.55 16.25
C THR B 698 66.35 63.94 16.14
N PHE B 699 67.15 63.10 15.47
CA PHE B 699 68.60 63.20 15.47
C PHE B 699 69.06 64.36 14.58
N GLY B 700 68.54 64.44 13.35
CA GLY B 700 68.88 65.52 12.42
C GLY B 700 68.34 66.86 12.90
N ALA B 701 69.24 67.84 13.05
CA ALA B 701 68.90 69.18 13.57
C ALA B 701 67.98 69.93 12.59
N GLU B 702 68.20 69.71 11.30
CA GLU B 702 67.39 70.30 10.23
C GLU B 702 65.94 69.81 10.30
N LEU B 703 65.70 68.65 10.91
CA LEU B 703 64.40 67.98 10.92
C LEU B 703 63.57 68.38 12.15
N ARG B 704 64.18 69.07 13.11
CA ARG B 704 63.55 69.37 14.40
C ARG B 704 62.54 70.51 14.25
N GLN B 705 61.61 70.59 15.21
CA GLN B 705 60.62 71.68 15.32
C GLN B 705 59.69 71.70 14.11
N LYS B 706 59.47 70.53 13.49
CA LYS B 706 58.69 70.43 12.27
C LYS B 706 57.63 69.32 12.37
N ARG B 707 57.36 68.84 13.60
CA ARG B 707 56.26 67.90 13.91
C ARG B 707 56.53 66.50 13.34
N LEU B 708 57.81 66.17 13.09
CA LEU B 708 58.17 64.86 12.56
C LEU B 708 57.72 63.77 13.54
N MET B 709 58.03 63.96 14.82
CA MET B 709 57.78 62.95 15.84
C MET B 709 56.26 62.77 16.03
N THR B 710 55.48 63.84 15.80
CA THR B 710 54.02 63.79 15.83
C THR B 710 53.51 62.84 14.73
N LEU B 711 54.09 62.94 13.53
CA LEU B 711 53.70 62.08 12.41
C LEU B 711 54.01 60.62 12.71
N ILE B 712 55.18 60.37 13.30
CA ILE B 712 55.61 59.02 13.65
C ILE B 712 54.62 58.43 14.67
N HIS B 713 54.25 59.22 15.69
CA HIS B 713 53.31 58.78 16.73
C HIS B 713 51.92 58.53 16.15
N LEU B 714 51.48 59.39 15.22
CA LEU B 714 50.20 59.19 14.54
C LEU B 714 50.19 57.80 13.90
N TRP B 715 51.29 57.47 13.21
CA TRP B 715 51.39 56.17 12.52
C TRP B 715 51.42 55.03 13.55
N LEU B 716 52.22 55.17 14.61
CA LEU B 716 52.39 54.12 15.61
C LEU B 716 51.04 53.81 16.29
N VAL B 717 50.31 54.87 16.65
CA VAL B 717 49.04 54.74 17.36
C VAL B 717 48.02 54.04 16.45
N HIS B 718 48.03 54.39 15.16
CA HIS B 718 47.17 53.78 14.15
C HIS B 718 47.58 52.32 13.90
N ARG B 719 48.88 52.07 13.72
CA ARG B 719 49.41 50.74 13.43
C ARG B 719 49.02 49.75 14.53
N PHE B 720 49.21 50.14 15.80
CA PHE B 720 49.04 49.22 16.94
C PHE B 720 47.68 49.41 17.63
N LYS B 721 46.84 50.31 17.10
CA LYS B 721 45.51 50.62 17.67
C LYS B 721 45.66 50.84 19.17
N ALA B 722 46.56 51.77 19.53
CA ALA B 722 46.95 52.01 20.91
C ALA B 722 45.89 52.89 21.59
N GLN B 723 45.66 52.61 22.89
CA GLN B 723 44.78 53.41 23.73
C GLN B 723 45.59 54.49 24.45
N ALA B 724 46.86 54.18 24.75
CA ALA B 724 47.74 55.09 25.49
C ALA B 724 49.19 54.83 25.11
N VAL B 725 50.04 55.81 25.41
CA VAL B 725 51.49 55.74 25.26
C VAL B 725 52.12 56.16 26.59
N HIS B 726 53.02 55.33 27.12
CA HIS B 726 53.74 55.57 28.37
C HIS B 726 55.22 55.81 28.06
N TYR B 727 55.80 56.86 28.66
CA TYR B 727 57.18 57.19 28.51
C TYR B 727 57.93 57.05 29.84
N VAL B 728 59.16 56.56 29.76
CA VAL B 728 60.20 56.83 30.81
C VAL B 728 60.66 58.30 30.78
N THR B 729 61.11 58.82 31.94
CA THR B 729 61.58 60.21 32.05
C THR B 729 63.00 60.27 32.58
N PRO B 730 64.01 59.70 31.91
CA PRO B 730 65.40 59.92 32.28
C PRO B 730 65.93 61.28 31.78
N THR B 731 65.15 61.98 30.94
CA THR B 731 65.39 63.38 30.56
C THR B 731 64.04 64.05 30.29
N ASP B 732 64.05 65.38 30.20
CA ASP B 732 62.85 66.21 29.98
C ASP B 732 62.53 66.39 28.48
N ASP B 733 63.23 65.66 27.59
CA ASP B 733 62.86 65.70 26.14
C ASP B 733 61.46 65.08 25.94
N ASN B 734 61.19 63.99 26.68
CA ASN B 734 59.94 63.25 26.59
C ASN B 734 58.78 64.12 27.08
N LEU B 735 59.00 64.87 28.17
CA LEU B 735 58.01 65.83 28.67
C LEU B 735 57.72 66.90 27.61
N TYR B 736 58.78 67.44 27.02
CA TYR B 736 58.67 68.44 25.95
C TYR B 736 57.87 67.86 24.76
N GLN B 737 58.30 66.69 24.28
CA GLN B 737 57.73 66.10 23.07
C GLN B 737 56.25 65.72 23.26
N THR B 738 55.93 65.14 24.42
CA THR B 738 54.55 64.70 24.71
C THR B 738 53.63 65.92 24.85
N SER B 739 54.15 67.01 25.45
CA SER B 739 53.40 68.27 25.54
C SER B 739 53.07 68.80 24.13
N LYS B 740 54.08 68.82 23.26
CA LYS B 740 53.90 69.25 21.88
C LYS B 740 52.81 68.41 21.17
N MET B 741 52.88 67.08 21.34
CA MET B 741 51.96 66.19 20.63
C MET B 741 50.54 66.32 21.19
N LYS B 742 50.44 66.66 22.48
CA LYS B 742 49.14 66.97 23.09
C LYS B 742 48.53 68.21 22.40
N SER B 743 49.36 69.23 22.15
CA SER B 743 48.87 70.48 21.52
C SER B 743 48.43 70.20 20.07
N HIS B 744 49.07 69.24 19.41
CA HIS B 744 48.68 68.82 18.05
C HIS B 744 47.43 67.93 18.08
N GLY B 745 47.06 67.45 19.28
CA GLY B 745 45.78 66.76 19.50
C GLY B 745 45.90 65.25 19.46
N ILE B 746 47.13 64.73 19.36
CA ILE B 746 47.37 63.26 19.33
C ILE B 746 46.87 62.65 20.65
N PHE B 747 47.07 63.39 21.74
CA PHE B 747 46.70 62.97 23.09
C PHE B 747 45.66 63.92 23.67
N THR B 748 44.64 63.36 24.35
CA THR B 748 43.67 64.15 25.12
C THR B 748 44.34 64.70 26.38
N GLU B 749 45.02 63.82 27.13
CA GLU B 749 45.70 64.17 28.37
C GLU B 749 47.12 63.58 28.37
N VAL B 750 48.03 64.33 29.00
CA VAL B 750 49.40 63.90 29.28
C VAL B 750 49.72 64.28 30.74
N ASN B 751 50.18 63.30 31.52
CA ASN B 751 50.40 63.47 32.96
C ASN B 751 51.57 62.59 33.41
N GLN B 752 52.48 63.19 34.18
CA GLN B 752 53.52 62.46 34.87
C GLN B 752 52.89 61.82 36.13
N GLU B 753 52.98 60.50 36.22
CA GLU B 753 52.40 59.71 37.31
C GLU B 753 53.52 59.22 38.25
N VAL B 754 53.09 58.60 39.36
CA VAL B 754 53.98 57.97 40.32
C VAL B 754 54.90 57.00 39.58
N GLY B 755 56.18 57.02 39.97
CA GLY B 755 57.24 56.31 39.25
C GLY B 755 57.91 57.17 38.20
N GLU B 756 57.39 58.40 38.03
CA GLU B 756 57.92 59.39 37.08
C GLU B 756 57.78 58.86 35.64
N ILE B 757 56.61 58.28 35.35
CA ILE B 757 56.22 57.80 34.02
C ILE B 757 55.23 58.81 33.46
N ILE B 758 55.41 59.21 32.20
CA ILE B 758 54.43 60.05 31.50
C ILE B 758 53.41 59.12 30.84
N VAL B 759 52.13 59.32 31.18
CA VAL B 759 51.03 58.58 30.61
C VAL B 759 50.25 59.53 29.70
N ALA B 760 50.19 59.18 28.41
CA ALA B 760 49.53 59.95 27.37
C ALA B 760 48.36 59.15 26.79
N GLU B 761 47.15 59.68 26.95
CA GLU B 761 45.92 59.03 26.48
C GLU B 761 45.62 59.50 25.06
N VAL B 762 45.28 58.55 24.19
CA VAL B 762 45.11 58.82 22.76
C VAL B 762 43.76 59.51 22.53
N ASN B 763 43.77 60.54 21.69
CA ASN B 763 42.59 61.29 21.27
C ASN B 763 42.03 60.65 20.00
N HIS B 764 41.13 59.67 20.18
CA HIS B 764 40.67 58.82 19.07
C HIS B 764 39.99 59.65 18.00
N PRO B 765 39.06 60.60 18.33
CA PRO B 765 38.47 61.47 17.31
C PRO B 765 39.48 62.24 16.46
N ARG B 766 40.56 62.75 17.08
CA ARG B 766 41.60 63.51 16.36
C ARG B 766 42.39 62.57 15.44
N ILE B 767 42.68 61.35 15.92
CA ILE B 767 43.38 60.36 15.10
C ILE B 767 42.53 60.07 13.86
N ALA B 768 41.23 59.84 14.05
CA ALA B 768 40.29 59.56 12.95
C ALA B 768 40.27 60.72 11.95
N GLU B 769 40.23 61.95 12.48
CA GLU B 769 40.23 63.17 11.64
C GLU B 769 41.47 63.20 10.75
N LEU B 770 42.64 62.93 11.34
CA LEU B 770 43.92 63.01 10.64
C LEU B 770 44.04 61.91 9.58
N LEU B 771 43.39 60.76 9.81
CA LEU B 771 43.48 59.60 8.90
C LEU B 771 42.46 59.68 7.76
N THR B 772 41.63 60.74 7.73
CA THR B 772 40.64 60.94 6.66
C THR B 772 41.34 60.83 5.30
N PRO B 773 40.79 60.04 4.34
CA PRO B 773 41.46 59.82 3.05
C PRO B 773 41.80 61.08 2.23
N ASP B 774 41.03 62.17 2.43
CA ASP B 774 41.23 63.43 1.69
C ASP B 774 42.53 64.13 2.13
N ARG B 775 43.04 63.74 3.31
CA ARG B 775 44.34 64.21 3.84
C ARG B 775 44.34 65.73 4.08
N VAL B 776 43.15 66.34 4.23
CA VAL B 776 43.03 67.79 4.42
C VAL B 776 43.57 68.16 5.81
N ALA B 777 43.06 67.49 6.85
CA ALA B 777 43.49 67.73 8.23
C ALA B 777 44.97 67.39 8.39
N LEU B 778 45.44 66.34 7.72
CA LEU B 778 46.83 65.90 7.81
C LEU B 778 47.76 66.95 7.19
N ARG B 779 47.38 67.46 6.01
CA ARG B 779 48.17 68.50 5.33
C ARG B 779 48.26 69.75 6.22
N LYS B 780 47.14 70.11 6.85
CA LYS B 780 47.06 71.24 7.77
C LYS B 780 48.03 71.03 8.95
N LEU B 781 48.08 69.80 9.49
CA LEU B 781 49.01 69.48 10.59
C LEU B 781 50.45 69.66 10.10
N ILE B 782 50.76 69.16 8.91
CA ILE B 782 52.13 69.17 8.38
C ILE B 782 52.58 70.62 8.07
N THR B 783 51.69 71.43 7.49
CA THR B 783 52.05 72.77 6.99
C THR B 783 51.80 73.88 8.04
N LYS B 784 51.18 73.55 9.17
CA LYS B 784 50.87 74.50 10.26
C LYS B 784 49.93 75.58 9.76
N THR C 32 20.81 -22.82 -32.66
CA THR C 32 21.34 -21.49 -32.23
C THR C 32 21.37 -21.44 -30.70
N PRO C 33 22.18 -20.54 -30.09
CA PRO C 33 22.15 -20.36 -28.63
C PRO C 33 20.75 -20.13 -28.06
N PHE C 34 19.94 -19.32 -28.76
CA PHE C 34 18.58 -18.98 -28.34
C PHE C 34 17.73 -20.25 -28.21
N GLU C 35 17.75 -21.08 -29.26
CA GLU C 35 16.96 -22.31 -29.32
C GLU C 35 17.47 -23.30 -28.27
N GLN C 36 18.80 -23.35 -28.07
CA GLN C 36 19.43 -24.28 -27.14
C GLN C 36 19.04 -23.91 -25.71
N ASP C 37 19.10 -22.61 -25.38
CA ASP C 37 18.74 -22.12 -24.06
C ASP C 37 17.29 -22.50 -23.75
N PHE C 38 16.40 -22.33 -24.72
CA PHE C 38 14.99 -22.65 -24.56
C PHE C 38 14.81 -24.16 -24.33
N GLU C 39 15.45 -24.97 -25.18
CA GLU C 39 15.30 -26.43 -25.14
C GLU C 39 15.83 -26.97 -23.81
N LYS C 40 16.90 -26.35 -23.30
CA LYS C 40 17.51 -26.74 -22.05
C LYS C 40 16.53 -26.51 -20.88
N ASP C 41 15.87 -25.34 -20.86
CA ASP C 41 14.92 -25.04 -19.77
C ASP C 41 13.67 -25.93 -19.91
N VAL C 42 13.23 -26.20 -21.15
CA VAL C 42 12.09 -27.08 -21.37
C VAL C 42 12.41 -28.47 -20.79
N ALA C 43 13.63 -28.98 -21.05
CA ALA C 43 14.04 -30.29 -20.58
C ALA C 43 14.06 -30.32 -19.04
N ALA C 44 14.62 -29.26 -18.43
CA ALA C 44 14.67 -29.17 -16.97
C ALA C 44 13.25 -29.13 -16.38
N THR C 45 12.37 -28.37 -17.05
CA THR C 45 10.98 -28.22 -16.61
C THR C 45 10.25 -29.56 -16.73
N GLN C 46 10.51 -30.31 -17.81
CA GLN C 46 9.88 -31.62 -18.00
C GLN C 46 10.33 -32.59 -16.89
N ARG C 47 11.62 -32.57 -16.55
CA ARG C 47 12.13 -33.43 -15.46
C ARG C 47 11.42 -33.08 -14.15
N TYR C 48 11.22 -31.78 -13.91
CA TYR C 48 10.50 -31.29 -12.74
C TYR C 48 9.06 -31.84 -12.75
N PHE C 49 8.36 -31.69 -13.88
CA PHE C 49 6.99 -32.20 -14.03
C PHE C 49 6.92 -33.70 -13.69
N ASP C 50 7.93 -34.44 -14.15
CA ASP C 50 7.93 -35.91 -14.11
C ASP C 50 8.43 -36.44 -12.77
N SER C 51 8.89 -35.55 -11.88
CA SER C 51 9.47 -35.96 -10.60
C SER C 51 8.37 -36.57 -9.70
N SER C 52 8.81 -37.36 -8.71
CA SER C 52 7.88 -38.10 -7.83
C SER C 52 6.98 -37.14 -7.03
N ARG C 53 7.45 -35.90 -6.80
CA ARG C 53 6.66 -34.83 -6.17
C ARG C 53 5.25 -34.74 -6.80
N PHE C 54 5.15 -34.92 -8.12
CA PHE C 54 3.90 -34.70 -8.86
C PHE C 54 3.29 -36.02 -9.37
N ALA C 55 3.68 -37.15 -8.80
CA ALA C 55 3.05 -38.44 -9.13
C ALA C 55 1.54 -38.31 -8.98
N GLY C 56 0.80 -38.66 -10.04
CA GLY C 56 -0.66 -38.68 -10.01
C GLY C 56 -1.30 -37.34 -10.37
N ILE C 57 -0.50 -36.28 -10.51
CA ILE C 57 -1.02 -34.95 -10.84
C ILE C 57 -1.14 -34.82 -12.36
N ILE C 58 -2.28 -34.29 -12.80
CA ILE C 58 -2.53 -33.95 -14.19
C ILE C 58 -2.37 -32.43 -14.37
N ARG C 59 -1.48 -32.03 -15.27
CA ARG C 59 -1.36 -30.66 -15.73
C ARG C 59 -2.04 -30.55 -17.09
N LEU C 60 -2.84 -29.49 -17.31
CA LEU C 60 -3.53 -29.27 -18.58
C LEU C 60 -2.70 -28.35 -19.50
N TYR C 61 -1.36 -28.49 -19.40
CA TYR C 61 -0.42 -27.68 -20.15
C TYR C 61 0.93 -28.40 -20.16
N THR C 62 1.83 -27.92 -21.02
CA THR C 62 3.14 -28.54 -21.26
C THR C 62 4.26 -27.72 -20.61
N ALA C 63 5.45 -28.33 -20.57
CA ALA C 63 6.66 -27.69 -20.10
C ALA C 63 6.96 -26.44 -20.93
N ARG C 64 6.74 -26.54 -22.25
CA ARG C 64 6.98 -25.43 -23.17
C ARG C 64 6.11 -24.23 -22.79
N GLN C 65 4.86 -24.49 -22.42
CA GLN C 65 3.90 -23.44 -22.07
C GLN C 65 4.34 -22.72 -20.78
N VAL C 66 5.01 -23.45 -19.86
CA VAL C 66 5.56 -22.83 -18.66
C VAL C 66 6.76 -21.96 -19.03
N VAL C 67 7.70 -22.53 -19.80
CA VAL C 67 8.97 -21.85 -20.08
C VAL C 67 8.74 -20.54 -20.84
N GLU C 68 7.76 -20.52 -21.74
CA GLU C 68 7.55 -19.34 -22.59
C GLU C 68 6.97 -18.16 -21.80
N GLN C 69 6.63 -18.37 -20.51
CA GLN C 69 6.13 -17.30 -19.63
C GLN C 69 7.26 -16.64 -18.82
N ARG C 70 8.47 -17.24 -18.81
CA ARG C 70 9.48 -16.95 -17.78
C ARG C 70 10.46 -15.83 -18.17
N GLY C 71 10.52 -15.43 -19.43
CA GLY C 71 11.50 -14.44 -19.87
C GLY C 71 12.93 -14.95 -19.76
N THR C 72 13.88 -14.01 -19.65
CA THR C 72 15.32 -14.32 -19.70
C THR C 72 16.05 -13.86 -18.43
N ILE C 73 15.49 -12.89 -17.69
CA ILE C 73 16.14 -12.37 -16.49
C ILE C 73 15.82 -13.31 -15.33
N PRO C 74 16.84 -13.97 -14.72
CA PRO C 74 16.58 -14.93 -13.65
C PRO C 74 15.88 -14.30 -12.44
N VAL C 75 14.90 -15.04 -11.91
CA VAL C 75 14.29 -14.78 -10.62
C VAL C 75 14.30 -16.09 -9.84
N ASP C 76 14.18 -15.99 -8.52
CA ASP C 76 14.17 -17.14 -7.65
C ASP C 76 13.42 -16.80 -6.37
N HIS C 77 12.38 -17.58 -6.07
CA HIS C 77 11.59 -17.42 -4.88
C HIS C 77 12.04 -18.46 -3.85
N ILE C 78 13.26 -18.27 -3.33
CA ILE C 78 13.97 -19.33 -2.65
C ILE C 78 13.25 -19.71 -1.35
N VAL C 79 12.68 -18.74 -0.64
CA VAL C 79 12.06 -19.02 0.66
C VAL C 79 10.86 -19.97 0.45
N ALA C 80 9.96 -19.60 -0.48
CA ALA C 80 8.80 -20.42 -0.77
C ALA C 80 9.23 -21.77 -1.36
N ARG C 81 10.23 -21.74 -2.24
CA ARG C 81 10.66 -22.94 -2.96
C ARG C 81 11.19 -23.99 -1.97
N GLU C 82 12.11 -23.57 -1.10
CA GLU C 82 12.75 -24.50 -0.16
C GLU C 82 11.77 -24.93 0.93
N ALA C 83 10.95 -24.00 1.43
CA ALA C 83 9.94 -24.33 2.43
C ALA C 83 8.96 -25.36 1.85
N ALA C 84 8.51 -25.16 0.62
CA ALA C 84 7.51 -26.05 0.02
C ALA C 84 8.08 -27.47 -0.10
N GLY C 85 9.35 -27.58 -0.49
CA GLY C 85 10.02 -28.87 -0.64
C GLY C 85 10.04 -29.63 0.67
N ALA C 86 10.57 -28.99 1.72
CA ALA C 86 10.74 -29.63 3.03
C ALA C 86 9.37 -29.89 3.70
N PHE C 87 8.43 -28.96 3.53
CA PHE C 87 7.11 -29.07 4.13
C PHE C 87 6.36 -30.29 3.54
N TYR C 88 6.39 -30.39 2.21
CA TYR C 88 5.71 -31.49 1.52
C TYR C 88 6.30 -32.84 1.95
N GLU C 89 7.63 -32.93 1.99
CA GLU C 89 8.32 -34.15 2.42
C GLU C 89 7.88 -34.54 3.83
N ARG C 90 7.75 -33.55 4.73
CA ARG C 90 7.37 -33.82 6.11
C ARG C 90 5.93 -34.34 6.17
N LEU C 91 5.02 -33.74 5.38
CA LEU C 91 3.64 -34.16 5.37
C LEU C 91 3.54 -35.60 4.84
N ARG C 92 4.32 -35.93 3.82
CA ARG C 92 4.34 -37.29 3.24
C ARG C 92 4.82 -38.29 4.31
N GLU C 93 5.84 -37.89 5.08
CA GLU C 93 6.39 -38.70 6.17
C GLU C 93 5.30 -38.99 7.20
N LEU C 94 4.58 -37.95 7.62
CA LEU C 94 3.51 -38.06 8.60
C LEU C 94 2.37 -38.92 8.06
N PHE C 95 2.00 -38.73 6.79
CA PHE C 95 0.94 -39.50 6.16
C PHE C 95 1.29 -41.00 6.18
N ALA C 96 2.52 -41.34 5.81
CA ALA C 96 3.00 -42.74 5.81
C ALA C 96 2.89 -43.35 7.21
N ALA C 97 3.15 -42.54 8.25
CA ALA C 97 3.16 -43.01 9.65
C ALA C 97 1.76 -42.89 10.27
N ARG C 98 0.78 -42.38 9.51
CA ARG C 98 -0.58 -42.12 9.97
C ARG C 98 -0.54 -41.23 11.23
N LYS C 99 0.27 -40.17 11.11
CA LYS C 99 0.41 -39.12 12.12
C LYS C 99 0.04 -37.78 11.48
N SER C 100 -0.02 -36.72 12.28
CA SER C 100 -0.52 -35.46 11.78
C SER C 100 0.05 -34.28 12.58
N ILE C 101 -0.04 -33.11 11.95
CA ILE C 101 0.20 -31.84 12.58
C ILE C 101 -1.15 -31.27 13.01
N THR C 102 -1.24 -30.81 14.27
CA THR C 102 -2.41 -30.13 14.79
C THR C 102 -2.01 -28.70 15.13
N THR C 103 -2.65 -27.73 14.48
CA THR C 103 -2.19 -26.34 14.57
C THR C 103 -3.40 -25.41 14.67
N PHE C 104 -3.11 -24.11 14.65
CA PHE C 104 -4.13 -23.08 14.67
C PHE C 104 -3.61 -21.87 13.87
N GLY C 105 -4.52 -20.93 13.59
CA GLY C 105 -4.16 -19.71 12.89
C GLY C 105 -3.63 -18.65 13.84
N PRO C 106 -2.33 -18.29 13.79
CA PRO C 106 -1.81 -17.21 14.62
C PRO C 106 -2.38 -15.86 14.15
N TYR C 107 -2.66 -14.99 15.11
CA TYR C 107 -3.28 -13.68 14.86
C TYR C 107 -2.25 -12.56 14.89
N SER C 108 -1.00 -12.90 15.22
CA SER C 108 0.10 -11.94 15.27
C SER C 108 1.39 -12.66 14.90
N PRO C 109 2.44 -11.90 14.49
CA PRO C 109 3.75 -12.49 14.25
C PRO C 109 4.32 -13.22 15.49
N GLY C 110 4.13 -12.63 16.67
CA GLY C 110 4.53 -13.22 17.94
C GLY C 110 3.88 -14.57 18.20
N GLN C 111 2.59 -14.70 17.85
CA GLN C 111 1.87 -15.96 18.04
C GLN C 111 2.51 -17.04 17.14
N ALA C 112 2.87 -16.67 15.92
CA ALA C 112 3.46 -17.60 14.95
C ALA C 112 4.81 -18.09 15.46
N VAL C 113 5.60 -17.15 15.97
CA VAL C 113 6.95 -17.50 16.49
C VAL C 113 6.79 -18.39 17.75
N SER C 114 5.86 -18.03 18.63
CA SER C 114 5.62 -18.79 19.87
C SER C 114 5.18 -20.22 19.55
N MET C 115 4.32 -20.36 18.55
CA MET C 115 3.82 -21.70 18.15
C MET C 115 5.00 -22.60 17.83
N LYS C 116 5.94 -22.09 17.02
CA LYS C 116 7.14 -22.87 16.62
C LYS C 116 8.03 -23.13 17.83
N ARG C 117 8.16 -22.18 18.74
CA ARG C 117 8.96 -22.40 19.97
C ARG C 117 8.32 -23.50 20.83
N MET C 118 6.99 -23.61 20.83
CA MET C 118 6.26 -24.64 21.61
C MET C 118 6.27 -26.00 20.88
N GLY C 119 6.79 -26.08 19.66
CA GLY C 119 6.91 -27.39 19.00
C GLY C 119 5.93 -27.65 17.89
N ILE C 120 5.00 -26.74 17.63
CA ILE C 120 4.06 -26.95 16.54
C ILE C 120 4.83 -26.77 15.21
N GLU C 121 4.71 -27.75 14.30
CA GLU C 121 5.58 -27.87 13.15
C GLU C 121 5.14 -27.01 11.96
N ALA C 122 3.87 -26.60 11.92
CA ALA C 122 3.38 -25.80 10.81
C ALA C 122 2.22 -24.90 11.25
N ILE C 123 1.90 -23.95 10.37
CA ILE C 123 1.06 -22.81 10.65
C ILE C 123 -0.06 -22.78 9.61
N TYR C 124 -1.28 -22.48 10.08
CA TYR C 124 -2.43 -22.21 9.25
C TYR C 124 -2.69 -20.71 9.22
N LEU C 125 -3.14 -20.19 8.07
CA LEU C 125 -3.59 -18.79 8.02
C LEU C 125 -4.88 -18.69 7.21
N GLY C 126 -5.95 -18.20 7.86
CA GLY C 126 -7.30 -18.22 7.30
C GLY C 126 -7.86 -16.82 7.04
N GLY C 127 -8.85 -16.78 6.16
CA GLY C 127 -9.55 -15.57 5.77
C GLY C 127 -10.48 -15.04 6.85
N TRP C 128 -10.99 -15.91 7.72
CA TRP C 128 -11.90 -15.48 8.79
C TRP C 128 -11.20 -14.44 9.66
N ALA C 129 -10.02 -14.81 10.17
CA ALA C 129 -9.23 -13.95 11.02
C ALA C 129 -8.72 -12.73 10.23
N THR C 130 -8.37 -12.92 8.95
CA THR C 130 -7.92 -11.80 8.13
C THR C 130 -9.05 -10.77 8.00
N SER C 131 -10.29 -11.24 7.81
CA SER C 131 -11.47 -10.37 7.75
C SER C 131 -11.66 -9.64 9.08
N ALA C 132 -11.52 -10.38 10.19
CA ALA C 132 -11.74 -9.83 11.52
C ALA C 132 -10.71 -8.72 11.84
N LYS C 133 -9.48 -8.86 11.31
CA LYS C 133 -8.39 -7.96 11.67
C LYS C 133 -8.51 -6.62 10.92
N GLY C 134 -8.93 -6.67 9.65
CA GLY C 134 -8.91 -5.48 8.81
C GLY C 134 -7.48 -5.00 8.54
N SER C 135 -7.36 -3.75 8.12
CA SER C 135 -6.08 -3.14 7.78
C SER C 135 -6.25 -1.62 7.84
N SER C 136 -5.22 -0.88 7.44
CA SER C 136 -5.28 0.58 7.47
C SER C 136 -6.39 1.10 6.54
N THR C 137 -6.77 0.34 5.50
CA THR C 137 -7.78 0.77 4.53
C THR C 137 -9.02 -0.14 4.52
N GLU C 138 -8.98 -1.28 5.22
CA GLU C 138 -10.06 -2.27 5.22
C GLU C 138 -10.73 -2.30 6.60
N ASP C 139 -12.01 -1.99 6.65
CA ASP C 139 -12.77 -2.12 7.89
C ASP C 139 -12.84 -3.60 8.27
N PRO C 140 -12.63 -3.94 9.56
CA PRO C 140 -12.82 -5.32 10.00
C PRO C 140 -14.29 -5.73 9.82
N GLY C 141 -14.52 -7.04 9.69
CA GLY C 141 -15.86 -7.50 9.46
C GLY C 141 -15.93 -9.01 9.36
N PRO C 142 -17.10 -9.54 8.97
CA PRO C 142 -17.29 -10.98 8.81
C PRO C 142 -16.53 -11.55 7.60
N ASP C 143 -16.50 -12.88 7.56
CA ASP C 143 -15.71 -13.68 6.67
C ASP C 143 -16.41 -13.77 5.30
N LEU C 144 -16.36 -12.68 4.53
CA LEU C 144 -17.03 -12.60 3.23
C LEU C 144 -16.03 -12.68 2.08
N ALA C 145 -14.73 -12.78 2.40
CA ALA C 145 -13.62 -12.69 1.43
C ALA C 145 -13.82 -11.49 0.50
N SER C 146 -14.26 -10.37 1.07
CA SER C 146 -14.54 -9.16 0.30
C SER C 146 -13.39 -8.14 0.40
N TYR C 147 -12.35 -8.47 1.18
CA TYR C 147 -11.09 -7.72 1.16
C TYR C 147 -10.46 -7.81 -0.23
N PRO C 148 -9.52 -6.91 -0.59
CA PRO C 148 -8.75 -7.06 -1.83
C PRO C 148 -7.95 -8.37 -1.78
N LEU C 149 -7.66 -8.97 -2.93
CA LEU C 149 -7.06 -10.31 -2.95
C LEU C 149 -5.64 -10.30 -2.38
N SER C 150 -5.04 -9.12 -2.19
CA SER C 150 -3.72 -8.93 -1.57
C SER C 150 -3.76 -9.15 -0.04
N GLN C 151 -4.96 -9.29 0.54
CA GLN C 151 -5.12 -9.13 1.99
C GLN C 151 -4.47 -10.29 2.76
N VAL C 152 -4.77 -11.53 2.38
CA VAL C 152 -4.22 -12.68 3.11
C VAL C 152 -2.71 -12.80 2.84
N PRO C 153 -2.22 -12.63 1.59
CA PRO C 153 -0.77 -12.60 1.36
C PRO C 153 -0.04 -11.54 2.19
N ASP C 154 -0.62 -10.34 2.32
CA ASP C 154 -0.02 -9.26 3.11
C ASP C 154 0.10 -9.69 4.58
N ASP C 155 -0.92 -10.35 5.11
CA ASP C 155 -0.91 -10.84 6.48
C ASP C 155 0.15 -11.94 6.62
N ALA C 156 0.21 -12.85 5.65
CA ALA C 156 1.19 -13.94 5.66
C ALA C 156 2.62 -13.39 5.61
N ALA C 157 2.84 -12.30 4.86
CA ALA C 157 4.16 -11.69 4.71
C ALA C 157 4.74 -11.31 6.08
N VAL C 158 3.89 -10.79 6.96
CA VAL C 158 4.28 -10.39 8.32
C VAL C 158 4.78 -11.63 9.07
N LEU C 159 4.05 -12.74 8.96
CA LEU C 159 4.39 -13.97 9.65
C LEU C 159 5.74 -14.51 9.14
N VAL C 160 5.92 -14.51 7.81
CA VAL C 160 7.17 -15.03 7.24
C VAL C 160 8.35 -14.18 7.75
N ARG C 161 8.20 -12.86 7.71
CA ARG C 161 9.29 -11.97 8.17
C ARG C 161 9.60 -12.25 9.65
N ALA C 162 8.57 -12.49 10.46
CA ALA C 162 8.75 -12.73 11.90
C ALA C 162 9.55 -14.02 12.10
N LEU C 163 9.23 -15.04 11.29
CA LEU C 163 9.87 -16.36 11.41
C LEU C 163 11.34 -16.27 10.98
N LEU C 164 11.61 -15.62 9.84
CA LEU C 164 12.99 -15.46 9.35
C LEU C 164 13.79 -14.61 10.36
N THR C 165 13.15 -13.60 10.94
CA THR C 165 13.82 -12.72 11.90
C THR C 165 14.14 -13.51 13.19
N ALA C 166 13.20 -14.34 13.64
CA ALA C 166 13.42 -15.17 14.82
C ALA C 166 14.60 -16.11 14.58
N ASP C 167 14.70 -16.65 13.35
CA ASP C 167 15.82 -17.51 12.98
C ASP C 167 17.15 -16.75 13.04
N ARG C 168 17.18 -15.52 12.53
CA ARG C 168 18.41 -14.69 12.54
C ARG C 168 18.83 -14.38 13.99
N ASN C 169 17.85 -14.06 14.83
CA ASN C 169 18.13 -13.69 16.23
C ASN C 169 18.60 -14.92 17.02
N GLN C 170 17.92 -16.06 16.83
CA GLN C 170 18.29 -17.32 17.47
C GLN C 170 19.73 -17.70 17.09
N HIS C 171 20.04 -17.65 15.79
CA HIS C 171 21.35 -18.04 15.29
C HIS C 171 22.43 -17.12 15.85
N TYR C 172 22.15 -15.81 15.92
CA TYR C 172 23.11 -14.87 16.45
C TYR C 172 23.52 -15.29 17.88
N LEU C 173 22.53 -15.61 18.72
CA LEU C 173 22.79 -16.01 20.11
C LEU C 173 23.49 -17.39 20.16
N ARG C 174 23.09 -18.31 19.29
CA ARG C 174 23.68 -19.68 19.28
C ARG C 174 25.15 -19.63 18.88
N LEU C 175 25.53 -18.65 18.05
CA LEU C 175 26.93 -18.46 17.64
C LEU C 175 27.80 -18.05 18.84
N GLN C 176 27.20 -17.44 19.86
CA GLN C 176 27.94 -16.98 21.04
C GLN C 176 28.06 -18.11 22.09
N MET C 177 27.38 -19.24 21.87
CA MET C 177 27.35 -20.37 22.83
C MET C 177 28.54 -21.30 22.61
N SER C 178 28.84 -22.14 23.62
CA SER C 178 29.77 -23.28 23.48
C SER C 178 29.05 -24.44 22.81
N GLU C 179 29.81 -25.46 22.40
CA GLU C 179 29.26 -26.63 21.76
C GLU C 179 28.32 -27.36 22.72
N ARG C 180 28.72 -27.45 24.00
CA ARG C 180 27.93 -28.16 25.02
C ARG C 180 26.65 -27.40 25.32
N GLN C 181 26.75 -26.07 25.40
CA GLN C 181 25.59 -25.21 25.62
C GLN C 181 24.58 -25.40 24.49
N ARG C 182 25.05 -25.46 23.24
CA ARG C 182 24.18 -25.66 22.09
C ARG C 182 23.47 -27.01 22.19
N ALA C 183 24.20 -28.06 22.60
CA ALA C 183 23.62 -29.40 22.75
C ALA C 183 22.56 -29.42 23.86
N ALA C 184 22.73 -28.56 24.87
CA ALA C 184 21.83 -28.48 26.04
C ALA C 184 20.62 -27.57 25.77
N THR C 185 20.78 -26.57 24.89
CA THR C 185 19.77 -25.52 24.67
C THR C 185 19.01 -25.78 23.37
N PRO C 186 17.66 -25.91 23.41
CA PRO C 186 16.90 -26.25 22.21
C PRO C 186 17.00 -25.13 21.15
N ALA C 187 17.23 -25.53 19.90
CA ALA C 187 17.11 -24.65 18.74
C ALA C 187 15.74 -24.89 18.10
N TYR C 188 14.97 -23.82 17.94
CA TYR C 188 13.62 -23.92 17.43
C TYR C 188 13.67 -23.87 15.90
N ASP C 189 12.66 -24.48 15.28
CA ASP C 189 12.54 -24.56 13.84
C ASP C 189 11.62 -23.44 13.38
N PHE C 190 12.19 -22.41 12.73
CA PHE C 190 11.40 -21.25 12.31
C PHE C 190 11.14 -21.26 10.80
N ARG C 191 11.27 -22.42 10.14
CA ARG C 191 11.00 -22.51 8.71
C ARG C 191 9.53 -22.17 8.46
N PRO C 192 9.23 -21.40 7.39
CA PRO C 192 7.86 -20.92 7.16
C PRO C 192 6.93 -21.95 6.51
N PHE C 193 6.62 -23.02 7.26
CA PHE C 193 5.67 -24.05 6.84
C PHE C 193 4.27 -23.53 7.08
N ILE C 194 3.71 -22.83 6.08
CA ILE C 194 2.42 -22.17 6.16
C ILE C 194 1.52 -22.66 5.02
N ILE C 195 0.28 -23.02 5.38
CA ILE C 195 -0.81 -23.17 4.42
C ILE C 195 -1.79 -22.02 4.64
N ALA C 196 -2.01 -21.22 3.60
CA ALA C 196 -2.78 -19.99 3.69
C ALA C 196 -4.01 -20.06 2.78
N ASP C 197 -5.03 -19.30 3.18
CA ASP C 197 -6.35 -19.25 2.56
C ASP C 197 -6.30 -18.39 1.29
N ALA C 198 -6.62 -19.01 0.16
CA ALA C 198 -6.79 -18.31 -1.14
C ALA C 198 -8.29 -18.18 -1.49
N ASP C 199 -9.17 -18.44 -0.52
CA ASP C 199 -10.62 -18.30 -0.68
C ASP C 199 -11.06 -19.12 -1.91
N THR C 200 -11.80 -18.48 -2.84
CA THR C 200 -12.25 -19.14 -4.07
C THR C 200 -11.31 -18.79 -5.23
N GLY C 201 -10.20 -18.10 -4.93
CA GLY C 201 -9.27 -17.63 -5.96
C GLY C 201 -9.54 -16.19 -6.39
N HIS C 202 -10.61 -15.58 -5.85
CA HIS C 202 -10.95 -14.16 -6.05
C HIS C 202 -11.17 -13.83 -7.53
N GLY C 203 -11.73 -14.77 -8.29
CA GLY C 203 -12.12 -14.53 -9.66
C GLY C 203 -11.77 -15.70 -10.57
N GLY C 204 -11.31 -15.38 -11.77
CA GLY C 204 -10.94 -16.35 -12.79
C GLY C 204 -9.45 -16.62 -12.76
N ASP C 205 -8.93 -17.24 -13.83
CA ASP C 205 -7.55 -17.71 -13.84
C ASP C 205 -6.56 -16.57 -13.57
N PRO C 206 -6.68 -15.34 -14.12
CA PRO C 206 -5.66 -14.32 -13.83
C PRO C 206 -5.68 -13.87 -12.36
N HIS C 207 -6.85 -13.93 -11.72
CA HIS C 207 -6.99 -13.61 -10.29
C HIS C 207 -6.28 -14.69 -9.45
N VAL C 208 -6.54 -15.96 -9.78
CA VAL C 208 -5.93 -17.09 -9.08
C VAL C 208 -4.40 -16.97 -9.19
N ARG C 209 -3.90 -16.72 -10.41
CA ARG C 209 -2.46 -16.67 -10.65
C ARG C 209 -1.85 -15.50 -9.89
N ASN C 210 -2.58 -14.36 -9.83
CA ASN C 210 -2.10 -13.18 -9.12
C ASN C 210 -1.99 -13.47 -7.62
N LEU C 211 -3.02 -14.13 -7.09
CA LEU C 211 -3.10 -14.45 -5.66
C LEU C 211 -1.97 -15.40 -5.27
N ILE C 212 -1.78 -16.47 -6.06
CA ILE C 212 -0.70 -17.43 -5.81
C ILE C 212 0.66 -16.73 -5.90
N ARG C 213 0.85 -15.91 -6.94
CA ARG C 213 2.09 -15.15 -7.12
C ARG C 213 2.38 -14.35 -5.83
N ARG C 214 1.37 -13.63 -5.33
CA ARG C 214 1.56 -12.75 -4.16
C ARG C 214 1.95 -13.55 -2.92
N PHE C 215 1.36 -14.74 -2.77
CA PHE C 215 1.72 -15.64 -1.66
C PHE C 215 3.18 -16.10 -1.80
N VAL C 216 3.54 -16.55 -3.00
CA VAL C 216 4.87 -17.11 -3.26
C VAL C 216 5.94 -16.04 -3.02
N GLU C 217 5.69 -14.82 -3.51
CA GLU C 217 6.68 -13.75 -3.45
C GLU C 217 7.06 -13.46 -1.99
N VAL C 218 6.15 -13.65 -1.04
CA VAL C 218 6.42 -13.30 0.37
C VAL C 218 6.82 -14.55 1.16
N GLY C 219 6.94 -15.70 0.49
CA GLY C 219 7.58 -16.89 1.04
C GLY C 219 6.63 -18.01 1.45
N VAL C 220 5.34 -17.91 1.09
CA VAL C 220 4.34 -18.90 1.51
C VAL C 220 4.38 -20.13 0.59
N PRO C 221 4.51 -21.35 1.17
CA PRO C 221 4.57 -22.59 0.38
C PRO C 221 3.29 -23.41 0.15
N GLY C 222 2.14 -22.99 0.70
CA GLY C 222 0.90 -23.75 0.63
C GLY C 222 -0.32 -22.85 0.61
N TYR C 223 -1.36 -23.28 -0.12
CA TYR C 223 -2.52 -22.42 -0.45
C TYR C 223 -3.75 -23.32 -0.60
N HIS C 224 -4.90 -22.86 -0.07
CA HIS C 224 -6.13 -23.61 -0.22
C HIS C 224 -7.18 -22.81 -1.01
N ILE C 225 -7.87 -23.52 -1.91
CA ILE C 225 -8.89 -22.97 -2.80
C ILE C 225 -10.14 -23.83 -2.67
N GLU C 226 -11.30 -23.17 -2.50
CA GLU C 226 -12.57 -23.85 -2.26
C GLU C 226 -13.54 -23.61 -3.42
N ASP C 227 -14.47 -24.57 -3.58
CA ASP C 227 -15.37 -24.64 -4.74
C ASP C 227 -16.65 -23.82 -4.51
N GLN C 228 -16.56 -22.69 -3.81
CA GLN C 228 -17.67 -21.76 -3.69
C GLN C 228 -17.63 -20.74 -4.83
N ARG C 229 -18.79 -20.14 -5.08
CA ARG C 229 -18.90 -18.92 -5.88
C ARG C 229 -18.53 -17.74 -5.01
N PRO C 230 -17.56 -16.89 -5.43
CA PRO C 230 -17.20 -15.72 -4.62
C PRO C 230 -18.38 -14.76 -4.54
N GLY C 231 -18.46 -14.00 -3.43
CA GLY C 231 -19.44 -12.94 -3.30
C GLY C 231 -20.83 -13.42 -2.94
N THR C 232 -20.96 -14.67 -2.45
CA THR C 232 -22.25 -15.26 -2.07
C THR C 232 -22.28 -15.74 -0.61
N LYS C 233 -21.23 -15.45 0.18
CA LYS C 233 -21.14 -15.97 1.56
C LYS C 233 -22.23 -15.34 2.43
N LYS C 234 -22.91 -16.20 3.22
CA LYS C 234 -24.03 -15.81 4.09
C LYS C 234 -23.59 -15.88 5.55
N GLY C 236 -25.03 -16.52 9.28
CA GLY C 236 -26.10 -17.02 10.16
C GLY C 236 -27.34 -17.47 9.39
N HIS C 237 -27.13 -18.22 8.30
CA HIS C 237 -28.22 -18.81 7.52
C HIS C 237 -27.95 -20.30 7.28
N GLN C 238 -29.03 -21.08 7.12
CA GLN C 238 -28.96 -22.53 6.89
C GLN C 238 -28.96 -22.83 5.39
N GLY C 239 -29.25 -21.82 4.57
CA GLY C 239 -29.29 -21.95 3.11
C GLY C 239 -28.34 -20.97 2.45
N GLY C 240 -28.37 -20.94 1.11
CA GLY C 240 -27.68 -19.93 0.32
C GLY C 240 -26.16 -20.12 0.24
N LYS C 241 -25.67 -21.33 0.55
CA LYS C 241 -24.26 -21.64 0.26
C LYS C 241 -24.16 -22.16 -1.18
N VAL C 242 -23.36 -21.46 -2.01
CA VAL C 242 -23.39 -21.61 -3.46
C VAL C 242 -22.05 -22.18 -3.94
N LEU C 243 -22.10 -23.33 -4.61
CA LEU C 243 -20.94 -23.96 -5.23
C LEU C 243 -20.77 -23.46 -6.67
N VAL C 244 -19.60 -23.76 -7.23
CA VAL C 244 -19.33 -23.63 -8.65
C VAL C 244 -19.19 -25.04 -9.25
N PRO C 245 -19.36 -25.16 -10.59
CA PRO C 245 -19.14 -26.44 -11.24
C PRO C 245 -17.69 -26.92 -11.05
N SER C 246 -17.49 -28.25 -11.09
CA SER C 246 -16.19 -28.86 -10.86
C SER C 246 -15.15 -28.40 -11.91
N ASP C 247 -15.56 -28.13 -13.14
CA ASP C 247 -14.62 -27.66 -14.16
C ASP C 247 -14.04 -26.30 -13.75
N GLU C 248 -14.88 -25.42 -13.20
CA GLU C 248 -14.41 -24.10 -12.75
C GLU C 248 -13.41 -24.28 -11.60
N GLN C 249 -13.72 -25.16 -10.64
CA GLN C 249 -12.84 -25.42 -9.50
C GLN C 249 -11.50 -25.99 -9.99
N ILE C 250 -11.57 -26.98 -10.87
CA ILE C 250 -10.36 -27.65 -11.36
C ILE C 250 -9.50 -26.63 -12.10
N LYS C 251 -10.11 -25.72 -12.87
CA LYS C 251 -9.34 -24.71 -13.58
C LYS C 251 -8.64 -23.76 -12.59
N ARG C 252 -9.24 -23.50 -11.42
CA ARG C 252 -8.55 -22.72 -10.38
C ARG C 252 -7.30 -23.46 -9.91
N LEU C 253 -7.44 -24.76 -9.66
CA LEU C 253 -6.33 -25.58 -9.14
C LEU C 253 -5.23 -25.66 -10.21
N ASN C 254 -5.64 -25.85 -11.47
CA ASN C 254 -4.71 -25.97 -12.59
C ASN C 254 -3.99 -24.63 -12.84
N ALA C 255 -4.72 -23.51 -12.75
CA ALA C 255 -4.12 -22.16 -12.89
C ALA C 255 -3.08 -21.95 -11.79
N ALA C 256 -3.40 -22.37 -10.57
CA ALA C 256 -2.48 -22.26 -9.43
C ALA C 256 -1.21 -23.04 -9.72
N ARG C 257 -1.36 -24.28 -10.22
CA ARG C 257 -0.19 -25.13 -10.53
C ARG C 257 0.66 -24.47 -11.61
N PHE C 258 0.00 -23.87 -12.62
CA PHE C 258 0.68 -23.21 -13.71
C PHE C 258 1.57 -22.08 -13.17
N GLN C 259 1.02 -21.24 -12.29
CA GLN C 259 1.77 -20.13 -11.71
C GLN C 259 2.94 -20.64 -10.87
N LEU C 260 2.69 -21.66 -10.04
CA LEU C 260 3.73 -22.27 -9.19
C LEU C 260 4.86 -22.83 -10.07
N ASP C 261 4.49 -23.51 -11.15
CA ASP C 261 5.46 -24.06 -12.11
C ASP C 261 6.33 -22.94 -12.71
N ILE C 262 5.68 -21.86 -13.17
CA ILE C 262 6.42 -20.72 -13.75
C ILE C 262 7.48 -20.25 -12.76
N MET C 263 7.09 -20.17 -11.48
CA MET C 263 7.92 -19.61 -10.41
C MET C 263 8.91 -20.63 -9.84
N ARG C 264 8.83 -21.88 -10.31
CA ARG C 264 9.71 -23.00 -9.92
C ARG C 264 9.54 -23.30 -8.42
N VAL C 265 8.32 -23.12 -7.91
CA VAL C 265 8.00 -23.41 -6.51
C VAL C 265 7.07 -24.61 -6.46
N PRO C 266 7.47 -25.74 -5.83
CA PRO C 266 6.60 -26.92 -5.73
C PRO C 266 5.56 -26.72 -4.61
N GLY C 267 4.79 -25.62 -4.71
CA GLY C 267 3.86 -25.23 -3.68
C GLY C 267 2.76 -26.28 -3.50
N ILE C 268 2.23 -26.34 -2.28
CA ILE C 268 1.25 -27.33 -1.87
C ILE C 268 -0.16 -26.78 -2.12
N ILE C 269 -0.87 -27.40 -3.05
CA ILE C 269 -2.23 -27.00 -3.41
C ILE C 269 -3.23 -27.86 -2.63
N VAL C 270 -4.07 -27.16 -1.85
CA VAL C 270 -5.11 -27.79 -1.06
C VAL C 270 -6.45 -27.45 -1.68
N ALA C 271 -7.20 -28.50 -2.09
CA ALA C 271 -8.52 -28.34 -2.68
C ALA C 271 -9.58 -28.59 -1.61
N ARG C 272 -10.31 -27.54 -1.25
CA ARG C 272 -11.41 -27.60 -0.30
C ARG C 272 -12.74 -27.71 -1.06
N THR C 273 -13.62 -28.57 -0.56
CA THR C 273 -15.01 -28.60 -1.01
C THR C 273 -15.93 -28.16 0.15
N ASP C 274 -16.95 -27.38 -0.22
CA ASP C 274 -17.99 -26.90 0.67
C ASP C 274 -19.31 -27.65 0.40
N ALA C 275 -19.23 -28.79 -0.31
CA ALA C 275 -20.44 -29.48 -0.78
C ALA C 275 -21.18 -30.19 0.36
N GLU C 276 -20.54 -30.37 1.52
CA GLU C 276 -21.17 -31.11 2.63
C GLU C 276 -22.43 -30.39 3.11
N ALA C 277 -22.40 -29.05 3.13
CA ALA C 277 -23.55 -28.26 3.61
C ALA C 277 -24.06 -27.29 2.54
N ALA C 278 -23.60 -27.42 1.30
CA ALA C 278 -24.04 -26.57 0.21
C ALA C 278 -25.50 -26.88 -0.15
N ASN C 279 -26.20 -25.87 -0.66
CA ASN C 279 -27.61 -25.91 -1.02
C ASN C 279 -27.78 -25.65 -2.53
N LEU C 280 -26.87 -24.85 -3.11
CA LEU C 280 -27.04 -24.29 -4.44
C LEU C 280 -25.74 -24.45 -5.25
N ILE C 281 -25.89 -24.38 -6.58
CA ILE C 281 -24.76 -24.31 -7.50
C ILE C 281 -25.14 -23.32 -8.60
N ASP C 282 -24.15 -22.59 -9.12
CA ASP C 282 -24.44 -21.47 -10.02
C ASP C 282 -24.50 -21.91 -11.48
N SER C 283 -24.36 -23.21 -11.75
CA SER C 283 -24.42 -23.75 -13.11
C SER C 283 -24.75 -25.24 -13.07
N ARG C 284 -25.45 -25.70 -14.11
CA ARG C 284 -25.84 -27.12 -14.25
C ARG C 284 -24.95 -27.84 -15.27
N ALA C 285 -23.87 -27.18 -15.73
CA ALA C 285 -23.17 -27.58 -16.95
C ALA C 285 -22.24 -28.77 -16.73
N ASP C 286 -21.75 -28.98 -15.51
CA ASP C 286 -20.76 -30.02 -15.28
C ASP C 286 -21.43 -31.37 -14.98
N GLU C 287 -21.03 -32.39 -15.75
CA GLU C 287 -21.56 -33.75 -15.69
C GLU C 287 -21.44 -34.32 -14.26
N ARG C 288 -20.41 -33.90 -13.52
CA ARG C 288 -20.11 -34.46 -12.20
C ARG C 288 -21.06 -33.90 -11.13
N ASP C 289 -21.65 -32.73 -11.38
CA ASP C 289 -22.60 -32.12 -10.46
C ASP C 289 -24.03 -32.62 -10.74
N GLN C 290 -24.26 -33.07 -11.98
CA GLN C 290 -25.62 -33.29 -12.48
C GLN C 290 -26.35 -34.37 -11.69
N PRO C 291 -25.71 -35.42 -11.14
CA PRO C 291 -26.42 -36.40 -10.30
C PRO C 291 -27.03 -35.81 -9.01
N PHE C 292 -26.57 -34.63 -8.61
CA PHE C 292 -26.98 -34.01 -7.34
C PHE C 292 -28.04 -32.91 -7.59
N LEU C 293 -28.32 -32.56 -8.85
CA LEU C 293 -29.31 -31.55 -9.17
C LEU C 293 -30.69 -32.01 -8.72
N LEU C 294 -31.45 -31.06 -8.16
CA LEU C 294 -32.86 -31.27 -7.79
C LEU C 294 -33.74 -30.64 -8.88
N GLY C 295 -34.78 -31.37 -9.29
CA GLY C 295 -35.73 -30.89 -10.28
C GLY C 295 -37.16 -31.16 -9.87
N ALA C 296 -38.09 -30.41 -10.46
CA ALA C 296 -39.52 -30.63 -10.26
C ALA C 296 -39.94 -31.84 -11.11
N THR C 297 -40.87 -32.64 -10.58
CA THR C 297 -41.45 -33.77 -11.33
C THR C 297 -42.92 -33.52 -11.67
N LYS C 298 -43.52 -32.46 -11.13
CA LYS C 298 -44.88 -32.03 -11.46
C LYS C 298 -44.78 -30.72 -12.24
N LEU C 299 -44.90 -30.79 -13.57
CA LEU C 299 -44.41 -29.73 -14.46
C LEU C 299 -45.46 -28.62 -14.69
N ASP C 300 -46.65 -28.75 -14.09
CA ASP C 300 -47.68 -27.70 -14.14
C ASP C 300 -47.57 -26.78 -12.91
N VAL C 301 -46.61 -27.03 -12.02
CA VAL C 301 -46.30 -26.13 -10.91
C VAL C 301 -45.51 -24.96 -11.48
N PRO C 302 -45.95 -23.70 -11.24
CA PRO C 302 -45.19 -22.54 -11.72
C PRO C 302 -43.81 -22.47 -11.06
N SER C 303 -42.85 -21.84 -11.75
CA SER C 303 -41.45 -21.80 -11.28
C SER C 303 -41.36 -21.26 -9.86
N TYR C 304 -40.43 -21.80 -9.09
CA TYR C 304 -40.08 -21.32 -7.76
C TYR C 304 -39.87 -19.79 -7.79
N LYS C 305 -39.13 -19.31 -8.78
CA LYS C 305 -38.81 -17.90 -8.90
C LYS C 305 -40.09 -17.07 -9.03
N SER C 306 -40.98 -17.45 -9.97
CA SER C 306 -42.19 -16.69 -10.24
C SER C 306 -43.09 -16.66 -9.00
N CYS C 307 -43.15 -17.80 -8.28
CA CYS C 307 -43.96 -17.91 -7.05
C CYS C 307 -43.39 -17.00 -5.95
N PHE C 308 -42.07 -17.00 -5.79
CA PHE C 308 -41.42 -16.13 -4.81
C PHE C 308 -41.74 -14.66 -5.09
N LEU C 309 -41.58 -14.24 -6.36
CA LEU C 309 -41.76 -12.84 -6.75
C LEU C 309 -43.24 -12.44 -6.60
N ALA C 310 -44.16 -13.36 -6.93
CA ALA C 310 -45.59 -13.10 -6.79
C ALA C 310 -45.95 -12.89 -5.31
N MET C 311 -45.32 -13.66 -4.43
CA MET C 311 -45.53 -13.54 -3.00
C MET C 311 -45.06 -12.16 -2.51
N VAL C 312 -43.85 -11.76 -2.92
CA VAL C 312 -43.29 -10.45 -2.52
C VAL C 312 -44.19 -9.34 -3.04
N ARG C 313 -44.60 -9.41 -4.31
CA ARG C 313 -45.42 -8.38 -4.93
C ARG C 313 -46.76 -8.23 -4.15
N ARG C 314 -47.33 -9.33 -3.66
CA ARG C 314 -48.59 -9.29 -2.92
C ARG C 314 -48.38 -8.51 -1.60
N PHE C 315 -47.31 -8.80 -0.87
CA PHE C 315 -46.96 -8.03 0.33
C PHE C 315 -46.93 -6.54 -0.01
N TYR C 316 -46.25 -6.20 -1.10
CA TYR C 316 -46.08 -4.82 -1.56
C TYR C 316 -47.44 -4.18 -1.84
N GLU C 317 -48.28 -4.88 -2.60
CA GLU C 317 -49.58 -4.36 -3.05
C GLU C 317 -50.53 -4.21 -1.85
N LEU C 318 -50.34 -5.02 -0.80
CA LEU C 318 -51.16 -4.93 0.42
C LEU C 318 -50.65 -3.82 1.35
N GLY C 319 -49.55 -3.17 1.00
CA GLY C 319 -49.13 -1.94 1.66
C GLY C 319 -47.79 -2.06 2.38
N VAL C 320 -47.11 -3.20 2.29
CA VAL C 320 -45.76 -3.33 2.89
C VAL C 320 -44.75 -2.84 1.85
N LYS C 321 -44.58 -1.50 1.80
CA LYS C 321 -43.82 -0.82 0.76
C LYS C 321 -42.33 -1.20 0.81
N GLU C 322 -41.85 -1.63 1.98
CA GLU C 322 -40.44 -1.97 2.15
C GLU C 322 -40.09 -3.26 1.39
N LEU C 323 -41.08 -4.10 1.06
CA LEU C 323 -40.81 -5.34 0.31
C LEU C 323 -41.03 -5.05 -1.19
N ASN C 324 -40.03 -4.41 -1.82
CA ASN C 324 -40.13 -3.99 -3.22
C ASN C 324 -39.11 -4.74 -4.09
N GLY C 325 -38.60 -5.88 -3.62
CA GLY C 325 -37.54 -6.63 -4.30
C GLY C 325 -37.99 -7.20 -5.64
N HIS C 326 -39.30 -7.40 -5.81
CA HIS C 326 -39.84 -7.86 -7.09
C HIS C 326 -39.53 -6.85 -8.22
N LEU C 327 -39.25 -5.59 -7.87
CA LEU C 327 -38.92 -4.56 -8.88
C LEU C 327 -37.52 -4.78 -9.48
N LEU C 328 -36.74 -5.71 -8.92
CA LEU C 328 -35.45 -6.13 -9.49
C LEU C 328 -35.66 -6.90 -10.81
N TYR C 329 -36.84 -7.48 -10.99
CA TYR C 329 -37.12 -8.39 -12.12
C TYR C 329 -38.20 -7.81 -13.03
N ALA C 330 -38.22 -8.29 -14.28
CA ALA C 330 -39.25 -7.97 -15.24
C ALA C 330 -39.99 -9.26 -15.59
N LEU C 331 -40.83 -9.70 -14.64
CA LEU C 331 -41.67 -10.86 -14.82
C LEU C 331 -42.95 -10.43 -15.53
N GLY C 332 -43.38 -11.24 -16.52
CA GLY C 332 -44.56 -10.90 -17.33
C GLY C 332 -45.85 -11.13 -16.55
N ASP C 333 -46.94 -10.50 -17.03
CA ASP C 333 -48.25 -10.56 -16.39
C ASP C 333 -48.75 -12.01 -16.31
N SER C 334 -48.59 -12.77 -17.39
CA SER C 334 -49.09 -14.14 -17.47
C SER C 334 -48.41 -15.00 -16.40
N GLU C 335 -47.11 -14.79 -16.20
CA GLU C 335 -46.35 -15.57 -15.22
C GLU C 335 -46.73 -15.14 -13.79
N TYR C 336 -46.94 -13.86 -13.56
CA TYR C 336 -47.42 -13.38 -12.26
C TYR C 336 -48.78 -14.02 -11.94
N ALA C 337 -49.65 -14.09 -12.95
CA ALA C 337 -51.02 -14.63 -12.79
C ALA C 337 -50.96 -16.12 -12.44
N ALA C 338 -50.16 -16.89 -13.18
CA ALA C 338 -50.05 -18.33 -12.96
C ALA C 338 -49.48 -18.61 -11.57
N ALA C 339 -48.43 -17.87 -11.17
CA ALA C 339 -47.83 -18.00 -9.86
C ALA C 339 -48.86 -17.66 -8.78
N GLY C 340 -49.62 -16.58 -9.01
CA GLY C 340 -50.67 -16.15 -8.08
C GLY C 340 -51.72 -17.23 -7.85
N GLY C 341 -52.13 -17.88 -8.94
CA GLY C 341 -53.06 -19.02 -8.89
C GLY C 341 -52.56 -20.09 -7.94
N TRP C 342 -51.28 -20.45 -8.08
CA TRP C 342 -50.67 -21.47 -7.25
C TRP C 342 -50.64 -21.02 -5.77
N LEU C 343 -50.20 -19.77 -5.53
CA LEU C 343 -50.10 -19.25 -4.16
C LEU C 343 -51.49 -19.21 -3.51
N GLU C 344 -52.52 -18.86 -4.30
CA GLU C 344 -53.91 -18.82 -3.81
C GLU C 344 -54.32 -20.24 -3.37
N ARG C 345 -54.20 -21.20 -4.30
CA ARG C 345 -54.62 -22.58 -4.08
C ARG C 345 -53.92 -23.18 -2.86
N GLN C 346 -52.63 -22.89 -2.68
CA GLN C 346 -51.82 -23.52 -1.64
C GLN C 346 -51.98 -22.82 -0.29
N GLY C 347 -52.72 -21.72 -0.25
CA GLY C 347 -53.02 -21.01 1.01
C GLY C 347 -51.94 -19.98 1.37
N ILE C 348 -50.95 -19.77 0.51
CA ILE C 348 -49.84 -18.87 0.82
C ILE C 348 -50.34 -17.42 0.81
N PHE C 349 -51.21 -17.07 -0.15
CA PHE C 349 -51.77 -15.72 -0.19
C PHE C 349 -52.59 -15.46 1.08
N GLY C 350 -53.22 -16.51 1.63
CA GLY C 350 -53.89 -16.46 2.92
C GLY C 350 -52.94 -16.08 4.04
N LEU C 351 -51.76 -16.73 4.07
CA LEU C 351 -50.72 -16.45 5.05
C LEU C 351 -50.23 -15.00 4.90
N VAL C 352 -50.10 -14.53 3.65
CA VAL C 352 -49.63 -13.19 3.38
C VAL C 352 -50.65 -12.18 3.96
N SER C 353 -51.93 -12.38 3.66
CA SER C 353 -53.03 -11.52 4.15
C SER C 353 -52.99 -11.43 5.67
N ASP C 354 -52.94 -12.61 6.33
CA ASP C 354 -52.88 -12.72 7.78
C ASP C 354 -51.68 -11.93 8.32
N ALA C 355 -50.53 -12.11 7.67
CA ALA C 355 -49.26 -11.50 8.08
C ALA C 355 -49.37 -9.97 8.02
N VAL C 356 -49.93 -9.45 6.91
CA VAL C 356 -50.00 -8.02 6.71
C VAL C 356 -50.98 -7.43 7.74
N ASN C 357 -52.12 -8.10 7.95
CA ASN C 357 -53.14 -7.64 8.90
C ASN C 357 -52.54 -7.56 10.30
N ALA C 358 -51.80 -8.62 10.69
CA ALA C 358 -51.15 -8.67 12.01
C ALA C 358 -50.12 -7.56 12.16
N TRP C 359 -49.33 -7.35 11.10
CA TRP C 359 -48.31 -6.30 11.03
C TRP C 359 -48.96 -4.93 11.27
N ARG C 360 -50.09 -4.68 10.60
CA ARG C 360 -50.81 -3.41 10.69
C ARG C 360 -51.38 -3.22 12.10
N GLU C 361 -52.01 -4.29 12.61
CA GLU C 361 -52.65 -4.28 13.94
CA GLU C 361 -52.65 -4.28 13.94
C GLU C 361 -51.60 -4.01 15.04
N ASP C 362 -50.35 -4.44 14.80
CA ASP C 362 -49.28 -4.33 15.80
C ASP C 362 -48.47 -3.05 15.60
N GLY C 363 -48.91 -2.17 14.69
CA GLY C 363 -48.34 -0.82 14.55
C GLY C 363 -47.21 -0.73 13.53
N GLN C 364 -47.19 -1.65 12.56
CA GLN C 364 -46.29 -1.61 11.39
C GLN C 364 -44.82 -1.51 11.85
N GLN C 365 -44.42 -2.41 12.76
CA GLN C 365 -43.04 -2.61 13.17
C GLN C 365 -42.35 -3.50 12.13
N SER C 366 -41.08 -3.86 12.38
CA SER C 366 -40.26 -4.55 11.37
C SER C 366 -40.98 -5.80 10.85
N ILE C 367 -40.99 -5.96 9.52
CA ILE C 367 -41.66 -7.09 8.86
C ILE C 367 -40.68 -8.26 8.72
N ASP C 368 -39.42 -8.05 9.12
CA ASP C 368 -38.33 -9.03 8.99
C ASP C 368 -38.82 -10.43 9.39
N GLY C 369 -39.28 -10.56 10.64
CA GLY C 369 -39.65 -11.85 11.23
C GLY C 369 -40.90 -12.44 10.60
N ILE C 370 -41.90 -11.59 10.37
CA ILE C 370 -43.18 -11.97 9.78
C ILE C 370 -42.92 -12.53 8.38
N PHE C 371 -42.12 -11.79 7.59
CA PHE C 371 -41.81 -12.18 6.22
C PHE C 371 -41.05 -13.52 6.21
N ASP C 372 -40.07 -13.65 7.09
CA ASP C 372 -39.24 -14.85 7.18
C ASP C 372 -40.13 -16.08 7.39
N GLN C 373 -41.14 -15.95 8.26
CA GLN C 373 -42.02 -17.07 8.61
C GLN C 373 -42.85 -17.49 7.39
N VAL C 374 -43.40 -16.51 6.69
CA VAL C 374 -44.23 -16.79 5.50
C VAL C 374 -43.32 -17.40 4.41
N GLU C 375 -42.11 -16.85 4.23
CA GLU C 375 -41.20 -17.37 3.21
C GLU C 375 -40.89 -18.85 3.49
N SER C 376 -40.67 -19.20 4.76
CA SER C 376 -40.35 -20.57 5.15
C SER C 376 -41.48 -21.52 4.77
N ARG C 377 -42.73 -21.10 5.02
CA ARG C 377 -43.91 -21.90 4.70
C ARG C 377 -44.02 -22.05 3.19
N PHE C 378 -43.77 -20.96 2.46
CA PHE C 378 -43.82 -20.97 1.01
C PHE C 378 -42.82 -21.99 0.44
N VAL C 379 -41.57 -21.95 0.93
CA VAL C 379 -40.51 -22.81 0.41
C VAL C 379 -40.91 -24.29 0.60
N ALA C 380 -41.41 -24.61 1.80
CA ALA C 380 -41.83 -25.97 2.14
C ALA C 380 -42.96 -26.43 1.20
N ALA C 381 -43.95 -25.55 0.99
CA ALA C 381 -45.10 -25.85 0.17
C ALA C 381 -44.70 -26.05 -1.30
N TRP C 382 -43.76 -25.23 -1.79
CA TRP C 382 -43.35 -25.31 -3.19
C TRP C 382 -42.61 -26.63 -3.43
N GLU C 383 -41.64 -26.93 -2.56
CA GLU C 383 -40.83 -28.15 -2.61
C GLU C 383 -41.76 -29.36 -2.66
N ASP C 384 -42.74 -29.37 -1.75
CA ASP C 384 -43.69 -30.47 -1.60
C ASP C 384 -44.48 -30.68 -2.91
N ASP C 385 -45.07 -29.61 -3.43
CA ASP C 385 -45.98 -29.71 -4.56
C ASP C 385 -45.21 -29.98 -5.85
N ALA C 386 -44.01 -29.40 -5.98
CA ALA C 386 -43.19 -29.55 -7.19
C ALA C 386 -42.72 -30.99 -7.36
N GLY C 387 -42.67 -31.75 -6.26
CA GLY C 387 -42.16 -33.12 -6.26
C GLY C 387 -40.67 -33.12 -6.56
N LEU C 388 -39.92 -32.32 -5.77
CA LEU C 388 -38.52 -32.07 -6.00
C LEU C 388 -37.71 -33.33 -5.65
N MET C 389 -36.87 -33.77 -6.57
CA MET C 389 -36.02 -34.93 -6.37
C MET C 389 -34.92 -34.92 -7.44
N THR C 390 -33.92 -35.79 -7.29
CA THR C 390 -32.90 -35.95 -8.32
C THR C 390 -33.51 -36.69 -9.50
N TYR C 391 -32.85 -36.62 -10.66
CA TYR C 391 -33.31 -37.34 -11.83
C TYR C 391 -33.24 -38.85 -11.56
N GLY C 392 -32.18 -39.28 -10.87
CA GLY C 392 -32.03 -40.66 -10.44
C GLY C 392 -33.21 -41.15 -9.62
N GLU C 393 -33.67 -40.33 -8.68
CA GLU C 393 -34.83 -40.64 -7.83
C GLU C 393 -36.10 -40.74 -8.68
N ALA C 394 -36.24 -39.85 -9.67
CA ALA C 394 -37.43 -39.86 -10.54
C ALA C 394 -37.53 -41.18 -11.33
N VAL C 395 -36.41 -41.60 -11.92
CA VAL C 395 -36.36 -42.85 -12.68
C VAL C 395 -36.55 -44.04 -11.73
N ALA C 396 -35.92 -43.99 -10.55
CA ALA C 396 -36.06 -45.06 -9.55
C ALA C 396 -37.55 -45.28 -9.22
N ASP C 397 -38.30 -44.18 -9.08
CA ASP C 397 -39.74 -44.25 -8.77
C ASP C 397 -40.46 -45.04 -9.87
N VAL C 398 -40.13 -44.77 -11.13
CA VAL C 398 -40.75 -45.45 -12.27
C VAL C 398 -40.39 -46.95 -12.23
N LEU C 399 -39.12 -47.26 -11.98
CA LEU C 399 -38.65 -48.67 -11.99
C LEU C 399 -39.31 -49.44 -10.84
N GLU C 400 -39.39 -48.80 -9.67
CA GLU C 400 -40.02 -49.42 -8.48
C GLU C 400 -41.49 -49.72 -8.77
N PHE C 401 -42.16 -48.79 -9.46
CA PHE C 401 -43.56 -48.94 -9.83
C PHE C 401 -43.73 -50.16 -10.75
N GLY C 402 -42.91 -50.22 -11.80
CA GLY C 402 -42.87 -51.37 -12.73
C GLY C 402 -42.71 -52.69 -11.98
N GLN C 403 -41.79 -52.71 -11.01
CA GLN C 403 -41.50 -53.90 -10.22
C GLN C 403 -42.74 -54.28 -9.40
N SER C 404 -43.33 -53.30 -8.70
CA SER C 404 -44.53 -53.49 -7.88
C SER C 404 -45.71 -53.97 -8.75
N GLU C 405 -45.78 -53.52 -10.01
CA GLU C 405 -46.85 -53.90 -10.93
C GLU C 405 -46.60 -55.29 -11.54
N GLY C 406 -45.43 -55.87 -11.28
CA GLY C 406 -45.06 -57.20 -11.79
C GLY C 406 -44.68 -57.17 -13.26
N GLU C 407 -44.19 -56.03 -13.74
CA GLU C 407 -43.60 -55.90 -15.09
C GLU C 407 -42.14 -56.32 -15.03
N PRO C 408 -41.52 -56.71 -16.18
CA PRO C 408 -40.08 -56.97 -16.20
C PRO C 408 -39.29 -55.66 -16.07
N GLY C 410 -35.98 -54.54 -16.34
CA GLY C 410 -34.92 -54.06 -17.21
C GLY C 410 -33.62 -53.87 -16.45
N MET C 411 -33.74 -53.35 -15.23
CA MET C 411 -32.60 -53.07 -14.37
C MET C 411 -33.10 -53.02 -12.92
N ALA C 412 -32.35 -53.68 -12.01
CA ALA C 412 -32.70 -53.74 -10.60
C ALA C 412 -32.59 -52.35 -9.98
N PRO C 413 -33.38 -52.04 -8.92
CA PRO C 413 -33.36 -50.70 -8.32
C PRO C 413 -31.96 -50.25 -7.89
N GLU C 414 -31.23 -51.13 -7.20
CA GLU C 414 -29.91 -50.80 -6.66
C GLU C 414 -28.93 -50.62 -7.82
N GLU C 415 -29.11 -51.37 -8.91
CA GLU C 415 -28.26 -51.26 -10.10
C GLU C 415 -28.46 -49.88 -10.75
N TRP C 416 -29.72 -49.43 -10.83
CA TRP C 416 -30.03 -48.13 -11.42
C TRP C 416 -29.40 -47.00 -10.58
N ARG C 417 -29.54 -47.12 -9.26
CA ARG C 417 -29.07 -46.09 -8.31
C ARG C 417 -27.55 -45.94 -8.43
N ALA C 418 -26.84 -47.06 -8.54
CA ALA C 418 -25.38 -47.08 -8.69
C ALA C 418 -25.00 -46.38 -10.01
N PHE C 419 -25.75 -46.67 -11.07
CA PHE C 419 -25.51 -46.06 -12.38
C PHE C 419 -25.77 -44.54 -12.33
N ALA C 420 -26.92 -44.16 -11.75
CA ALA C 420 -27.38 -42.78 -11.73
C ALA C 420 -26.41 -41.90 -10.93
N ALA C 421 -25.80 -42.48 -9.89
CA ALA C 421 -24.96 -41.73 -8.95
C ALA C 421 -23.72 -41.16 -9.64
N ARG C 422 -23.29 -41.78 -10.76
CA ARG C 422 -22.09 -41.32 -11.45
C ARG C 422 -22.41 -41.02 -12.93
N ALA C 423 -23.68 -40.75 -13.23
CA ALA C 423 -24.09 -40.51 -14.62
C ALA C 423 -24.43 -39.03 -14.81
N SER C 424 -23.97 -38.46 -15.93
CA SER C 424 -24.46 -37.22 -16.45
C SER C 424 -25.95 -37.34 -16.72
N LEU C 425 -26.63 -36.20 -16.79
CA LEU C 425 -28.05 -36.14 -17.13
C LEU C 425 -28.28 -36.80 -18.49
N HIS C 426 -27.42 -36.49 -19.47
CA HIS C 426 -27.49 -37.05 -20.82
C HIS C 426 -27.49 -38.57 -20.77
N ALA C 427 -26.51 -39.13 -20.05
CA ALA C 427 -26.32 -40.56 -19.92
C ALA C 427 -27.47 -41.21 -19.15
N ALA C 428 -27.96 -40.53 -18.09
CA ALA C 428 -29.04 -41.06 -17.26
C ALA C 428 -30.35 -41.10 -18.06
N ARG C 429 -30.62 -40.05 -18.82
CA ARG C 429 -31.84 -39.98 -19.65
C ARG C 429 -31.78 -41.07 -20.73
N ALA C 430 -30.62 -41.23 -21.38
CA ALA C 430 -30.43 -42.22 -22.44
C ALA C 430 -30.66 -43.64 -21.88
N LYS C 431 -30.12 -43.93 -20.72
CA LYS C 431 -30.26 -45.25 -20.09
C LYS C 431 -31.72 -45.48 -19.68
N ALA C 432 -32.35 -44.45 -19.09
CA ALA C 432 -33.76 -44.53 -18.68
C ALA C 432 -34.63 -44.83 -19.90
N LYS C 433 -34.33 -44.20 -21.03
CA LYS C 433 -35.06 -44.36 -22.29
C LYS C 433 -34.97 -45.83 -22.74
N GLU C 434 -33.79 -46.44 -22.61
CA GLU C 434 -33.58 -47.87 -22.91
C GLU C 434 -34.49 -48.74 -22.03
N LEU C 435 -34.70 -48.34 -20.77
CA LEU C 435 -35.51 -49.08 -19.81
C LEU C 435 -37.00 -48.71 -19.93
N GLY C 436 -37.34 -47.83 -20.87
CA GLY C 436 -38.72 -47.38 -21.08
C GLY C 436 -39.23 -46.51 -19.95
N ALA C 437 -38.32 -45.86 -19.24
CA ALA C 437 -38.63 -44.91 -18.18
C ALA C 437 -38.20 -43.51 -18.63
N ASP C 438 -39.20 -42.64 -18.86
CA ASP C 438 -38.97 -41.26 -19.24
C ASP C 438 -39.82 -40.34 -18.38
N PRO C 439 -39.53 -40.24 -17.06
CA PRO C 439 -40.35 -39.42 -16.17
C PRO C 439 -40.18 -37.92 -16.42
N PRO C 440 -41.22 -37.10 -16.18
CA PRO C 440 -41.07 -35.64 -16.21
C PRO C 440 -40.07 -35.21 -15.13
N TRP C 441 -39.12 -34.35 -15.51
CA TRP C 441 -38.13 -33.80 -14.59
C TRP C 441 -37.54 -32.53 -15.19
N ASP C 442 -37.53 -31.46 -14.37
CA ASP C 442 -37.15 -30.14 -14.83
C ASP C 442 -36.45 -29.41 -13.67
N CYS C 443 -35.12 -29.24 -13.79
CA CYS C 443 -34.35 -28.55 -12.74
C CYS C 443 -34.42 -27.02 -12.96
N GLU C 444 -34.83 -26.58 -14.16
CA GLU C 444 -35.01 -25.14 -14.44
C GLU C 444 -36.10 -24.55 -13.55
N LEU C 445 -37.19 -25.30 -13.34
CA LEU C 445 -38.35 -24.82 -12.56
C LEU C 445 -37.94 -24.49 -11.12
N ALA C 446 -36.94 -25.20 -10.59
CA ALA C 446 -36.54 -25.14 -9.18
C ALA C 446 -35.44 -24.09 -8.93
N LYS C 447 -35.04 -23.35 -9.97
CA LYS C 447 -33.95 -22.37 -9.81
C LYS C 447 -34.39 -21.25 -8.87
N THR C 448 -33.43 -20.71 -8.11
CA THR C 448 -33.65 -19.61 -7.20
C THR C 448 -33.89 -18.34 -8.00
N PRO C 449 -34.37 -17.25 -7.38
CA PRO C 449 -34.52 -15.98 -8.10
C PRO C 449 -33.22 -15.48 -8.77
N GLU C 450 -32.05 -15.75 -8.15
CA GLU C 450 -30.75 -15.38 -8.73
C GLU C 450 -30.43 -16.21 -9.97
N GLY C 451 -31.07 -17.38 -10.10
CA GLY C 451 -30.81 -18.31 -11.21
C GLY C 451 -29.91 -19.47 -10.81
N TYR C 452 -29.75 -19.73 -9.51
CA TYR C 452 -28.95 -20.84 -9.03
C TYR C 452 -29.78 -22.12 -8.98
N TYR C 453 -29.11 -23.26 -9.22
CA TYR C 453 -29.73 -24.58 -9.21
C TYR C 453 -29.66 -25.15 -7.80
N GLN C 454 -30.68 -25.91 -7.41
CA GLN C 454 -30.71 -26.56 -6.12
C GLN C 454 -30.03 -27.92 -6.24
N ILE C 455 -29.21 -28.26 -5.22
CA ILE C 455 -28.44 -29.50 -5.24
C ILE C 455 -28.57 -30.21 -3.89
N ARG C 456 -28.30 -31.51 -3.91
CA ARG C 456 -28.36 -32.35 -2.74
C ARG C 456 -26.99 -32.34 -2.04
N GLY C 457 -26.76 -31.34 -1.21
CA GLY C 457 -25.54 -31.25 -0.41
C GLY C 457 -25.43 -32.40 0.57
N GLY C 458 -24.19 -32.75 0.92
CA GLY C 458 -23.92 -33.85 1.85
C GLY C 458 -22.55 -34.44 1.60
N ILE C 459 -22.18 -35.43 2.41
CA ILE C 459 -20.87 -36.04 2.32
C ILE C 459 -20.70 -36.73 0.97
N PRO C 460 -21.71 -37.43 0.41
CA PRO C 460 -21.57 -38.02 -0.92
C PRO C 460 -21.19 -36.99 -2.00
N TYR C 461 -21.79 -35.79 -1.97
CA TYR C 461 -21.46 -34.74 -2.92
C TYR C 461 -20.03 -34.25 -2.67
N ALA C 462 -19.64 -34.08 -1.40
CA ALA C 462 -18.28 -33.67 -1.03
C ALA C 462 -17.27 -34.67 -1.58
N ILE C 463 -17.60 -35.96 -1.46
CA ILE C 463 -16.75 -37.02 -1.99
C ILE C 463 -16.61 -36.87 -3.51
N ALA C 464 -17.73 -36.67 -4.21
CA ALA C 464 -17.75 -36.60 -5.68
C ALA C 464 -16.89 -35.42 -6.17
N LYS C 465 -17.07 -34.24 -5.55
CA LYS C 465 -16.31 -33.03 -5.93
C LYS C 465 -14.82 -33.27 -5.67
N SER C 466 -14.50 -33.87 -4.52
CA SER C 466 -13.12 -34.09 -4.11
C SER C 466 -12.43 -35.12 -4.99
N LEU C 467 -13.14 -36.19 -5.38
CA LEU C 467 -12.56 -37.20 -6.29
C LEU C 467 -12.20 -36.54 -7.62
N ALA C 468 -13.06 -35.64 -8.12
CA ALA C 468 -12.80 -34.95 -9.38
C ALA C 468 -11.57 -34.04 -9.26
N ALA C 469 -11.38 -33.44 -8.07
CA ALA C 469 -10.29 -32.48 -7.83
C ALA C 469 -8.96 -33.20 -7.55
N ALA C 470 -9.00 -34.48 -7.14
CA ALA C 470 -7.83 -35.18 -6.58
C ALA C 470 -6.61 -35.12 -7.51
N PRO C 471 -6.73 -35.36 -8.83
CA PRO C 471 -5.57 -35.30 -9.72
C PRO C 471 -4.98 -33.88 -9.91
N PHE C 472 -5.62 -32.86 -9.32
CA PHE C 472 -5.23 -31.47 -9.50
C PHE C 472 -4.78 -30.83 -8.18
N ALA C 473 -4.68 -31.62 -7.11
CA ALA C 473 -4.39 -31.09 -5.78
C ALA C 473 -3.51 -32.06 -4.99
N ASP C 474 -2.73 -31.49 -4.06
CA ASP C 474 -1.83 -32.25 -3.20
C ASP C 474 -2.54 -32.71 -1.93
N ILE C 475 -3.54 -31.94 -1.47
CA ILE C 475 -4.27 -32.24 -0.24
C ILE C 475 -5.75 -31.94 -0.50
N LEU C 476 -6.65 -32.81 -0.01
CA LEU C 476 -8.10 -32.62 -0.11
C LEU C 476 -8.68 -32.34 1.28
N TRP C 477 -9.71 -31.49 1.31
CA TRP C 477 -10.32 -31.01 2.54
C TRP C 477 -11.83 -30.86 2.31
N MET C 478 -12.62 -31.56 3.12
CA MET C 478 -14.06 -31.38 3.19
C MET C 478 -14.39 -30.45 4.35
N GLU C 479 -14.89 -29.26 4.04
CA GLU C 479 -15.28 -28.30 5.06
C GLU C 479 -16.38 -28.94 5.93
N THR C 480 -16.17 -28.87 7.25
CA THR C 480 -17.10 -29.41 8.24
C THR C 480 -17.41 -28.33 9.28
N LYS C 481 -18.65 -28.32 9.77
CA LYS C 481 -19.09 -27.50 10.89
C LYS C 481 -18.78 -28.21 12.21
N THR C 482 -19.21 -29.48 12.31
CA THR C 482 -19.12 -30.29 13.53
C THR C 482 -17.89 -31.19 13.49
N ALA C 483 -17.26 -31.38 14.66
CA ALA C 483 -16.14 -32.29 14.82
C ALA C 483 -16.69 -33.70 15.06
N ASP C 484 -16.61 -34.55 14.04
CA ASP C 484 -17.26 -35.85 14.05
C ASP C 484 -16.37 -36.85 13.29
N LEU C 485 -15.79 -37.82 14.01
CA LEU C 485 -14.86 -38.77 13.43
C LEU C 485 -15.55 -39.66 12.39
N ALA C 486 -16.83 -40.01 12.59
CA ALA C 486 -17.57 -40.86 11.64
C ALA C 486 -17.70 -40.17 10.28
N ASP C 487 -18.06 -38.88 10.30
CA ASP C 487 -18.17 -38.07 9.07
C ASP C 487 -16.80 -38.01 8.39
N ALA C 488 -15.74 -37.77 9.18
CA ALA C 488 -14.38 -37.70 8.64
C ALA C 488 -14.01 -39.04 7.98
N ARG C 489 -14.37 -40.14 8.65
CA ARG C 489 -14.06 -41.48 8.15
C ARG C 489 -14.80 -41.77 6.83
N GLN C 490 -16.07 -41.39 6.74
CA GLN C 490 -16.85 -41.60 5.51
C GLN C 490 -16.12 -40.95 4.33
N PHE C 491 -15.67 -39.70 4.51
CA PHE C 491 -14.95 -38.96 3.48
C PHE C 491 -13.62 -39.64 3.16
N ALA C 492 -12.80 -39.89 4.19
CA ALA C 492 -11.44 -40.40 4.01
C ALA C 492 -11.46 -41.76 3.30
N GLU C 493 -12.36 -42.66 3.74
CA GLU C 493 -12.40 -44.02 3.17
C GLU C 493 -12.81 -43.95 1.70
N ALA C 494 -13.73 -43.06 1.35
CA ALA C 494 -14.21 -42.93 -0.03
C ALA C 494 -13.09 -42.39 -0.93
N ILE C 495 -12.33 -41.40 -0.45
CA ILE C 495 -11.20 -40.86 -1.22
C ILE C 495 -10.14 -41.96 -1.39
N HIS C 496 -9.80 -42.65 -0.30
CA HIS C 496 -8.67 -43.57 -0.29
C HIS C 496 -8.99 -44.86 -1.06
N ALA C 497 -10.27 -45.15 -1.28
CA ALA C 497 -10.67 -46.28 -2.14
C ALA C 497 -10.21 -46.06 -3.57
N GLU C 498 -10.12 -44.80 -4.03
CA GLU C 498 -9.71 -44.46 -5.39
CA GLU C 498 -9.72 -44.45 -5.40
C GLU C 498 -8.28 -43.91 -5.43
N PHE C 499 -7.89 -43.15 -4.40
CA PHE C 499 -6.60 -42.48 -4.32
C PHE C 499 -5.98 -42.79 -2.96
N PRO C 500 -5.39 -43.99 -2.77
CA PRO C 500 -4.91 -44.40 -1.45
C PRO C 500 -3.77 -43.56 -0.88
N ASP C 501 -3.05 -42.81 -1.74
CA ASP C 501 -1.92 -41.98 -1.32
C ASP C 501 -2.33 -40.51 -1.11
N GLN C 502 -3.63 -40.21 -1.16
CA GLN C 502 -4.12 -38.83 -1.13
C GLN C 502 -4.13 -38.30 0.32
N MET C 503 -3.29 -37.31 0.59
CA MET C 503 -3.25 -36.63 1.87
C MET C 503 -4.51 -35.76 2.02
N LEU C 504 -5.00 -35.68 3.26
CA LEU C 504 -6.22 -34.94 3.59
C LEU C 504 -5.90 -33.89 4.67
N ALA C 505 -6.83 -32.93 4.81
CA ALA C 505 -6.76 -31.91 5.85
C ALA C 505 -8.14 -31.74 6.46
N TYR C 506 -8.16 -31.37 7.74
CA TYR C 506 -9.40 -31.30 8.52
C TYR C 506 -9.44 -29.99 9.31
N ASN C 507 -10.53 -29.23 9.14
CA ASN C 507 -10.70 -27.97 9.85
C ASN C 507 -11.43 -28.24 11.17
N LEU C 508 -11.04 -27.47 12.19
CA LEU C 508 -11.66 -27.50 13.50
C LEU C 508 -12.17 -26.09 13.80
N SER C 509 -13.49 -25.91 13.78
CA SER C 509 -14.09 -24.61 14.01
C SER C 509 -13.91 -24.21 15.47
N PRO C 510 -13.40 -22.99 15.75
CA PRO C 510 -13.33 -22.47 17.12
C PRO C 510 -14.67 -22.24 17.82
N SER C 511 -15.75 -22.15 17.04
CA SER C 511 -17.09 -21.87 17.55
C SER C 511 -17.90 -23.16 17.77
N PHE C 512 -17.37 -24.32 17.36
CA PHE C 512 -18.03 -25.61 17.62
C PHE C 512 -17.90 -25.94 19.10
N ASN C 513 -19.05 -26.09 19.78
CA ASN C 513 -19.09 -26.31 21.22
C ASN C 513 -18.67 -27.75 21.54
N TRP C 514 -17.44 -27.90 22.04
CA TRP C 514 -16.87 -29.22 22.35
C TRP C 514 -17.56 -29.88 23.54
N ASP C 515 -17.99 -29.09 24.52
CA ASP C 515 -18.50 -29.63 25.78
C ASP C 515 -19.90 -30.23 25.61
N THR C 516 -20.63 -29.82 24.57
CA THR C 516 -21.99 -30.32 24.34
C THR C 516 -21.98 -31.50 23.35
N THR C 517 -20.79 -32.01 23.00
CA THR C 517 -20.67 -33.24 22.20
C THR C 517 -20.91 -34.47 23.08
N GLY C 518 -20.69 -34.33 24.39
CA GLY C 518 -20.73 -35.46 25.31
C GLY C 518 -19.43 -36.25 25.31
N MET C 519 -18.43 -35.82 24.52
CA MET C 519 -17.14 -36.48 24.52
C MET C 519 -16.51 -36.37 25.91
N THR C 520 -15.80 -37.43 26.31
CA THR C 520 -14.97 -37.37 27.52
C THR C 520 -13.77 -36.47 27.24
N ASP C 521 -13.12 -36.01 28.31
CA ASP C 521 -11.91 -35.22 28.22
C ASP C 521 -10.87 -36.01 27.40
N GLU C 522 -10.82 -37.34 27.62
CA GLU C 522 -9.82 -38.18 26.96
C GLU C 522 -10.11 -38.31 25.46
N GLU C 523 -11.39 -38.36 25.09
CA GLU C 523 -11.78 -38.41 23.68
C GLU C 523 -11.36 -37.11 22.97
N MET C 524 -11.49 -35.98 23.67
CA MET C 524 -11.06 -34.69 23.13
C MET C 524 -9.54 -34.65 22.98
N ARG C 525 -8.83 -35.22 23.96
CA ARG C 525 -7.37 -35.31 23.91
C ARG C 525 -6.93 -36.12 22.68
N ARG C 526 -7.68 -37.17 22.34
CA ARG C 526 -7.25 -38.15 21.35
C ARG C 526 -7.77 -37.79 19.95
N PHE C 527 -8.69 -36.83 19.85
CA PHE C 527 -9.36 -36.52 18.60
C PHE C 527 -8.34 -36.23 17.51
N PRO C 528 -7.31 -35.37 17.73
CA PRO C 528 -6.29 -35.09 16.71
C PRO C 528 -5.56 -36.34 16.19
N GLU C 529 -5.16 -37.23 17.10
CA GLU C 529 -4.49 -38.48 16.73
C GLU C 529 -5.42 -39.33 15.86
N GLU C 530 -6.71 -39.38 16.19
CA GLU C 530 -7.71 -40.18 15.45
C GLU C 530 -7.81 -39.66 14.00
N LEU C 531 -7.77 -38.33 13.83
CA LEU C 531 -7.76 -37.73 12.49
C LEU C 531 -6.53 -38.22 11.71
N GLY C 532 -5.36 -38.16 12.34
CA GLY C 532 -4.10 -38.56 11.73
C GLY C 532 -4.13 -40.00 11.24
N LYS C 533 -4.78 -40.88 12.01
CA LYS C 533 -4.88 -42.31 11.68
C LYS C 533 -5.62 -42.50 10.35
N MET C 534 -6.49 -41.55 9.97
CA MET C 534 -7.30 -41.66 8.76
C MET C 534 -6.66 -40.91 7.57
N GLY C 535 -5.46 -40.35 7.75
CA GLY C 535 -4.72 -39.70 6.68
C GLY C 535 -4.98 -38.19 6.58
N PHE C 536 -5.65 -37.62 7.59
CA PHE C 536 -5.73 -36.17 7.76
C PHE C 536 -4.42 -35.71 8.41
N VAL C 537 -3.52 -35.16 7.60
CA VAL C 537 -2.13 -34.94 7.99
C VAL C 537 -1.92 -33.53 8.57
N PHE C 538 -2.85 -32.63 8.29
CA PHE C 538 -2.73 -31.20 8.64
C PHE C 538 -4.11 -30.70 9.06
N ASN C 539 -4.28 -30.53 10.38
CA ASN C 539 -5.55 -30.23 10.99
C ASN C 539 -5.39 -28.96 11.82
N PHE C 540 -6.39 -28.08 11.77
CA PHE C 540 -6.17 -26.69 12.17
C PHE C 540 -7.43 -26.06 12.75
N ILE C 541 -7.22 -25.35 13.88
CA ILE C 541 -8.22 -24.51 14.47
C ILE C 541 -8.11 -23.12 13.83
N THR C 542 -9.00 -22.86 12.86
CA THR C 542 -8.83 -21.80 11.84
C THR C 542 -8.43 -20.46 12.47
N TYR C 543 -9.33 -19.86 13.27
CA TYR C 543 -9.07 -18.54 13.87
C TYR C 543 -8.86 -18.65 15.40
N GLY C 544 -8.14 -19.69 15.82
CA GLY C 544 -7.77 -19.88 17.24
C GLY C 544 -7.04 -18.67 17.80
N GLY C 545 -6.10 -18.12 17.03
CA GLY C 545 -5.30 -16.95 17.44
C GLY C 545 -6.18 -15.75 17.80
N HIS C 546 -7.19 -15.50 16.98
CA HIS C 546 -8.15 -14.41 17.19
C HIS C 546 -8.85 -14.59 18.55
N GLN C 547 -9.23 -15.83 18.86
CA GLN C 547 -9.99 -16.14 20.07
C GLN C 547 -9.10 -15.92 21.31
N ILE C 548 -7.87 -16.44 21.28
CA ILE C 548 -7.00 -16.35 22.47
C ILE C 548 -6.56 -14.90 22.68
N ASP C 549 -6.41 -14.14 21.59
CA ASP C 549 -6.12 -12.69 21.63
C ASP C 549 -7.21 -11.95 22.42
N GLY C 550 -8.47 -12.28 22.15
CA GLY C 550 -9.62 -11.65 22.77
C GLY C 550 -9.70 -11.94 24.25
N VAL C 551 -9.55 -13.22 24.61
CA VAL C 551 -9.60 -13.66 25.99
C VAL C 551 -8.48 -12.98 26.78
N ALA C 552 -7.27 -12.95 26.20
CA ALA C 552 -6.10 -12.36 26.86
C ALA C 552 -6.35 -10.88 27.19
N ALA C 553 -6.91 -10.14 26.22
CA ALA C 553 -7.15 -8.69 26.37
C ALA C 553 -8.24 -8.43 27.41
N GLU C 554 -9.34 -9.19 27.34
CA GLU C 554 -10.43 -9.08 28.32
C GLU C 554 -9.87 -9.28 29.73
N GLU C 555 -9.10 -10.36 29.91
CA GLU C 555 -8.55 -10.71 31.22
C GLU C 555 -7.63 -9.60 31.74
N PHE C 556 -6.74 -9.10 30.87
CA PHE C 556 -5.76 -8.13 31.34
C PHE C 556 -6.42 -6.78 31.64
N ALA C 557 -7.34 -6.35 30.79
CA ALA C 557 -8.04 -5.08 30.98
C ALA C 557 -8.85 -5.12 32.28
N THR C 558 -9.54 -6.23 32.52
CA THR C 558 -10.31 -6.44 33.74
C THR C 558 -9.39 -6.36 34.96
N ALA C 559 -8.25 -7.08 34.90
CA ALA C 559 -7.30 -7.16 36.01
C ALA C 559 -6.68 -5.79 36.29
N LEU C 560 -6.34 -5.03 35.24
CA LEU C 560 -5.76 -3.71 35.39
C LEU C 560 -6.75 -2.78 36.11
N ARG C 561 -8.04 -2.83 35.71
CA ARG C 561 -9.07 -1.98 36.30
C ARG C 561 -9.30 -2.36 37.77
N GLN C 562 -9.21 -3.65 38.09
CA GLN C 562 -9.57 -4.18 39.41
C GLN C 562 -8.37 -4.11 40.37
N ASP C 563 -7.16 -4.43 39.90
CA ASP C 563 -6.00 -4.65 40.75
C ASP C 563 -4.80 -3.78 40.37
N GLY C 564 -5.00 -2.76 39.53
CA GLY C 564 -3.92 -1.85 39.17
C GLY C 564 -2.67 -2.58 38.70
N MET C 565 -1.50 -2.19 39.21
CA MET C 565 -0.24 -2.67 38.68
C MET C 565 0.05 -4.11 39.13
N LEU C 566 -0.74 -4.62 40.08
CA LEU C 566 -0.66 -6.03 40.47
C LEU C 566 -0.99 -6.91 39.26
N ALA C 567 -1.84 -6.42 38.35
CA ALA C 567 -2.16 -7.09 37.08
C ALA C 567 -0.88 -7.38 36.28
N LEU C 568 0.02 -6.41 36.21
CA LEU C 568 1.28 -6.57 35.47
C LEU C 568 2.25 -7.46 36.27
N ALA C 569 2.32 -7.24 37.58
CA ALA C 569 3.17 -8.06 38.45
C ALA C 569 2.84 -9.55 38.26
N ARG C 570 1.55 -9.88 38.22
CA ARG C 570 1.10 -11.27 38.11
C ARG C 570 1.48 -11.85 36.74
N LEU C 571 1.34 -11.04 35.69
CA LEU C 571 1.74 -11.47 34.34
C LEU C 571 3.24 -11.78 34.33
N GLN C 572 4.03 -10.90 34.96
CA GLN C 572 5.49 -11.04 35.01
C GLN C 572 5.87 -12.32 35.77
N ARG C 573 5.16 -12.61 36.88
CA ARG C 573 5.37 -13.81 37.69
C ARG C 573 5.17 -15.07 36.84
N LYS C 574 4.06 -15.13 36.09
CA LYS C 574 3.75 -16.27 35.22
C LYS C 574 4.89 -16.49 34.21
N MET C 575 5.40 -15.41 33.61
CA MET C 575 6.47 -15.50 32.61
C MET C 575 7.73 -16.10 33.25
N ARG C 576 8.04 -15.67 34.47
CA ARG C 576 9.23 -16.17 35.19
C ARG C 576 9.03 -17.65 35.51
N LEU C 577 7.82 -18.03 35.92
CA LEU C 577 7.49 -19.39 36.31
C LEU C 577 7.77 -20.38 35.17
N VAL C 578 7.39 -20.01 33.93
CA VAL C 578 7.52 -20.92 32.77
C VAL C 578 8.77 -20.58 31.96
N GLU C 579 9.57 -19.62 32.41
CA GLU C 579 10.79 -19.18 31.72
C GLU C 579 10.45 -18.77 30.28
N SER C 580 9.39 -17.97 30.12
CA SER C 580 9.01 -17.43 28.81
C SER C 580 10.08 -16.46 28.33
N PRO C 581 10.46 -16.47 27.04
CA PRO C 581 11.37 -15.45 26.50
C PRO C 581 10.76 -14.04 26.54
N TYR C 582 9.45 -13.94 26.79
CA TYR C 582 8.79 -12.65 26.94
C TYR C 582 9.22 -11.95 28.25
N ARG C 583 9.87 -12.68 29.17
CA ARG C 583 10.35 -12.07 30.42
C ARG C 583 11.50 -11.09 30.10
N THR C 584 12.23 -11.29 29.00
CA THR C 584 13.28 -10.36 28.55
C THR C 584 12.94 -9.85 27.15
N PRO C 585 11.94 -8.95 27.03
CA PRO C 585 11.37 -8.61 25.73
C PRO C 585 12.36 -7.96 24.76
N GLN C 586 13.35 -7.22 25.28
CA GLN C 586 14.35 -6.58 24.42
C GLN C 586 15.21 -7.64 23.72
N THR C 587 15.49 -8.77 24.40
CA THR C 587 16.21 -9.88 23.80
C THR C 587 15.31 -10.57 22.78
N LEU C 588 14.05 -10.81 23.17
CA LEU C 588 13.07 -11.51 22.33
C LEU C 588 13.03 -10.89 20.91
N VAL C 589 13.00 -9.56 20.82
CA VAL C 589 12.76 -8.87 19.53
C VAL C 589 14.08 -8.61 18.79
N GLY C 590 15.23 -8.97 19.37
CA GLY C 590 16.51 -9.00 18.63
C GLY C 590 17.50 -7.92 19.02
N GLY C 591 17.42 -7.42 20.26
CA GLY C 591 18.35 -6.39 20.77
C GLY C 591 19.81 -6.77 20.56
N PRO C 592 20.27 -7.97 20.97
CA PRO C 592 21.68 -8.34 20.83
C PRO C 592 22.22 -8.26 19.39
N ARG C 593 21.49 -8.83 18.42
CA ARG C 593 21.91 -8.82 17.02
C ARG C 593 21.91 -7.37 16.48
N SER C 594 20.96 -6.54 16.92
CA SER C 594 20.87 -5.14 16.51
CA SER C 594 20.87 -5.14 16.52
C SER C 594 22.07 -4.35 17.07
N ASP C 595 22.44 -4.61 18.33
CA ASP C 595 23.61 -3.97 18.92
CA ASP C 595 23.60 -3.96 18.92
C ASP C 595 24.86 -4.31 18.10
N ALA C 596 24.97 -5.59 17.68
CA ALA C 596 26.09 -6.03 16.88
C ALA C 596 26.11 -5.27 15.53
N ALA C 597 24.93 -5.04 14.96
CA ALA C 597 24.81 -4.29 13.70
C ALA C 597 25.29 -2.84 13.86
N LEU C 598 24.98 -2.22 15.00
CA LEU C 598 25.47 -0.86 15.29
C LEU C 598 26.99 -0.85 15.38
N ALA C 599 27.57 -1.86 16.06
CA ALA C 599 29.02 -1.97 16.21
C ALA C 599 29.69 -2.06 14.83
N ALA C 600 29.12 -2.88 13.94
CA ALA C 600 29.64 -3.02 12.57
C ALA C 600 29.50 -1.70 11.80
N SER C 601 28.31 -1.09 11.87
CA SER C 601 27.99 0.09 11.08
C SER C 601 28.88 1.28 11.46
N SER C 602 29.23 1.39 12.75
CA SER C 602 29.96 2.53 13.31
C SER C 602 31.45 2.24 13.48
N GLY C 603 31.90 1.03 13.12
CA GLY C 603 33.29 0.61 13.38
C GLY C 603 33.63 0.62 14.87
N ARG C 604 32.63 0.29 15.69
CA ARG C 604 32.72 0.27 17.17
C ARG C 604 33.05 1.65 17.76
N THR C 605 32.73 2.73 17.04
CA THR C 605 33.01 4.10 17.54
C THR C 605 31.77 4.73 18.19
N ALA C 606 30.58 4.14 17.98
CA ALA C 606 29.35 4.66 18.58
C ALA C 606 29.45 4.55 20.11
N THR C 607 29.12 5.63 20.82
CA THR C 607 29.29 5.69 22.26
C THR C 607 28.11 5.03 22.96
N THR C 608 28.39 3.97 23.71
CA THR C 608 27.36 3.22 24.44
C THR C 608 27.62 3.22 25.96
N LYS C 609 28.82 3.60 26.40
CA LYS C 609 29.19 3.61 27.83
C LYS C 609 29.06 5.01 28.41
N ALA C 610 28.53 5.09 29.64
CA ALA C 610 28.19 6.36 30.29
C ALA C 610 29.36 6.86 31.15
N MET C 611 29.49 8.20 31.24
CA MET C 611 30.35 8.92 32.19
C MET C 611 29.48 9.86 33.05
N GLY C 612 29.87 10.03 34.32
CA GLY C 612 29.35 11.11 35.19
C GLY C 612 28.71 10.57 36.46
N VAL C 626 47.08 31.66 44.80
CA VAL C 626 48.10 32.36 45.59
C VAL C 626 47.41 33.45 46.43
N PRO C 627 47.07 33.15 47.70
CA PRO C 627 46.41 34.13 48.58
C PRO C 627 47.41 35.07 49.27
N ARG C 628 46.92 36.26 49.65
CA ARG C 628 47.69 37.24 50.43
C ARG C 628 48.22 36.58 51.71
N LYS C 629 47.41 35.70 52.30
CA LYS C 629 47.71 34.98 53.54
C LYS C 629 49.06 34.25 53.46
N LEU C 630 49.45 33.79 52.26
CA LEU C 630 50.72 33.07 52.10
C LEU C 630 51.90 33.98 52.46
N LEU C 631 51.87 35.23 51.97
CA LEU C 631 52.92 36.21 52.30
C LEU C 631 52.86 36.54 53.79
N GLU C 632 51.65 36.61 54.36
CA GLU C 632 51.48 36.88 55.80
C GLU C 632 52.15 35.78 56.63
N GLU C 633 52.01 34.52 56.20
CA GLU C 633 52.65 33.37 56.87
C GLU C 633 54.18 33.50 56.80
N TRP C 634 54.70 33.86 55.62
CA TRP C 634 56.14 34.06 55.45
C TRP C 634 56.64 35.19 56.36
N LEU C 635 55.84 36.27 56.47
CA LEU C 635 56.22 37.44 57.26
C LEU C 635 56.14 37.12 58.76
N ALA C 636 55.27 36.18 59.15
CA ALA C 636 55.22 35.69 60.53
C ALA C 636 56.52 34.93 60.86
N MET C 637 57.01 34.12 59.90
CA MET C 637 58.30 33.43 60.06
C MET C 637 59.43 34.46 60.21
N TRP C 638 59.37 35.47 59.34
CA TRP C 638 60.31 36.58 59.28
C TRP C 638 60.31 37.35 60.60
N GLY C 640 59.15 36.50 63.43
CA GLY C 640 59.62 35.57 64.45
C GLY C 640 61.13 35.55 64.57
N HIS C 641 61.82 35.40 63.43
CA HIS C 641 63.28 35.32 63.43
C HIS C 641 63.89 36.63 63.93
N LEU C 648 52.32 41.54 60.93
CA LEU C 648 52.35 42.16 59.62
C LEU C 648 51.23 41.61 58.74
N ARG C 649 50.44 42.54 58.19
CA ARG C 649 49.29 42.28 57.33
C ARG C 649 49.66 42.68 55.91
N VAL C 650 49.12 41.96 54.92
CA VAL C 650 49.37 42.22 53.50
C VAL C 650 48.10 42.78 52.87
N GLN C 651 48.27 43.87 52.11
CA GLN C 651 47.21 44.55 51.38
C GLN C 651 47.62 44.60 49.90
N LEU C 652 46.72 44.19 49.01
CA LEU C 652 46.93 44.34 47.56
C LEU C 652 45.65 44.91 46.93
N ARG C 653 45.73 46.19 46.51
CA ARG C 653 44.59 46.92 45.97
C ARG C 653 45.06 47.87 44.89
N PRO C 654 44.17 48.38 44.02
CA PRO C 654 44.50 49.47 43.10
C PRO C 654 45.14 50.62 43.90
N GLN C 655 46.18 51.23 43.33
CA GLN C 655 46.97 52.26 43.99
C GLN C 655 46.09 53.48 44.26
N ARG C 656 45.12 53.71 43.36
CA ARG C 656 44.01 54.63 43.59
C ARG C 656 42.78 54.10 42.84
N ALA C 657 41.61 54.68 43.14
CA ALA C 657 40.32 54.24 42.61
C ALA C 657 40.38 54.17 41.08
N GLY C 658 40.02 53.01 40.54
CA GLY C 658 39.81 52.80 39.10
C GLY C 658 41.10 52.62 38.32
N SER C 659 42.24 52.47 39.01
CA SER C 659 43.57 52.40 38.39
C SER C 659 43.93 50.94 38.13
N GLU C 660 44.68 50.70 37.05
CA GLU C 660 45.26 49.39 36.74
C GLU C 660 46.61 49.23 37.44
N VAL C 661 47.15 50.32 37.97
CA VAL C 661 48.34 50.28 38.82
C VAL C 661 47.92 49.79 40.20
N LEU C 662 48.64 48.78 40.71
CA LEU C 662 48.37 48.14 42.00
C LEU C 662 49.41 48.58 43.03
N GLU C 663 49.02 48.48 44.31
CA GLU C 663 49.94 48.68 45.43
C GLU C 663 49.84 47.49 46.39
N LEU C 664 50.96 46.78 46.55
CA LEU C 664 51.20 45.82 47.61
C LEU C 664 51.72 46.62 48.81
N GLY C 665 50.96 46.62 49.92
CA GLY C 665 51.36 47.26 51.16
C GLY C 665 51.53 46.26 52.29
N ILE C 666 52.60 46.41 53.07
CA ILE C 666 52.80 45.70 54.33
C ILE C 666 52.44 46.67 55.46
N HIS C 667 51.45 46.29 56.27
CA HIS C 667 50.94 47.13 57.37
C HIS C 667 51.15 46.45 58.71
N LEU C 674 56.58 50.80 57.33
CA LEU C 674 55.90 49.75 56.58
C LEU C 674 56.79 49.30 55.40
N ALA C 675 56.15 48.82 54.34
CA ALA C 675 56.82 48.58 53.06
C ALA C 675 55.76 48.59 51.94
N ASN C 676 56.19 48.83 50.70
CA ASN C 676 55.26 48.78 49.58
C ASN C 676 55.99 48.46 48.26
N VAL C 677 55.19 48.00 47.30
CA VAL C 677 55.55 47.92 45.89
C VAL C 677 54.35 48.43 45.09
N ILE C 678 54.59 49.45 44.26
CA ILE C 678 53.60 49.99 43.34
C ILE C 678 53.99 49.54 41.93
N PHE C 679 53.07 48.85 41.24
CA PHE C 679 53.40 48.15 40.02
C PHE C 679 52.14 47.90 39.18
N GLN C 680 52.34 47.68 37.88
CA GLN C 680 51.27 47.28 36.98
C GLN C 680 51.67 45.98 36.28
N PRO C 681 50.83 44.92 36.39
CA PRO C 681 51.04 43.71 35.59
C PRO C 681 50.57 43.96 34.16
N ILE C 682 51.42 43.59 33.19
CA ILE C 682 51.11 43.73 31.78
C ILE C 682 51.48 42.42 31.08
N GLN C 683 50.99 42.25 29.86
CA GLN C 683 51.33 41.09 29.03
C GLN C 683 52.01 41.58 27.74
N ASP C 684 53.09 40.89 27.34
CA ASP C 684 53.79 41.17 26.09
C ASP C 684 53.06 40.42 24.95
N ARG C 685 53.63 40.53 23.76
CA ARG C 685 53.07 39.91 22.54
C ARG C 685 53.01 38.40 22.69
N ARG C 686 53.89 37.81 23.48
CA ARG C 686 53.92 36.34 23.64
C ARG C 686 53.01 35.89 24.79
N GLY C 687 52.33 36.82 25.45
CA GLY C 687 51.42 36.50 26.55
C GLY C 687 52.14 36.36 27.88
N ARG C 688 53.42 36.65 27.91
CA ARG C 688 54.22 36.58 29.15
C ARG C 688 53.84 37.77 30.04
N THR C 689 53.76 37.54 31.35
CA THR C 689 53.43 38.62 32.30
C THR C 689 54.70 39.34 32.74
N ILE C 690 54.67 40.67 32.69
CA ILE C 690 55.80 41.49 33.18
C ILE C 690 55.22 42.42 34.25
N LEU C 691 55.91 42.55 35.38
CA LEU C 691 55.52 43.50 36.41
C LEU C 691 56.31 44.80 36.20
N LEU C 692 55.60 45.88 35.88
CA LEU C 692 56.19 47.22 35.73
C LEU C 692 56.16 47.91 37.10
N VAL C 693 57.31 47.99 37.76
CA VAL C 693 57.40 48.56 39.11
C VAL C 693 57.69 50.05 39.02
N ARG C 694 56.74 50.86 39.52
CA ARG C 694 56.84 52.30 39.59
C ARG C 694 57.64 52.73 40.82
N ASP C 695 57.50 51.99 41.93
CA ASP C 695 58.11 52.35 43.19
C ASP C 695 58.13 51.14 44.13
N GLN C 696 59.15 51.07 44.98
CA GLN C 696 59.23 50.10 46.08
C GLN C 696 59.95 50.76 47.25
N ASN C 697 59.55 50.45 48.48
CA ASN C 697 60.09 51.07 49.68
C ASN C 697 60.05 50.09 50.86
N THR C 698 61.13 50.09 51.66
CA THR C 698 61.09 49.57 53.02
C THR C 698 61.14 50.78 53.97
N PHE C 699 59.97 51.20 54.46
CA PHE C 699 59.81 52.46 55.18
C PHE C 699 60.38 52.36 56.60
N GLY C 700 60.01 51.30 57.32
CA GLY C 700 60.50 51.06 58.69
C GLY C 700 62.00 50.75 58.71
N ALA C 701 62.76 51.55 59.46
CA ALA C 701 64.23 51.45 59.52
C ALA C 701 64.64 50.14 60.18
N GLU C 702 63.85 49.68 61.16
CA GLU C 702 64.08 48.43 61.88
C GLU C 702 63.96 47.22 60.94
N LEU C 703 63.24 47.39 59.82
CA LEU C 703 62.90 46.29 58.90
C LEU C 703 63.94 46.15 57.78
N ARG C 704 64.84 47.13 57.65
CA ARG C 704 65.76 47.21 56.51
C ARG C 704 66.90 46.18 56.67
N GLN C 705 67.54 45.86 55.54
CA GLN C 705 68.74 45.01 55.46
C GLN C 705 68.40 43.58 55.90
N LYS C 706 67.14 43.16 55.75
CA LYS C 706 66.70 41.86 56.30
C LYS C 706 65.94 41.02 55.26
N ARG C 707 66.02 41.37 53.98
CA ARG C 707 65.48 40.57 52.84
C ARG C 707 63.94 40.62 52.79
N LEU C 708 63.32 41.64 53.41
CA LEU C 708 61.86 41.79 53.39
C LEU C 708 61.37 41.92 51.93
N MET C 709 62.03 42.79 51.17
CA MET C 709 61.61 43.12 49.82
C MET C 709 61.77 41.88 48.91
N THR C 710 62.75 41.02 49.21
CA THR C 710 62.93 39.74 48.51
C THR C 710 61.68 38.86 48.70
N LEU C 711 61.18 38.79 49.93
CA LEU C 711 60.00 37.97 50.25
C LEU C 711 58.77 38.51 49.49
N ILE C 712 58.63 39.84 49.46
CA ILE C 712 57.50 40.48 48.79
C ILE C 712 57.54 40.13 47.29
N HIS C 713 58.74 40.22 46.69
CA HIS C 713 58.91 39.95 45.25
C HIS C 713 58.67 38.46 44.96
N LEU C 714 59.12 37.57 45.85
CA LEU C 714 58.87 36.14 45.70
C LEU C 714 57.35 35.93 45.57
N TRP C 715 56.59 36.58 46.45
CA TRP C 715 55.15 36.43 46.46
C TRP C 715 54.54 37.02 45.18
N LEU C 716 54.98 38.22 44.79
CA LEU C 716 54.41 38.92 43.62
C LEU C 716 54.66 38.10 42.34
N VAL C 717 55.87 37.56 42.21
CA VAL C 717 56.26 36.78 41.03
C VAL C 717 55.40 35.51 40.94
N HIS C 718 55.16 34.88 42.10
CA HIS C 718 54.31 33.69 42.20
C HIS C 718 52.85 34.05 41.92
N ARG C 719 52.36 35.11 42.56
CA ARG C 719 50.96 35.54 42.44
C ARG C 719 50.59 35.81 40.98
N PHE C 720 51.46 36.53 40.26
CA PHE C 720 51.17 37.02 38.89
C PHE C 720 51.83 36.15 37.82
N LYS C 721 52.54 35.08 38.24
CA LYS C 721 53.25 34.17 37.33
C LYS C 721 54.08 35.00 36.35
N ALA C 722 54.93 35.87 36.91
CA ALA C 722 55.69 36.84 36.14
C ALA C 722 56.91 36.16 35.49
N GLN C 723 57.23 36.61 34.27
CA GLN C 723 58.44 36.19 33.54
C GLN C 723 59.58 37.17 33.86
N ALA C 724 59.22 38.44 34.08
CA ALA C 724 60.21 39.50 34.30
C ALA C 724 59.60 40.64 35.12
N VAL C 725 60.48 41.44 35.73
CA VAL C 725 60.14 42.63 36.48
C VAL C 725 60.98 43.79 35.91
N HIS C 726 60.31 44.89 35.56
CA HIS C 726 60.94 46.11 35.06
C HIS C 726 60.79 47.20 36.11
N TYR C 727 61.90 47.90 36.39
CA TYR C 727 61.89 49.05 37.28
C TYR C 727 62.14 50.32 36.44
N VAL C 728 61.17 51.23 36.49
CA VAL C 728 61.05 52.30 35.49
C VAL C 728 62.08 53.40 35.77
N THR C 729 62.39 53.63 37.05
CA THR C 729 63.40 54.60 37.48
C THR C 729 64.56 53.87 38.15
N PRO C 730 65.80 54.01 37.64
CA PRO C 730 66.94 53.27 38.17
C PRO C 730 67.56 53.95 39.42
N THR C 731 66.73 54.19 40.44
CA THR C 731 67.17 54.83 41.68
C THR C 731 68.29 53.98 42.32
N ASP C 732 69.01 54.57 43.27
CA ASP C 732 70.06 53.87 43.98
C ASP C 732 69.46 52.66 44.71
N ASP C 733 68.30 52.87 45.34
CA ASP C 733 67.62 51.80 46.07
C ASP C 733 67.23 50.65 45.12
N ASN C 734 66.71 50.96 43.92
CA ASN C 734 66.23 49.93 42.99
C ASN C 734 67.41 49.08 42.49
N LEU C 735 68.54 49.74 42.21
CA LEU C 735 69.77 49.06 41.81
C LEU C 735 70.23 48.13 42.94
N TYR C 736 70.24 48.67 44.17
CA TYR C 736 70.62 47.92 45.37
C TYR C 736 69.70 46.71 45.53
N GLN C 737 68.38 46.94 45.52
CA GLN C 737 67.39 45.90 45.81
C GLN C 737 67.45 44.79 44.76
N THR C 738 67.53 45.16 43.47
CA THR C 738 67.53 44.18 42.38
C THR C 738 68.82 43.34 42.42
N SER C 739 69.94 43.99 42.76
CA SER C 739 71.23 43.30 42.92
C SER C 739 71.12 42.25 44.04
N LYS C 740 70.58 42.67 45.18
CA LYS C 740 70.38 41.80 46.34
C LYS C 740 69.52 40.60 45.93
N MET C 741 68.42 40.85 45.22
CA MET C 741 67.47 39.79 44.89
C MET C 741 68.08 38.85 43.86
N LYS C 742 68.98 39.35 43.01
CA LYS C 742 69.75 38.50 42.10
C LYS C 742 70.61 37.53 42.90
N SER C 743 71.27 38.02 43.97
CA SER C 743 72.15 37.18 44.80
C SER C 743 71.33 36.13 45.55
N HIS C 744 70.08 36.46 45.91
CA HIS C 744 69.16 35.51 46.55
C HIS C 744 68.60 34.52 45.54
N GLY C 745 68.76 34.81 44.24
CA GLY C 745 68.42 33.89 43.16
C GLY C 745 67.02 34.11 42.58
N ILE C 746 66.33 35.17 43.01
CA ILE C 746 64.99 35.52 42.50
C ILE C 746 65.08 35.79 40.99
N PHE C 747 66.17 36.44 40.58
CA PHE C 747 66.42 36.80 39.19
C PHE C 747 67.68 36.09 38.68
N THR C 748 67.61 35.58 37.44
CA THR C 748 68.79 35.07 36.73
C THR C 748 69.69 36.23 36.31
N GLU C 749 69.08 37.24 35.66
CA GLU C 749 69.81 38.37 35.09
C GLU C 749 69.11 39.68 35.51
N VAL C 750 69.93 40.71 35.76
CA VAL C 750 69.48 42.08 36.03
C VAL C 750 70.38 43.02 35.21
N ASN C 751 69.75 43.89 34.41
CA ASN C 751 70.45 44.73 33.43
C ASN C 751 69.70 46.05 33.25
N GLN C 752 70.45 47.14 33.29
CA GLN C 752 69.95 48.46 32.93
C GLN C 752 69.93 48.55 31.40
N GLU C 753 68.74 48.77 30.82
CA GLU C 753 68.52 48.78 29.38
C GLU C 753 68.28 50.21 28.88
N VAL C 754 68.14 50.35 27.56
CA VAL C 754 67.77 51.61 26.90
C VAL C 754 66.50 52.16 27.57
N GLY C 755 66.51 53.47 27.81
CA GLY C 755 65.48 54.15 28.60
C GLY C 755 65.86 54.24 30.08
N GLU C 756 66.98 53.60 30.45
CA GLU C 756 67.49 53.57 31.82
C GLU C 756 66.50 52.84 32.74
N ILE C 757 65.94 51.73 32.25
CA ILE C 757 65.07 50.86 33.03
C ILE C 757 65.84 49.60 33.39
N ILE C 758 65.62 49.10 34.61
CA ILE C 758 66.20 47.85 35.06
C ILE C 758 65.24 46.71 34.66
N VAL C 759 65.75 45.76 33.89
CA VAL C 759 65.01 44.58 33.48
C VAL C 759 65.58 43.37 34.23
N ALA C 760 64.73 42.73 35.04
CA ALA C 760 65.08 41.59 35.87
C ALA C 760 64.30 40.36 35.42
N GLU C 761 65.02 39.33 34.97
CA GLU C 761 64.43 38.08 34.47
C GLU C 761 64.29 37.10 35.64
N VAL C 762 63.13 36.45 35.73
CA VAL C 762 62.80 35.61 36.87
C VAL C 762 63.51 34.25 36.73
N ASN C 763 64.07 33.78 37.84
CA ASN C 763 64.72 32.47 37.93
C ASN C 763 63.67 31.44 38.39
N HIS C 764 62.98 30.83 37.43
CA HIS C 764 61.80 29.99 37.70
C HIS C 764 62.17 28.80 38.59
N PRO C 765 63.27 28.06 38.31
CA PRO C 765 63.70 26.97 39.20
C PRO C 765 63.88 27.39 40.67
N ARG C 766 64.47 28.56 40.90
CA ARG C 766 64.72 29.07 42.25
C ARG C 766 63.39 29.43 42.92
N ILE C 767 62.47 30.04 42.17
CA ILE C 767 61.13 30.38 42.69
C ILE C 767 60.46 29.08 43.16
N ALA C 768 60.50 28.04 42.31
CA ALA C 768 59.89 26.74 42.61
C ALA C 768 60.51 26.13 43.88
N GLU C 769 61.84 26.22 44.01
CA GLU C 769 62.56 25.71 45.17
C GLU C 769 62.05 26.39 46.44
N LEU C 770 61.92 27.72 46.40
CA LEU C 770 61.54 28.50 47.57
C LEU C 770 60.08 28.24 47.96
N LEU C 771 59.23 27.89 46.99
CA LEU C 771 57.80 27.67 47.22
C LEU C 771 57.50 26.24 47.69
N THR C 772 58.53 25.37 47.77
CA THR C 772 58.36 23.99 48.24
C THR C 772 57.60 23.99 49.56
N PRO C 773 56.54 23.17 49.72
CA PRO C 773 55.72 23.19 50.94
C PRO C 773 56.47 22.96 52.26
N ASP C 774 57.60 22.25 52.22
CA ASP C 774 58.40 21.93 53.43
C ASP C 774 59.06 23.20 53.99
N ARG C 775 59.17 24.25 53.15
CA ARG C 775 59.65 25.58 53.54
C ARG C 775 61.11 25.54 54.03
N VAL C 776 61.87 24.52 53.61
CA VAL C 776 63.27 24.35 54.05
C VAL C 776 64.13 25.45 53.41
N ALA C 777 64.04 25.56 52.08
CA ALA C 777 64.80 26.57 51.32
C ALA C 777 64.39 27.98 51.75
N LEU C 778 63.09 28.15 51.99
CA LEU C 778 62.54 29.46 52.36
C LEU C 778 63.05 29.88 53.74
N ARG C 779 63.05 28.94 54.70
CA ARG C 779 63.53 29.24 56.06
C ARG C 779 65.01 29.63 56.00
N LYS C 780 65.78 28.91 55.17
CA LYS C 780 67.21 29.20 54.97
C LYS C 780 67.38 30.62 54.42
N LEU C 781 66.54 31.01 53.45
CA LEU C 781 66.58 32.37 52.89
C LEU C 781 66.29 33.41 53.98
N ILE C 782 65.28 33.15 54.81
CA ILE C 782 64.83 34.10 55.83
C ILE C 782 65.88 34.20 56.93
N HIS D 31 36.23 -29.75 13.53
CA HIS D 31 35.21 -28.97 14.29
C HIS D 31 33.82 -29.62 14.13
N THR D 32 32.84 -29.13 14.90
CA THR D 32 31.46 -29.63 14.83
C THR D 32 30.80 -29.13 13.54
N PRO D 33 29.72 -29.77 13.05
CA PRO D 33 29.01 -29.30 11.86
C PRO D 33 28.61 -27.81 11.95
N PHE D 34 28.14 -27.39 13.13
CA PHE D 34 27.69 -26.02 13.37
C PHE D 34 28.85 -25.03 13.13
N GLU D 35 30.00 -25.32 13.73
CA GLU D 35 31.19 -24.46 13.63
C GLU D 35 31.71 -24.46 12.19
N GLN D 36 31.65 -25.62 11.52
CA GLN D 36 32.15 -25.79 10.17
C GLN D 36 31.29 -24.97 9.20
N ASP D 37 29.97 -25.07 9.35
CA ASP D 37 29.03 -24.33 8.52
C ASP D 37 29.30 -22.82 8.64
N PHE D 38 29.51 -22.34 9.87
CA PHE D 38 29.79 -20.94 10.13
C PHE D 38 31.11 -20.52 9.46
N GLU D 39 32.16 -21.32 9.69
CA GLU D 39 33.51 -21.00 9.20
C GLU D 39 33.51 -21.00 7.67
N LYS D 40 32.71 -21.88 7.06
CA LYS D 40 32.63 -21.98 5.62
C LYS D 40 32.00 -20.70 5.04
N ASP D 41 30.92 -20.20 5.66
CA ASP D 41 30.28 -18.96 5.15
C ASP D 41 31.20 -17.76 5.42
N VAL D 42 31.92 -17.76 6.54
CA VAL D 42 32.89 -16.69 6.82
C VAL D 42 33.95 -16.66 5.72
N ALA D 43 34.47 -17.84 5.34
CA ALA D 43 35.49 -17.95 4.28
C ALA D 43 34.94 -17.46 2.95
N ALA D 44 33.70 -17.85 2.61
CA ALA D 44 33.05 -17.42 1.36
C ALA D 44 32.88 -15.89 1.37
N THR D 45 32.49 -15.35 2.53
CA THR D 45 32.27 -13.91 2.70
C THR D 45 33.60 -13.17 2.57
N GLN D 46 34.67 -13.74 3.13
CA GLN D 46 36.00 -13.12 3.03
C GLN D 46 36.47 -13.10 1.57
N ARG D 47 36.25 -14.19 0.82
CA ARG D 47 36.59 -14.23 -0.61
C ARG D 47 35.86 -13.10 -1.35
N TYR D 48 34.57 -12.93 -1.03
CA TYR D 48 33.75 -11.86 -1.60
C TYR D 48 34.36 -10.49 -1.27
N PHE D 49 34.68 -10.26 0.02
CA PHE D 49 35.29 -8.99 0.47
C PHE D 49 36.56 -8.70 -0.33
N ASP D 50 37.36 -9.76 -0.58
CA ASP D 50 38.71 -9.63 -1.12
C ASP D 50 38.70 -9.58 -2.65
N SER D 51 37.52 -9.73 -3.27
CA SER D 51 37.43 -9.76 -4.74
C SER D 51 37.75 -8.38 -5.30
N SER D 52 38.11 -8.34 -6.59
CA SER D 52 38.53 -7.11 -7.26
C SER D 52 37.40 -6.06 -7.27
N ARG D 53 36.14 -6.53 -7.22
CA ARG D 53 34.96 -5.65 -7.09
C ARG D 53 35.18 -4.59 -6.01
N PHE D 54 35.82 -4.96 -4.89
CA PHE D 54 35.94 -4.06 -3.74
C PHE D 54 37.38 -3.58 -3.51
N ALA D 55 38.21 -3.64 -4.55
CA ALA D 55 39.57 -3.09 -4.47
C ALA D 55 39.49 -1.64 -4.00
N GLY D 56 40.24 -1.30 -2.94
CA GLY D 56 40.33 0.07 -2.46
C GLY D 56 39.23 0.45 -1.47
N ILE D 57 38.25 -0.43 -1.25
CA ILE D 57 37.16 -0.17 -0.33
C ILE D 57 37.59 -0.59 1.07
N ILE D 58 37.33 0.27 2.07
CA ILE D 58 37.54 -0.03 3.47
C ILE D 58 36.18 -0.34 4.10
N ARG D 59 36.07 -1.53 4.70
CA ARG D 59 34.95 -1.92 5.54
C ARG D 59 35.37 -1.78 7.00
N LEU D 60 34.50 -1.20 7.84
CA LEU D 60 34.80 -1.03 9.28
C LEU D 60 34.23 -2.21 10.09
N TYR D 61 34.23 -3.40 9.49
CA TYR D 61 33.70 -4.60 10.08
C TYR D 61 34.31 -5.80 9.35
N THR D 62 34.13 -6.99 9.94
CA THR D 62 34.72 -8.23 9.45
C THR D 62 33.66 -9.11 8.76
N ALA D 63 34.16 -10.15 8.07
CA ALA D 63 33.31 -11.16 7.46
C ALA D 63 32.43 -11.83 8.52
N ARG D 64 33.01 -12.10 9.69
CA ARG D 64 32.29 -12.75 10.79
C ARG D 64 31.08 -11.90 11.21
N GLN D 65 31.26 -10.58 11.26
CA GLN D 65 30.21 -9.65 11.67
C GLN D 65 29.06 -9.67 10.66
N VAL D 66 29.36 -9.88 9.38
CA VAL D 66 28.32 -10.03 8.35
C VAL D 66 27.59 -11.36 8.56
N VAL D 67 28.35 -12.46 8.67
CA VAL D 67 27.75 -13.80 8.70
C VAL D 67 26.82 -13.97 9.90
N GLU D 68 27.18 -13.38 11.04
CA GLU D 68 26.40 -13.59 12.27
C GLU D 68 25.04 -12.87 12.21
N GLN D 69 24.79 -12.07 11.16
CA GLN D 69 23.50 -11.37 10.95
C GLN D 69 22.54 -12.19 10.08
N ARG D 70 23.03 -13.25 9.41
CA ARG D 70 22.34 -13.89 8.28
C ARG D 70 21.39 -15.03 8.68
N GLY D 71 21.49 -15.56 9.90
CA GLY D 71 20.66 -16.70 10.28
C GLY D 71 21.02 -17.96 9.49
N THR D 72 20.07 -18.89 9.39
CA THR D 72 20.29 -20.22 8.77
C THR D 72 19.38 -20.46 7.57
N ILE D 73 18.23 -19.78 7.48
CA ILE D 73 17.28 -20.01 6.39
C ILE D 73 17.75 -19.25 5.15
N PRO D 74 18.07 -19.93 4.03
CA PRO D 74 18.59 -19.24 2.85
C PRO D 74 17.60 -18.21 2.28
N VAL D 75 18.16 -17.05 1.92
CA VAL D 75 17.47 -16.03 1.12
C VAL D 75 18.40 -15.67 -0.04
N ASP D 76 17.83 -15.11 -1.09
CA ASP D 76 18.60 -14.68 -2.25
C ASP D 76 17.86 -13.53 -2.94
N HIS D 77 18.54 -12.40 -3.08
CA HIS D 77 17.99 -11.25 -3.77
C HIS D 77 18.57 -11.23 -5.19
N ILE D 78 18.13 -12.19 -6.00
CA ILE D 78 18.81 -12.53 -7.24
C ILE D 78 18.76 -11.37 -8.23
N VAL D 79 17.63 -10.64 -8.29
CA VAL D 79 17.48 -9.59 -9.30
C VAL D 79 18.50 -8.48 -9.03
N ALA D 80 18.54 -8.00 -7.78
CA ALA D 80 19.48 -6.96 -7.40
C ALA D 80 20.93 -7.47 -7.53
N ARG D 81 21.15 -8.71 -7.11
CA ARG D 81 22.50 -9.29 -7.06
C ARG D 81 23.10 -9.34 -8.48
N GLU D 82 22.35 -9.91 -9.41
CA GLU D 82 22.84 -10.12 -10.76
C GLU D 82 22.92 -8.78 -11.52
N ALA D 83 21.92 -7.91 -11.33
CA ALA D 83 21.93 -6.59 -11.97
C ALA D 83 23.14 -5.78 -11.47
N ALA D 84 23.41 -5.83 -10.17
CA ALA D 84 24.52 -5.04 -9.60
C ALA D 84 25.86 -5.49 -10.21
N GLY D 85 26.02 -6.80 -10.37
CA GLY D 85 27.24 -7.38 -10.94
C GLY D 85 27.50 -6.88 -12.36
N ALA D 86 26.49 -7.04 -13.23
CA ALA D 86 26.60 -6.68 -14.65
C ALA D 86 26.68 -5.15 -14.82
N PHE D 87 25.92 -4.41 -14.01
CA PHE D 87 25.88 -2.95 -14.10
C PHE D 87 27.26 -2.38 -13.75
N TYR D 88 27.84 -2.86 -12.65
CA TYR D 88 29.14 -2.39 -12.20
C TYR D 88 30.21 -2.67 -13.26
N GLU D 89 30.21 -3.89 -13.80
CA GLU D 89 31.16 -4.28 -14.86
C GLU D 89 31.04 -3.33 -16.05
N ARG D 90 29.80 -2.97 -16.43
CA ARG D 90 29.59 -2.10 -17.57
C ARG D 90 30.13 -0.69 -17.28
N LEU D 91 29.90 -0.18 -16.07
CA LEU D 91 30.37 1.14 -15.71
C LEU D 91 31.92 1.17 -15.72
N ARG D 92 32.55 0.09 -15.23
CA ARG D 92 34.02 -0.02 -15.24
C ARG D 92 34.55 0.00 -16.68
N GLU D 93 33.84 -0.71 -17.57
CA GLU D 93 34.17 -0.77 -18.99
C GLU D 93 34.12 0.64 -19.60
N LEU D 94 33.04 1.38 -19.32
CA LEU D 94 32.85 2.72 -19.82
C LEU D 94 33.91 3.67 -19.25
N PHE D 95 34.21 3.55 -17.95
CA PHE D 95 35.23 4.37 -17.30
C PHE D 95 36.58 4.19 -17.98
N ALA D 96 36.96 2.94 -18.24
CA ALA D 96 38.24 2.60 -18.90
C ALA D 96 38.31 3.25 -20.29
N ALA D 97 37.18 3.30 -20.99
CA ALA D 97 37.10 3.84 -22.36
C ALA D 97 36.84 5.34 -22.36
N ARG D 98 36.69 5.95 -21.16
CA ARG D 98 36.36 7.37 -20.99
C ARG D 98 35.09 7.69 -21.78
N LYS D 99 34.09 6.80 -21.60
CA LYS D 99 32.73 6.94 -22.14
C LYS D 99 31.73 6.94 -20.97
N SER D 100 30.46 7.18 -21.26
CA SER D 100 29.49 7.37 -20.20
C SER D 100 28.08 7.01 -20.66
N ILE D 101 27.22 6.77 -19.68
CA ILE D 101 25.79 6.69 -19.86
C ILE D 101 25.19 8.05 -19.55
N THR D 102 24.33 8.55 -20.46
CA THR D 102 23.58 9.77 -20.27
C THR D 102 22.10 9.43 -20.20
N THR D 103 21.46 9.70 -19.05
CA THR D 103 20.11 9.19 -18.81
C THR D 103 19.27 10.28 -18.13
N PHE D 104 18.04 9.91 -17.76
CA PHE D 104 17.13 10.77 -17.06
C PHE D 104 16.27 9.91 -16.13
N GLY D 105 15.52 10.58 -15.24
CA GLY D 105 14.63 9.90 -14.32
C GLY D 105 13.27 9.64 -14.96
N PRO D 106 12.89 8.38 -15.24
CA PRO D 106 11.56 8.09 -15.78
C PRO D 106 10.50 8.34 -14.68
N TYR D 107 9.36 8.87 -15.09
CA TYR D 107 8.27 9.25 -14.20
C TYR D 107 7.16 8.20 -14.19
N SER D 108 7.29 7.18 -15.04
CA SER D 108 6.33 6.09 -15.13
C SER D 108 7.07 4.81 -15.51
N PRO D 109 6.47 3.63 -15.28
CA PRO D 109 7.05 2.37 -15.75
C PRO D 109 7.23 2.33 -17.28
N GLY D 110 6.27 2.88 -18.02
CA GLY D 110 6.34 2.98 -19.48
C GLY D 110 7.54 3.80 -19.95
N GLN D 111 7.84 4.89 -19.24
CA GLN D 111 8.98 5.74 -19.58
C GLN D 111 10.28 4.92 -19.44
N ALA D 112 10.37 4.12 -18.36
CA ALA D 112 11.56 3.32 -18.07
C ALA D 112 11.75 2.27 -19.16
N VAL D 113 10.67 1.58 -19.54
CA VAL D 113 10.72 0.56 -20.57
C VAL D 113 11.13 1.21 -21.91
N SER D 114 10.50 2.36 -22.22
CA SER D 114 10.77 3.09 -23.46
C SER D 114 12.24 3.52 -23.56
N MET D 115 12.80 4.03 -22.46
CA MET D 115 14.21 4.43 -22.39
C MET D 115 15.12 3.31 -22.87
N LYS D 116 14.88 2.10 -22.33
CA LYS D 116 15.70 0.93 -22.65
C LYS D 116 15.51 0.54 -24.13
N ARG D 117 14.27 0.61 -24.62
CA ARG D 117 13.98 0.33 -26.04
C ARG D 117 14.76 1.28 -26.95
N MET D 118 14.89 2.55 -26.53
CA MET D 118 15.58 3.56 -27.34
C MET D 118 17.11 3.44 -27.18
N GLY D 119 17.59 2.55 -26.29
CA GLY D 119 19.01 2.19 -26.20
C GLY D 119 19.74 2.85 -25.04
N ILE D 120 19.03 3.57 -24.15
CA ILE D 120 19.67 4.07 -22.93
C ILE D 120 19.93 2.88 -22.01
N GLU D 121 21.17 2.77 -21.52
CA GLU D 121 21.65 1.55 -20.87
C GLU D 121 21.27 1.47 -19.38
N ALA D 122 20.97 2.61 -18.75
CA ALA D 122 20.64 2.61 -17.35
C ALA D 122 19.72 3.78 -17.00
N ILE D 123 19.15 3.69 -15.80
CA ILE D 123 18.04 4.49 -15.34
C ILE D 123 18.42 5.16 -14.03
N TYR D 124 18.06 6.44 -13.89
CA TYR D 124 18.17 7.19 -12.65
C TYR D 124 16.77 7.31 -12.02
N LEU D 125 16.71 7.28 -10.68
CA LEU D 125 15.45 7.57 -9.99
C LEU D 125 15.73 8.47 -8.78
N GLY D 126 15.10 9.65 -8.79
CA GLY D 126 15.40 10.72 -7.83
C GLY D 126 14.23 11.03 -6.91
N GLY D 127 14.57 11.65 -5.77
CA GLY D 127 13.60 12.05 -4.74
C GLY D 127 12.76 13.25 -5.16
N TRP D 128 13.28 14.11 -6.03
CA TRP D 128 12.55 15.30 -6.49
C TRP D 128 11.22 14.85 -7.12
N ALA D 129 11.34 13.97 -8.11
CA ALA D 129 10.18 13.45 -8.83
C ALA D 129 9.31 12.61 -7.90
N THR D 130 9.90 11.85 -6.99
CA THR D 130 9.14 11.03 -6.04
C THR D 130 8.28 11.96 -5.15
N SER D 131 8.87 13.08 -4.70
CA SER D 131 8.14 14.09 -3.92
C SER D 131 6.99 14.68 -4.76
N ALA D 132 7.28 15.00 -6.03
CA ALA D 132 6.28 15.63 -6.92
C ALA D 132 5.10 14.69 -7.16
N LYS D 133 5.35 13.38 -7.20
CA LYS D 133 4.34 12.41 -7.59
C LYS D 133 3.38 12.13 -6.42
N GLY D 134 3.90 12.08 -5.19
CA GLY D 134 3.08 11.67 -4.05
C GLY D 134 2.67 10.20 -4.17
N SER D 135 1.64 9.82 -3.41
CA SER D 135 1.14 8.45 -3.37
C SER D 135 -0.29 8.49 -2.82
N SER D 136 -0.90 7.32 -2.57
CA SER D 136 -2.27 7.31 -2.10
C SER D 136 -2.37 7.96 -0.71
N THR D 137 -1.26 8.00 0.05
CA THR D 137 -1.27 8.56 1.41
C THR D 137 -0.35 9.77 1.56
N GLU D 138 0.46 10.09 0.53
CA GLU D 138 1.42 11.19 0.58
C GLU D 138 0.98 12.30 -0.38
N ASP D 139 0.74 13.50 0.16
CA ASP D 139 0.46 14.63 -0.71
C ASP D 139 1.70 14.96 -1.53
N PRO D 140 1.55 15.25 -2.83
CA PRO D 140 2.70 15.70 -3.63
C PRO D 140 3.20 17.04 -3.09
N GLY D 141 4.47 17.34 -3.36
CA GLY D 141 5.03 18.58 -2.92
C GLY D 141 6.50 18.72 -3.28
N PRO D 142 7.19 19.71 -2.70
CA PRO D 142 8.60 19.95 -2.99
C PRO D 142 9.54 18.87 -2.42
N ASP D 143 10.79 18.96 -2.85
CA ASP D 143 11.81 17.96 -2.66
C ASP D 143 12.42 18.13 -1.26
N LEU D 144 11.69 17.71 -0.22
CA LEU D 144 12.12 17.87 1.17
C LEU D 144 12.56 16.54 1.78
N ALA D 145 12.47 15.44 1.00
CA ALA D 145 12.67 14.07 1.48
C ALA D 145 11.90 13.84 2.79
N SER D 146 10.66 14.35 2.84
CA SER D 146 9.82 14.25 4.02
C SER D 146 8.78 13.13 3.89
N TYR D 147 8.76 12.45 2.74
CA TYR D 147 8.01 11.21 2.57
C TYR D 147 8.56 10.15 3.51
N PRO D 148 7.81 9.07 3.78
CA PRO D 148 8.35 7.92 4.53
C PRO D 148 9.51 7.30 3.75
N LEU D 149 10.46 6.67 4.44
CA LEU D 149 11.70 6.23 3.78
C LEU D 149 11.42 5.10 2.76
N SER D 150 10.21 4.51 2.80
CA SER D 150 9.76 3.49 1.86
C SER D 150 9.42 4.07 0.48
N GLN D 151 9.39 5.40 0.35
CA GLN D 151 8.73 6.06 -0.79
C GLN D 151 9.48 5.83 -2.11
N VAL D 152 10.79 6.06 -2.11
CA VAL D 152 11.57 5.90 -3.34
C VAL D 152 11.70 4.41 -3.68
N PRO D 153 11.97 3.50 -2.71
CA PRO D 153 11.95 2.08 -3.02
C PRO D 153 10.62 1.59 -3.64
N ASP D 154 9.50 2.08 -3.11
CA ASP D 154 8.17 1.70 -3.63
C ASP D 154 8.04 2.14 -5.09
N ASP D 155 8.53 3.34 -5.41
CA ASP D 155 8.48 3.85 -6.79
C ASP D 155 9.40 3.01 -7.69
N ALA D 156 10.60 2.69 -7.19
CA ALA D 156 11.57 1.87 -7.93
C ALA D 156 10.99 0.48 -8.21
N ALA D 157 10.23 -0.08 -7.26
CA ALA D 157 9.67 -1.42 -7.40
C ALA D 157 8.79 -1.52 -8.65
N VAL D 158 8.04 -0.44 -8.94
CA VAL D 158 7.16 -0.38 -10.10
C VAL D 158 8.01 -0.46 -11.37
N LEU D 159 9.13 0.27 -11.40
CA LEU D 159 10.02 0.30 -12.55
C LEU D 159 10.64 -1.09 -12.77
N VAL D 160 11.11 -1.73 -11.70
CA VAL D 160 11.72 -3.05 -11.82
C VAL D 160 10.70 -4.04 -12.39
N ARG D 161 9.48 -4.03 -11.85
CA ARG D 161 8.44 -4.95 -12.30
C ARG D 161 8.14 -4.71 -13.80
N ALA D 162 8.12 -3.44 -14.22
CA ALA D 162 7.84 -3.10 -15.62
C ALA D 162 8.93 -3.68 -16.52
N LEU D 163 10.19 -3.58 -16.08
CA LEU D 163 11.33 -4.02 -16.87
C LEU D 163 11.33 -5.55 -16.99
N LEU D 164 11.14 -6.25 -15.86
CA LEU D 164 11.08 -7.71 -15.87
C LEU D 164 9.90 -8.18 -16.73
N THR D 165 8.76 -7.47 -16.64
CA THR D 165 7.57 -7.84 -17.39
C THR D 165 7.82 -7.62 -18.90
N ALA D 166 8.47 -6.52 -19.25
CA ALA D 166 8.80 -6.23 -20.64
C ALA D 166 9.71 -7.35 -21.19
N ASP D 167 10.65 -7.83 -20.36
CA ASP D 167 11.53 -8.92 -20.75
C ASP D 167 10.71 -10.20 -21.02
N ARG D 168 9.76 -10.53 -20.14
CA ARG D 168 8.92 -11.72 -20.29
C ARG D 168 8.07 -11.64 -21.57
N ASN D 169 7.52 -10.46 -21.84
CA ASN D 169 6.65 -10.25 -22.99
C ASN D 169 7.46 -10.30 -24.29
N GLN D 170 8.63 -9.65 -24.30
CA GLN D 170 9.52 -9.68 -25.45
C GLN D 170 9.93 -11.12 -25.76
N HIS D 171 10.36 -11.86 -24.74
CA HIS D 171 10.83 -13.23 -24.92
C HIS D 171 9.70 -14.12 -25.43
N TYR D 172 8.48 -13.94 -24.90
CA TYR D 172 7.35 -14.73 -25.35
C TYR D 172 7.18 -14.57 -26.88
N LEU D 173 7.21 -13.33 -27.36
CA LEU D 173 7.04 -13.04 -28.79
C LEU D 173 8.21 -13.59 -29.61
N ARG D 174 9.44 -13.46 -29.09
CA ARG D 174 10.64 -13.91 -29.81
C ARG D 174 10.64 -15.45 -29.95
N LEU D 175 10.06 -16.15 -28.98
CA LEU D 175 9.95 -17.61 -29.03
C LEU D 175 9.03 -18.06 -30.17
N GLN D 176 8.09 -17.19 -30.59
CA GLN D 176 7.12 -17.52 -31.64
C GLN D 176 7.69 -17.20 -33.03
N MET D 177 8.86 -16.55 -33.07
CA MET D 177 9.48 -16.11 -34.32
C MET D 177 10.34 -17.24 -34.91
N SER D 178 10.63 -17.11 -36.20
CA SER D 178 11.66 -17.89 -36.89
C SER D 178 13.04 -17.34 -36.54
N GLU D 179 14.08 -18.10 -36.89
CA GLU D 179 15.45 -17.70 -36.64
C GLU D 179 15.77 -16.41 -37.41
N ARG D 180 15.25 -16.31 -38.65
CA ARG D 180 15.51 -15.16 -39.51
C ARG D 180 14.79 -13.92 -38.96
N GLN D 181 13.55 -14.10 -38.49
CA GLN D 181 12.77 -13.03 -37.89
C GLN D 181 13.51 -12.47 -36.67
N ARG D 182 14.08 -13.36 -35.84
CA ARG D 182 14.83 -12.95 -34.65
C ARG D 182 16.05 -12.12 -35.06
N ALA D 183 16.75 -12.56 -36.12
CA ALA D 183 17.95 -11.86 -36.62
C ALA D 183 17.57 -10.47 -37.17
N ALA D 184 16.34 -10.34 -37.67
CA ALA D 184 15.83 -9.10 -38.29
C ALA D 184 15.25 -8.14 -37.24
N THR D 185 14.73 -8.68 -36.13
CA THR D 185 14.01 -7.90 -35.12
C THR D 185 14.89 -7.64 -33.91
N PRO D 186 15.12 -6.38 -33.50
CA PRO D 186 15.98 -6.08 -32.35
C PRO D 186 15.39 -6.61 -31.03
N ALA D 187 16.24 -7.22 -30.21
CA ALA D 187 15.89 -7.59 -28.83
C ALA D 187 16.44 -6.54 -27.87
N TYR D 188 15.58 -5.95 -27.05
CA TYR D 188 15.96 -4.88 -26.15
C TYR D 188 16.47 -5.46 -24.82
N ASP D 189 17.32 -4.68 -24.15
CA ASP D 189 17.92 -5.04 -22.88
C ASP D 189 17.10 -4.41 -21.76
N PHE D 190 16.35 -5.24 -21.02
CA PHE D 190 15.46 -4.73 -19.98
C PHE D 190 16.03 -5.00 -18.58
N ARG D 191 17.34 -5.26 -18.46
CA ARG D 191 17.93 -5.50 -17.14
C ARG D 191 17.79 -4.25 -16.28
N PRO D 192 17.46 -4.40 -14.98
CA PRO D 192 17.17 -3.25 -14.12
C PRO D 192 18.41 -2.52 -13.58
N PHE D 193 19.15 -1.89 -14.49
CA PHE D 193 20.32 -1.07 -14.14
C PHE D 193 19.81 0.29 -13.66
N ILE D 194 19.55 0.38 -12.36
CA ILE D 194 18.96 1.57 -11.72
C ILE D 194 19.86 2.05 -10.59
N ILE D 195 20.13 3.36 -10.57
CA ILE D 195 20.68 4.04 -9.41
C ILE D 195 19.57 4.94 -8.85
N ALA D 196 19.22 4.71 -7.58
CA ALA D 196 18.08 5.36 -6.94
C ALA D 196 18.55 6.20 -5.74
N ASP D 197 17.76 7.21 -5.45
CA ASP D 197 18.00 8.22 -4.42
C ASP D 197 17.66 7.66 -3.04
N ALA D 198 18.66 7.60 -2.16
CA ALA D 198 18.48 7.26 -0.73
C ALA D 198 18.58 8.52 0.15
N ASP D 199 18.52 9.70 -0.46
CA ASP D 199 18.51 10.99 0.25
C ASP D 199 19.74 11.03 1.19
N THR D 200 19.53 11.33 2.47
CA THR D 200 20.60 11.37 3.46
C THR D 200 20.64 10.07 4.26
N GLY D 201 19.83 9.08 3.86
CA GLY D 201 19.70 7.83 4.58
C GLY D 201 18.53 7.81 5.56
N HIS D 202 17.83 8.95 5.70
CA HIS D 202 16.59 9.07 6.49
C HIS D 202 16.83 8.71 7.96
N GLY D 203 18.00 9.05 8.48
CA GLY D 203 18.29 8.90 9.91
C GLY D 203 19.69 8.36 10.15
N GLY D 204 19.79 7.46 11.13
CA GLY D 204 21.06 6.84 11.52
C GLY D 204 21.22 5.49 10.85
N ASP D 205 22.14 4.68 11.38
CA ASP D 205 22.51 3.42 10.74
C ASP D 205 21.29 2.50 10.55
N PRO D 206 20.34 2.31 11.49
CA PRO D 206 19.24 1.38 11.23
C PRO D 206 18.29 1.90 10.13
N HIS D 207 18.18 3.22 9.99
CA HIS D 207 17.39 3.83 8.91
C HIS D 207 18.06 3.57 7.55
N VAL D 208 19.38 3.78 7.49
CA VAL D 208 20.15 3.55 6.26
C VAL D 208 19.99 2.09 5.85
N ARG D 209 20.18 1.18 6.81
CA ARG D 209 20.15 -0.25 6.52
C ARG D 209 18.74 -0.66 6.04
N ASN D 210 17.70 -0.06 6.65
CA ASN D 210 16.32 -0.35 6.30
C ASN D 210 16.05 0.11 4.86
N LEU D 211 16.52 1.32 4.53
CA LEU D 211 16.31 1.93 3.22
C LEU D 211 16.99 1.09 2.14
N ILE D 212 18.25 0.72 2.37
CA ILE D 212 19.01 -0.12 1.43
C ILE D 212 18.31 -1.47 1.27
N ARG D 213 17.91 -2.08 2.39
CA ARG D 213 17.19 -3.36 2.37
C ARG D 213 15.98 -3.26 1.45
N ARG D 214 15.19 -2.20 1.61
CA ARG D 214 13.93 -2.01 0.87
C ARG D 214 14.21 -1.88 -0.64
N PHE D 215 15.30 -1.20 -0.99
CA PHE D 215 15.72 -1.07 -2.39
C PHE D 215 16.12 -2.43 -2.95
N VAL D 216 16.95 -3.17 -2.19
CA VAL D 216 17.51 -4.44 -2.65
C VAL D 216 16.37 -5.44 -2.85
N GLU D 217 15.41 -5.48 -1.92
CA GLU D 217 14.35 -6.47 -1.94
C GLU D 217 13.52 -6.34 -3.24
N VAL D 218 13.40 -5.14 -3.79
CA VAL D 218 12.56 -4.92 -4.99
C VAL D 218 13.42 -4.92 -6.26
N GLY D 219 14.72 -5.18 -6.12
CA GLY D 219 15.61 -5.47 -7.26
C GLY D 219 16.56 -4.35 -7.66
N VAL D 220 16.68 -3.29 -6.85
CA VAL D 220 17.49 -2.13 -7.22
C VAL D 220 18.95 -2.37 -6.88
N PRO D 221 19.88 -2.18 -7.86
CA PRO D 221 21.31 -2.42 -7.63
C PRO D 221 22.24 -1.25 -7.27
N GLY D 222 21.70 -0.03 -7.18
CA GLY D 222 22.49 1.17 -6.96
C GLY D 222 21.74 2.23 -6.18
N TYR D 223 22.46 2.97 -5.32
CA TYR D 223 21.85 3.87 -4.30
C TYR D 223 22.80 5.04 -4.07
N HIS D 224 22.24 6.25 -3.96
CA HIS D 224 23.07 7.43 -3.64
C HIS D 224 22.63 8.05 -2.31
N ILE D 225 23.66 8.44 -1.53
CA ILE D 225 23.53 9.02 -0.21
C ILE D 225 24.35 10.31 -0.17
N GLU D 226 23.75 11.38 0.34
CA GLU D 226 24.34 12.72 0.34
C GLU D 226 24.60 13.19 1.77
N ASP D 227 25.59 14.07 1.92
CA ASP D 227 26.12 14.52 3.20
C ASP D 227 25.35 15.74 3.75
N GLN D 228 24.03 15.80 3.51
CA GLN D 228 23.19 16.80 4.15
C GLN D 228 22.64 16.27 5.49
N ARG D 229 22.21 17.21 6.32
CA ARG D 229 21.38 16.95 7.49
C ARG D 229 19.94 16.80 7.02
N PRO D 230 19.25 15.68 7.33
CA PRO D 230 17.86 15.51 6.92
C PRO D 230 16.98 16.56 7.62
N GLY D 231 15.89 16.95 6.96
CA GLY D 231 14.87 17.81 7.55
C GLY D 231 15.26 19.27 7.58
N THR D 232 16.26 19.69 6.77
CA THR D 232 16.72 21.08 6.71
C THR D 232 16.63 21.66 5.29
N LYS D 233 16.01 20.95 4.34
CA LYS D 233 16.01 21.40 2.93
C LYS D 233 15.16 22.69 2.79
N LYS D 234 15.70 23.66 2.06
CA LYS D 234 15.08 24.99 1.85
C LYS D 234 14.60 25.10 0.40
N GLY D 236 13.83 27.68 -2.64
CA GLY D 236 14.02 29.00 -3.25
C GLY D 236 14.80 29.95 -2.36
N HIS D 237 15.91 29.46 -1.76
CA HIS D 237 16.82 30.25 -0.96
C HIS D 237 18.26 29.99 -1.41
N GLN D 238 19.13 30.98 -1.21
CA GLN D 238 20.56 30.88 -1.52
C GLN D 238 21.36 30.44 -0.29
N GLY D 239 20.69 30.37 0.87
CA GLY D 239 21.33 29.93 2.12
C GLY D 239 20.62 28.74 2.73
N GLY D 240 21.10 28.35 3.92
CA GLY D 240 20.44 27.36 4.76
C GLY D 240 20.60 25.92 4.29
N LYS D 241 21.56 25.64 3.42
CA LYS D 241 21.88 24.25 3.07
C LYS D 241 22.90 23.71 4.09
N VAL D 242 22.52 22.63 4.79
CA VAL D 242 23.21 22.18 5.99
C VAL D 242 23.86 20.81 5.74
N LEU D 243 25.18 20.74 5.92
CA LEU D 243 25.95 19.50 5.83
C LEU D 243 26.01 18.82 7.19
N VAL D 244 26.42 17.54 7.16
CA VAL D 244 26.80 16.81 8.36
C VAL D 244 28.31 16.58 8.34
N PRO D 245 28.92 16.28 9.50
CA PRO D 245 30.35 15.95 9.55
C PRO D 245 30.64 14.70 8.72
N SER D 246 31.88 14.61 8.23
CA SER D 246 32.30 13.51 7.35
C SER D 246 32.18 12.15 8.04
N ASP D 247 32.40 12.08 9.36
CA ASP D 247 32.28 10.80 10.07
C ASP D 247 30.83 10.27 9.96
N GLU D 248 29.85 11.17 10.08
CA GLU D 248 28.45 10.77 9.98
C GLU D 248 28.16 10.26 8.57
N GLN D 249 28.65 10.96 7.54
CA GLN D 249 28.42 10.55 6.14
C GLN D 249 29.08 9.19 5.89
N ILE D 250 30.33 9.03 6.34
CA ILE D 250 31.06 7.79 6.10
C ILE D 250 30.32 6.63 6.78
N LYS D 251 29.78 6.86 7.98
CA LYS D 251 29.06 5.80 8.67
C LYS D 251 27.79 5.41 7.90
N ARG D 252 27.16 6.36 7.20
CA ARG D 252 26.01 6.02 6.34
C ARG D 252 26.46 5.07 5.23
N LEU D 253 27.59 5.40 4.59
CA LEU D 253 28.11 4.62 3.47
C LEU D 253 28.51 3.22 3.97
N ASN D 254 29.16 3.17 5.13
CA ASN D 254 29.62 1.92 5.73
C ASN D 254 28.42 1.05 6.15
N ALA D 255 27.39 1.66 6.73
CA ALA D 255 26.15 0.94 7.10
C ALA D 255 25.49 0.34 5.85
N ALA D 256 25.46 1.12 4.76
CA ALA D 256 24.90 0.65 3.49
C ALA D 256 25.68 -0.57 2.99
N ARG D 257 27.01 -0.51 3.05
CA ARG D 257 27.86 -1.63 2.59
C ARG D 257 27.59 -2.86 3.46
N PHE D 258 27.42 -2.66 4.77
CA PHE D 258 27.15 -3.73 5.71
C PHE D 258 25.86 -4.46 5.33
N GLN D 259 24.79 -3.69 5.06
CA GLN D 259 23.50 -4.28 4.69
C GLN D 259 23.63 -5.04 3.35
N LEU D 260 24.29 -4.42 2.36
CA LEU D 260 24.49 -5.04 1.05
C LEU D 260 25.27 -6.36 1.19
N ASP D 261 26.32 -6.34 2.02
CA ASP D 261 27.13 -7.55 2.29
C ASP D 261 26.25 -8.65 2.90
N ILE D 262 25.44 -8.30 3.91
CA ILE D 262 24.55 -9.28 4.56
C ILE D 262 23.69 -9.96 3.49
N MET D 263 23.17 -9.16 2.55
CA MET D 263 22.22 -9.59 1.54
C MET D 263 22.91 -10.22 0.32
N ARG D 264 24.25 -10.24 0.31
CA ARG D 264 25.09 -10.83 -0.75
C ARG D 264 24.86 -10.11 -2.08
N VAL D 265 24.59 -8.80 -2.02
CA VAL D 265 24.36 -8.00 -3.22
C VAL D 265 25.51 -7.00 -3.35
N PRO D 266 26.33 -7.05 -4.43
CA PRO D 266 27.43 -6.11 -4.61
C PRO D 266 26.92 -4.75 -5.13
N GLY D 267 25.98 -4.18 -4.39
CA GLY D 267 25.28 -2.97 -4.81
C GLY D 267 26.24 -1.80 -4.95
N ILE D 268 25.89 -0.88 -5.86
CA ILE D 268 26.72 0.27 -6.20
C ILE D 268 26.37 1.45 -5.27
N ILE D 269 27.32 1.83 -4.42
CA ILE D 269 27.16 2.93 -3.48
C ILE D 269 27.72 4.21 -4.12
N VAL D 270 26.84 5.21 -4.25
CA VAL D 270 27.18 6.51 -4.78
C VAL D 270 27.17 7.51 -3.62
N ALA D 271 28.32 8.15 -3.37
CA ALA D 271 28.46 9.15 -2.32
C ALA D 271 28.37 10.54 -2.97
N ARG D 272 27.31 11.27 -2.63
CA ARG D 272 27.08 12.61 -3.09
C ARG D 272 27.53 13.59 -2.01
N THR D 273 28.20 14.67 -2.44
CA THR D 273 28.47 15.81 -1.57
C THR D 273 27.71 17.03 -2.09
N ASP D 274 27.16 17.79 -1.14
CA ASP D 274 26.43 19.03 -1.37
C ASP D 274 27.30 20.23 -0.94
N ALA D 275 28.60 20.02 -0.74
CA ALA D 275 29.47 21.03 -0.17
C ALA D 275 29.75 22.18 -1.16
N GLU D 276 29.47 21.99 -2.46
CA GLU D 276 29.79 23.02 -3.46
C GLU D 276 29.01 24.31 -3.19
N ALA D 277 27.75 24.18 -2.75
CA ALA D 277 26.89 25.34 -2.51
C ALA D 277 26.35 25.36 -1.08
N ALA D 278 26.90 24.51 -0.20
CA ALA D 278 26.47 24.47 1.20
C ALA D 278 26.94 25.74 1.91
N ASN D 279 26.19 26.13 2.95
CA ASN D 279 26.41 27.31 3.75
C ASN D 279 26.75 26.94 5.19
N LEU D 280 26.20 25.82 5.67
CA LEU D 280 26.18 25.49 7.10
C LEU D 280 26.59 24.03 7.31
N ILE D 281 27.00 23.71 8.54
CA ILE D 281 27.27 22.35 8.98
C ILE D 281 26.77 22.25 10.43
N ASP D 282 26.26 21.07 10.82
CA ASP D 282 25.56 20.95 12.09
C ASP D 282 26.52 20.55 13.23
N SER D 283 27.83 20.48 12.94
CA SER D 283 28.83 20.12 13.94
C SER D 283 30.20 20.62 13.50
N ARG D 284 31.05 20.98 14.49
CA ARG D 284 32.44 21.41 14.23
C ARG D 284 33.44 20.30 14.59
N ALA D 285 32.95 19.09 14.87
CA ALA D 285 33.72 18.05 15.58
C ALA D 285 34.70 17.32 14.65
N ASP D 286 34.41 17.25 13.35
CA ASP D 286 35.24 16.46 12.43
C ASP D 286 36.41 17.32 11.92
N GLU D 287 37.62 16.78 12.10
CA GLU D 287 38.88 17.43 11.73
C GLU D 287 38.88 17.82 10.24
N ARG D 288 38.18 17.04 9.40
CA ARG D 288 38.19 17.25 7.96
C ARG D 288 37.33 18.45 7.55
N ASP D 289 36.36 18.84 8.39
CA ASP D 289 35.49 19.98 8.13
C ASP D 289 36.11 21.26 8.68
N GLN D 290 37.00 21.13 9.67
CA GLN D 290 37.43 22.27 10.48
C GLN D 290 38.15 23.33 9.63
N PRO D 291 38.92 22.97 8.57
CA PRO D 291 39.56 23.98 7.72
C PRO D 291 38.57 24.92 7.00
N PHE D 292 37.29 24.52 6.92
CA PHE D 292 36.30 25.24 6.14
C PHE D 292 35.36 26.05 7.05
N LEU D 293 35.50 25.92 8.38
CA LEU D 293 34.69 26.68 9.32
C LEU D 293 34.97 28.19 9.13
N LEU D 294 33.91 28.99 9.18
CA LEU D 294 34.03 30.45 9.15
C LEU D 294 33.92 30.97 10.58
N GLY D 295 34.80 31.92 10.92
CA GLY D 295 34.82 32.53 12.22
C GLY D 295 34.89 34.03 12.09
N ALA D 296 34.38 34.72 13.12
CA ALA D 296 34.51 36.16 13.23
C ALA D 296 35.96 36.49 13.60
N THR D 297 36.49 37.58 13.03
CA THR D 297 37.84 38.05 13.34
C THR D 297 37.80 39.37 14.12
N LYS D 298 36.62 39.96 14.29
CA LYS D 298 36.44 41.10 15.20
C LYS D 298 35.60 40.63 16.39
N LEU D 299 36.26 40.39 17.53
CA LEU D 299 35.69 39.58 18.63
C LEU D 299 34.83 40.42 19.61
N ASP D 300 34.69 41.72 19.37
CA ASP D 300 33.80 42.57 20.19
C ASP D 300 32.40 42.67 19.54
N VAL D 301 32.23 42.00 18.39
CA VAL D 301 30.91 41.86 17.77
C VAL D 301 30.10 40.83 18.54
N PRO D 302 28.89 41.13 19.05
CA PRO D 302 28.06 40.14 19.73
C PRO D 302 27.64 39.03 18.74
N SER D 303 27.31 37.86 19.27
CA SER D 303 27.00 36.68 18.45
C SER D 303 25.87 37.01 17.46
N TYR D 304 25.98 36.42 16.26
CA TYR D 304 24.94 36.46 15.25
C TYR D 304 23.59 36.07 15.85
N LYS D 305 23.56 35.00 16.64
CA LYS D 305 22.32 34.51 17.23
C LYS D 305 21.69 35.60 18.13
N SER D 306 22.49 36.18 19.04
CA SER D 306 21.97 37.14 20.01
C SER D 306 21.45 38.39 19.27
N CYS D 307 22.17 38.80 18.23
CA CYS D 307 21.78 39.97 17.43
C CYS D 307 20.47 39.72 16.69
N PHE D 308 20.34 38.52 16.09
CA PHE D 308 19.12 38.15 15.39
C PHE D 308 17.92 38.20 16.35
N LEU D 309 18.07 37.59 17.53
CA LEU D 309 16.96 37.48 18.49
C LEU D 309 16.60 38.87 19.04
N ALA D 310 17.60 39.71 19.27
CA ALA D 310 17.38 41.06 19.77
C ALA D 310 16.59 41.88 18.73
N MET D 311 16.88 41.67 17.44
CA MET D 311 16.20 42.36 16.39
C MET D 311 14.71 41.94 16.38
N VAL D 312 14.44 40.64 16.45
CA VAL D 312 13.07 40.13 16.46
C VAL D 312 12.33 40.67 17.69
N ARG D 313 12.97 40.62 18.86
CA ARG D 313 12.35 41.07 20.10
C ARG D 313 11.94 42.56 20.00
N ARG D 314 12.76 43.37 19.32
CA ARG D 314 12.45 44.81 19.17
C ARG D 314 11.17 45.00 18.33
N PHE D 315 11.05 44.26 17.23
CA PHE D 315 9.81 44.26 16.43
C PHE D 315 8.61 43.97 17.34
N TYR D 316 8.75 42.93 18.15
CA TYR D 316 7.69 42.47 19.05
C TYR D 316 7.33 43.57 20.06
N GLU D 317 8.36 44.15 20.69
CA GLU D 317 8.16 45.17 21.73
C GLU D 317 7.56 46.46 21.16
N LEU D 318 7.80 46.72 19.87
CA LEU D 318 7.23 47.90 19.19
C LEU D 318 5.80 47.63 18.71
N GLY D 319 5.30 46.41 18.94
CA GLY D 319 3.87 46.11 18.75
C GLY D 319 3.58 45.13 17.62
N VAL D 320 4.61 44.60 16.94
CA VAL D 320 4.39 43.61 15.89
C VAL D 320 4.34 42.23 16.56
N LYS D 321 3.16 41.89 17.06
CA LYS D 321 2.97 40.69 17.91
C LYS D 321 3.25 39.41 17.10
N GLU D 322 3.11 39.47 15.77
CA GLU D 322 3.27 38.30 14.92
C GLU D 322 4.74 37.87 14.86
N LEU D 323 5.68 38.78 15.17
CA LEU D 323 7.11 38.42 15.20
C LEU D 323 7.51 38.03 16.62
N ASN D 324 7.16 36.80 17.02
CA ASN D 324 7.37 36.34 18.39
C ASN D 324 8.37 35.16 18.44
N GLY D 325 9.18 35.00 17.38
CA GLY D 325 10.14 33.89 17.25
C GLY D 325 11.20 33.85 18.35
N HIS D 326 11.51 35.02 18.93
CA HIS D 326 12.47 35.10 20.02
C HIS D 326 11.98 34.31 21.23
N LEU D 327 10.67 34.04 21.33
CA LEU D 327 10.12 33.28 22.48
C LEU D 327 10.48 31.78 22.38
N LEU D 328 11.09 31.36 21.27
CA LEU D 328 11.66 30.00 21.12
C LEU D 328 12.87 29.80 22.04
N TYR D 329 13.53 30.90 22.42
CA TYR D 329 14.81 30.86 23.15
C TYR D 329 14.65 31.53 24.53
N ALA D 330 15.56 31.17 25.44
CA ALA D 330 15.70 31.84 26.73
C ALA D 330 17.08 32.50 26.78
N LEU D 331 17.18 33.64 26.10
CA LEU D 331 18.40 34.44 26.07
C LEU D 331 18.41 35.35 27.30
N GLY D 332 19.58 35.46 27.95
CA GLY D 332 19.72 36.27 29.16
C GLY D 332 19.71 37.77 28.87
N ASP D 333 19.42 38.56 29.91
CA ASP D 333 19.28 40.02 29.83
C ASP D 333 20.59 40.65 29.33
N SER D 334 21.72 40.21 29.87
CA SER D 334 23.03 40.77 29.53
C SER D 334 23.33 40.58 28.04
N GLU D 335 22.95 39.41 27.50
CA GLU D 335 23.19 39.10 26.09
C GLU D 335 22.27 39.93 25.20
N TYR D 336 21.01 40.08 25.61
CA TYR D 336 20.07 40.94 24.87
C TYR D 336 20.60 42.38 24.84
N ALA D 337 21.14 42.85 25.96
CA ALA D 337 21.64 44.23 26.10
C ALA D 337 22.84 44.46 25.17
N ALA D 338 23.80 43.52 25.17
CA ALA D 338 25.01 43.65 24.35
C ALA D 338 24.63 43.64 22.86
N ALA D 339 23.73 42.72 22.47
CA ALA D 339 23.26 42.65 21.09
C ALA D 339 22.53 43.95 20.72
N GLY D 340 21.71 44.46 21.63
CA GLY D 340 20.96 45.71 21.42
C GLY D 340 21.90 46.89 21.17
N GLY D 341 22.98 46.97 21.94
CA GLY D 341 24.03 47.96 21.75
C GLY D 341 24.54 47.97 20.32
N TRP D 342 24.86 46.77 19.81
CA TRP D 342 25.38 46.61 18.46
C TRP D 342 24.33 47.03 17.43
N LEU D 343 23.09 46.56 17.59
CA LEU D 343 22.01 46.86 16.65
C LEU D 343 21.74 48.38 16.62
N GLU D 344 21.84 49.03 17.78
CA GLU D 344 21.66 50.49 17.89
C GLU D 344 22.76 51.17 17.06
N ARG D 345 24.02 50.86 17.38
CA ARG D 345 25.19 51.49 16.75
C ARG D 345 25.15 51.32 15.23
N GLN D 346 24.76 50.13 14.75
CA GLN D 346 24.82 49.80 13.33
C GLN D 346 23.60 50.32 12.57
N GLY D 347 22.63 50.91 13.26
CA GLY D 347 21.46 51.51 12.62
C GLY D 347 20.33 50.53 12.37
N ILE D 348 20.47 49.29 12.85
CA ILE D 348 19.47 48.24 12.57
C ILE D 348 18.19 48.54 13.36
N PHE D 349 18.32 49.01 14.60
CA PHE D 349 17.15 49.38 15.39
C PHE D 349 16.38 50.53 14.71
N GLY D 350 17.12 51.41 14.03
CA GLY D 350 16.53 52.45 13.18
C GLY D 350 15.69 51.86 12.06
N LEU D 351 16.23 50.84 11.39
CA LEU D 351 15.52 50.14 10.31
C LEU D 351 14.28 49.45 10.86
N VAL D 352 14.37 48.89 12.08
CA VAL D 352 13.24 48.21 12.71
C VAL D 352 12.12 49.24 12.95
N SER D 353 12.47 50.40 13.52
CA SER D 353 11.50 51.48 13.80
C SER D 353 10.79 51.89 12.50
N ASP D 354 11.58 52.17 11.45
CA ASP D 354 11.10 52.54 10.13
C ASP D 354 10.12 51.48 9.61
N ALA D 355 10.50 50.21 9.76
CA ALA D 355 9.74 49.08 9.26
C ALA D 355 8.38 48.99 9.97
N VAL D 356 8.39 49.18 11.29
CA VAL D 356 7.15 49.12 12.09
C VAL D 356 6.25 50.30 11.68
N ASN D 357 6.84 51.47 11.53
CA ASN D 357 6.04 52.67 11.10
C ASN D 357 5.40 52.37 9.75
N ALA D 358 6.18 51.84 8.81
CA ALA D 358 5.68 51.55 7.46
C ALA D 358 4.57 50.50 7.51
N TRP D 359 4.74 49.50 8.37
CA TRP D 359 3.75 48.42 8.54
C TRP D 359 2.43 49.01 9.02
N ARG D 360 2.50 49.95 9.96
CA ARG D 360 1.27 50.58 10.52
C ARG D 360 0.61 51.48 9.49
N GLU D 361 1.39 52.29 8.79
CA GLU D 361 0.86 53.23 7.79
C GLU D 361 0.25 52.45 6.63
N ASP D 362 0.67 51.20 6.42
CA ASP D 362 0.12 50.38 5.33
C ASP D 362 -1.02 49.48 5.84
N GLY D 363 -1.45 49.68 7.09
CA GLY D 363 -2.67 49.05 7.62
C GLY D 363 -2.42 47.72 8.35
N GLN D 364 -1.18 47.50 8.81
CA GLN D 364 -0.80 46.36 9.65
C GLN D 364 -1.18 45.03 8.96
N GLN D 365 -0.79 44.89 7.69
CA GLN D 365 -0.90 43.63 6.95
C GLN D 365 0.32 42.76 7.31
N SER D 366 0.43 41.58 6.67
CA SER D 366 1.55 40.67 6.87
C SER D 366 2.88 41.43 6.76
N ILE D 367 3.78 41.17 7.72
CA ILE D 367 5.08 41.83 7.82
C ILE D 367 6.13 41.06 7.01
N ASP D 368 5.72 39.95 6.38
CA ASP D 368 6.60 39.05 5.60
C ASP D 368 7.69 39.83 4.86
N GLY D 369 7.29 40.69 3.91
CA GLY D 369 8.21 41.38 3.00
C GLY D 369 9.07 42.41 3.73
N ILE D 370 8.44 43.18 4.62
CA ILE D 370 9.10 44.21 5.40
C ILE D 370 10.18 43.58 6.28
N PHE D 371 9.82 42.49 6.97
CA PHE D 371 10.73 41.79 7.85
C PHE D 371 11.91 41.22 7.06
N ASP D 372 11.61 40.61 5.92
CA ASP D 372 12.64 40.03 5.05
C ASP D 372 13.69 41.08 4.69
N GLN D 373 13.25 42.30 4.36
CA GLN D 373 14.15 43.37 3.94
C GLN D 373 15.06 43.78 5.09
N VAL D 374 14.49 43.95 6.29
CA VAL D 374 15.29 44.33 7.46
C VAL D 374 16.26 43.19 7.80
N GLU D 375 15.79 41.95 7.76
CA GLU D 375 16.65 40.80 8.06
C GLU D 375 17.86 40.79 7.12
N SER D 376 17.62 41.06 5.83
CA SER D 376 18.68 41.06 4.81
C SER D 376 19.74 42.11 5.15
N ARG D 377 19.30 43.30 5.55
CA ARG D 377 20.21 44.39 5.92
C ARG D 377 20.99 44.00 7.18
N PHE D 378 20.30 43.39 8.15
CA PHE D 378 20.93 42.92 9.38
C PHE D 378 22.06 41.93 9.07
N VAL D 379 21.76 40.93 8.22
CA VAL D 379 22.71 39.86 7.91
C VAL D 379 23.96 40.47 7.26
N ALA D 380 23.74 41.39 6.32
CA ALA D 380 24.83 42.09 5.60
C ALA D 380 25.69 42.86 6.59
N ALA D 381 25.07 43.59 7.52
CA ALA D 381 25.76 44.42 8.49
C ALA D 381 26.56 43.55 9.46
N TRP D 382 26.00 42.41 9.88
CA TRP D 382 26.68 41.55 10.84
C TRP D 382 27.92 40.92 10.19
N GLU D 383 27.74 40.36 9.00
CA GLU D 383 28.80 39.74 8.21
C GLU D 383 29.94 40.75 8.01
N ASP D 384 29.58 41.97 7.63
CA ASP D 384 30.54 43.05 7.33
C ASP D 384 31.37 43.36 8.57
N ASP D 385 30.71 43.56 9.71
CA ASP D 385 31.40 43.96 10.94
C ASP D 385 32.21 42.79 11.52
N ALA D 386 31.70 41.56 11.41
CA ALA D 386 32.30 40.38 12.07
C ALA D 386 33.64 39.99 11.41
N GLY D 387 33.78 40.24 10.11
CA GLY D 387 34.98 39.88 9.35
C GLY D 387 35.17 38.38 9.26
N LEU D 388 34.17 37.71 8.67
CA LEU D 388 34.14 36.25 8.55
C LEU D 388 35.23 35.77 7.59
N MET D 389 36.02 34.80 8.04
CA MET D 389 36.92 34.08 7.17
C MET D 389 37.26 32.73 7.83
N THR D 390 37.89 31.82 7.08
CA THR D 390 38.38 30.58 7.66
C THR D 390 39.61 30.90 8.50
N TYR D 391 39.98 29.97 9.39
CA TYR D 391 41.15 30.19 10.21
C TYR D 391 42.40 30.26 9.32
N GLY D 392 42.44 29.38 8.31
CA GLY D 392 43.50 29.36 7.31
C GLY D 392 43.67 30.71 6.62
N GLU D 393 42.55 31.31 6.22
CA GLU D 393 42.54 32.61 5.54
C GLU D 393 43.05 33.70 6.50
N ALA D 394 42.66 33.63 7.77
CA ALA D 394 43.03 34.65 8.74
C ALA D 394 44.55 34.67 8.93
N VAL D 395 45.15 33.47 9.09
CA VAL D 395 46.58 33.36 9.30
C VAL D 395 47.31 33.75 8.00
N ALA D 396 46.77 33.33 6.85
CA ALA D 396 47.35 33.67 5.54
C ALA D 396 47.47 35.19 5.39
N ASP D 397 46.43 35.91 5.84
CA ASP D 397 46.41 37.38 5.75
C ASP D 397 47.59 37.96 6.53
N VAL D 398 47.83 37.42 7.72
CA VAL D 398 48.93 37.88 8.58
C VAL D 398 50.27 37.60 7.89
N LEU D 399 50.43 36.38 7.34
CA LEU D 399 51.71 35.99 6.73
C LEU D 399 51.99 36.81 5.48
N GLU D 400 50.94 37.06 4.68
CA GLU D 400 51.05 37.86 3.47
C GLU D 400 51.48 39.30 3.84
N PHE D 401 50.91 39.82 4.92
CA PHE D 401 51.24 41.17 5.39
C PHE D 401 52.73 41.23 5.76
N GLY D 402 53.18 40.28 6.59
CA GLY D 402 54.58 40.17 6.99
C GLY D 402 55.51 40.15 5.78
N GLN D 403 55.13 39.36 4.76
CA GLN D 403 55.90 39.20 3.55
C GLN D 403 55.97 40.53 2.80
N SER D 404 54.82 41.18 2.63
CA SER D 404 54.72 42.49 1.96
C SER D 404 55.53 43.55 2.71
N GLU D 405 55.59 43.44 4.04
CA GLU D 405 56.35 44.41 4.87
C GLU D 405 57.85 44.10 4.86
N GLY D 406 58.24 42.98 4.25
CA GLY D 406 59.67 42.57 4.18
C GLY D 406 60.17 41.98 5.48
N GLU D 407 59.28 41.48 6.33
CA GLU D 407 59.63 40.90 7.63
C GLU D 407 59.92 39.42 7.41
N PRO D 408 60.72 38.77 8.29
CA PRO D 408 60.84 37.31 8.26
C PRO D 408 59.53 36.69 8.80
N ILE D 409 59.00 35.64 8.15
CA ILE D 409 57.62 35.18 8.48
C ILE D 409 57.55 33.75 9.03
N GLY D 410 58.56 32.91 8.79
CA GLY D 410 58.59 31.58 9.39
C GLY D 410 58.05 30.51 8.47
N MET D 411 57.09 30.89 7.60
CA MET D 411 56.47 29.98 6.65
C MET D 411 55.83 30.82 5.55
N ALA D 412 56.06 30.44 4.29
CA ALA D 412 55.52 31.20 3.15
C ALA D 412 54.01 31.02 3.10
N PRO D 413 53.24 31.99 2.56
CA PRO D 413 51.78 31.88 2.50
C PRO D 413 51.31 30.61 1.81
N GLU D 414 51.90 30.22 0.69
CA GLU D 414 51.48 29.02 -0.06
C GLU D 414 51.70 27.75 0.79
N GLU D 415 52.81 27.75 1.54
CA GLU D 415 53.17 26.64 2.40
C GLU D 415 52.15 26.52 3.54
N TRP D 416 51.78 27.66 4.12
CA TRP D 416 50.81 27.70 5.20
C TRP D 416 49.45 27.17 4.71
N ARG D 417 49.00 27.60 3.52
CA ARG D 417 47.70 27.23 2.96
C ARG D 417 47.62 25.71 2.78
N ALA D 418 48.71 25.11 2.28
CA ALA D 418 48.79 23.66 2.11
C ALA D 418 48.69 22.96 3.47
N PHE D 419 49.38 23.50 4.48
CA PHE D 419 49.34 22.96 5.84
C PHE D 419 47.94 23.09 6.43
N ALA D 420 47.33 24.28 6.32
CA ALA D 420 46.04 24.60 6.93
C ALA D 420 44.93 23.71 6.34
N ALA D 421 45.05 23.39 5.06
CA ALA D 421 44.00 22.68 4.31
C ALA D 421 43.80 21.25 4.88
N ARG D 422 44.83 20.71 5.53
CA ARG D 422 44.82 19.33 6.02
C ARG D 422 45.04 19.31 7.54
N ALA D 423 44.83 20.44 8.22
CA ALA D 423 45.09 20.54 9.65
C ALA D 423 43.77 20.66 10.41
N SER D 424 43.70 20.00 11.56
CA SER D 424 42.68 20.29 12.56
C SER D 424 42.86 21.75 13.01
N LEU D 425 41.80 22.31 13.59
CA LEU D 425 41.84 23.65 14.13
C LEU D 425 42.94 23.74 15.22
N HIS D 426 43.00 22.72 16.08
CA HIS D 426 43.99 22.64 17.17
CA HIS D 426 43.99 22.61 17.16
C HIS D 426 45.41 22.73 16.59
N ALA D 427 45.69 21.93 15.55
CA ALA D 427 46.99 21.86 14.92
C ALA D 427 47.31 23.16 14.18
N ALA D 428 46.30 23.76 13.53
CA ALA D 428 46.49 25.02 12.78
C ALA D 428 46.83 26.16 13.76
N ARG D 429 46.10 26.23 14.88
CA ARG D 429 46.33 27.26 15.88
C ARG D 429 47.73 27.12 16.50
N ALA D 430 48.11 25.87 16.81
CA ALA D 430 49.41 25.58 17.41
C ALA D 430 50.54 26.02 16.47
N LYS D 431 50.41 25.70 15.18
CA LYS D 431 51.42 26.05 14.17
C LYS D 431 51.48 27.58 14.02
N ALA D 432 50.31 28.23 13.95
CA ALA D 432 50.25 29.67 13.77
C ALA D 432 50.93 30.39 14.94
N LYS D 433 50.72 29.84 16.16
CA LYS D 433 51.30 30.36 17.40
C LYS D 433 52.84 30.30 17.31
N GLU D 434 53.38 29.18 16.79
CA GLU D 434 54.82 29.01 16.57
C GLU D 434 55.35 30.09 15.62
N LEU D 435 54.55 30.48 14.63
CA LEU D 435 54.96 31.48 13.63
C LEU D 435 54.74 32.90 14.14
N GLY D 436 54.15 33.05 15.34
CA GLY D 436 53.78 34.36 15.88
C GLY D 436 52.67 35.02 15.06
N ALA D 437 51.87 34.19 14.37
CA ALA D 437 50.77 34.65 13.55
C ALA D 437 49.50 34.04 14.13
N ASP D 438 48.84 34.77 15.03
CA ASP D 438 47.82 34.23 15.91
C ASP D 438 46.67 35.24 15.90
N PRO D 439 45.93 35.34 14.77
CA PRO D 439 44.87 36.34 14.63
C PRO D 439 43.69 36.01 15.53
N PRO D 440 42.91 37.01 15.97
CA PRO D 440 41.61 36.75 16.62
C PRO D 440 40.69 35.99 15.65
N TRP D 441 40.05 34.93 16.16
CA TRP D 441 39.16 34.09 15.33
C TRP D 441 38.24 33.28 16.24
N ASP D 442 36.94 33.31 15.97
CA ASP D 442 35.94 32.66 16.81
C ASP D 442 34.76 32.20 15.93
N CYS D 443 34.63 30.88 15.74
CA CYS D 443 33.56 30.34 14.88
C CYS D 443 32.25 30.22 15.67
N GLU D 444 32.32 30.24 17.01
CA GLU D 444 31.13 30.17 17.87
C GLU D 444 30.26 31.41 17.66
N LEU D 445 30.90 32.58 17.50
CA LEU D 445 30.16 33.87 17.35
C LEU D 445 29.27 33.85 16.10
N ALA D 446 29.69 33.10 15.06
CA ALA D 446 29.05 33.12 13.75
C ALA D 446 27.97 32.03 13.61
N LYS D 447 27.71 31.27 14.68
CA LYS D 447 26.70 30.20 14.61
C LYS D 447 25.31 30.79 14.37
N THR D 448 24.48 30.02 13.66
CA THR D 448 23.10 30.40 13.38
C THR D 448 22.28 30.25 14.67
N PRO D 449 21.05 30.80 14.71
CA PRO D 449 20.17 30.58 15.87
C PRO D 449 19.94 29.11 16.23
N GLU D 450 19.90 28.22 15.22
CA GLU D 450 19.73 26.76 15.42
C GLU D 450 20.97 26.16 16.08
N GLY D 451 22.12 26.83 15.98
CA GLY D 451 23.39 26.32 16.47
C GLY D 451 24.25 25.69 15.39
N TYR D 452 23.98 25.98 14.11
CA TYR D 452 24.78 25.47 13.02
C TYR D 452 25.97 26.39 12.77
N TYR D 453 27.09 25.79 12.34
CA TYR D 453 28.31 26.53 12.02
C TYR D 453 28.25 26.96 10.56
N GLN D 454 28.86 28.11 10.27
CA GLN D 454 28.98 28.57 8.91
C GLN D 454 30.27 27.99 8.34
N ILE D 455 30.22 27.61 7.05
CA ILE D 455 31.35 27.00 6.37
C ILE D 455 31.54 27.67 5.00
N ARG D 456 32.76 27.51 4.48
CA ARG D 456 33.15 28.01 3.18
C ARG D 456 32.81 26.94 2.14
N GLY D 457 31.57 26.98 1.66
CA GLY D 457 31.15 26.12 0.57
C GLY D 457 31.90 26.43 -0.70
N GLY D 458 32.07 25.41 -1.55
CA GLY D 458 32.76 25.56 -2.81
C GLY D 458 33.33 24.23 -3.28
N ILE D 459 33.97 24.25 -4.43
CA ILE D 459 34.50 23.04 -5.04
C ILE D 459 35.61 22.47 -4.16
N PRO D 460 36.51 23.28 -3.55
CA PRO D 460 37.52 22.74 -2.65
C PRO D 460 36.92 21.93 -1.49
N TYR D 461 35.82 22.41 -0.89
CA TYR D 461 35.17 21.68 0.19
C TYR D 461 34.54 20.38 -0.36
N ALA D 462 33.92 20.46 -1.54
CA ALA D 462 33.35 19.27 -2.20
C ALA D 462 34.43 18.22 -2.43
N ILE D 463 35.61 18.67 -2.88
CA ILE D 463 36.75 17.79 -3.07
C ILE D 463 37.14 17.12 -1.75
N ALA D 464 37.26 17.91 -0.68
CA ALA D 464 37.72 17.40 0.62
C ALA D 464 36.75 16.34 1.16
N LYS D 465 35.44 16.63 1.10
CA LYS D 465 34.42 15.68 1.59
C LYS D 465 34.48 14.40 0.76
N SER D 466 34.61 14.55 -0.56
CA SER D 466 34.58 13.43 -1.49
C SER D 466 35.82 12.55 -1.32
N LEU D 467 37.00 13.17 -1.11
CA LEU D 467 38.22 12.39 -0.89
C LEU D 467 38.08 11.53 0.37
N ALA D 468 37.47 12.08 1.42
CA ALA D 468 37.27 11.35 2.67
C ALA D 468 36.30 10.16 2.45
N ALA D 469 35.30 10.37 1.58
CA ALA D 469 34.26 9.35 1.31
C ALA D 469 34.75 8.26 0.34
N ALA D 470 35.79 8.55 -0.45
CA ALA D 470 36.19 7.72 -1.60
C ALA D 470 36.40 6.26 -1.23
N PRO D 471 37.11 5.93 -0.12
CA PRO D 471 37.32 4.52 0.24
C PRO D 471 36.04 3.78 0.69
N PHE D 472 34.91 4.49 0.77
CA PHE D 472 33.66 3.93 1.28
C PHE D 472 32.57 3.94 0.21
N ALA D 473 32.90 4.29 -1.04
CA ALA D 473 31.92 4.45 -2.10
C ALA D 473 32.48 4.00 -3.44
N ASP D 474 31.59 3.55 -4.33
CA ASP D 474 31.94 3.06 -5.66
C ASP D 474 31.96 4.20 -6.68
N ILE D 475 31.13 5.23 -6.46
CA ILE D 475 31.01 6.38 -7.36
C ILE D 475 30.89 7.64 -6.48
N LEU D 476 31.58 8.72 -6.90
CA LEU D 476 31.51 10.02 -6.23
C LEU D 476 30.78 11.02 -7.12
N TRP D 477 30.01 11.90 -6.49
CA TRP D 477 29.17 12.87 -7.16
C TRP D 477 29.20 14.19 -6.37
N MET D 478 29.61 15.27 -7.06
CA MET D 478 29.50 16.62 -6.52
C MET D 478 28.23 17.26 -7.08
N GLU D 479 27.26 17.52 -6.19
CA GLU D 479 26.02 18.17 -6.59
C GLU D 479 26.35 19.54 -7.18
N THR D 480 25.80 19.82 -8.36
CA THR D 480 26.00 21.08 -9.07
C THR D 480 24.63 21.65 -9.46
N LYS D 481 24.53 22.97 -9.43
CA LYS D 481 23.39 23.72 -9.95
C LYS D 481 23.58 23.95 -11.46
N THR D 482 24.75 24.49 -11.82
CA THR D 482 25.06 24.90 -13.20
C THR D 482 25.86 23.81 -13.92
N ALA D 483 25.57 23.66 -15.22
CA ALA D 483 26.30 22.74 -16.09
C ALA D 483 27.55 23.47 -16.61
N ASP D 484 28.72 23.11 -16.06
CA ASP D 484 29.97 23.82 -16.33
C ASP D 484 31.12 22.81 -16.36
N LEU D 485 31.74 22.60 -17.53
CA LEU D 485 32.78 21.60 -17.69
C LEU D 485 34.02 21.93 -16.85
N ALA D 486 34.34 23.24 -16.71
CA ALA D 486 35.53 23.65 -15.93
C ALA D 486 35.37 23.25 -14.46
N ASP D 487 34.18 23.48 -13.89
CA ASP D 487 33.87 23.10 -12.52
C ASP D 487 33.98 21.56 -12.38
N ALA D 488 33.41 20.84 -13.35
CA ALA D 488 33.47 19.38 -13.36
C ALA D 488 34.92 18.91 -13.38
N ARG D 489 35.74 19.55 -14.22
CA ARG D 489 37.15 19.20 -14.38
C ARG D 489 37.92 19.44 -13.08
N GLN D 490 37.67 20.56 -12.40
CA GLN D 490 38.37 20.88 -11.15
C GLN D 490 38.14 19.73 -10.15
N PHE D 491 36.89 19.28 -10.03
CA PHE D 491 36.52 18.19 -9.12
C PHE D 491 37.20 16.88 -9.57
N ALA D 492 37.00 16.50 -10.84
CA ALA D 492 37.48 15.21 -11.34
C ALA D 492 39.00 15.09 -11.21
N GLU D 493 39.73 16.14 -11.59
CA GLU D 493 41.20 16.09 -11.57
C GLU D 493 41.69 15.95 -10.12
N ALA D 494 41.03 16.62 -9.18
CA ALA D 494 41.44 16.57 -7.76
C ALA D 494 41.19 15.16 -7.18
N ILE D 495 40.05 14.55 -7.53
CA ILE D 495 39.77 13.18 -7.07
C ILE D 495 40.79 12.23 -7.68
N HIS D 496 41.02 12.34 -8.99
CA HIS D 496 41.81 11.37 -9.73
C HIS D 496 43.31 11.49 -9.39
N ALA D 497 43.73 12.64 -8.85
CA ALA D 497 45.11 12.81 -8.36
C ALA D 497 45.40 11.84 -7.20
N GLU D 498 44.36 11.51 -6.40
CA GLU D 498 44.52 10.61 -5.25
C GLU D 498 43.95 9.22 -5.53
N PHE D 499 42.84 9.16 -6.29
CA PHE D 499 42.13 7.92 -6.59
C PHE D 499 41.89 7.85 -8.10
N PRO D 500 42.92 7.47 -8.90
CA PRO D 500 42.80 7.52 -10.35
C PRO D 500 41.73 6.58 -10.95
N ASP D 501 41.31 5.56 -10.20
CA ASP D 501 40.31 4.58 -10.68
C ASP D 501 38.90 4.93 -10.20
N GLN D 502 38.71 6.10 -9.58
CA GLN D 502 37.44 6.47 -8.95
C GLN D 502 36.44 6.94 -10.00
N MET D 503 35.36 6.16 -10.19
CA MET D 503 34.28 6.52 -11.08
C MET D 503 33.50 7.67 -10.46
N LEU D 504 33.00 8.57 -11.33
CA LEU D 504 32.26 9.76 -10.92
C LEU D 504 30.87 9.75 -11.58
N ALA D 505 29.97 10.58 -11.05
CA ALA D 505 28.65 10.81 -11.62
C ALA D 505 28.36 12.30 -11.58
N TYR D 506 27.55 12.76 -12.53
CA TYR D 506 27.26 14.17 -12.75
C TYR D 506 25.76 14.36 -12.94
N ASN D 507 25.16 15.25 -12.14
CA ASN D 507 23.76 15.57 -12.25
C ASN D 507 23.58 16.75 -13.23
N LEU D 508 22.48 16.69 -13.98
CA LEU D 508 22.06 17.73 -14.90
C LEU D 508 20.67 18.20 -14.47
N SER D 509 20.59 19.41 -13.90
CA SER D 509 19.33 19.94 -13.41
C SER D 509 18.42 20.26 -14.60
N PRO D 510 17.16 19.79 -14.58
CA PRO D 510 16.18 20.16 -15.61
C PRO D 510 15.80 21.65 -15.66
N SER D 511 16.04 22.38 -14.55
CA SER D 511 15.66 23.78 -14.42
C SER D 511 16.83 24.72 -14.77
N PHE D 512 18.04 24.16 -15.02
CA PHE D 512 19.17 24.98 -15.44
C PHE D 512 18.96 25.42 -16.90
N ASN D 513 18.93 26.74 -17.10
CA ASN D 513 18.62 27.33 -18.40
C ASN D 513 19.83 27.17 -19.34
N TRP D 514 19.73 26.22 -20.28
CA TRP D 514 20.82 25.91 -21.18
C TRP D 514 21.05 27.05 -22.20
N ASP D 515 19.98 27.73 -22.62
CA ASP D 515 20.08 28.70 -23.70
C ASP D 515 20.78 29.98 -23.25
N THR D 516 20.80 30.25 -21.94
CA THR D 516 21.43 31.47 -21.41
C THR D 516 22.87 31.19 -20.97
N THR D 517 23.40 30.01 -21.29
CA THR D 517 24.84 29.72 -21.07
C THR D 517 25.69 30.36 -22.17
N GLY D 518 25.07 30.62 -23.33
CA GLY D 518 25.79 31.09 -24.50
C GLY D 518 26.47 29.95 -25.25
N MET D 519 26.30 28.71 -24.79
CA MET D 519 26.84 27.55 -25.49
C MET D 519 26.20 27.48 -26.88
N THR D 520 26.99 27.05 -27.87
CA THR D 520 26.47 26.72 -29.18
C THR D 520 25.65 25.43 -29.06
N ASP D 521 24.79 25.19 -30.06
CA ASP D 521 24.03 23.95 -30.14
C ASP D 521 25.00 22.76 -30.10
N GLU D 522 26.15 22.89 -30.77
CA GLU D 522 27.11 21.80 -30.88
C GLU D 522 27.79 21.54 -29.52
N GLU D 523 28.04 22.59 -28.75
CA GLU D 523 28.62 22.44 -27.41
C GLU D 523 27.64 21.68 -26.51
N MET D 524 26.34 21.96 -26.65
CA MET D 524 25.30 21.27 -25.90
C MET D 524 25.24 19.80 -26.31
N ARG D 525 25.39 19.54 -27.62
N ARG D 525 25.38 19.55 -27.62
CA ARG D 525 25.39 18.18 -28.15
CA ARG D 525 25.40 18.20 -28.17
C ARG D 525 26.54 17.38 -27.55
C ARG D 525 26.54 17.39 -27.53
N ARG D 526 27.70 18.04 -27.36
CA ARG D 526 28.96 17.36 -27.01
CA ARG D 526 28.97 17.38 -27.01
C ARG D 526 29.14 17.28 -25.49
N PHE D 527 28.34 18.03 -24.72
CA PHE D 527 28.54 18.16 -23.29
C PHE D 527 28.60 16.78 -22.61
N PRO D 528 27.67 15.84 -22.89
CA PRO D 528 27.71 14.52 -22.26
C PRO D 528 29.01 13.74 -22.52
N GLU D 529 29.49 13.76 -23.77
CA GLU D 529 30.74 13.10 -24.13
C GLU D 529 31.91 13.72 -23.36
N GLU D 530 31.90 15.04 -23.19
CA GLU D 530 32.98 15.75 -22.48
C GLU D 530 33.03 15.30 -21.01
N LEU D 531 31.86 15.08 -20.41
CA LEU D 531 31.77 14.55 -19.04
C LEU D 531 32.44 13.17 -18.98
N GLY D 532 32.08 12.30 -19.92
CA GLY D 532 32.60 10.94 -19.99
C GLY D 532 34.13 10.92 -20.06
N LYS D 533 34.70 11.88 -20.80
CA LYS D 533 36.15 11.96 -20.98
C LYS D 533 36.86 12.21 -19.64
N MET D 534 36.16 12.80 -18.67
CA MET D 534 36.74 13.14 -17.37
C MET D 534 36.44 12.07 -16.31
N GLY D 535 35.78 10.96 -16.69
CA GLY D 535 35.52 9.84 -15.79
C GLY D 535 34.18 9.94 -15.08
N PHE D 536 33.32 10.85 -15.52
CA PHE D 536 31.89 10.87 -15.13
C PHE D 536 31.16 9.83 -15.99
N VAL D 537 30.90 8.66 -15.41
CA VAL D 537 30.46 7.47 -16.15
C VAL D 537 28.92 7.40 -16.24
N PHE D 538 28.23 8.09 -15.33
CA PHE D 538 26.78 8.00 -15.19
C PHE D 538 26.24 9.39 -14.89
N ASN D 539 25.61 10.00 -15.91
CA ASN D 539 25.19 11.38 -15.88
C ASN D 539 23.71 11.42 -16.21
N PHE D 540 22.94 12.26 -15.47
CA PHE D 540 21.50 12.08 -15.43
C PHE D 540 20.76 13.41 -15.25
N ILE D 541 19.70 13.56 -16.06
CA ILE D 541 18.74 14.63 -15.93
C ILE D 541 17.68 14.18 -14.92
N THR D 542 17.84 14.64 -13.67
CA THR D 542 17.20 14.05 -12.48
C THR D 542 15.70 13.79 -12.70
N TYR D 543 14.90 14.85 -12.85
CA TYR D 543 13.44 14.70 -13.01
C TYR D 543 12.98 15.06 -14.43
N GLY D 544 13.77 14.64 -15.43
CA GLY D 544 13.41 14.78 -16.85
C GLY D 544 12.04 14.22 -17.17
N GLY D 545 11.75 13.01 -16.64
CA GLY D 545 10.47 12.32 -16.87
C GLY D 545 9.28 13.16 -16.43
N HIS D 546 9.40 13.79 -15.26
CA HIS D 546 8.35 14.66 -14.73
C HIS D 546 8.06 15.81 -15.70
N GLN D 547 9.12 16.39 -16.27
CA GLN D 547 9.01 17.55 -17.14
C GLN D 547 8.31 17.14 -18.46
N ILE D 548 8.75 16.03 -19.07
CA ILE D 548 8.19 15.64 -20.38
C ILE D 548 6.74 15.18 -20.21
N ASP D 549 6.42 14.59 -19.05
CA ASP D 549 5.04 14.19 -18.68
C ASP D 549 4.12 15.42 -18.71
N GLY D 550 4.57 16.52 -18.11
CA GLY D 550 3.82 17.75 -18.01
C GLY D 550 3.55 18.37 -19.37
N VAL D 551 4.61 18.49 -20.19
CA VAL D 551 4.53 19.07 -21.50
C VAL D 551 3.56 18.24 -22.36
N ALA D 552 3.68 16.90 -22.31
CA ALA D 552 2.83 16.00 -23.09
C ALA D 552 1.36 16.21 -22.75
N ALA D 553 1.04 16.32 -21.46
CA ALA D 553 -0.34 16.47 -20.99
C ALA D 553 -0.91 17.84 -21.41
N GLU D 554 -0.13 18.89 -21.22
CA GLU D 554 -0.53 20.25 -21.63
C GLU D 554 -0.88 20.25 -23.12
N GLU D 555 0.01 19.69 -23.94
CA GLU D 555 -0.14 19.67 -25.39
C GLU D 555 -1.39 18.89 -25.77
N PHE D 556 -1.59 17.72 -25.18
CA PHE D 556 -2.70 16.87 -25.60
C PHE D 556 -4.04 17.47 -25.15
N ALA D 557 -4.10 18.00 -23.93
CA ALA D 557 -5.33 18.59 -23.41
C ALA D 557 -5.72 19.80 -24.27
N THR D 558 -4.73 20.63 -24.61
CA THR D 558 -4.95 21.80 -25.47
C THR D 558 -5.48 21.34 -26.83
N ALA D 559 -4.84 20.33 -27.44
CA ALA D 559 -5.19 19.85 -28.77
C ALA D 559 -6.60 19.24 -28.76
N LEU D 560 -6.94 18.48 -27.71
CA LEU D 560 -8.26 17.88 -27.61
C LEU D 560 -9.34 18.98 -27.55
N ARG D 561 -9.10 20.03 -26.76
CA ARG D 561 -10.06 21.13 -26.61
C ARG D 561 -10.22 21.90 -27.93
N GLN D 562 -9.12 22.05 -28.69
CA GLN D 562 -9.08 22.90 -29.88
C GLN D 562 -9.53 22.11 -31.13
N ASP D 563 -9.11 20.85 -31.26
CA ASP D 563 -9.24 20.11 -32.50
C ASP D 563 -9.97 18.77 -32.31
N GLY D 564 -10.61 18.54 -31.15
CA GLY D 564 -11.38 17.33 -30.93
C GLY D 564 -10.57 16.08 -31.23
N MET D 565 -11.16 15.13 -31.98
CA MET D 565 -10.57 13.81 -32.14
C MET D 565 -9.39 13.84 -33.12
N LEU D 566 -9.21 14.97 -33.83
CA LEU D 566 -8.01 15.16 -34.66
C LEU D 566 -6.76 15.13 -33.78
N ALA D 567 -6.89 15.54 -32.50
CA ALA D 567 -5.81 15.44 -31.50
C ALA D 567 -5.31 13.99 -31.37
N LEU D 568 -6.23 13.03 -31.33
CA LEU D 568 -5.88 11.62 -31.22
C LEU D 568 -5.34 11.09 -32.55
N ALA D 569 -6.00 11.48 -33.66
CA ALA D 569 -5.55 11.07 -34.98
C ALA D 569 -4.07 11.46 -35.19
N ARG D 570 -3.72 12.68 -34.78
CA ARG D 570 -2.36 13.18 -34.97
C ARG D 570 -1.35 12.39 -34.11
N LEU D 571 -1.75 12.06 -32.88
CA LEU D 571 -0.92 11.25 -32.00
C LEU D 571 -0.65 9.88 -32.64
N GLN D 572 -1.71 9.29 -33.20
CA GLN D 572 -1.64 7.98 -33.85
C GLN D 572 -0.71 8.03 -35.06
N ARG D 573 -0.79 9.12 -35.84
CA ARG D 573 0.07 9.33 -37.02
C ARG D 573 1.55 9.34 -36.61
N LYS D 574 1.88 10.10 -35.56
CA LYS D 574 3.25 10.17 -35.05
C LYS D 574 3.77 8.78 -34.68
N MET D 575 2.93 7.98 -34.01
CA MET D 575 3.33 6.63 -33.57
C MET D 575 3.63 5.75 -34.80
N ARG D 576 2.82 5.88 -35.85
CA ARG D 576 3.02 5.12 -37.08
C ARG D 576 4.32 5.55 -37.75
N LEU D 577 4.58 6.86 -37.76
CA LEU D 577 5.75 7.45 -38.40
C LEU D 577 7.03 6.87 -37.82
N VAL D 578 7.12 6.72 -36.49
CA VAL D 578 8.34 6.26 -35.82
C VAL D 578 8.25 4.77 -35.48
N GLU D 579 7.20 4.11 -35.93
CA GLU D 579 6.99 2.66 -35.67
C GLU D 579 7.02 2.39 -34.17
N SER D 580 6.32 3.19 -33.40
CA SER D 580 6.30 3.02 -31.94
C SER D 580 5.51 1.77 -31.59
N PRO D 581 5.88 0.99 -30.55
CA PRO D 581 5.08 -0.14 -30.06
C PRO D 581 3.75 0.27 -29.40
N TYR D 582 3.60 1.56 -29.08
CA TYR D 582 2.36 2.18 -28.56
C TYR D 582 1.25 2.18 -29.62
N ARG D 583 1.54 1.99 -30.92
CA ARG D 583 0.50 1.89 -31.96
C ARG D 583 -0.37 0.63 -31.76
N THR D 584 0.19 -0.43 -31.16
CA THR D 584 -0.56 -1.67 -30.80
C THR D 584 -0.47 -1.83 -29.27
N PRO D 585 -1.18 -1.00 -28.50
CA PRO D 585 -1.05 -1.02 -27.04
C PRO D 585 -1.36 -2.36 -26.36
N GLN D 586 -2.30 -3.11 -26.90
CA GLN D 586 -2.66 -4.40 -26.29
C GLN D 586 -1.45 -5.35 -26.34
N THR D 587 -0.68 -5.29 -27.42
CA THR D 587 0.53 -6.09 -27.54
C THR D 587 1.60 -5.57 -26.59
N LEU D 588 1.76 -4.23 -26.55
CA LEU D 588 2.77 -3.58 -25.72
C LEU D 588 2.71 -4.07 -24.27
N VAL D 589 1.49 -4.17 -23.71
CA VAL D 589 1.32 -4.47 -22.28
C VAL D 589 1.26 -5.98 -22.00
N GLY D 590 1.32 -6.81 -23.05
CA GLY D 590 1.54 -8.27 -22.88
C GLY D 590 0.31 -9.13 -23.18
N GLY D 591 -0.59 -8.65 -24.04
CA GLY D 591 -1.80 -9.40 -24.44
C GLY D 591 -1.47 -10.83 -24.89
N PRO D 592 -0.53 -11.02 -25.83
CA PRO D 592 -0.21 -12.36 -26.35
C PRO D 592 0.21 -13.37 -25.27
N ARG D 593 1.12 -12.98 -24.38
CA ARG D 593 1.60 -13.87 -23.30
C ARG D 593 0.43 -14.19 -22.34
N SER D 594 -0.44 -13.20 -22.09
CA SER D 594 -1.60 -13.39 -21.21
CA SER D 594 -1.61 -13.38 -21.22
C SER D 594 -2.59 -14.38 -21.84
N ASP D 595 -2.83 -14.26 -23.15
CA ASP D 595 -3.69 -15.19 -23.86
CA ASP D 595 -3.69 -15.20 -23.87
C ASP D 595 -3.13 -16.62 -23.73
N ALA D 596 -1.81 -16.76 -23.85
CA ALA D 596 -1.15 -18.06 -23.73
C ALA D 596 -1.36 -18.61 -22.31
N ALA D 597 -1.33 -17.73 -21.30
CA ALA D 597 -1.56 -18.15 -19.90
C ALA D 597 -3.00 -18.66 -19.72
N LEU D 598 -3.97 -18.02 -20.39
CA LEU D 598 -5.37 -18.49 -20.35
C LEU D 598 -5.47 -19.89 -20.98
N ALA D 599 -4.79 -20.09 -22.10
CA ALA D 599 -4.81 -21.38 -22.80
C ALA D 599 -4.26 -22.48 -21.86
N ALA D 600 -3.15 -22.20 -21.17
CA ALA D 600 -2.57 -23.16 -20.24
C ALA D 600 -3.52 -23.40 -19.04
N SER D 601 -4.06 -22.31 -18.48
CA SER D 601 -4.89 -22.40 -17.26
C SER D 601 -6.18 -23.19 -17.51
N SER D 602 -6.73 -23.08 -18.72
CA SER D 602 -8.03 -23.67 -19.06
C SER D 602 -7.89 -24.99 -19.84
N GLY D 603 -6.66 -25.42 -20.12
CA GLY D 603 -6.42 -26.59 -20.97
C GLY D 603 -6.96 -26.39 -22.39
N ARG D 604 -6.89 -25.13 -22.86
CA ARG D 604 -7.40 -24.71 -24.18
C ARG D 604 -8.91 -24.93 -24.33
N THR D 605 -9.66 -24.98 -23.23
CA THR D 605 -11.12 -25.18 -23.30
C THR D 605 -11.88 -23.85 -23.20
N ALA D 606 -11.20 -22.77 -22.79
CA ALA D 606 -11.84 -21.46 -22.70
C ALA D 606 -12.26 -21.00 -24.11
N THR D 607 -13.50 -20.52 -24.21
CA THR D 607 -14.09 -20.16 -25.49
C THR D 607 -13.64 -18.78 -25.92
N THR D 608 -12.95 -18.70 -27.07
CA THR D 608 -12.48 -17.43 -27.63
C THR D 608 -13.06 -17.18 -29.02
N LYS D 609 -13.68 -18.18 -29.65
CA LYS D 609 -14.25 -18.07 -31.02
C LYS D 609 -15.76 -17.81 -30.93
N ALA D 610 -16.27 -16.93 -31.79
CA ALA D 610 -17.68 -16.52 -31.79
C ALA D 610 -18.51 -17.40 -32.73
N MET D 611 -19.79 -17.57 -32.39
CA MET D 611 -20.85 -18.03 -33.32
C MET D 611 -21.91 -16.93 -33.46
N GLY D 612 -22.40 -16.74 -34.69
CA GLY D 612 -23.29 -15.62 -35.06
C GLY D 612 -22.66 -14.76 -36.13
N GLU D 625 -40.44 -26.58 -44.21
CA GLU D 625 -39.63 -26.69 -45.41
C GLU D 625 -40.15 -27.80 -46.35
N VAL D 626 -41.37 -28.29 -46.11
CA VAL D 626 -42.13 -29.08 -47.10
C VAL D 626 -43.41 -28.33 -47.45
N PRO D 627 -43.41 -27.50 -48.51
CA PRO D 627 -44.60 -26.76 -48.91
C PRO D 627 -45.57 -27.58 -49.79
N ARG D 628 -46.84 -27.19 -49.79
CA ARG D 628 -47.88 -27.77 -50.64
C ARG D 628 -47.44 -27.71 -52.11
N LYS D 629 -46.76 -26.61 -52.47
CA LYS D 629 -46.28 -26.35 -53.84
C LYS D 629 -45.40 -27.51 -54.35
N LEU D 630 -44.68 -28.20 -53.46
CA LEU D 630 -43.83 -29.32 -53.87
C LEU D 630 -44.69 -30.44 -54.51
N LEU D 631 -45.81 -30.77 -53.88
CA LEU D 631 -46.74 -31.78 -54.44
C LEU D 631 -47.34 -31.26 -55.75
N GLU D 632 -47.63 -29.95 -55.81
CA GLU D 632 -48.18 -29.33 -57.02
C GLU D 632 -47.18 -29.48 -58.18
N GLU D 633 -45.88 -29.32 -57.90
CA GLU D 633 -44.81 -29.49 -58.91
C GLU D 633 -44.78 -30.93 -59.40
N TRP D 634 -44.87 -31.89 -58.47
CA TRP D 634 -44.90 -33.31 -58.83
C TRP D 634 -46.13 -33.60 -59.71
N LEU D 635 -47.28 -33.00 -59.37
CA LEU D 635 -48.53 -33.25 -60.09
C LEU D 635 -48.49 -32.58 -61.48
N ALA D 636 -47.72 -31.49 -61.61
CA ALA D 636 -47.48 -30.86 -62.92
C ALA D 636 -46.66 -31.81 -63.82
N MET D 637 -45.67 -32.49 -63.23
CA MET D 637 -44.88 -33.52 -63.93
C MET D 637 -45.81 -34.65 -64.38
N TRP D 638 -46.68 -35.06 -63.45
CA TRP D 638 -47.67 -36.10 -63.65
C TRP D 638 -48.64 -35.74 -64.80
N SER D 639 -49.27 -34.57 -64.68
CA SER D 639 -50.21 -34.05 -65.67
C SER D 639 -49.55 -33.97 -67.05
N GLY D 640 -48.31 -33.51 -67.06
CA GLY D 640 -47.48 -33.43 -68.26
C GLY D 640 -47.31 -34.78 -68.95
N HIS D 641 -46.94 -35.79 -68.17
CA HIS D 641 -46.71 -37.12 -68.72
C HIS D 641 -48.00 -37.70 -69.32
N TYR D 642 -49.12 -37.53 -68.62
CA TYR D 642 -50.39 -38.15 -69.01
C TYR D 642 -51.18 -37.23 -69.95
N GLN D 643 -50.58 -36.09 -70.34
CA GLN D 643 -51.14 -35.14 -71.30
C GLN D 643 -52.55 -34.71 -70.86
N LEU D 644 -52.68 -34.46 -69.55
CA LEU D 644 -53.87 -33.85 -68.97
C LEU D 644 -53.55 -32.37 -68.76
N LYS D 645 -54.51 -31.50 -69.09
CA LYS D 645 -54.25 -30.05 -69.12
C LYS D 645 -54.64 -29.37 -67.81
N ASP D 646 -55.56 -29.98 -67.07
CA ASP D 646 -56.17 -29.46 -65.85
C ASP D 646 -55.07 -29.23 -64.79
N LYS D 647 -54.91 -27.98 -64.37
CA LYS D 647 -53.92 -27.62 -63.36
C LYS D 647 -54.40 -28.13 -62.00
N LEU D 648 -53.64 -29.07 -61.42
CA LEU D 648 -54.02 -29.68 -60.14
C LEU D 648 -53.42 -28.87 -58.99
N ARG D 649 -54.30 -28.49 -58.06
CA ARG D 649 -53.99 -27.68 -56.91
C ARG D 649 -54.08 -28.58 -55.67
N VAL D 650 -53.24 -28.30 -54.67
CA VAL D 650 -53.19 -29.05 -53.42
C VAL D 650 -53.75 -28.18 -52.30
N GLN D 651 -54.64 -28.78 -51.51
CA GLN D 651 -55.27 -28.18 -50.36
C GLN D 651 -55.00 -29.07 -49.14
N LEU D 652 -54.50 -28.49 -48.05
CA LEU D 652 -54.35 -29.20 -46.77
C LEU D 652 -54.91 -28.31 -45.65
N ARG D 653 -56.06 -28.72 -45.11
CA ARG D 653 -56.78 -27.97 -44.10
C ARG D 653 -57.44 -28.93 -43.12
N PRO D 654 -57.83 -28.46 -41.91
CA PRO D 654 -58.69 -29.24 -41.04
C PRO D 654 -59.92 -29.74 -41.83
N GLN D 655 -60.31 -30.99 -41.58
CA GLN D 655 -61.38 -31.65 -42.34
C GLN D 655 -62.71 -30.92 -42.07
N ARG D 656 -62.84 -30.37 -40.87
CA ARG D 656 -63.89 -29.41 -40.53
C ARG D 656 -63.34 -28.43 -39.49
N ALA D 657 -64.07 -27.34 -39.25
CA ALA D 657 -63.62 -26.24 -38.40
C ALA D 657 -63.20 -26.76 -37.02
N GLY D 658 -61.97 -26.42 -36.61
CA GLY D 658 -61.46 -26.64 -35.25
C GLY D 658 -61.01 -28.08 -34.99
N SER D 659 -60.94 -28.90 -36.05
CA SER D 659 -60.64 -30.34 -35.93
C SER D 659 -59.14 -30.58 -36.05
N GLU D 660 -58.65 -31.61 -35.36
CA GLU D 660 -57.26 -32.06 -35.48
C GLU D 660 -57.14 -33.07 -36.64
N VAL D 661 -58.28 -33.54 -37.16
CA VAL D 661 -58.32 -34.36 -38.36
C VAL D 661 -58.13 -33.44 -39.57
N LEU D 662 -57.19 -33.80 -40.45
CA LEU D 662 -56.84 -33.01 -41.62
C LEU D 662 -57.38 -33.69 -42.89
N GLU D 663 -57.56 -32.89 -43.94
CA GLU D 663 -57.89 -33.39 -45.28
C GLU D 663 -56.92 -32.78 -46.30
N LEU D 664 -56.15 -33.66 -46.96
CA LEU D 664 -55.39 -33.36 -48.16
C LEU D 664 -56.34 -33.56 -49.34
N GLY D 665 -56.64 -32.50 -50.08
CA GLY D 665 -57.45 -32.56 -51.29
C GLY D 665 -56.67 -32.15 -52.53
N ILE D 666 -56.87 -32.90 -53.62
CA ILE D 666 -56.40 -32.52 -54.95
C ILE D 666 -57.60 -31.96 -55.72
N HIS D 667 -57.49 -30.71 -56.16
CA HIS D 667 -58.58 -30.00 -56.84
C HIS D 667 -58.14 -29.61 -58.26
N GLY D 668 -59.08 -29.71 -59.20
CA GLY D 668 -58.90 -29.24 -60.58
C GLY D 668 -59.26 -27.77 -60.70
N GLU D 669 -59.25 -27.26 -61.94
CA GLU D 669 -59.50 -25.84 -62.23
C GLU D 669 -60.92 -25.43 -61.83
N SER D 670 -61.86 -26.38 -61.89
CA SER D 670 -63.27 -26.19 -61.49
C SER D 670 -63.46 -26.30 -59.97
N ASP D 671 -62.38 -26.63 -59.24
CA ASP D 671 -62.35 -26.79 -57.77
C ASP D 671 -63.00 -28.11 -57.35
N ASP D 672 -63.31 -29.00 -58.31
CA ASP D 672 -63.81 -30.34 -58.00
C ASP D 672 -62.71 -31.14 -57.30
N LYS D 673 -63.11 -31.94 -56.31
CA LYS D 673 -62.20 -32.76 -55.53
C LYS D 673 -61.94 -34.07 -56.29
N LEU D 674 -60.71 -34.23 -56.80
CA LEU D 674 -60.32 -35.32 -57.68
C LEU D 674 -59.67 -36.46 -56.88
N ALA D 675 -59.10 -36.15 -55.73
CA ALA D 675 -58.53 -37.15 -54.82
C ALA D 675 -58.45 -36.57 -53.41
N ASN D 676 -58.39 -37.43 -52.40
CA ASN D 676 -58.22 -36.94 -51.03
C ASN D 676 -57.60 -38.01 -50.12
N VAL D 677 -57.05 -37.53 -49.01
CA VAL D 677 -56.68 -38.32 -47.85
C VAL D 677 -57.16 -37.56 -46.61
N ILE D 678 -57.97 -38.23 -45.79
CA ILE D 678 -58.42 -37.70 -44.51
C ILE D 678 -57.67 -38.47 -43.42
N PHE D 679 -56.96 -37.75 -42.55
CA PHE D 679 -56.01 -38.37 -41.65
C PHE D 679 -55.73 -37.44 -40.45
N GLN D 680 -55.24 -38.05 -39.36
CA GLN D 680 -54.76 -37.31 -38.21
C GLN D 680 -53.33 -37.73 -37.91
N PRO D 681 -52.37 -36.78 -37.84
CA PRO D 681 -51.02 -37.08 -37.37
C PRO D 681 -51.02 -37.21 -35.84
N ILE D 682 -50.42 -38.29 -35.34
CA ILE D 682 -50.38 -38.58 -33.91
C ILE D 682 -48.96 -39.05 -33.58
N GLN D 683 -48.63 -39.09 -32.28
CA GLN D 683 -47.35 -39.62 -31.80
C GLN D 683 -47.61 -40.82 -30.88
N ASP D 684 -46.81 -41.88 -31.04
CA ASP D 684 -46.86 -43.04 -30.15
C ASP D 684 -46.00 -42.76 -28.91
N ARG D 685 -45.91 -43.76 -28.02
CA ARG D 685 -45.17 -43.69 -26.75
C ARG D 685 -43.70 -43.30 -27.01
N ARG D 686 -43.13 -43.80 -28.11
CA ARG D 686 -41.70 -43.61 -28.45
C ARG D 686 -41.48 -42.28 -29.18
N GLY D 687 -42.54 -41.49 -29.37
CA GLY D 687 -42.48 -40.18 -30.01
C GLY D 687 -42.45 -40.26 -31.53
N ARG D 688 -42.72 -41.45 -32.09
CA ARG D 688 -42.76 -41.64 -33.54
C ARG D 688 -44.08 -41.09 -34.08
N THR D 689 -44.02 -40.39 -35.22
CA THR D 689 -45.21 -39.87 -35.89
C THR D 689 -45.86 -40.96 -36.73
N ILE D 690 -47.16 -41.12 -36.54
CA ILE D 690 -48.00 -42.03 -37.31
C ILE D 690 -49.12 -41.20 -37.94
N LEU D 691 -49.42 -41.46 -39.22
CA LEU D 691 -50.62 -40.87 -39.85
C LEU D 691 -51.76 -41.88 -39.75
N LEU D 692 -52.80 -41.51 -39.00
CA LEU D 692 -54.04 -42.29 -38.87
C LEU D 692 -54.98 -41.89 -40.02
N VAL D 693 -55.09 -42.76 -41.03
CA VAL D 693 -55.87 -42.46 -42.22
C VAL D 693 -57.30 -42.99 -42.02
N ARG D 694 -58.26 -42.07 -42.03
CA ARG D 694 -59.68 -42.37 -41.94
C ARG D 694 -60.24 -42.75 -43.31
N ASP D 695 -59.73 -42.11 -44.38
CA ASP D 695 -60.25 -42.31 -45.72
C ASP D 695 -59.23 -41.83 -46.76
N GLN D 696 -59.19 -42.49 -47.91
CA GLN D 696 -58.45 -42.04 -49.08
C GLN D 696 -59.25 -42.42 -50.34
N ASN D 697 -59.21 -41.57 -51.36
CA ASN D 697 -59.98 -41.77 -52.60
C ASN D 697 -59.25 -41.16 -53.80
N THR D 698 -59.26 -41.87 -54.93
CA THR D 698 -59.03 -41.27 -56.24
C THR D 698 -60.37 -41.20 -56.97
N PHE D 699 -61.02 -40.02 -56.93
CA PHE D 699 -62.40 -39.85 -57.36
C PHE D 699 -62.51 -39.85 -58.89
N GLY D 700 -61.66 -39.06 -59.56
CA GLY D 700 -61.65 -38.96 -61.02
C GLY D 700 -61.19 -40.26 -61.66
N ALA D 701 -62.03 -40.84 -62.53
CA ALA D 701 -61.78 -42.14 -63.17
C ALA D 701 -60.58 -42.03 -64.13
N LEU D 703 -58.00 -40.39 -63.64
CA LEU D 703 -56.81 -40.18 -62.82
C LEU D 703 -56.33 -41.50 -62.20
N ARG D 704 -57.13 -42.56 -62.28
CA ARG D 704 -56.87 -43.82 -61.60
C ARG D 704 -55.78 -44.61 -62.36
N GLN D 705 -55.14 -45.54 -61.65
CA GLN D 705 -54.14 -46.48 -62.19
C GLN D 705 -52.90 -45.73 -62.70
N LYS D 706 -52.63 -44.56 -62.12
CA LYS D 706 -51.55 -43.67 -62.59
C LYS D 706 -50.69 -43.20 -61.40
N ARG D 707 -50.82 -43.85 -60.23
CA ARG D 707 -49.92 -43.69 -59.07
C ARG D 707 -50.12 -42.34 -58.37
N LEU D 708 -51.29 -41.73 -58.55
CA LEU D 708 -51.58 -40.43 -57.93
C LEU D 708 -51.52 -40.55 -56.41
N MET D 709 -52.15 -41.59 -55.86
CA MET D 709 -52.24 -41.76 -54.41
C MET D 709 -50.84 -42.02 -53.81
N THR D 710 -49.96 -42.68 -54.59
CA THR D 710 -48.58 -42.90 -54.18
C THR D 710 -47.86 -41.54 -54.00
N LEU D 711 -48.08 -40.63 -54.95
CA LEU D 711 -47.46 -39.30 -54.91
C LEU D 711 -47.94 -38.53 -53.67
N ILE D 712 -49.24 -38.61 -53.39
CA ILE D 712 -49.85 -37.92 -52.25
C ILE D 712 -49.21 -38.44 -50.96
N HIS D 713 -49.09 -39.77 -50.85
CA HIS D 713 -48.51 -40.39 -49.65
C HIS D 713 -47.03 -40.03 -49.51
N LEU D 714 -46.29 -39.99 -50.62
CA LEU D 714 -44.90 -39.58 -50.58
C LEU D 714 -44.80 -38.20 -49.95
N TRP D 715 -45.68 -37.28 -50.37
CA TRP D 715 -45.65 -35.92 -49.88
C TRP D 715 -46.03 -35.89 -48.39
N LEU D 716 -47.09 -36.62 -48.02
CA LEU D 716 -47.59 -36.62 -46.63
C LEU D 716 -46.52 -37.17 -45.68
N VAL D 717 -45.86 -38.26 -46.09
CA VAL D 717 -44.83 -38.91 -45.26
C VAL D 717 -43.65 -37.96 -45.06
N HIS D 718 -43.28 -37.22 -46.13
CA HIS D 718 -42.22 -36.23 -46.08
C HIS D 718 -42.64 -35.02 -45.22
N ARG D 719 -43.85 -34.51 -45.45
CA ARG D 719 -44.36 -33.32 -44.77
C ARG D 719 -44.37 -33.54 -43.25
N PHE D 720 -44.88 -34.70 -42.81
CA PHE D 720 -45.12 -34.99 -41.38
C PHE D 720 -44.01 -35.85 -40.78
N LYS D 721 -42.99 -36.19 -41.58
CA LYS D 721 -41.85 -37.01 -41.13
C LYS D 721 -42.40 -38.26 -40.42
N ALA D 722 -43.28 -38.98 -41.12
CA ALA D 722 -44.02 -40.09 -40.57
C ALA D 722 -43.13 -41.35 -40.56
N GLN D 723 -43.28 -42.15 -39.50
CA GLN D 723 -42.61 -43.45 -39.38
C GLN D 723 -43.54 -44.56 -39.92
N ALA D 724 -44.85 -44.35 -39.81
CA ALA D 724 -45.84 -45.34 -40.23
C ALA D 724 -47.14 -44.65 -40.63
N VAL D 725 -47.97 -45.39 -41.38
CA VAL D 725 -49.33 -45.00 -41.73
C VAL D 725 -50.26 -46.15 -41.32
N HIS D 726 -51.31 -45.81 -40.57
CA HIS D 726 -52.33 -46.76 -40.15
C HIS D 726 -53.63 -46.43 -40.88
N TYR D 727 -54.28 -47.46 -41.41
CA TYR D 727 -55.57 -47.33 -42.05
C TYR D 727 -56.62 -48.02 -41.16
N VAL D 728 -57.64 -47.23 -40.81
CA VAL D 728 -58.61 -47.51 -39.77
C VAL D 728 -59.57 -48.60 -40.24
N THR D 729 -59.94 -48.56 -41.53
CA THR D 729 -60.88 -49.51 -42.12
C THR D 729 -60.16 -50.28 -43.22
N PRO D 730 -60.10 -51.64 -43.14
CA PRO D 730 -59.33 -52.42 -44.11
C PRO D 730 -60.12 -52.71 -45.40
N THR D 731 -60.63 -51.65 -46.03
CA THR D 731 -61.44 -51.77 -47.26
C THR D 731 -60.59 -52.44 -48.34
N ASP D 732 -61.28 -52.90 -49.40
CA ASP D 732 -60.60 -53.50 -50.54
C ASP D 732 -59.64 -52.48 -51.15
N ASP D 733 -60.09 -51.23 -51.29
CA ASP D 733 -59.27 -50.16 -51.87
C ASP D 733 -58.01 -49.92 -51.02
N ASN D 734 -58.15 -49.92 -49.68
CA ASN D 734 -57.01 -49.61 -48.79
C ASN D 734 -55.95 -50.72 -48.89
N LEU D 735 -56.43 -51.98 -48.95
CA LEU D 735 -55.55 -53.14 -49.13
C LEU D 735 -54.82 -53.03 -50.48
N TYR D 736 -55.59 -52.70 -51.52
CA TYR D 736 -55.06 -52.52 -52.87
C TYR D 736 -54.01 -51.39 -52.87
N GLN D 737 -54.37 -50.22 -52.33
CA GLN D 737 -53.50 -49.03 -52.39
C GLN D 737 -52.21 -49.28 -51.61
N THR D 738 -52.30 -49.87 -50.41
CA THR D 738 -51.11 -50.11 -49.57
C THR D 738 -50.19 -51.14 -50.24
N SER D 739 -50.78 -52.16 -50.87
CA SER D 739 -50.02 -53.17 -51.64
C SER D 739 -49.25 -52.50 -52.79
N LYS D 740 -49.95 -51.65 -53.54
CA LYS D 740 -49.36 -50.91 -54.66
C LYS D 740 -48.18 -50.06 -54.15
N MET D 741 -48.38 -49.36 -53.02
CA MET D 741 -47.37 -48.45 -52.51
C MET D 741 -46.19 -49.24 -51.94
N LYS D 742 -46.43 -50.46 -51.47
CA LYS D 742 -45.36 -51.37 -51.07
C LYS D 742 -44.48 -51.71 -52.29
N SER D 743 -45.11 -51.97 -53.44
CA SER D 743 -44.38 -52.30 -54.67
C SER D 743 -43.56 -51.10 -55.16
N HIS D 744 -44.08 -49.89 -54.92
CA HIS D 744 -43.37 -48.64 -55.28
C HIS D 744 -42.25 -48.35 -54.27
N GLY D 745 -42.27 -49.04 -53.12
CA GLY D 745 -41.21 -48.98 -52.12
C GLY D 745 -41.47 -47.94 -51.02
N ILE D 746 -42.65 -47.32 -51.01
CA ILE D 746 -43.05 -46.32 -50.00
C ILE D 746 -43.03 -46.99 -48.61
N PHE D 747 -43.48 -48.24 -48.55
CA PHE D 747 -43.55 -49.02 -47.32
C PHE D 747 -42.63 -50.23 -47.42
N THR D 748 -41.92 -50.52 -46.32
CA THR D 748 -41.15 -51.77 -46.17
C THR D 748 -42.13 -52.92 -45.93
N GLU D 749 -43.05 -52.75 -44.97
CA GLU D 749 -43.98 -53.79 -44.53
C GLU D 749 -45.40 -53.21 -44.47
N VAL D 750 -46.39 -54.05 -44.80
CA VAL D 750 -47.81 -53.75 -44.67
C VAL D 750 -48.49 -55.00 -44.09
N ASN D 751 -49.25 -54.82 -43.01
CA ASN D 751 -49.85 -55.92 -42.24
C ASN D 751 -51.18 -55.47 -41.65
N GLN D 752 -52.21 -56.31 -41.84
CA GLN D 752 -53.48 -56.15 -41.15
C GLN D 752 -53.30 -56.72 -39.74
N GLU D 753 -53.52 -55.88 -38.72
CA GLU D 753 -53.29 -56.22 -37.31
C GLU D 753 -54.63 -56.42 -36.60
N VAL D 754 -54.55 -56.86 -35.34
CA VAL D 754 -55.71 -56.98 -34.44
C VAL D 754 -56.47 -55.66 -34.43
N GLY D 755 -57.80 -55.74 -34.49
CA GLY D 755 -58.68 -54.58 -34.68
C GLY D 755 -58.99 -54.34 -36.15
N GLU D 756 -58.34 -55.11 -37.04
CA GLU D 756 -58.51 -55.05 -38.49
C GLU D 756 -58.04 -53.69 -39.01
N ILE D 757 -56.89 -53.20 -38.50
CA ILE D 757 -56.26 -51.99 -39.01
C ILE D 757 -55.03 -52.39 -39.81
N ILE D 758 -54.79 -51.68 -40.92
CA ILE D 758 -53.60 -51.89 -41.72
C ILE D 758 -52.49 -50.97 -41.17
N VAL D 759 -51.36 -51.57 -40.81
CA VAL D 759 -50.18 -50.85 -40.36
C VAL D 759 -49.10 -50.94 -41.44
N ALA D 760 -48.70 -49.78 -41.97
CA ALA D 760 -47.73 -49.67 -43.05
C ALA D 760 -46.51 -48.89 -42.55
N GLU D 761 -45.34 -49.54 -42.56
CA GLU D 761 -44.09 -48.97 -42.08
C GLU D 761 -43.37 -48.30 -43.25
N VAL D 762 -42.87 -47.08 -43.01
CA VAL D 762 -42.27 -46.25 -44.05
C VAL D 762 -40.86 -46.75 -44.35
N ASN D 763 -40.54 -46.82 -45.65
CA ASN D 763 -39.22 -47.18 -46.15
C ASN D 763 -38.40 -45.90 -46.32
N HIS D 764 -37.67 -45.51 -45.27
CA HIS D 764 -37.01 -44.21 -45.20
C HIS D 764 -35.97 -44.05 -46.31
N PRO D 765 -35.10 -45.05 -46.57
CA PRO D 765 -34.16 -44.96 -47.69
C PRO D 765 -34.82 -44.68 -49.05
N ARG D 766 -35.96 -45.33 -49.32
CA ARG D 766 -36.69 -45.15 -50.57
C ARG D 766 -37.30 -43.75 -50.65
N ILE D 767 -37.83 -43.25 -49.53
CA ILE D 767 -38.38 -41.90 -49.47
C ILE D 767 -37.27 -40.90 -49.82
N ALA D 768 -36.10 -41.07 -49.19
CA ALA D 768 -34.94 -40.21 -49.42
C ALA D 768 -34.53 -40.24 -50.91
N GLU D 769 -34.51 -41.43 -51.50
CA GLU D 769 -34.17 -41.62 -52.92
C GLU D 769 -35.12 -40.81 -53.81
N LEU D 770 -36.43 -40.90 -53.52
CA LEU D 770 -37.45 -40.25 -54.34
C LEU D 770 -37.38 -38.71 -54.19
N LEU D 771 -36.94 -38.23 -53.02
CA LEU D 771 -36.89 -36.79 -52.73
C LEU D 771 -35.59 -36.14 -53.21
N THR D 772 -34.68 -36.93 -53.81
CA THR D 772 -33.42 -36.40 -54.36
C THR D 772 -33.73 -35.23 -55.28
N PRO D 773 -33.04 -34.07 -55.15
CA PRO D 773 -33.36 -32.88 -55.94
C PRO D 773 -33.31 -33.07 -57.47
N ASP D 774 -32.51 -34.03 -57.96
CA ASP D 774 -32.37 -34.28 -59.40
C ASP D 774 -33.66 -34.88 -59.99
N ARG D 775 -34.52 -35.42 -59.11
CA ARG D 775 -35.87 -35.92 -59.46
C ARG D 775 -35.80 -37.10 -60.44
N VAL D 776 -34.66 -37.81 -60.49
CA VAL D 776 -34.47 -38.92 -61.46
C VAL D 776 -35.37 -40.10 -61.07
N ALA D 777 -35.24 -40.54 -59.80
CA ALA D 777 -36.02 -41.65 -59.26
C ALA D 777 -37.52 -41.30 -59.29
N LEU D 778 -37.83 -40.04 -58.99
CA LEU D 778 -39.21 -39.57 -58.90
C LEU D 778 -39.84 -39.58 -60.30
N ARG D 779 -39.11 -39.09 -61.30
CA ARG D 779 -39.62 -39.05 -62.67
C ARG D 779 -39.90 -40.49 -63.15
N LYS D 780 -38.99 -41.42 -62.81
CA LYS D 780 -39.14 -42.83 -63.15
C LYS D 780 -40.43 -43.38 -62.52
N LEU D 781 -40.69 -43.03 -61.24
CA LEU D 781 -41.91 -43.47 -60.56
C LEU D 781 -43.15 -42.92 -61.28
N ILE D 782 -43.11 -41.64 -61.66
CA ILE D 782 -44.27 -40.97 -62.25
C ILE D 782 -44.55 -41.52 -63.66
N THR D 783 -43.51 -41.76 -64.45
CA THR D 783 -43.66 -42.11 -65.88
C THR D 783 -43.65 -43.62 -66.12
N LYS D 784 -43.37 -44.43 -65.08
CA LYS D 784 -43.31 -45.90 -65.22
C LYS D 784 -42.18 -46.31 -66.19
#